data_3S2F
#
_entry.id   3S2F
#
_cell.length_a   68.271
_cell.length_b   92.854
_cell.length_c   117.690
_cell.angle_alpha   106.080
_cell.angle_beta   89.970
_cell.angle_gamma   89.980
#
_symmetry.space_group_name_H-M   'P 1'
#
loop_
_entity.id
_entity.type
_entity.pdbx_description
1 polymer 'Zinc-containing alcohol dehydrogenase superfamily'
2 non-polymer 'ZINC ION'
3 non-polymer PHOSPHORYLISOPROPANE
4 non-polymer 'SULFATE ION'
5 non-polymer NICOTINAMIDE-ADENINE-DINUCLEOTIDE
6 non-polymer FURFURAL
7 water water
#
_entity_poly.entity_id   1
_entity_poly.type   'polypeptide(L)'
_entity_poly.pdbx_seq_one_letter_code
;AMMKAAVVRAFGAPLTIDEVPVPQPGPGQVQVKIEASGVCHTDLHAADGDWPVKPTLPFIPGHEGVGYVSAVGSGVSRVK
EGDRVGVPWLYSACGYCEHCLQGWETLCEKQQNTGYSVNGGYGEYVVADPNYVGLLPDKVGFVEIAPILCAGVTVYKGLK
VTDTRPGQWVVISGIGGLGHVAVQYARAMGLRVAAVDIDDAKLNLARRLGAEVAVNARDTDPAAWLQKEIGGAHGVLVTA
VSPKAFSQAIGMVRRGGTIALNGLPPGDFGTPIFDVVLKGITIRGSIVGTRSDLQESLDFAAHGDVKATVSTAKLDDVND
VFGRLREGKVEGRVVLDFSR
;
_entity_poly.pdbx_strand_id   A,B,C,D,E,F,G,H
#
loop_
_chem_comp.id
_chem_comp.type
_chem_comp.name
_chem_comp.formula
FU2 non-polymer FURFURAL 'C5 H4 O2'
ISP non-polymer PHOSPHORYLISOPROPANE 'C3 H9 O4 P'
NAD non-polymer NICOTINAMIDE-ADENINE-DINUCLEOTIDE 'C21 H27 N7 O14 P2'
SO4 non-polymer 'SULFATE ION' 'O4 S -2'
ZN non-polymer 'ZINC ION' 'Zn 2'
#
# COMPACT_ATOMS: atom_id res chain seq x y z
N ALA A 1 -11.41 -38.78 28.41
CA ALA A 1 -12.79 -38.98 28.84
C ALA A 1 -13.33 -37.75 29.56
N MET A 2 -12.42 -36.96 30.13
CA MET A 2 -12.82 -35.74 30.85
C MET A 2 -12.05 -34.52 30.36
N MET A 3 -12.68 -33.36 30.46
CA MET A 3 -12.08 -32.11 30.03
C MET A 3 -12.54 -30.97 30.93
N LYS A 4 -11.80 -29.87 30.91
CA LYS A 4 -12.23 -28.66 31.62
C LYS A 4 -13.14 -27.84 30.73
N ALA A 5 -14.05 -27.10 31.34
CA ALA A 5 -14.99 -26.26 30.59
C ALA A 5 -15.67 -25.24 31.50
N ALA A 6 -16.05 -24.10 30.94
CA ALA A 6 -16.81 -23.10 31.66
C ALA A 6 -18.30 -23.33 31.44
N VAL A 7 -19.02 -23.63 32.51
CA VAL A 7 -20.42 -24.03 32.39
C VAL A 7 -21.37 -23.04 33.04
N VAL A 8 -22.44 -22.71 32.33
CA VAL A 8 -23.54 -21.97 32.91
C VAL A 8 -24.53 -22.97 33.49
N ARG A 9 -24.79 -22.87 34.78
CA ARG A 9 -25.71 -23.78 35.46
C ARG A 9 -26.89 -23.02 36.06
N ALA A 10 -26.77 -21.69 36.06
CA ALA A 10 -27.85 -20.83 36.53
C ALA A 10 -27.68 -19.45 35.89
N PHE A 11 -28.75 -18.92 35.32
CA PHE A 11 -28.68 -17.64 34.64
C PHE A 11 -28.26 -16.52 35.60
N GLY A 12 -27.21 -15.80 35.21
CA GLY A 12 -26.70 -14.70 36.02
C GLY A 12 -25.58 -15.15 36.95
N ALA A 13 -25.60 -16.42 37.34
CA ALA A 13 -24.61 -16.95 38.26
C ALA A 13 -23.27 -17.12 37.59
N PRO A 14 -22.18 -16.85 38.33
CA PRO A 14 -20.84 -17.03 37.77
C PRO A 14 -20.71 -18.39 37.11
N LEU A 15 -20.00 -18.44 35.98
CA LEU A 15 -19.72 -19.70 35.34
C LEU A 15 -18.71 -20.46 36.17
N THR A 16 -18.89 -21.77 36.28
CA THR A 16 -17.91 -22.60 36.96
C THR A 16 -17.02 -23.34 35.96
N ILE A 17 -15.74 -23.43 36.29
CA ILE A 17 -14.80 -24.24 35.52
C ILE A 17 -14.89 -25.67 36.06
N ASP A 18 -15.49 -26.56 35.29
CA ASP A 18 -15.74 -27.92 35.75
C ASP A 18 -15.01 -28.96 34.92
N GLU A 19 -14.82 -30.14 35.50
CA GLU A 19 -14.41 -31.32 34.75
C GLU A 19 -15.66 -32.04 34.27
N VAL A 20 -15.76 -32.24 32.97
CA VAL A 20 -16.94 -32.85 32.37
C VAL A 20 -16.51 -33.84 31.29
N PRO A 21 -17.42 -34.71 30.87
CA PRO A 21 -17.02 -35.70 29.85
C PRO A 21 -16.71 -35.05 28.51
N VAL A 22 -15.63 -35.49 27.87
CA VAL A 22 -15.34 -35.10 26.50
C VAL A 22 -16.47 -35.63 25.63
N PRO A 23 -17.10 -34.75 24.85
CA PRO A 23 -18.16 -35.24 23.96
C PRO A 23 -17.57 -36.02 22.79
N GLN A 24 -18.15 -37.17 22.49
CA GLN A 24 -17.65 -38.02 21.43
C GLN A 24 -18.57 -38.00 20.22
N PRO A 25 -17.99 -37.86 19.02
CA PRO A 25 -18.79 -37.75 17.79
C PRO A 25 -19.42 -39.07 17.35
N GLY A 26 -20.70 -39.01 17.01
CA GLY A 26 -21.39 -40.14 16.43
C GLY A 26 -21.35 -40.02 14.92
N PRO A 27 -22.10 -40.87 14.22
CA PRO A 27 -22.16 -40.78 12.75
C PRO A 27 -22.46 -39.37 12.28
N GLY A 28 -21.69 -38.89 11.30
CA GLY A 28 -21.93 -37.61 10.69
C GLY A 28 -21.50 -36.43 11.55
N GLN A 29 -20.86 -36.72 12.68
CA GLN A 29 -20.36 -35.66 13.56
C GLN A 29 -18.85 -35.60 13.54
N VAL A 30 -18.29 -34.49 14.01
CA VAL A 30 -16.86 -34.41 14.24
C VAL A 30 -16.57 -33.86 15.62
N GLN A 31 -15.36 -34.10 16.08
CA GLN A 31 -14.90 -33.56 17.36
C GLN A 31 -13.83 -32.53 17.09
N VAL A 32 -13.88 -31.42 17.80
CA VAL A 32 -12.86 -30.38 17.64
C VAL A 32 -12.13 -30.13 18.95
N LYS A 33 -10.80 -30.19 18.89
CA LYS A 33 -9.98 -29.82 20.04
C LYS A 33 -9.69 -28.33 19.97
N ILE A 34 -10.19 -27.60 20.96
CA ILE A 34 -10.12 -26.15 20.96
C ILE A 34 -8.74 -25.60 21.27
N GLU A 35 -8.27 -24.69 20.41
CA GLU A 35 -6.99 -24.01 20.64
C GLU A 35 -7.23 -22.56 21.07
N ALA A 36 -8.32 -21.98 20.58
CA ALA A 36 -8.73 -20.63 20.96
C ALA A 36 -10.24 -20.51 20.87
N SER A 37 -10.81 -19.58 21.63
CA SER A 37 -12.26 -19.43 21.68
C SER A 37 -12.67 -18.00 21.98
N GLY A 38 -13.24 -17.33 20.98
CA GLY A 38 -13.60 -15.93 21.11
C GLY A 38 -14.74 -15.65 22.07
N VAL A 39 -14.66 -14.50 22.74
CA VAL A 39 -15.70 -14.06 23.67
C VAL A 39 -16.35 -12.79 23.12
N CYS A 40 -17.66 -12.64 23.33
CA CYS A 40 -18.35 -11.44 22.91
C CYS A 40 -19.64 -11.25 23.70
N HIS A 41 -20.30 -10.12 23.48
CA HIS A 41 -21.51 -9.76 24.22
C HIS A 41 -22.63 -10.80 24.14
N THR A 42 -22.69 -11.53 23.03
CA THR A 42 -23.72 -12.56 22.87
C THR A 42 -23.61 -13.63 23.96
N ASP A 43 -22.38 -13.89 24.39
CA ASP A 43 -22.14 -14.87 25.45
C ASP A 43 -22.74 -14.41 26.77
N LEU A 44 -22.77 -13.10 26.99
CA LEU A 44 -23.39 -12.54 28.18
C LEU A 44 -24.89 -12.81 28.18
N HIS A 45 -25.50 -12.63 27.03
CA HIS A 45 -26.94 -12.82 26.88
C HIS A 45 -27.33 -14.29 27.03
N ALA A 46 -26.48 -15.18 26.54
CA ALA A 46 -26.68 -16.60 26.75
C ALA A 46 -26.59 -16.92 28.24
N ALA A 47 -25.57 -16.38 28.88
CA ALA A 47 -25.31 -16.64 30.30
C ALA A 47 -26.34 -15.96 31.22
N ASP A 48 -26.92 -14.86 30.75
CA ASP A 48 -27.93 -14.15 31.52
C ASP A 48 -29.34 -14.65 31.20
N GLY A 49 -29.46 -15.32 30.05
CA GLY A 49 -30.74 -15.83 29.61
C GLY A 49 -31.78 -14.73 29.48
N ASP A 50 -31.37 -13.59 28.92
CA ASP A 50 -32.22 -12.42 28.86
C ASP A 50 -32.80 -12.12 27.47
N TRP A 51 -32.71 -13.10 26.57
CA TRP A 51 -33.32 -13.00 25.25
C TRP A 51 -34.64 -13.77 25.23
N PRO A 52 -35.51 -13.48 24.25
CA PRO A 52 -36.85 -14.07 24.16
C PRO A 52 -36.85 -15.59 24.29
N VAL A 53 -35.95 -16.26 23.57
CA VAL A 53 -35.81 -17.71 23.70
C VAL A 53 -34.49 -18.05 24.39
N LYS A 54 -34.60 -18.67 25.56
CA LYS A 54 -33.43 -18.89 26.41
C LYS A 54 -32.67 -20.18 26.08
N PRO A 55 -31.39 -20.22 26.47
CA PRO A 55 -30.64 -21.48 26.43
C PRO A 55 -31.26 -22.48 27.39
N THR A 56 -31.05 -23.77 27.13
CA THR A 56 -31.43 -24.79 28.08
C THR A 56 -30.27 -25.00 29.05
N LEU A 57 -30.58 -25.13 30.33
CA LEU A 57 -29.56 -25.32 31.35
C LEU A 57 -29.39 -26.80 31.69
N PRO A 58 -28.16 -27.23 31.99
CA PRO A 58 -26.91 -26.46 31.97
C PRO A 58 -26.30 -26.44 30.57
N PHE A 59 -25.42 -25.48 30.30
CA PHE A 59 -24.79 -25.43 28.98
C PHE A 59 -23.43 -24.76 28.96
N ILE A 60 -22.65 -25.06 27.93
CA ILE A 60 -21.34 -24.48 27.71
C ILE A 60 -21.42 -23.46 26.58
N PRO A 61 -21.15 -22.18 26.90
CA PRO A 61 -21.21 -21.10 25.90
C PRO A 61 -20.04 -21.16 24.93
N GLY A 62 -20.03 -20.24 23.96
CA GLY A 62 -18.94 -20.15 23.00
C GLY A 62 -19.34 -20.53 21.59
N HIS A 63 -19.47 -19.52 20.73
CA HIS A 63 -19.79 -19.74 19.32
C HIS A 63 -18.64 -19.28 18.44
N GLU A 64 -17.47 -19.10 19.04
CA GLU A 64 -16.30 -18.63 18.32
C GLU A 64 -15.10 -19.53 18.56
N GLY A 65 -15.35 -20.82 18.77
CA GLY A 65 -14.29 -21.76 19.04
C GLY A 65 -13.56 -22.20 17.79
N VAL A 66 -12.25 -22.25 17.88
CA VAL A 66 -11.41 -22.73 16.77
C VAL A 66 -10.38 -23.75 17.26
N GLY A 67 -10.03 -24.69 16.39
CA GLY A 67 -9.04 -25.71 16.74
C GLY A 67 -8.84 -26.74 15.65
N TYR A 68 -8.44 -27.95 16.06
CA TYR A 68 -8.19 -29.05 15.13
C TYR A 68 -9.28 -30.12 15.22
N VAL A 69 -9.65 -30.68 14.09
CA VAL A 69 -10.49 -31.86 14.09
C VAL A 69 -9.71 -33.01 14.72
N SER A 70 -10.15 -33.44 15.89
CA SER A 70 -9.41 -34.45 16.66
C SER A 70 -9.98 -35.85 16.49
N ALA A 71 -11.18 -35.93 15.92
CA ALA A 71 -11.82 -37.22 15.66
C ALA A 71 -13.04 -37.03 14.77
N VAL A 72 -13.34 -38.04 13.95
CA VAL A 72 -14.50 -37.98 13.08
C VAL A 72 -15.40 -39.19 13.28
N GLY A 73 -16.71 -38.97 13.14
CA GLY A 73 -17.67 -40.06 13.11
C GLY A 73 -17.70 -40.61 11.69
N SER A 74 -18.58 -41.57 11.45
CA SER A 74 -18.67 -42.20 10.14
C SER A 74 -19.34 -41.26 9.13
N GLY A 75 -19.02 -41.47 7.85
CA GLY A 75 -19.67 -40.75 6.77
C GLY A 75 -19.37 -39.27 6.71
N VAL A 76 -18.14 -38.89 7.06
CA VAL A 76 -17.71 -37.49 6.97
C VAL A 76 -16.67 -37.34 5.86
N SER A 77 -16.86 -36.35 4.99
CA SER A 77 -15.94 -36.15 3.88
C SER A 77 -15.49 -34.70 3.75
N ARG A 78 -16.28 -33.77 4.25
CA ARG A 78 -15.93 -32.35 4.14
C ARG A 78 -14.61 -32.05 4.85
N VAL A 79 -14.40 -32.70 5.99
CA VAL A 79 -13.17 -32.48 6.75
C VAL A 79 -12.59 -33.79 7.25
N LYS A 80 -11.34 -33.75 7.69
CA LYS A 80 -10.64 -34.92 8.20
C LYS A 80 -9.85 -34.56 9.45
N GLU A 81 -9.45 -35.57 10.20
CA GLU A 81 -8.63 -35.34 11.39
C GLU A 81 -7.45 -34.43 11.07
N GLY A 82 -7.25 -33.41 11.90
CA GLY A 82 -6.13 -32.51 11.73
C GLY A 82 -6.47 -31.22 11.01
N ASP A 83 -7.66 -31.17 10.44
CA ASP A 83 -8.11 -29.95 9.77
C ASP A 83 -8.37 -28.83 10.77
N ARG A 84 -8.01 -27.62 10.39
CA ARG A 84 -8.24 -26.46 11.24
C ARG A 84 -9.62 -25.88 10.94
N VAL A 85 -10.49 -25.90 11.95
CA VAL A 85 -11.88 -25.49 11.75
C VAL A 85 -12.39 -24.65 12.91
N GLY A 86 -13.45 -23.89 12.63
CA GLY A 86 -14.16 -23.15 13.66
C GLY A 86 -15.59 -23.64 13.75
N VAL A 87 -16.18 -23.50 14.93
CA VAL A 87 -17.56 -23.93 15.14
C VAL A 87 -18.42 -22.70 15.48
N PRO A 88 -18.95 -22.04 14.45
CA PRO A 88 -19.64 -20.75 14.61
C PRO A 88 -21.10 -20.84 15.06
N TRP A 89 -21.71 -19.68 15.25
CA TRP A 89 -23.09 -19.53 15.72
C TRP A 89 -24.06 -20.54 15.11
N LEU A 90 -24.03 -20.68 13.79
CA LEU A 90 -24.90 -21.65 13.14
C LEU A 90 -24.33 -23.05 13.29
N TYR A 91 -24.82 -23.78 14.30
CA TYR A 91 -24.33 -25.12 14.57
C TYR A 91 -24.84 -26.11 13.52
N SER A 92 -26.09 -25.92 13.13
CA SER A 92 -26.71 -26.77 12.12
C SER A 92 -28.04 -26.18 11.66
N ALA A 93 -28.47 -26.60 10.48
CA ALA A 93 -29.79 -26.24 9.96
C ALA A 93 -30.45 -27.50 9.44
N CYS A 94 -31.75 -27.46 9.18
CA CYS A 94 -32.48 -28.66 8.79
C CYS A 94 -32.09 -29.13 7.38
N GLY A 95 -31.66 -28.19 6.54
CA GLY A 95 -31.19 -28.51 5.20
C GLY A 95 -32.27 -28.77 4.18
N TYR A 96 -33.53 -28.76 4.62
CA TYR A 96 -34.64 -29.16 3.76
C TYR A 96 -35.69 -28.07 3.55
N CYS A 97 -35.75 -27.10 4.46
CA CYS A 97 -36.77 -26.06 4.38
C CYS A 97 -36.54 -25.12 3.21
N GLU A 98 -37.54 -24.30 2.93
CA GLU A 98 -37.45 -23.29 1.87
C GLU A 98 -36.20 -22.43 1.99
N HIS A 99 -35.84 -22.08 3.22
CA HIS A 99 -34.66 -21.26 3.47
C HIS A 99 -33.37 -22.02 3.19
N CYS A 100 -33.25 -23.22 3.74
CA CYS A 100 -32.04 -24.02 3.57
C CYS A 100 -31.78 -24.35 2.10
N LEU A 101 -32.83 -24.68 1.38
CA LEU A 101 -32.71 -25.02 -0.04
C LEU A 101 -32.29 -23.81 -0.88
N GLN A 102 -32.63 -22.62 -0.40
CA GLN A 102 -32.30 -21.39 -1.13
C GLN A 102 -30.91 -20.87 -0.79
N GLY A 103 -30.20 -21.55 0.10
CA GLY A 103 -28.88 -21.13 0.52
C GLY A 103 -28.93 -20.03 1.56
N TRP A 104 -30.07 -19.91 2.24
CA TRP A 104 -30.21 -18.97 3.34
C TRP A 104 -30.40 -19.70 4.66
N GLU A 105 -29.47 -20.61 4.96
CA GLU A 105 -29.58 -21.46 6.14
C GLU A 105 -29.62 -20.67 7.45
N THR A 106 -29.18 -19.41 7.40
CA THR A 106 -29.22 -18.56 8.59
C THR A 106 -30.64 -18.26 9.04
N LEU A 107 -31.60 -18.48 8.15
CA LEU A 107 -33.00 -18.18 8.43
C LEU A 107 -33.79 -19.44 8.79
N CYS A 108 -33.10 -20.58 8.85
CA CYS A 108 -33.73 -21.84 9.19
C CYS A 108 -34.34 -21.78 10.58
N GLU A 109 -35.63 -22.07 10.66
CA GLU A 109 -36.37 -21.98 11.91
C GLU A 109 -36.05 -23.15 12.84
N LYS A 110 -35.38 -24.17 12.31
CA LYS A 110 -35.00 -25.33 13.12
C LYS A 110 -33.49 -25.35 13.38
N GLN A 111 -32.83 -24.22 13.17
CA GLN A 111 -31.39 -24.14 13.34
C GLN A 111 -31.01 -24.32 14.81
N GLN A 112 -29.82 -24.83 15.04
CA GLN A 112 -29.25 -24.89 16.39
C GLN A 112 -28.12 -23.88 16.46
N ASN A 113 -27.87 -23.34 17.66
CA ASN A 113 -26.84 -22.33 17.82
C ASN A 113 -25.76 -22.71 18.83
N THR A 114 -24.52 -22.74 18.37
CA THR A 114 -23.39 -23.14 19.19
C THR A 114 -23.23 -22.24 20.42
N GLY A 115 -23.00 -22.86 21.57
CA GLY A 115 -22.81 -22.12 22.81
C GLY A 115 -24.07 -21.39 23.22
N TYR A 116 -25.21 -21.88 22.78
CA TYR A 116 -26.50 -21.31 23.14
C TYR A 116 -27.57 -22.39 23.32
N SER A 117 -27.93 -23.06 22.23
CA SER A 117 -28.92 -24.12 22.28
C SER A 117 -28.25 -25.50 22.32
N VAL A 118 -26.97 -25.54 21.95
CA VAL A 118 -26.14 -26.72 22.15
C VAL A 118 -24.81 -26.28 22.75
N ASN A 119 -24.07 -27.21 23.32
CA ASN A 119 -22.78 -26.88 23.93
C ASN A 119 -21.78 -26.31 22.92
N GLY A 120 -21.02 -25.31 23.36
CA GLY A 120 -20.12 -24.59 22.49
C GLY A 120 -18.64 -24.73 22.83
N GLY A 121 -17.87 -23.69 22.55
CA GLY A 121 -16.42 -23.78 22.61
C GLY A 121 -15.71 -23.28 23.85
N TYR A 122 -16.46 -23.01 24.92
CA TYR A 122 -15.84 -22.71 26.21
C TYR A 122 -15.35 -23.99 26.89
N GLY A 123 -14.82 -24.91 26.09
CA GLY A 123 -14.29 -26.15 26.62
C GLY A 123 -13.13 -26.67 25.78
N GLU A 124 -12.39 -27.63 26.31
CA GLU A 124 -11.22 -28.19 25.63
C GLU A 124 -11.59 -28.92 24.34
N TYR A 125 -12.78 -29.49 24.31
CA TYR A 125 -13.27 -30.18 23.12
C TYR A 125 -14.72 -29.80 22.84
N VAL A 126 -15.14 -29.95 21.60
CA VAL A 126 -16.54 -29.73 21.23
C VAL A 126 -16.93 -30.62 20.05
N VAL A 127 -18.14 -31.16 20.08
CA VAL A 127 -18.64 -31.95 18.96
C VAL A 127 -19.46 -31.08 18.02
N ALA A 128 -19.22 -31.24 16.72
CA ALA A 128 -19.84 -30.36 15.73
C ALA A 128 -20.39 -31.11 14.53
N ASP A 129 -21.15 -30.38 13.71
CA ASP A 129 -21.64 -30.88 12.42
C ASP A 129 -20.69 -30.37 11.36
N PRO A 130 -19.92 -31.29 10.75
CA PRO A 130 -18.86 -30.89 9.81
C PRO A 130 -19.42 -30.15 8.61
N ASN A 131 -20.72 -30.28 8.38
CA ASN A 131 -21.38 -29.58 7.27
C ASN A 131 -21.52 -28.09 7.52
N TYR A 132 -21.28 -27.66 8.75
CA TYR A 132 -21.53 -26.27 9.12
C TYR A 132 -20.35 -25.55 9.77
N VAL A 133 -19.25 -26.28 10.00
CA VAL A 133 -18.06 -25.65 10.55
C VAL A 133 -17.43 -24.72 9.52
N GLY A 134 -16.64 -23.78 10.01
CA GLY A 134 -15.87 -22.92 9.12
C GLY A 134 -14.52 -23.54 8.87
N LEU A 135 -14.10 -23.54 7.61
CA LEU A 135 -12.78 -24.05 7.25
C LEU A 135 -11.77 -22.91 7.34
N LEU A 136 -10.83 -23.01 8.28
CA LEU A 136 -9.93 -21.92 8.60
C LEU A 136 -8.73 -21.85 7.66
N PRO A 137 -8.29 -20.64 7.31
CA PRO A 137 -7.10 -20.42 6.48
C PRO A 137 -5.83 -20.86 7.19
N ASP A 138 -4.86 -21.37 6.43
CA ASP A 138 -3.62 -21.91 6.99
C ASP A 138 -2.77 -20.86 7.69
N LYS A 139 -2.70 -19.68 7.08
CA LYS A 139 -1.68 -18.70 7.44
C LYS A 139 -2.07 -17.71 8.54
N VAL A 140 -3.21 -17.93 9.18
CA VAL A 140 -3.64 -17.07 10.28
C VAL A 140 -3.80 -17.87 11.57
N GLY A 141 -3.28 -17.32 12.66
CA GLY A 141 -3.34 -17.98 13.96
C GLY A 141 -4.75 -18.20 14.46
N PHE A 142 -4.91 -19.13 15.39
CA PHE A 142 -6.22 -19.45 15.97
C PHE A 142 -6.80 -18.26 16.72
N VAL A 143 -5.99 -17.63 17.56
CA VAL A 143 -6.43 -16.51 18.36
C VAL A 143 -6.90 -15.34 17.49
N GLU A 144 -6.13 -15.03 16.44
CA GLU A 144 -6.47 -13.94 15.55
C GLU A 144 -7.71 -14.22 14.70
N ILE A 145 -7.88 -15.48 14.31
CA ILE A 145 -8.95 -15.84 13.39
C ILE A 145 -10.30 -16.04 14.08
N ALA A 146 -10.28 -16.35 15.37
CA ALA A 146 -11.49 -16.67 16.12
C ALA A 146 -12.65 -15.68 15.94
N PRO A 147 -12.38 -14.38 16.14
CA PRO A 147 -13.45 -13.37 16.05
C PRO A 147 -14.07 -13.25 14.67
N ILE A 148 -13.38 -13.72 13.63
CA ILE A 148 -13.92 -13.62 12.27
C ILE A 148 -15.15 -14.49 12.12
N LEU A 149 -15.25 -15.53 12.96
CA LEU A 149 -16.40 -16.41 12.97
C LEU A 149 -17.67 -15.67 13.39
N CYS A 150 -17.48 -14.53 14.05
CA CYS A 150 -18.62 -13.76 14.56
C CYS A 150 -18.65 -12.34 14.06
N ALA A 151 -17.76 -11.50 14.60
CA ALA A 151 -17.69 -10.10 14.21
C ALA A 151 -17.40 -9.99 12.73
N GLY A 152 -16.42 -10.78 12.27
CA GLY A 152 -16.04 -10.79 10.87
C GLY A 152 -17.20 -11.01 9.91
N VAL A 153 -17.75 -12.23 9.93
CA VAL A 153 -18.84 -12.57 9.02
C VAL A 153 -20.05 -11.66 9.19
N THR A 154 -20.28 -11.18 10.41
CA THR A 154 -21.42 -10.31 10.70
C THR A 154 -21.34 -8.99 9.95
N VAL A 155 -20.22 -8.28 10.10
CA VAL A 155 -20.04 -7.00 9.42
C VAL A 155 -19.79 -7.19 7.92
N TYR A 156 -19.23 -8.34 7.56
CA TYR A 156 -19.01 -8.63 6.14
C TYR A 156 -20.35 -8.79 5.41
N LYS A 157 -21.18 -9.68 5.92
CA LYS A 157 -22.51 -9.90 5.34
C LYS A 157 -23.35 -8.63 5.42
N GLY A 158 -23.23 -7.93 6.55
CA GLY A 158 -23.96 -6.69 6.75
C GLY A 158 -23.63 -5.68 5.67
N LEU A 159 -22.34 -5.57 5.34
CA LEU A 159 -21.89 -4.66 4.30
C LEU A 159 -22.38 -5.11 2.93
N LYS A 160 -22.38 -6.42 2.70
CA LYS A 160 -22.90 -6.96 1.44
C LYS A 160 -24.35 -6.53 1.19
N VAL A 161 -25.18 -6.61 2.23
CA VAL A 161 -26.61 -6.35 2.06
C VAL A 161 -26.99 -4.86 2.11
N THR A 162 -25.99 -3.99 2.17
CA THR A 162 -26.26 -2.56 1.99
C THR A 162 -26.38 -2.29 0.49
N ASP A 163 -26.07 -3.33 -0.29
CA ASP A 163 -26.16 -3.25 -1.75
C ASP A 163 -25.38 -2.08 -2.31
N THR A 164 -24.19 -1.86 -1.76
CA THR A 164 -23.31 -0.80 -2.24
C THR A 164 -22.25 -1.36 -3.19
N ARG A 165 -21.52 -0.46 -3.85
CA ARG A 165 -20.49 -0.86 -4.81
C ARG A 165 -19.19 -0.12 -4.54
N PRO A 166 -18.06 -0.68 -5.04
CA PRO A 166 -16.77 0.02 -4.99
C PRO A 166 -16.92 1.46 -5.45
N GLY A 167 -16.35 2.39 -4.69
CA GLY A 167 -16.40 3.79 -5.05
C GLY A 167 -17.49 4.54 -4.32
N GLN A 168 -18.48 3.79 -3.81
CA GLN A 168 -19.58 4.40 -3.09
C GLN A 168 -19.24 4.63 -1.62
N TRP A 169 -20.02 5.49 -0.96
CA TRP A 169 -19.79 5.81 0.44
C TRP A 169 -20.57 4.91 1.37
N VAL A 170 -19.89 4.39 2.39
CA VAL A 170 -20.57 3.69 3.47
C VAL A 170 -20.16 4.28 4.80
N VAL A 171 -21.14 4.47 5.68
CA VAL A 171 -20.86 4.90 7.04
C VAL A 171 -20.74 3.68 7.93
N ILE A 172 -19.65 3.60 8.69
CA ILE A 172 -19.58 2.62 9.76
C ILE A 172 -19.96 3.34 11.06
N SER A 173 -21.12 3.00 11.59
CA SER A 173 -21.60 3.60 12.83
C SER A 173 -21.17 2.78 14.02
N GLY A 174 -20.33 3.36 14.87
CA GLY A 174 -19.77 2.66 16.01
C GLY A 174 -18.51 1.91 15.60
N ILE A 175 -17.38 2.33 16.13
CA ILE A 175 -16.10 1.72 15.81
C ILE A 175 -15.57 0.91 16.99
N GLY A 176 -16.41 0.02 17.52
CA GLY A 176 -16.02 -0.79 18.65
C GLY A 176 -15.71 -2.22 18.24
N GLY A 177 -16.25 -3.18 18.99
CA GLY A 177 -16.01 -4.58 18.71
C GLY A 177 -16.23 -4.94 17.25
N LEU A 178 -17.42 -4.62 16.74
CA LEU A 178 -17.76 -4.93 15.36
C LEU A 178 -17.19 -3.90 14.40
N GLY A 179 -17.37 -2.63 14.74
CA GLY A 179 -17.02 -1.52 13.88
C GLY A 179 -15.60 -1.48 13.35
N HIS A 180 -14.63 -1.76 14.22
CA HIS A 180 -13.23 -1.69 13.81
C HIS A 180 -12.89 -2.78 12.80
N VAL A 181 -13.62 -3.89 12.87
CA VAL A 181 -13.50 -4.94 11.87
C VAL A 181 -14.20 -4.50 10.59
N ALA A 182 -15.35 -3.84 10.75
CA ALA A 182 -16.17 -3.42 9.63
C ALA A 182 -15.43 -2.43 8.71
N VAL A 183 -14.75 -1.47 9.31
CA VAL A 183 -14.00 -0.48 8.53
C VAL A 183 -13.03 -1.18 7.57
N GLN A 184 -12.46 -2.29 8.03
CA GLN A 184 -11.48 -3.03 7.25
C GLN A 184 -12.10 -3.79 6.08
N TYR A 185 -13.26 -4.41 6.31
CA TYR A 185 -13.96 -5.10 5.24
C TYR A 185 -14.43 -4.12 4.17
N ALA A 186 -14.96 -2.99 4.61
CA ALA A 186 -15.45 -1.96 3.71
C ALA A 186 -14.34 -1.45 2.78
N ARG A 187 -13.18 -1.16 3.35
CA ARG A 187 -12.03 -0.73 2.55
C ARG A 187 -11.62 -1.79 1.53
N ALA A 188 -11.65 -3.04 1.95
CA ALA A 188 -11.27 -4.15 1.09
C ALA A 188 -12.35 -4.43 0.06
N MET A 189 -13.51 -3.84 0.26
CA MET A 189 -14.61 -3.99 -0.69
C MET A 189 -14.72 -2.76 -1.59
N GLY A 190 -13.68 -1.94 -1.56
CA GLY A 190 -13.58 -0.78 -2.44
C GLY A 190 -14.46 0.39 -2.07
N LEU A 191 -15.03 0.36 -0.87
CA LEU A 191 -15.92 1.42 -0.41
C LEU A 191 -15.15 2.58 0.20
N ARG A 192 -15.66 3.79 0.02
CA ARG A 192 -15.16 4.95 0.74
C ARG A 192 -15.84 4.98 2.11
N VAL A 193 -15.04 5.00 3.17
CA VAL A 193 -15.59 4.83 4.51
C VAL A 193 -15.64 6.12 5.33
N ALA A 194 -16.81 6.37 5.92
CA ALA A 194 -16.97 7.44 6.88
C ALA A 194 -17.27 6.83 8.24
N ALA A 195 -16.43 7.13 9.24
CA ALA A 195 -16.62 6.59 10.57
C ALA A 195 -17.37 7.58 11.45
N VAL A 196 -18.35 7.08 12.18
CA VAL A 196 -19.10 7.90 13.11
C VAL A 196 -19.17 7.25 14.49
N ASP A 197 -18.84 8.04 15.50
CA ASP A 197 -18.84 7.57 16.89
C ASP A 197 -18.86 8.80 17.78
N ILE A 198 -18.81 8.58 19.10
CA ILE A 198 -18.78 9.70 20.04
C ILE A 198 -17.43 9.81 20.73
N ASP A 199 -16.50 8.95 20.34
CA ASP A 199 -15.20 8.84 21.01
C ASP A 199 -14.04 9.03 20.03
N ASP A 200 -13.23 10.06 20.29
CA ASP A 200 -12.12 10.42 19.42
C ASP A 200 -11.07 9.31 19.27
N ALA A 201 -10.87 8.53 20.34
CA ALA A 201 -9.95 7.41 20.28
C ALA A 201 -10.37 6.42 19.20
N LYS A 202 -11.64 6.03 19.24
CA LYS A 202 -12.19 5.08 18.28
C LYS A 202 -12.25 5.63 16.86
N LEU A 203 -12.46 6.94 16.74
CA LEU A 203 -12.48 7.59 15.43
C LEU A 203 -11.07 7.65 14.86
N ASN A 204 -10.09 7.87 15.73
CA ASN A 204 -8.69 7.85 15.30
C ASN A 204 -8.26 6.46 14.86
N LEU A 205 -8.82 5.45 15.51
CA LEU A 205 -8.57 4.07 15.13
C LEU A 205 -9.12 3.87 13.73
N ALA A 206 -10.34 4.33 13.49
CA ALA A 206 -10.98 4.22 12.19
C ALA A 206 -10.09 4.79 11.09
N ARG A 207 -9.52 5.97 11.35
CA ARG A 207 -8.62 6.61 10.41
C ARG A 207 -7.40 5.73 10.12
N ARG A 208 -6.89 5.08 11.17
CA ARG A 208 -5.76 4.16 11.03
C ARG A 208 -6.16 2.98 10.16
N LEU A 209 -7.43 2.61 10.21
CA LEU A 209 -7.93 1.45 9.48
C LEU A 209 -8.36 1.79 8.06
N GLY A 210 -8.30 3.08 7.71
CA GLY A 210 -8.54 3.48 6.34
C GLY A 210 -9.79 4.30 6.11
N ALA A 211 -10.43 4.75 7.19
CA ALA A 211 -11.58 5.63 7.07
C ALA A 211 -11.13 6.96 6.47
N GLU A 212 -11.85 7.41 5.45
CA GLU A 212 -11.52 8.65 4.75
C GLU A 212 -12.06 9.86 5.51
N VAL A 213 -13.17 9.64 6.20
CA VAL A 213 -13.79 10.69 7.01
C VAL A 213 -14.16 10.12 8.37
N ALA A 214 -14.02 10.94 9.40
CA ALA A 214 -14.45 10.56 10.73
C ALA A 214 -15.11 11.76 11.39
N VAL A 215 -16.32 11.56 11.90
CA VAL A 215 -17.02 12.65 12.57
C VAL A 215 -17.53 12.24 13.96
N ASN A 216 -17.24 13.07 14.94
CA ASN A 216 -17.66 12.84 16.32
C ASN A 216 -19.04 13.44 16.58
N ALA A 217 -20.03 12.58 16.77
CA ALA A 217 -21.43 13.01 16.90
C ALA A 217 -21.71 13.74 18.21
N ARG A 218 -20.73 13.73 19.11
CA ARG A 218 -20.83 14.50 20.34
C ARG A 218 -20.77 15.98 20.01
N ASP A 219 -19.94 16.32 19.02
CA ASP A 219 -19.67 17.71 18.67
C ASP A 219 -20.53 18.21 17.52
N THR A 220 -20.72 17.36 16.51
CA THR A 220 -21.45 17.77 15.32
C THR A 220 -22.54 16.77 14.93
N ASP A 221 -23.55 17.27 14.23
CA ASP A 221 -24.63 16.43 13.71
C ASP A 221 -24.13 15.64 12.51
N PRO A 222 -23.85 14.35 12.70
CA PRO A 222 -23.28 13.53 11.63
C PRO A 222 -24.15 13.52 10.37
N ALA A 223 -25.47 13.64 10.54
CA ALA A 223 -26.39 13.63 9.41
C ALA A 223 -26.23 14.88 8.54
N ALA A 224 -26.42 16.04 9.15
CA ALA A 224 -26.28 17.31 8.46
C ALA A 224 -24.90 17.42 7.83
N TRP A 225 -23.88 17.01 8.57
CA TRP A 225 -22.50 17.13 8.10
C TRP A 225 -22.24 16.30 6.85
N LEU A 226 -22.67 15.04 6.87
CA LEU A 226 -22.42 14.11 5.76
C LEU A 226 -23.26 14.42 4.53
N GLN A 227 -24.51 14.79 4.74
CA GLN A 227 -25.35 15.23 3.63
C GLN A 227 -24.65 16.37 2.89
N LYS A 228 -24.13 17.32 3.66
CA LYS A 228 -23.41 18.45 3.08
C LYS A 228 -22.07 18.02 2.49
N GLU A 229 -21.32 17.23 3.25
CA GLU A 229 -19.93 16.94 2.90
C GLU A 229 -19.77 15.92 1.77
N ILE A 230 -20.57 14.86 1.79
CA ILE A 230 -20.47 13.82 0.78
C ILE A 230 -21.82 13.52 0.14
N GLY A 231 -22.83 14.31 0.48
CA GLY A 231 -24.14 14.14 -0.11
C GLY A 231 -24.92 12.98 0.46
N GLY A 232 -24.55 12.56 1.67
CA GLY A 232 -25.15 11.41 2.30
C GLY A 232 -24.52 10.12 1.84
N ALA A 233 -24.57 9.09 2.68
CA ALA A 233 -23.92 7.82 2.37
C ALA A 233 -24.84 6.85 1.64
N HIS A 234 -24.27 6.11 0.70
CA HIS A 234 -25.02 5.11 -0.05
C HIS A 234 -25.43 3.98 0.88
N GLY A 235 -24.55 3.64 1.83
CA GLY A 235 -24.83 2.61 2.80
C GLY A 235 -24.48 3.04 4.21
N VAL A 236 -25.19 2.48 5.18
CA VAL A 236 -24.87 2.70 6.59
C VAL A 236 -24.88 1.38 7.35
N LEU A 237 -23.74 1.03 7.94
CA LEU A 237 -23.67 -0.14 8.80
C LEU A 237 -23.75 0.29 10.26
N VAL A 238 -24.86 -0.06 10.91
CA VAL A 238 -25.05 0.26 12.32
C VAL A 238 -24.64 -0.93 13.19
N THR A 239 -23.49 -0.79 13.84
CA THR A 239 -22.92 -1.89 14.63
C THR A 239 -23.32 -1.79 16.10
N ALA A 240 -23.59 -0.58 16.56
CA ALA A 240 -24.14 -0.37 17.89
C ALA A 240 -25.56 0.17 17.75
N VAL A 241 -26.54 -0.74 17.80
CA VAL A 241 -27.91 -0.39 17.46
C VAL A 241 -28.70 0.22 18.61
N SER A 242 -28.57 1.53 18.75
CA SER A 242 -29.30 2.28 19.76
C SER A 242 -30.27 3.21 19.04
N PRO A 243 -31.34 3.63 19.74
CA PRO A 243 -32.29 4.55 19.11
C PRO A 243 -31.59 5.74 18.45
N LYS A 244 -30.61 6.35 19.11
CA LYS A 244 -29.92 7.50 18.53
C LYS A 244 -29.16 7.12 17.26
N ALA A 245 -28.42 6.02 17.31
CA ALA A 245 -27.68 5.54 16.15
C ALA A 245 -28.63 5.22 15.00
N PHE A 246 -29.72 4.53 15.33
CA PHE A 246 -30.74 4.16 14.36
C PHE A 246 -31.31 5.39 13.65
N SER A 247 -31.70 6.40 14.42
CA SER A 247 -32.31 7.60 13.86
C SER A 247 -31.29 8.47 13.12
N GLN A 248 -30.05 8.50 13.60
CA GLN A 248 -29.00 9.26 12.93
C GLN A 248 -28.60 8.59 11.62
N ALA A 249 -28.72 7.26 11.57
CA ALA A 249 -28.48 6.51 10.35
C ALA A 249 -29.47 6.94 9.27
N ILE A 250 -30.74 7.05 9.63
CA ILE A 250 -31.77 7.47 8.70
C ILE A 250 -31.49 8.88 8.16
N GLY A 251 -30.81 9.69 8.98
CA GLY A 251 -30.45 11.04 8.56
C GLY A 251 -29.20 11.07 7.72
N MET A 252 -28.29 10.12 7.95
CA MET A 252 -27.01 10.10 7.26
C MET A 252 -27.09 9.50 5.86
N VAL A 253 -27.96 8.52 5.69
CA VAL A 253 -28.10 7.83 4.40
C VAL A 253 -28.68 8.76 3.35
N ARG A 254 -28.16 8.70 2.13
CA ARG A 254 -28.73 9.47 1.03
C ARG A 254 -29.97 8.75 0.51
N ARG A 255 -30.83 9.47 -0.20
CA ARG A 255 -32.05 8.85 -0.72
C ARG A 255 -31.73 7.59 -1.50
N GLY A 256 -32.54 6.56 -1.33
CA GLY A 256 -32.36 5.31 -2.04
C GLY A 256 -31.28 4.43 -1.41
N GLY A 257 -30.72 4.90 -0.30
CA GLY A 257 -29.65 4.18 0.37
C GLY A 257 -30.16 3.05 1.24
N THR A 258 -29.25 2.25 1.77
CA THR A 258 -29.62 1.12 2.62
C THR A 258 -28.94 1.16 3.97
N ILE A 259 -29.71 0.93 5.03
CA ILE A 259 -29.18 0.85 6.38
C ILE A 259 -29.25 -0.59 6.88
N ALA A 260 -28.09 -1.19 7.14
CA ALA A 260 -28.02 -2.54 7.67
C ALA A 260 -27.81 -2.52 9.18
N LEU A 261 -28.67 -3.23 9.91
CA LEU A 261 -28.58 -3.28 11.36
C LEU A 261 -27.88 -4.54 11.84
N ASN A 262 -26.76 -4.35 12.53
CA ASN A 262 -25.87 -5.45 12.92
C ASN A 262 -25.98 -5.87 14.38
N GLY A 263 -27.02 -5.40 15.08
CA GLY A 263 -27.14 -5.64 16.50
C GLY A 263 -28.52 -6.08 16.97
N LEU A 264 -28.57 -6.64 18.18
CA LEU A 264 -29.80 -7.17 18.76
C LEU A 264 -30.17 -6.44 20.05
N PRO A 265 -30.71 -5.22 19.91
CA PRO A 265 -31.12 -4.44 21.07
C PRO A 265 -32.51 -4.83 21.55
N PRO A 266 -32.88 -4.43 22.77
CA PRO A 266 -34.22 -4.67 23.31
C PRO A 266 -35.18 -3.55 22.91
N GLY A 267 -36.46 -3.87 22.83
CA GLY A 267 -37.48 -2.85 22.64
C GLY A 267 -37.77 -2.42 21.21
N ASP A 268 -38.90 -1.73 21.05
CA ASP A 268 -39.30 -1.16 19.77
C ASP A 268 -38.58 0.16 19.54
N PHE A 269 -38.16 0.38 18.30
CA PHE A 269 -37.57 1.66 17.91
C PHE A 269 -38.57 2.46 17.07
N GLY A 270 -38.70 3.74 17.38
CA GLY A 270 -39.57 4.62 16.61
C GLY A 270 -39.00 4.88 15.23
N THR A 271 -39.71 4.39 14.21
CA THR A 271 -39.28 4.57 12.83
C THR A 271 -40.12 5.64 12.14
N PRO A 272 -39.46 6.72 11.70
CA PRO A 272 -40.18 7.84 11.07
C PRO A 272 -40.64 7.51 9.65
N ILE A 273 -41.96 7.36 9.48
CA ILE A 273 -42.56 6.98 8.21
C ILE A 273 -42.26 7.95 7.06
N PHE A 274 -42.51 9.24 7.28
CA PHE A 274 -42.30 10.25 6.24
C PHE A 274 -40.90 10.14 5.61
N ASP A 275 -39.89 10.09 6.47
CA ASP A 275 -38.50 10.08 6.02
C ASP A 275 -38.12 8.80 5.28
N VAL A 276 -38.58 7.66 5.81
CA VAL A 276 -38.26 6.37 5.19
C VAL A 276 -38.92 6.24 3.82
N VAL A 277 -40.17 6.69 3.71
CA VAL A 277 -40.91 6.58 2.47
C VAL A 277 -40.41 7.55 1.40
N LEU A 278 -40.38 8.84 1.73
CA LEU A 278 -40.00 9.84 0.73
C LEU A 278 -38.52 9.79 0.32
N LYS A 279 -37.68 9.23 1.19
CA LYS A 279 -36.27 9.07 0.85
C LYS A 279 -36.00 7.71 0.22
N GLY A 280 -37.03 6.89 0.11
CA GLY A 280 -36.89 5.57 -0.48
C GLY A 280 -35.82 4.77 0.22
N ILE A 281 -35.83 4.81 1.55
CA ILE A 281 -34.81 4.15 2.34
C ILE A 281 -35.08 2.67 2.57
N THR A 282 -34.03 1.88 2.56
CA THR A 282 -34.13 0.48 2.94
C THR A 282 -33.49 0.26 4.30
N ILE A 283 -34.25 -0.36 5.19
CA ILE A 283 -33.72 -0.76 6.49
C ILE A 283 -33.70 -2.29 6.59
N ARG A 284 -32.52 -2.84 6.81
CA ARG A 284 -32.32 -4.28 6.69
C ARG A 284 -31.63 -4.87 7.93
N GLY A 285 -32.20 -5.94 8.47
CA GLY A 285 -31.62 -6.64 9.60
C GLY A 285 -30.64 -7.70 9.13
N SER A 286 -29.48 -7.76 9.77
CA SER A 286 -28.44 -8.67 9.34
C SER A 286 -27.46 -9.02 10.46
N ILE A 287 -27.44 -10.29 10.86
CA ILE A 287 -26.46 -10.77 11.82
C ILE A 287 -25.85 -12.09 11.37
N VAL A 288 -24.57 -12.28 11.71
CA VAL A 288 -23.76 -13.39 11.18
C VAL A 288 -24.00 -13.58 9.68
N GLY A 289 -23.87 -14.82 9.20
CA GLY A 289 -24.07 -15.09 7.79
C GLY A 289 -24.04 -16.56 7.45
N THR A 290 -24.32 -16.89 6.19
CA THR A 290 -24.35 -18.27 5.74
C THR A 290 -22.95 -18.87 5.73
N ARG A 291 -22.87 -20.16 5.41
CA ARG A 291 -21.59 -20.85 5.32
C ARG A 291 -20.69 -20.21 4.27
N SER A 292 -21.28 -19.86 3.12
CA SER A 292 -20.53 -19.20 2.06
C SER A 292 -20.11 -17.80 2.47
N ASP A 293 -21.01 -17.08 3.15
CA ASP A 293 -20.67 -15.78 3.73
C ASP A 293 -19.42 -15.92 4.60
N LEU A 294 -19.42 -16.91 5.47
CA LEU A 294 -18.34 -17.14 6.41
C LEU A 294 -17.01 -17.43 5.72
N GLN A 295 -17.05 -18.31 4.72
CA GLN A 295 -15.85 -18.67 3.98
C GLN A 295 -15.27 -17.46 3.27
N GLU A 296 -16.14 -16.68 2.63
CA GLU A 296 -15.73 -15.45 1.98
C GLU A 296 -15.07 -14.49 2.97
N SER A 297 -15.67 -14.32 4.14
CA SER A 297 -15.14 -13.39 5.14
C SER A 297 -13.79 -13.86 5.69
N LEU A 298 -13.58 -15.17 5.72
CA LEU A 298 -12.32 -15.72 6.17
C LEU A 298 -11.22 -15.45 5.16
N ASP A 299 -11.57 -15.51 3.88
CA ASP A 299 -10.62 -15.23 2.81
C ASP A 299 -9.98 -13.85 2.96
N PHE A 300 -10.76 -12.88 3.42
CA PHE A 300 -10.25 -11.54 3.63
C PHE A 300 -9.20 -11.50 4.74
N ALA A 301 -9.44 -12.27 5.79
CA ALA A 301 -8.47 -12.37 6.88
C ALA A 301 -7.21 -13.09 6.41
N ALA A 302 -7.41 -14.11 5.57
CA ALA A 302 -6.29 -14.91 5.08
C ALA A 302 -5.34 -14.09 4.21
N HIS A 303 -5.89 -13.12 3.50
CA HIS A 303 -5.11 -12.30 2.58
C HIS A 303 -4.57 -11.06 3.28
N GLY A 304 -4.85 -10.94 4.58
CA GLY A 304 -4.30 -9.86 5.38
C GLY A 304 -5.01 -8.53 5.24
N ASP A 305 -6.19 -8.54 4.64
CA ASP A 305 -6.99 -7.33 4.47
C ASP A 305 -7.71 -6.98 5.76
N VAL A 306 -8.03 -7.99 6.55
CA VAL A 306 -8.74 -7.80 7.80
C VAL A 306 -8.03 -8.46 8.97
N LYS A 307 -7.81 -7.68 10.03
CA LYS A 307 -7.20 -8.17 11.25
C LYS A 307 -7.94 -7.60 12.45
N ALA A 308 -8.45 -8.50 13.30
CA ALA A 308 -9.18 -8.09 14.48
C ALA A 308 -8.23 -7.73 15.62
N THR A 309 -8.55 -6.66 16.34
CA THR A 309 -7.80 -6.32 17.54
C THR A 309 -8.10 -7.38 18.59
N VAL A 310 -7.06 -8.06 19.03
CA VAL A 310 -7.25 -9.21 19.92
C VAL A 310 -6.39 -9.16 21.19
N SER A 311 -6.97 -9.63 22.28
CA SER A 311 -6.25 -9.85 23.52
C SER A 311 -6.64 -11.21 24.07
N THR A 312 -5.70 -11.90 24.69
CA THR A 312 -5.97 -13.24 25.22
C THR A 312 -6.33 -13.23 26.70
N ALA A 313 -7.05 -14.26 27.12
CA ALA A 313 -7.32 -14.53 28.52
C ALA A 313 -7.37 -16.03 28.71
N LYS A 314 -7.23 -16.49 29.95
CA LYS A 314 -7.35 -17.91 30.25
C LYS A 314 -8.78 -18.32 30.54
N LEU A 315 -9.10 -19.58 30.28
CA LEU A 315 -10.43 -20.12 30.49
C LEU A 315 -10.89 -19.90 31.93
N ASP A 316 -9.96 -20.07 32.87
CA ASP A 316 -10.26 -19.95 34.29
C ASP A 316 -10.66 -18.53 34.70
N ASP A 317 -10.29 -17.54 33.88
CA ASP A 317 -10.56 -16.15 34.20
C ASP A 317 -11.78 -15.59 33.45
N VAL A 318 -12.60 -16.47 32.89
CA VAL A 318 -13.71 -16.04 32.04
C VAL A 318 -14.67 -15.06 32.72
N ASN A 319 -14.95 -15.30 34.00
CA ASN A 319 -15.83 -14.40 34.76
C ASN A 319 -15.26 -13.00 34.82
N ASP A 320 -13.95 -12.89 35.02
CA ASP A 320 -13.28 -11.60 35.00
C ASP A 320 -13.45 -10.93 33.64
N VAL A 321 -13.35 -11.73 32.58
CA VAL A 321 -13.56 -11.24 31.23
C VAL A 321 -14.98 -10.73 31.04
N PHE A 322 -15.96 -11.53 31.46
CA PHE A 322 -17.36 -11.11 31.39
C PHE A 322 -17.57 -9.78 32.09
N GLY A 323 -16.95 -9.63 33.26
CA GLY A 323 -17.03 -8.40 34.01
C GLY A 323 -16.49 -7.21 33.24
N ARG A 324 -15.33 -7.38 32.60
CA ARG A 324 -14.74 -6.31 31.81
C ARG A 324 -15.65 -5.93 30.64
N LEU A 325 -16.19 -6.94 29.98
CA LEU A 325 -17.09 -6.72 28.85
C LEU A 325 -18.33 -5.91 29.27
N ARG A 326 -18.96 -6.33 30.36
CA ARG A 326 -20.14 -5.66 30.88
C ARG A 326 -19.87 -4.18 31.16
N GLU A 327 -18.66 -3.90 31.65
CA GLU A 327 -18.30 -2.54 32.04
C GLU A 327 -17.80 -1.72 30.87
N GLY A 328 -17.71 -2.35 29.70
CA GLY A 328 -17.27 -1.67 28.50
C GLY A 328 -15.79 -1.32 28.55
N LYS A 329 -15.00 -2.17 29.18
CA LYS A 329 -13.56 -1.93 29.29
C LYS A 329 -12.76 -2.69 28.24
N VAL A 330 -13.44 -3.55 27.49
CA VAL A 330 -12.79 -4.33 26.46
C VAL A 330 -12.62 -3.54 25.16
N GLU A 331 -11.37 -3.32 24.78
CA GLU A 331 -11.06 -2.74 23.48
C GLU A 331 -10.78 -3.87 22.50
N GLY A 332 -11.49 -3.88 21.38
CA GLY A 332 -11.36 -4.95 20.40
C GLY A 332 -12.13 -6.18 20.81
N ARG A 333 -11.47 -7.33 20.78
CA ARG A 333 -12.10 -8.59 21.16
C ARG A 333 -11.19 -9.41 22.08
N VAL A 334 -11.77 -10.03 23.09
CA VAL A 334 -11.04 -10.93 23.97
C VAL A 334 -11.20 -12.37 23.50
N VAL A 335 -10.09 -13.11 23.46
CA VAL A 335 -10.11 -14.49 22.99
C VAL A 335 -9.45 -15.42 24.00
N LEU A 336 -10.19 -16.43 24.45
CA LEU A 336 -9.65 -17.43 25.36
C LEU A 336 -8.60 -18.28 24.66
N ASP A 337 -7.42 -18.37 25.27
CA ASP A 337 -6.30 -19.11 24.68
C ASP A 337 -6.13 -20.46 25.38
N PHE A 338 -6.32 -21.53 24.63
CA PHE A 338 -6.20 -22.88 25.17
C PHE A 338 -4.82 -23.49 24.93
N SER A 339 -4.00 -22.78 24.17
CA SER A 339 -2.66 -23.26 23.84
C SER A 339 -1.74 -23.18 25.06
N ARG A 340 -0.99 -24.24 25.29
CA ARG A 340 -0.04 -24.28 26.40
C ARG A 340 1.09 -23.28 26.19
N ALA B 1 -3.77 45.15 19.81
CA ALA B 1 -2.81 45.50 20.84
C ALA B 1 -2.88 44.53 22.01
N MET B 2 -4.03 43.88 22.17
CA MET B 2 -4.21 42.91 23.23
C MET B 2 -4.60 41.55 22.68
N MET B 3 -4.32 40.50 23.42
CA MET B 3 -4.63 39.13 23.00
C MET B 3 -4.85 38.25 24.22
N LYS B 4 -5.47 37.09 24.00
CA LYS B 4 -5.62 36.11 25.04
C LYS B 4 -4.40 35.20 25.08
N ALA B 5 -4.01 34.79 26.28
CA ALA B 5 -2.88 33.88 26.44
C ALA B 5 -2.92 33.19 27.80
N ALA B 6 -2.44 31.95 27.85
CA ALA B 6 -2.31 31.23 29.10
C ALA B 6 -0.94 31.50 29.72
N VAL B 7 -0.93 32.09 30.90
CA VAL B 7 0.30 32.54 31.52
C VAL B 7 0.65 31.76 32.79
N VAL B 8 1.92 31.38 32.90
CA VAL B 8 2.45 30.84 34.14
C VAL B 8 3.03 31.99 34.96
N ARG B 9 2.46 32.24 36.13
CA ARG B 9 2.89 33.36 36.96
C ARG B 9 3.49 32.87 38.27
N ALA B 10 3.30 31.59 38.56
CA ALA B 10 3.90 30.95 39.72
C ALA B 10 4.02 29.46 39.45
N PHE B 11 5.20 28.89 39.69
CA PHE B 11 5.43 27.47 39.44
C PHE B 11 4.48 26.58 40.23
N GLY B 12 3.84 25.64 39.54
CA GLY B 12 2.92 24.72 40.17
C GLY B 12 1.47 25.18 40.15
N ALA B 13 1.28 26.48 39.97
CA ALA B 13 -0.05 27.06 40.03
C ALA B 13 -0.80 26.94 38.71
N PRO B 14 -2.14 26.92 38.77
CA PRO B 14 -2.99 26.94 37.58
C PRO B 14 -2.58 28.04 36.63
N LEU B 15 -2.59 27.75 35.33
CA LEU B 15 -2.34 28.77 34.33
C LEU B 15 -3.54 29.71 34.26
N THR B 16 -3.28 31.01 34.25
CA THR B 16 -4.34 32.01 34.16
C THR B 16 -4.46 32.51 32.73
N ILE B 17 -5.69 32.51 32.20
CA ILE B 17 -5.93 33.08 30.89
C ILE B 17 -6.10 34.58 31.01
N ASP B 18 -5.13 35.34 30.53
CA ASP B 18 -5.14 36.79 30.67
C ASP B 18 -5.22 37.50 29.34
N GLU B 19 -5.67 38.75 29.38
CA GLU B 19 -5.49 39.66 28.26
C GLU B 19 -4.15 40.34 28.42
N VAL B 20 -3.28 40.17 27.42
CA VAL B 20 -1.93 40.70 27.48
C VAL B 20 -1.59 41.38 26.15
N PRO B 21 -0.55 42.22 26.14
CA PRO B 21 -0.23 42.88 24.87
C PRO B 21 0.20 41.90 23.78
N VAL B 22 -0.22 42.18 22.55
CA VAL B 22 0.28 41.43 21.40
C VAL B 22 1.74 41.78 21.20
N PRO B 23 2.60 40.76 21.13
CA PRO B 23 4.02 41.03 20.87
C PRO B 23 4.22 41.49 19.42
N GLN B 24 4.95 42.59 19.25
CA GLN B 24 5.17 43.16 17.93
C GLN B 24 6.61 42.93 17.49
N PRO B 25 6.80 42.47 16.24
CA PRO B 25 8.15 42.12 15.78
C PRO B 25 9.00 43.35 15.45
N GLY B 26 10.25 43.33 15.89
CA GLY B 26 11.21 44.36 15.53
C GLY B 26 12.05 43.86 14.37
N PRO B 27 13.14 44.56 14.06
CA PRO B 27 14.02 44.16 12.95
C PRO B 27 14.50 42.73 13.09
N GLY B 28 14.31 41.93 12.04
CA GLY B 28 14.78 40.56 12.03
C GLY B 28 13.85 39.62 12.75
N GLN B 29 12.67 40.11 13.10
CA GLN B 29 11.68 39.27 13.77
C GLN B 29 10.42 39.13 12.92
N VAL B 30 9.61 38.12 13.25
CA VAL B 30 8.32 37.95 12.61
C VAL B 30 7.26 37.67 13.67
N GLN B 31 6.02 37.99 13.33
CA GLN B 31 4.90 37.75 14.22
C GLN B 31 4.05 36.63 13.65
N VAL B 32 3.62 35.72 14.50
CA VAL B 32 2.81 34.60 14.04
C VAL B 32 1.43 34.61 14.69
N LYS B 33 0.38 34.56 13.87
CA LYS B 33 -0.96 34.38 14.40
C LYS B 33 -1.24 32.89 14.54
N ILE B 34 -1.35 32.44 15.78
CA ILE B 34 -1.49 31.03 16.12
C ILE B 34 -2.86 30.47 15.76
N GLU B 35 -2.86 29.33 15.07
CA GLU B 35 -4.11 28.67 14.67
C GLU B 35 -4.26 27.34 15.40
N ALA B 36 -3.14 26.77 15.84
CA ALA B 36 -3.14 25.56 16.65
C ALA B 36 -1.86 25.54 17.49
N SER B 37 -1.90 24.86 18.62
CA SER B 37 -0.76 24.85 19.53
C SER B 37 -0.67 23.56 20.33
N GLY B 38 0.32 22.73 19.99
CA GLY B 38 0.49 21.43 20.63
C GLY B 38 0.79 21.51 22.12
N VAL B 39 0.32 20.50 22.84
CA VAL B 39 0.60 20.36 24.27
C VAL B 39 1.35 19.07 24.51
N CYS B 40 2.29 19.08 25.46
CA CYS B 40 3.02 17.87 25.81
C CYS B 40 3.59 17.97 27.22
N HIS B 41 4.23 16.89 27.66
CA HIS B 41 4.75 16.80 29.02
C HIS B 41 5.80 17.85 29.34
N THR B 42 6.51 18.32 28.31
CA THR B 42 7.52 19.36 28.50
C THR B 42 6.89 20.64 29.06
N ASP B 43 5.66 20.90 28.64
CA ASP B 43 4.93 22.07 29.12
C ASP B 43 4.65 21.97 30.61
N LEU B 44 4.47 20.74 31.09
CA LEU B 44 4.24 20.51 32.51
C LEU B 44 5.47 20.90 33.32
N HIS B 45 6.64 20.49 32.83
CA HIS B 45 7.90 20.76 33.52
C HIS B 45 8.25 22.24 33.50
N ALA B 46 7.93 22.92 32.41
CA ALA B 46 8.09 24.36 32.35
C ALA B 46 7.20 25.03 33.39
N ALA B 47 5.93 24.61 33.42
CA ALA B 47 4.96 25.17 34.36
C ALA B 47 5.31 24.85 35.81
N ASP B 48 5.92 23.68 36.04
CA ASP B 48 6.29 23.25 37.39
C ASP B 48 7.65 23.79 37.82
N GLY B 49 8.46 24.19 36.85
CA GLY B 49 9.80 24.68 37.11
C GLY B 49 10.65 23.62 37.80
N ASP B 50 10.43 22.36 37.46
CA ASP B 50 11.10 21.26 38.14
C ASP B 50 12.32 20.69 37.40
N TRP B 51 12.82 21.42 36.40
CA TRP B 51 14.06 21.07 35.74
C TRP B 51 15.21 21.91 36.32
N PRO B 52 16.47 21.48 36.09
CA PRO B 52 17.64 22.14 36.70
C PRO B 52 17.71 23.63 36.42
N VAL B 53 17.42 24.03 35.19
CA VAL B 53 17.35 25.46 34.84
C VAL B 53 15.90 25.83 34.57
N LYS B 54 15.35 26.70 35.41
CA LYS B 54 13.93 27.04 35.34
C LYS B 54 13.64 28.17 34.35
N PRO B 55 12.39 28.26 33.89
CA PRO B 55 11.92 29.42 33.15
C PRO B 55 11.93 30.63 34.07
N THR B 56 11.96 31.84 33.51
CA THR B 56 11.77 33.04 34.31
C THR B 56 10.28 33.37 34.29
N LEU B 57 9.77 33.85 35.42
CA LEU B 57 8.35 34.17 35.54
C LEU B 57 8.13 35.66 35.34
N PRO B 58 6.97 36.02 34.74
CA PRO B 58 5.98 35.11 34.19
C PRO B 58 6.34 34.70 32.77
N PHE B 59 5.66 33.70 32.23
CA PHE B 59 5.92 33.30 30.85
C PHE B 59 4.77 32.51 30.23
N ILE B 60 4.65 32.61 28.92
CA ILE B 60 3.65 31.87 28.16
C ILE B 60 4.28 30.61 27.57
N PRO B 61 3.79 29.44 28.00
CA PRO B 61 4.36 28.19 27.50
C PRO B 61 4.00 27.92 26.05
N GLY B 62 4.44 26.78 25.52
CA GLY B 62 4.05 26.36 24.17
C GLY B 62 5.18 26.43 23.17
N HIS B 63 5.72 25.27 22.81
CA HIS B 63 6.78 25.19 21.81
C HIS B 63 6.31 24.44 20.56
N GLU B 64 5.00 24.28 20.45
CA GLU B 64 4.41 23.56 19.32
C GLU B 64 3.36 24.42 18.62
N GLY B 65 3.59 25.73 18.60
CA GLY B 65 2.66 26.65 17.98
C GLY B 65 2.78 26.70 16.47
N VAL B 66 1.64 26.67 15.79
CA VAL B 66 1.61 26.76 14.34
C VAL B 66 0.57 27.80 13.89
N GLY B 67 0.80 28.41 12.73
CA GLY B 67 -0.11 29.42 12.22
C GLY B 67 0.43 30.20 11.04
N TYR B 68 -0.09 31.41 10.86
CA TYR B 68 0.30 32.26 9.73
C TYR B 68 1.21 33.39 10.17
N VAL B 69 2.17 33.75 9.32
CA VAL B 69 2.96 34.95 9.54
C VAL B 69 2.05 36.16 9.36
N SER B 70 1.83 36.89 10.45
CA SER B 70 0.88 38.00 10.44
C SER B 70 1.57 39.36 10.25
N ALA B 71 2.89 39.39 10.41
CA ALA B 71 3.65 40.62 10.27
C ALA B 71 5.14 40.31 10.30
N VAL B 72 5.93 41.14 9.62
CA VAL B 72 7.37 40.96 9.63
C VAL B 72 8.08 42.27 10.01
N GLY B 73 9.20 42.14 10.72
CA GLY B 73 10.08 43.26 10.95
C GLY B 73 10.93 43.43 9.71
N SER B 74 11.88 44.36 9.76
CA SER B 74 12.74 44.64 8.61
C SER B 74 13.81 43.57 8.42
N GLY B 75 14.28 43.43 7.19
CA GLY B 75 15.38 42.53 6.87
C GLY B 75 15.04 41.06 6.99
N VAL B 76 13.79 40.71 6.71
CA VAL B 76 13.37 39.31 6.74
C VAL B 76 13.11 38.80 5.33
N SER B 77 13.77 37.71 4.95
CA SER B 77 13.63 37.18 3.61
C SER B 77 13.20 35.70 3.58
N ARG B 78 13.50 34.97 4.64
CA ARG B 78 13.17 33.54 4.69
C ARG B 78 11.68 33.33 4.58
N VAL B 79 10.90 34.18 5.24
CA VAL B 79 9.44 34.07 5.19
C VAL B 79 8.79 35.41 4.87
N LYS B 80 7.50 35.38 4.58
CA LYS B 80 6.74 36.59 4.32
C LYS B 80 5.35 36.44 4.92
N GLU B 81 4.61 37.55 5.00
CA GLU B 81 3.26 37.52 5.53
C GLU B 81 2.42 36.46 4.84
N GLY B 82 1.66 35.70 5.63
CA GLY B 82 0.77 34.70 5.08
C GLY B 82 1.37 33.31 5.02
N ASP B 83 2.70 33.22 5.16
CA ASP B 83 3.35 31.92 5.17
C ASP B 83 2.92 31.11 6.38
N ARG B 84 2.74 29.81 6.18
CA ARG B 84 2.37 28.92 7.28
C ARG B 84 3.63 28.40 7.95
N VAL B 85 3.84 28.79 9.20
CA VAL B 85 5.04 28.45 9.95
C VAL B 85 4.74 27.89 11.32
N GLY B 86 5.72 27.21 11.91
CA GLY B 86 5.63 26.73 13.26
C GLY B 86 6.78 27.31 14.07
N VAL B 87 6.57 27.46 15.38
CA VAL B 87 7.59 28.02 16.25
C VAL B 87 8.03 26.97 17.27
N PRO B 88 9.08 26.22 16.94
CA PRO B 88 9.47 25.04 17.73
C PRO B 88 10.37 25.36 18.91
N TRP B 89 10.70 24.30 19.65
CA TRP B 89 11.51 24.38 20.87
C TRP B 89 12.74 25.27 20.73
N LEU B 90 13.49 25.10 19.63
CA LEU B 90 14.64 25.94 19.38
C LEU B 90 14.20 27.30 18.84
N TYR B 91 14.06 28.26 19.73
CA TYR B 91 13.61 29.60 19.34
C TYR B 91 14.69 30.30 18.53
N SER B 92 15.92 30.20 19.00
CA SER B 92 17.06 30.80 18.33
C SER B 92 18.35 30.22 18.89
N ALA B 93 19.44 30.42 18.15
CA ALA B 93 20.77 30.05 18.61
C ALA B 93 21.72 31.17 18.21
N CYS B 94 22.95 31.14 18.72
CA CYS B 94 23.88 32.26 18.52
C CYS B 94 24.41 32.35 17.09
N GLY B 95 24.44 31.22 16.40
CA GLY B 95 24.83 31.19 14.99
C GLY B 95 26.33 31.31 14.75
N TYR B 96 27.09 31.52 15.82
CA TYR B 96 28.53 31.78 15.69
C TYR B 96 29.43 30.76 16.36
N CYS B 97 28.87 30.01 17.31
CA CYS B 97 29.68 29.07 18.08
C CYS B 97 30.07 27.84 17.27
N GLU B 98 30.95 27.02 17.85
CA GLU B 98 31.41 25.79 17.22
C GLU B 98 30.26 24.91 16.74
N HIS B 99 29.26 24.74 17.60
CA HIS B 99 28.11 23.92 17.28
C HIS B 99 27.28 24.52 16.15
N CYS B 100 26.97 25.82 16.27
CA CYS B 100 26.14 26.49 15.27
C CYS B 100 26.75 26.46 13.87
N LEU B 101 28.05 26.69 13.78
CA LEU B 101 28.75 26.67 12.49
C LEU B 101 28.79 25.28 11.88
N GLN B 102 28.70 24.26 12.73
CA GLN B 102 28.79 22.88 12.26
C GLN B 102 27.42 22.28 11.92
N GLY B 103 26.37 23.09 12.01
CA GLY B 103 25.03 22.62 11.70
C GLY B 103 24.44 21.80 12.83
N TRP B 104 24.88 22.10 14.05
CA TRP B 104 24.35 21.47 15.26
C TRP B 104 23.81 22.50 16.24
N GLU B 105 22.92 23.37 15.75
CA GLU B 105 22.39 24.47 16.56
C GLU B 105 21.67 24.01 17.82
N THR B 106 21.18 22.78 17.80
CA THR B 106 20.49 22.23 18.96
C THR B 106 21.40 22.13 20.18
N LEU B 107 22.70 22.15 19.94
CA LEU B 107 23.68 22.05 21.01
C LEU B 107 24.17 23.43 21.48
N CYS B 108 23.67 24.48 20.85
CA CYS B 108 24.08 25.83 21.19
C CYS B 108 23.81 26.14 22.66
N GLU B 109 24.87 26.48 23.38
CA GLU B 109 24.75 26.80 24.80
C GLU B 109 24.06 28.14 25.05
N LYS B 110 23.92 28.95 24.00
CA LYS B 110 23.27 30.24 24.13
C LYS B 110 21.87 30.24 23.53
N GLN B 111 21.35 29.05 23.24
CA GLN B 111 20.04 28.92 22.62
C GLN B 111 18.94 29.41 23.54
N GLN B 112 17.86 29.93 22.94
CA GLN B 112 16.66 30.27 23.68
C GLN B 112 15.58 29.25 23.32
N ASN B 113 14.72 28.92 24.28
CA ASN B 113 13.72 27.89 24.06
C ASN B 113 12.28 28.40 24.15
N THR B 114 11.52 28.19 23.07
CA THR B 114 10.15 28.70 22.97
C THR B 114 9.24 28.13 24.03
N GLY B 115 8.50 29.00 24.71
CA GLY B 115 7.58 28.57 25.74
C GLY B 115 8.30 28.05 26.97
N TYR B 116 9.54 28.52 27.16
CA TYR B 116 10.34 28.14 28.32
C TYR B 116 11.21 29.31 28.77
N SER B 117 12.16 29.70 27.93
CA SER B 117 13.04 30.82 28.25
C SER B 117 12.55 32.10 27.57
N VAL B 118 11.68 31.94 26.58
CA VAL B 118 10.97 33.06 25.98
C VAL B 118 9.51 32.68 25.82
N ASN B 119 8.64 33.67 25.63
CA ASN B 119 7.23 33.39 25.47
C ASN B 119 6.92 32.52 24.25
N GLY B 120 5.92 31.66 24.38
CA GLY B 120 5.63 30.68 23.35
C GLY B 120 4.23 30.76 22.76
N GLY B 121 3.71 29.61 22.35
CA GLY B 121 2.49 29.57 21.56
C GLY B 121 1.16 29.35 22.27
N TYR B 122 1.16 29.41 23.60
CA TYR B 122 -0.09 29.36 24.35
C TYR B 122 -0.79 30.73 24.34
N GLY B 123 -0.69 31.43 23.22
CA GLY B 123 -1.34 32.72 23.05
C GLY B 123 -1.74 32.94 21.61
N GLU B 124 -2.62 33.92 21.37
CA GLU B 124 -3.13 34.18 20.03
C GLU B 124 -2.03 34.62 19.07
N TYR B 125 -1.03 35.32 19.58
CA TYR B 125 0.11 35.73 18.77
C TYR B 125 1.42 35.44 19.47
N VAL B 126 2.48 35.26 18.69
CA VAL B 126 3.82 35.10 19.24
C VAL B 126 4.85 35.68 18.27
N VAL B 127 5.87 36.32 18.81
CA VAL B 127 6.97 36.83 18.00
C VAL B 127 8.07 35.78 17.91
N ALA B 128 8.59 35.57 16.70
CA ALA B 128 9.59 34.54 16.47
C ALA B 128 10.75 35.04 15.64
N ASP B 129 11.82 34.25 15.64
CA ASP B 129 12.98 34.49 14.79
C ASP B 129 12.79 33.67 13.51
N PRO B 130 12.59 34.35 12.38
CA PRO B 130 12.22 33.62 11.16
C PRO B 130 13.30 32.64 10.73
N ASN B 131 14.54 32.89 11.15
CA ASN B 131 15.66 32.01 10.82
C ASN B 131 15.55 30.63 11.46
N TYR B 132 14.61 30.48 12.39
CA TYR B 132 14.53 29.26 13.18
C TYR B 132 13.15 28.60 13.20
N VAL B 133 12.15 29.29 12.65
CA VAL B 133 10.82 28.71 12.58
C VAL B 133 10.81 27.52 11.64
N GLY B 134 9.79 26.68 11.77
CA GLY B 134 9.59 25.59 10.84
C GLY B 134 8.70 26.04 9.71
N LEU B 135 9.02 25.63 8.49
CA LEU B 135 8.21 25.96 7.33
C LEU B 135 7.26 24.81 7.03
N LEU B 136 5.97 25.03 7.28
CA LEU B 136 4.97 23.97 7.23
C LEU B 136 4.55 23.62 5.81
N PRO B 137 4.23 22.34 5.56
CA PRO B 137 3.75 21.91 4.25
C PRO B 137 2.31 22.35 3.99
N ASP B 138 2.00 22.64 2.74
CA ASP B 138 0.72 23.25 2.38
C ASP B 138 -0.50 22.41 2.70
N LYS B 139 -0.41 21.10 2.47
CA LYS B 139 -1.59 20.24 2.47
C LYS B 139 -1.77 19.41 3.75
N VAL B 140 -1.24 19.89 4.87
CA VAL B 140 -1.50 19.27 6.17
C VAL B 140 -2.05 20.32 7.14
N GLY B 141 -3.17 19.99 7.78
CA GLY B 141 -3.83 20.91 8.70
C GLY B 141 -2.95 21.35 9.85
N PHE B 142 -3.28 22.50 10.44
CA PHE B 142 -2.53 23.04 11.58
C PHE B 142 -2.56 22.10 12.79
N VAL B 143 -3.73 21.58 13.10
CA VAL B 143 -3.90 20.71 14.25
C VAL B 143 -3.09 19.41 14.09
N GLU B 144 -3.10 18.85 12.89
CA GLU B 144 -2.39 17.60 12.64
C GLU B 144 -0.86 17.77 12.57
N ILE B 145 -0.40 18.93 12.09
CA ILE B 145 1.03 19.14 11.91
C ILE B 145 1.76 19.59 13.18
N ALA B 146 1.02 20.17 14.13
CA ALA B 146 1.62 20.76 15.32
C ALA B 146 2.59 19.85 16.08
N PRO B 147 2.18 18.62 16.39
CA PRO B 147 3.05 17.72 17.17
C PRO B 147 4.35 17.37 16.46
N ILE B 148 4.38 17.51 15.14
CA ILE B 148 5.58 17.19 14.38
C ILE B 148 6.74 18.10 14.76
N LEU B 149 6.42 19.30 15.23
CA LEU B 149 7.43 20.24 15.69
C LEU B 149 8.16 19.70 16.91
N CYS B 150 7.56 18.71 17.57
CA CYS B 150 8.13 18.17 18.79
C CYS B 150 8.31 16.66 18.73
N ALA B 151 7.20 15.94 18.83
CA ALA B 151 7.20 14.48 18.80
C ALA B 151 7.82 13.98 17.51
N GLY B 152 7.39 14.56 16.39
CA GLY B 152 7.87 14.15 15.09
C GLY B 152 9.37 14.25 14.92
N VAL B 153 9.90 15.47 15.00
CA VAL B 153 11.33 15.70 14.82
C VAL B 153 12.17 14.92 15.84
N THR B 154 11.67 14.81 17.08
CA THR B 154 12.39 14.12 18.13
C THR B 154 12.62 12.64 17.80
N VAL B 155 11.57 11.94 17.42
CA VAL B 155 11.70 10.51 17.10
C VAL B 155 12.37 10.30 15.75
N TYR B 156 12.19 11.24 14.83
CA TYR B 156 12.84 11.15 13.52
C TYR B 156 14.35 11.25 13.68
N LYS B 157 14.81 12.31 14.36
CA LYS B 157 16.22 12.50 14.62
C LYS B 157 16.75 11.37 15.49
N GLY B 158 15.95 10.94 16.45
CA GLY B 158 16.33 9.83 17.31
C GLY B 158 16.60 8.59 16.49
N LEU B 159 15.75 8.34 15.49
CA LEU B 159 15.92 7.19 14.61
C LEU B 159 17.14 7.34 13.71
N LYS B 160 17.41 8.56 13.26
CA LYS B 160 18.58 8.81 12.42
C LYS B 160 19.88 8.47 13.16
N VAL B 161 19.95 8.80 14.44
CA VAL B 161 21.21 8.61 15.19
C VAL B 161 21.35 7.21 15.78
N THR B 162 20.41 6.31 15.49
CA THR B 162 20.62 4.90 15.79
C THR B 162 21.54 4.31 14.74
N ASP B 163 21.83 5.10 13.72
CA ASP B 163 22.73 4.72 12.65
C ASP B 163 22.33 3.40 12.01
N THR B 164 21.02 3.18 11.94
CA THR B 164 20.48 1.99 11.29
C THR B 164 20.20 2.29 9.82
N ARG B 165 20.01 1.24 9.03
CA ARG B 165 19.70 1.41 7.60
C ARG B 165 18.54 0.51 7.17
N PRO B 166 17.87 0.88 6.06
CA PRO B 166 16.72 0.14 5.56
C PRO B 166 16.98 -1.36 5.57
N GLY B 167 16.02 -2.13 6.07
CA GLY B 167 16.15 -3.57 6.14
C GLY B 167 16.55 -4.05 7.51
N GLN B 168 17.08 -3.15 8.33
CA GLN B 168 17.52 -3.53 9.67
C GLN B 168 16.39 -3.43 10.69
N TRP B 169 16.57 -4.09 11.83
CA TRP B 169 15.57 -4.07 12.89
C TRP B 169 15.78 -2.90 13.85
N VAL B 170 14.70 -2.21 14.18
CA VAL B 170 14.73 -1.23 15.25
C VAL B 170 13.57 -1.51 16.22
N VAL B 171 13.87 -1.42 17.50
CA VAL B 171 12.84 -1.53 18.51
C VAL B 171 12.34 -0.15 18.90
N ILE B 172 11.03 0.03 18.89
CA ILE B 172 10.44 1.24 19.45
C ILE B 172 9.96 0.89 20.86
N SER B 173 10.64 1.44 21.86
CA SER B 173 10.28 1.18 23.25
C SER B 173 9.31 2.24 23.73
N GLY B 174 8.08 1.81 24.01
CA GLY B 174 7.04 2.72 24.41
C GLY B 174 6.28 3.21 23.19
N ILE B 175 5.02 2.81 23.08
CA ILE B 175 4.18 3.25 21.98
C ILE B 175 3.18 4.29 22.49
N GLY B 176 3.69 5.34 23.13
CA GLY B 176 2.84 6.39 23.66
C GLY B 176 2.82 7.61 22.75
N GLY B 177 2.86 8.78 23.37
CA GLY B 177 2.85 10.04 22.62
C GLY B 177 3.91 10.10 21.55
N LEU B 178 5.16 9.82 21.94
CA LEU B 178 6.27 9.80 20.99
C LEU B 178 6.32 8.51 20.18
N GLY B 179 6.14 7.39 20.89
CA GLY B 179 6.25 6.07 20.30
C GLY B 179 5.40 5.82 19.08
N HIS B 180 4.13 6.22 19.13
CA HIS B 180 3.21 5.96 18.03
C HIS B 180 3.63 6.72 16.78
N VAL B 181 4.27 7.87 16.98
CA VAL B 181 4.82 8.63 15.86
C VAL B 181 6.08 7.93 15.36
N ALA B 182 6.86 7.40 16.30
CA ALA B 182 8.12 6.75 15.99
C ALA B 182 7.96 5.53 15.07
N VAL B 183 6.95 4.72 15.34
CA VAL B 183 6.70 3.53 14.52
C VAL B 183 6.51 3.92 13.05
N GLN B 184 5.84 5.04 12.83
CA GLN B 184 5.53 5.50 11.49
C GLN B 184 6.77 6.01 10.73
N TYR B 185 7.59 6.80 11.41
CA TYR B 185 8.84 7.27 10.81
C TYR B 185 9.76 6.08 10.50
N ALA B 186 9.90 5.18 11.46
CA ALA B 186 10.73 3.99 11.31
C ALA B 186 10.33 3.20 10.06
N ARG B 187 9.02 2.98 9.89
CA ARG B 187 8.52 2.23 8.75
C ARG B 187 8.75 2.97 7.44
N ALA B 188 8.65 4.29 7.49
CA ALA B 188 8.88 5.12 6.32
C ALA B 188 10.36 5.19 5.99
N MET B 189 11.19 4.79 6.95
CA MET B 189 12.63 4.80 6.77
C MET B 189 13.15 3.41 6.39
N GLY B 190 12.23 2.53 6.02
CA GLY B 190 12.58 1.20 5.54
C GLY B 190 13.01 0.22 6.60
N LEU B 191 12.82 0.59 7.87
CA LEU B 191 13.21 -0.25 8.98
C LEU B 191 12.15 -1.29 9.32
N ARG B 192 12.59 -2.45 9.79
CA ARG B 192 11.66 -3.45 10.34
C ARG B 192 11.45 -3.12 11.81
N VAL B 193 10.18 -2.94 12.20
CA VAL B 193 9.89 -2.42 13.53
C VAL B 193 9.38 -3.49 14.49
N ALA B 194 10.01 -3.54 15.67
CA ALA B 194 9.51 -4.34 16.77
C ALA B 194 9.07 -3.39 17.87
N ALA B 195 7.81 -3.50 18.28
CA ALA B 195 7.27 -2.63 19.31
C ALA B 195 7.28 -3.33 20.66
N VAL B 196 7.75 -2.62 21.68
CA VAL B 196 7.76 -3.15 23.03
C VAL B 196 7.08 -2.18 24.00
N ASP B 197 6.13 -2.71 24.75
CA ASP B 197 5.37 -1.95 25.72
C ASP B 197 4.81 -2.93 26.74
N ILE B 198 4.08 -2.43 27.73
CA ILE B 198 3.46 -3.30 28.72
C ILE B 198 1.94 -3.26 28.59
N ASP B 199 1.47 -2.63 27.52
CA ASP B 199 0.05 -2.37 27.33
C ASP B 199 -0.41 -2.90 25.98
N ASP B 200 -1.23 -3.95 26.00
CA ASP B 200 -1.70 -4.62 24.79
C ASP B 200 -2.37 -3.67 23.79
N ALA B 201 -3.08 -2.67 24.29
CA ALA B 201 -3.74 -1.71 23.42
C ALA B 201 -2.72 -0.90 22.61
N LYS B 202 -1.71 -0.37 23.30
CA LYS B 202 -0.62 0.34 22.64
C LYS B 202 0.08 -0.56 21.63
N LEU B 203 0.22 -1.83 21.98
CA LEU B 203 0.89 -2.78 21.10
C LEU B 203 0.05 -3.11 19.87
N ASN B 204 -1.25 -3.25 20.08
CA ASN B 204 -2.18 -3.42 18.98
C ASN B 204 -2.11 -2.21 18.06
N LEU B 205 -1.95 -1.03 18.66
CA LEU B 205 -1.80 0.20 17.91
C LEU B 205 -0.57 0.10 17.01
N ALA B 206 0.56 -0.26 17.60
CA ALA B 206 1.82 -0.38 16.89
C ALA B 206 1.70 -1.27 15.65
N ARG B 207 0.97 -2.38 15.77
CA ARG B 207 0.73 -3.27 14.65
C ARG B 207 -0.03 -2.58 13.53
N ARG B 208 -1.04 -1.79 13.91
CA ARG B 208 -1.81 -1.00 12.94
C ARG B 208 -0.88 -0.06 12.19
N LEU B 209 0.15 0.41 12.89
CA LEU B 209 1.05 1.42 12.34
C LEU B 209 2.17 0.83 11.48
N GLY B 210 2.33 -0.48 11.52
CA GLY B 210 3.30 -1.15 10.67
C GLY B 210 4.32 -2.00 11.40
N ALA B 211 4.21 -2.06 12.73
CA ALA B 211 5.09 -2.90 13.52
C ALA B 211 4.95 -4.35 13.07
N GLU B 212 6.09 -4.98 12.74
CA GLU B 212 6.11 -6.36 12.27
C GLU B 212 6.07 -7.32 13.45
N VAL B 213 6.57 -6.84 14.58
CA VAL B 213 6.62 -7.63 15.79
C VAL B 213 6.21 -6.77 16.98
N ALA B 214 5.49 -7.38 17.92
CA ALA B 214 5.05 -6.66 19.11
C ALA B 214 5.19 -7.56 20.33
N VAL B 215 5.88 -7.06 21.35
CA VAL B 215 6.13 -7.84 22.56
C VAL B 215 5.63 -7.11 23.79
N ASN B 216 4.83 -7.80 24.60
CA ASN B 216 4.39 -7.24 25.87
C ASN B 216 5.33 -7.65 26.99
N ALA B 217 6.09 -6.68 27.49
CA ALA B 217 7.12 -6.95 28.50
C ALA B 217 6.53 -7.38 29.83
N ARG B 218 5.21 -7.29 29.96
CA ARG B 218 4.52 -7.74 31.16
C ARG B 218 4.64 -9.26 31.26
N ASP B 219 4.46 -9.94 30.13
CA ASP B 219 4.36 -11.38 30.10
C ASP B 219 5.68 -12.06 29.70
N THR B 220 6.48 -11.38 28.90
CA THR B 220 7.70 -11.97 28.37
C THR B 220 8.88 -11.02 28.43
N ASP B 221 10.06 -11.58 28.68
CA ASP B 221 11.30 -10.83 28.63
C ASP B 221 11.57 -10.44 27.18
N PRO B 222 11.42 -9.15 26.86
CA PRO B 222 11.59 -8.73 25.46
C PRO B 222 13.03 -8.86 25.00
N ALA B 223 13.97 -8.85 25.94
CA ALA B 223 15.38 -9.01 25.61
C ALA B 223 15.65 -10.43 25.15
N ALA B 224 15.23 -11.39 25.98
CA ALA B 224 15.38 -12.80 25.66
C ALA B 224 14.59 -13.18 24.41
N TRP B 225 13.34 -12.73 24.35
CA TRP B 225 12.49 -13.04 23.22
C TRP B 225 13.07 -12.53 21.91
N LEU B 226 13.51 -11.27 21.91
CA LEU B 226 14.01 -10.64 20.69
C LEU B 226 15.38 -11.17 20.26
N GLN B 227 16.26 -11.43 21.22
CA GLN B 227 17.55 -12.02 20.92
C GLN B 227 17.37 -13.35 20.18
N LYS B 228 16.42 -14.17 20.64
CA LYS B 228 16.14 -15.44 20.00
C LYS B 228 15.47 -15.28 18.64
N GLU B 229 14.47 -14.42 18.57
CA GLU B 229 13.66 -14.29 17.37
C GLU B 229 14.37 -13.61 16.20
N ILE B 230 14.82 -12.38 16.43
CA ILE B 230 15.44 -11.59 15.35
C ILE B 230 16.94 -11.42 15.56
N GLY B 231 17.46 -11.97 16.66
CA GLY B 231 18.87 -11.87 16.95
C GLY B 231 19.25 -10.54 17.58
N GLY B 232 18.27 -9.89 18.19
CA GLY B 232 18.46 -8.57 18.77
C GLY B 232 18.30 -7.48 17.74
N ALA B 233 17.99 -6.27 18.20
CA ALA B 233 17.75 -5.16 17.29
C ALA B 233 19.02 -4.36 17.00
N HIS B 234 19.15 -3.91 15.75
CA HIS B 234 20.28 -3.08 15.34
C HIS B 234 20.19 -1.75 16.06
N GLY B 235 18.96 -1.32 16.28
CA GLY B 235 18.70 -0.06 16.96
C GLY B 235 17.55 -0.14 17.94
N VAL B 236 17.58 0.72 18.95
CA VAL B 236 16.49 0.81 19.92
C VAL B 236 16.20 2.27 20.21
N LEU B 237 14.97 2.69 19.97
CA LEU B 237 14.55 4.03 20.35
C LEU B 237 13.74 3.95 21.63
N VAL B 238 14.30 4.53 22.69
CA VAL B 238 13.64 4.55 24.00
C VAL B 238 12.89 5.85 24.18
N THR B 239 11.57 5.80 24.01
CA THR B 239 10.74 7.00 24.06
C THR B 239 10.25 7.31 25.47
N ALA B 240 10.06 6.26 26.27
CA ALA B 240 9.77 6.41 27.69
C ALA B 240 10.98 5.96 28.49
N VAL B 241 11.81 6.93 28.89
CA VAL B 241 13.12 6.61 29.47
C VAL B 241 13.06 6.37 30.98
N SER B 242 12.76 5.14 31.35
CA SER B 242 12.77 4.71 32.76
C SER B 242 13.90 3.71 32.94
N PRO B 243 14.35 3.53 34.19
CA PRO B 243 15.41 2.54 34.45
C PRO B 243 15.11 1.17 33.83
N LYS B 244 13.88 0.69 33.94
CA LYS B 244 13.55 -0.61 33.35
C LYS B 244 13.66 -0.61 31.84
N ALA B 245 13.17 0.45 31.19
CA ALA B 245 13.24 0.57 29.74
C ALA B 245 14.68 0.68 29.26
N PHE B 246 15.45 1.50 29.97
CA PHE B 246 16.87 1.67 29.67
C PHE B 246 17.61 0.34 29.79
N SER B 247 17.33 -0.39 30.86
CA SER B 247 17.98 -1.66 31.12
C SER B 247 17.61 -2.73 30.09
N GLN B 248 16.34 -2.80 29.71
CA GLN B 248 15.88 -3.80 28.75
C GLN B 248 16.32 -3.48 27.33
N ALA B 249 16.53 -2.19 27.04
CA ALA B 249 17.07 -1.76 25.76
C ALA B 249 18.46 -2.36 25.57
N ILE B 250 19.27 -2.29 26.62
CA ILE B 250 20.62 -2.85 26.59
C ILE B 250 20.57 -4.37 26.36
N GLY B 251 19.51 -5.01 26.82
CA GLY B 251 19.32 -6.43 26.61
C GLY B 251 18.83 -6.74 25.21
N MET B 252 18.00 -5.84 24.67
CA MET B 252 17.35 -6.07 23.38
C MET B 252 18.25 -5.78 22.17
N VAL B 253 19.17 -4.83 22.31
CA VAL B 253 20.04 -4.46 21.21
C VAL B 253 21.06 -5.58 20.93
N ARG B 254 21.28 -5.87 19.65
CA ARG B 254 22.32 -6.82 19.30
C ARG B 254 23.68 -6.13 19.41
N ARG B 255 24.75 -6.92 19.46
CA ARG B 255 26.09 -6.36 19.59
C ARG B 255 26.38 -5.35 18.48
N GLY B 256 26.96 -4.22 18.86
CA GLY B 256 27.31 -3.19 17.91
C GLY B 256 26.15 -2.26 17.60
N GLY B 257 25.02 -2.50 18.24
CA GLY B 257 23.83 -1.71 18.00
C GLY B 257 23.83 -0.38 18.73
N THR B 258 22.84 0.46 18.42
CA THR B 258 22.75 1.77 19.04
C THR B 258 21.41 2.00 19.72
N ILE B 259 21.47 2.49 20.95
CA ILE B 259 20.27 2.84 21.70
C ILE B 259 20.12 4.35 21.77
N ALA B 260 19.01 4.86 21.25
CA ALA B 260 18.73 6.29 21.30
C ALA B 260 17.74 6.61 22.40
N LEU B 261 18.12 7.53 23.28
CA LEU B 261 17.27 7.94 24.39
C LEU B 261 16.55 9.25 24.06
N ASN B 262 15.22 9.17 23.99
CA ASN B 262 14.39 10.31 23.60
C ASN B 262 13.76 11.08 24.76
N GLY B 263 14.09 10.71 25.99
CA GLY B 263 13.44 11.28 27.16
C GLY B 263 14.36 11.99 28.14
N LEU B 264 13.75 12.78 29.03
CA LEU B 264 14.48 13.58 30.01
C LEU B 264 14.04 13.25 31.44
N PRO B 265 14.36 12.04 31.91
CA PRO B 265 13.98 11.62 33.26
C PRO B 265 14.92 12.18 34.33
N PRO B 266 14.51 12.12 35.60
CA PRO B 266 15.35 12.58 36.71
C PRO B 266 16.29 11.48 37.22
N GLY B 267 17.39 11.88 37.83
CA GLY B 267 18.29 10.95 38.49
C GLY B 267 19.25 10.19 37.58
N ASP B 268 20.29 9.62 38.20
CA ASP B 268 21.24 8.78 37.49
C ASP B 268 20.64 7.39 37.23
N PHE B 269 20.97 6.81 36.08
CA PHE B 269 20.64 5.42 35.82
C PHE B 269 21.90 4.57 35.93
N GLY B 270 21.77 3.39 36.51
CA GLY B 270 22.87 2.47 36.60
C GLY B 270 23.14 1.81 35.26
N THR B 271 24.35 2.00 34.74
CA THR B 271 24.73 1.44 33.45
C THR B 271 25.72 0.29 33.61
N PRO B 272 25.35 -0.92 33.17
CA PRO B 272 26.21 -2.09 33.32
C PRO B 272 27.41 -2.05 32.37
N ILE B 273 28.60 -1.87 32.95
CA ILE B 273 29.85 -1.73 32.19
C ILE B 273 30.18 -2.94 31.32
N PHE B 274 30.15 -4.12 31.91
CA PHE B 274 30.49 -5.36 31.20
C PHE B 274 29.69 -5.51 29.90
N ASP B 275 28.38 -5.29 29.99
CA ASP B 275 27.49 -5.47 28.85
C ASP B 275 27.69 -4.42 27.75
N VAL B 276 27.85 -3.16 28.15
CA VAL B 276 28.06 -2.10 27.17
C VAL B 276 29.39 -2.25 26.45
N VAL B 277 30.42 -2.61 27.20
CA VAL B 277 31.76 -2.78 26.63
C VAL B 277 31.86 -4.03 25.75
N LEU B 278 31.60 -5.18 26.34
CA LEU B 278 31.71 -6.44 25.61
C LEU B 278 30.82 -6.51 24.37
N LYS B 279 29.64 -5.89 24.44
CA LYS B 279 28.71 -5.92 23.32
C LYS B 279 28.92 -4.76 22.35
N GLY B 280 29.86 -3.87 22.69
CA GLY B 280 30.15 -2.74 21.85
C GLY B 280 28.90 -1.92 21.56
N ILE B 281 28.11 -1.68 22.60
CA ILE B 281 26.85 -0.96 22.46
C ILE B 281 27.08 0.54 22.45
N THR B 282 26.30 1.25 21.64
CA THR B 282 26.30 2.70 21.67
C THR B 282 25.03 3.23 22.36
N ILE B 283 25.23 4.15 23.29
CA ILE B 283 24.13 4.79 24.00
C ILE B 283 24.15 6.28 23.71
N ARG B 284 23.06 6.78 23.15
CA ARG B 284 23.05 8.14 22.60
C ARG B 284 21.83 8.96 23.00
N GLY B 285 22.08 10.16 23.54
CA GLY B 285 21.01 11.06 23.91
C GLY B 285 20.58 11.88 22.71
N SER B 286 19.28 12.05 22.53
CA SER B 286 18.75 12.78 21.39
C SER B 286 17.33 13.29 21.64
N ILE B 287 17.18 14.60 21.67
CA ILE B 287 15.86 15.22 21.79
C ILE B 287 15.72 16.35 20.76
N VAL B 288 14.49 16.55 20.27
CA VAL B 288 14.21 17.42 19.13
C VAL B 288 15.23 17.23 18.01
N GLY B 289 15.53 18.30 17.28
CA GLY B 289 16.49 18.23 16.19
C GLY B 289 16.80 19.58 15.58
N THR B 290 17.70 19.58 14.61
CA THR B 290 18.12 20.81 13.94
C THR B 290 17.04 21.31 13.00
N ARG B 291 17.27 22.48 12.42
CA ARG B 291 16.34 23.06 11.48
C ARG B 291 16.14 22.15 10.27
N SER B 292 17.23 21.55 9.80
CA SER B 292 17.17 20.62 8.68
C SER B 292 16.46 19.32 9.09
N ASP B 293 16.73 18.87 10.32
CA ASP B 293 16.03 17.73 10.89
C ASP B 293 14.52 17.94 10.84
N LEU B 294 14.09 19.09 11.34
CA LEU B 294 12.68 19.43 11.42
C LEU B 294 12.03 19.45 10.04
N GLN B 295 12.69 20.08 9.08
CA GLN B 295 12.17 20.16 7.72
C GLN B 295 12.03 18.77 7.10
N GLU B 296 13.03 17.93 7.33
CA GLU B 296 12.96 16.54 6.88
C GLU B 296 11.76 15.81 7.50
N SER B 297 11.55 16.00 8.81
CA SER B 297 10.46 15.34 9.50
C SER B 297 9.10 15.84 9.05
N LEU B 298 9.03 17.10 8.66
CA LEU B 298 7.79 17.67 8.14
C LEU B 298 7.48 17.07 6.78
N ASP B 299 8.52 16.79 6.01
CA ASP B 299 8.35 16.18 4.69
C ASP B 299 7.58 14.86 4.77
N PHE B 300 7.92 14.04 5.76
CA PHE B 300 7.26 12.75 5.93
C PHE B 300 5.76 12.90 6.19
N ALA B 301 5.39 13.88 7.00
CA ALA B 301 3.99 14.14 7.29
C ALA B 301 3.29 14.64 6.03
N ALA B 302 3.95 15.53 5.31
CA ALA B 302 3.40 16.11 4.09
C ALA B 302 3.11 15.04 3.05
N HIS B 303 3.96 14.01 3.03
CA HIS B 303 3.80 12.92 2.08
C HIS B 303 2.75 11.91 2.54
N GLY B 304 2.33 12.04 3.80
CA GLY B 304 1.31 11.16 4.35
C GLY B 304 1.85 9.88 4.96
N ASP B 305 3.16 9.84 5.21
CA ASP B 305 3.78 8.67 5.82
C ASP B 305 3.59 8.70 7.33
N VAL B 306 3.45 9.90 7.88
CA VAL B 306 3.31 10.06 9.32
C VAL B 306 2.11 10.94 9.65
N LYS B 307 1.27 10.44 10.56
CA LYS B 307 0.14 11.21 11.06
C LYS B 307 0.01 10.98 12.56
N ALA B 308 0.12 12.06 13.33
CA ALA B 308 0.01 11.95 14.77
C ALA B 308 -1.44 11.72 15.18
N THR B 309 -1.65 10.92 16.22
CA THR B 309 -2.98 10.82 16.83
C THR B 309 -3.26 12.11 17.56
N VAL B 310 -4.30 12.83 17.13
CA VAL B 310 -4.58 14.14 17.69
C VAL B 310 -6.03 14.30 18.11
N SER B 311 -6.21 15.01 19.23
CA SER B 311 -7.52 15.48 19.64
C SER B 311 -7.33 16.94 20.09
N THR B 312 -8.38 17.74 20.00
CA THR B 312 -8.24 19.16 20.30
C THR B 312 -8.84 19.57 21.63
N ALA B 313 -8.36 20.70 22.14
CA ALA B 313 -8.93 21.34 23.33
C ALA B 313 -8.89 22.83 23.10
N LYS B 314 -9.56 23.58 23.96
CA LYS B 314 -9.56 25.04 23.86
C LYS B 314 -8.55 25.62 24.85
N LEU B 315 -8.06 26.82 24.53
CA LEU B 315 -7.04 27.48 25.34
C LEU B 315 -7.52 27.63 26.79
N ASP B 316 -8.80 27.97 26.94
CA ASP B 316 -9.39 28.18 28.26
C ASP B 316 -9.47 26.92 29.11
N ASP B 317 -9.19 25.77 28.49
CA ASP B 317 -9.28 24.47 29.17
C ASP B 317 -7.91 23.83 29.43
N VAL B 318 -6.84 24.60 29.24
CA VAL B 318 -5.49 24.05 29.30
C VAL B 318 -5.15 23.37 30.64
N ASN B 319 -5.72 23.88 31.74
CA ASN B 319 -5.49 23.29 33.05
C ASN B 319 -6.09 21.90 33.16
N ASP B 320 -7.28 21.71 32.58
CA ASP B 320 -7.89 20.38 32.52
C ASP B 320 -7.08 19.46 31.62
N VAL B 321 -6.53 20.01 30.55
CA VAL B 321 -5.62 19.27 29.67
C VAL B 321 -4.39 18.84 30.46
N PHE B 322 -3.78 19.79 31.18
CA PHE B 322 -2.62 19.49 32.02
C PHE B 322 -2.92 18.37 33.01
N GLY B 323 -4.06 18.46 33.68
CA GLY B 323 -4.49 17.47 34.63
C GLY B 323 -4.62 16.09 33.99
N ARG B 324 -5.17 16.05 32.78
CA ARG B 324 -5.34 14.79 32.07
C ARG B 324 -4.00 14.21 31.66
N LEU B 325 -3.09 15.06 31.21
CA LEU B 325 -1.74 14.65 30.87
C LEU B 325 -1.05 14.06 32.09
N ARG B 326 -1.12 14.78 33.20
CA ARG B 326 -0.50 14.35 34.46
C ARG B 326 -0.98 12.97 34.90
N GLU B 327 -2.23 12.66 34.59
CA GLU B 327 -2.83 11.40 35.02
C GLU B 327 -2.65 10.29 34.00
N GLY B 328 -1.94 10.60 32.91
CA GLY B 328 -1.73 9.64 31.85
C GLY B 328 -3.01 9.20 31.20
N LYS B 329 -3.99 10.09 31.13
CA LYS B 329 -5.25 9.80 30.45
C LYS B 329 -5.17 10.13 28.97
N VAL B 330 -4.22 10.97 28.61
CA VAL B 330 -4.05 11.38 27.21
C VAL B 330 -3.49 10.25 26.36
N GLU B 331 -4.25 9.87 25.33
CA GLU B 331 -3.76 8.97 24.30
C GLU B 331 -3.52 9.79 23.04
N GLY B 332 -2.33 9.62 22.45
CA GLY B 332 -1.92 10.45 21.33
C GLY B 332 -1.42 11.78 21.84
N ARG B 333 -1.76 12.86 21.13
CA ARG B 333 -1.36 14.20 21.53
C ARG B 333 -2.56 15.15 21.55
N VAL B 334 -2.59 16.03 22.55
CA VAL B 334 -3.63 17.05 22.61
C VAL B 334 -3.13 18.34 21.99
N VAL B 335 -3.95 18.93 21.12
CA VAL B 335 -3.59 20.18 20.46
C VAL B 335 -4.65 21.26 20.70
N LEU B 336 -4.19 22.41 21.19
CA LEU B 336 -5.08 23.55 21.38
C LEU B 336 -5.50 24.10 20.03
N ASP B 337 -6.80 24.23 19.81
CA ASP B 337 -7.34 24.73 18.55
C ASP B 337 -7.76 26.19 18.67
N PHE B 338 -7.07 27.06 17.95
CA PHE B 338 -7.34 28.50 18.00
C PHE B 338 -8.23 28.96 16.84
N SER B 339 -8.59 28.04 15.97
CA SER B 339 -9.38 28.36 14.79
C SER B 339 -10.85 28.59 15.12
N ARG B 340 -11.49 29.52 14.42
CA ARG B 340 -12.91 29.78 14.63
C ARG B 340 -13.71 29.47 13.36
N ALA C 1 28.98 -38.86 -12.59
CA ALA C 1 30.22 -38.88 -13.36
C ALA C 1 30.26 -37.76 -14.39
N MET C 2 29.24 -37.70 -15.24
CA MET C 2 29.19 -36.69 -16.29
C MET C 2 27.99 -35.76 -16.16
N MET C 3 28.09 -34.59 -16.78
CA MET C 3 27.02 -33.60 -16.76
C MET C 3 27.05 -32.80 -18.04
N LYS C 4 25.97 -32.08 -18.31
CA LYS C 4 25.95 -31.15 -19.43
C LYS C 4 26.36 -29.76 -18.96
N ALA C 5 26.88 -28.97 -19.89
CA ALA C 5 27.34 -27.62 -19.58
C ALA C 5 27.61 -26.84 -20.86
N ALA C 6 27.36 -25.54 -20.81
CA ALA C 6 27.72 -24.65 -21.91
C ALA C 6 29.17 -24.22 -21.73
N VAL C 7 29.98 -24.47 -22.75
CA VAL C 7 31.41 -24.18 -22.64
C VAL C 7 31.86 -23.15 -23.67
N VAL C 8 32.64 -22.18 -23.23
CA VAL C 8 33.34 -21.29 -24.14
C VAL C 8 34.71 -21.90 -24.41
N ARG C 9 34.94 -22.31 -25.66
CA ARG C 9 36.22 -22.94 -26.02
C ARG C 9 37.03 -22.04 -26.92
N ALA C 10 36.40 -21.01 -27.48
CA ALA C 10 37.08 -20.00 -28.26
C ALA C 10 36.32 -18.69 -28.17
N PHE C 11 37.02 -17.60 -27.88
CA PHE C 11 36.40 -16.29 -27.74
C PHE C 11 35.62 -15.90 -28.99
N GLY C 12 34.39 -15.44 -28.81
CA GLY C 12 33.56 -15.00 -29.90
C GLY C 12 32.73 -16.11 -30.53
N ALA C 13 33.20 -17.34 -30.42
CA ALA C 13 32.53 -18.48 -31.03
C ALA C 13 31.29 -18.89 -30.25
N PRO C 14 30.30 -19.48 -30.94
CA PRO C 14 29.13 -19.98 -30.21
C PRO C 14 29.57 -20.93 -29.11
N LEU C 15 28.84 -20.96 -28.00
CA LEU C 15 29.12 -21.94 -26.97
C LEU C 15 28.63 -23.29 -27.47
N THR C 16 29.24 -24.36 -26.99
CA THR C 16 28.73 -25.69 -27.29
C THR C 16 28.29 -26.37 -26.01
N ILE C 17 27.17 -27.09 -26.09
CA ILE C 17 26.68 -27.84 -24.95
C ILE C 17 27.36 -29.20 -24.93
N ASP C 18 28.30 -29.37 -24.01
CA ASP C 18 29.11 -30.59 -23.97
C ASP C 18 28.73 -31.48 -22.80
N GLU C 19 29.05 -32.77 -22.94
CA GLU C 19 29.07 -33.68 -21.80
C GLU C 19 30.47 -33.57 -21.19
N VAL C 20 30.52 -33.17 -19.93
CA VAL C 20 31.79 -32.97 -19.24
C VAL C 20 31.68 -33.55 -17.84
N PRO C 21 32.83 -33.86 -17.21
CA PRO C 21 32.77 -34.50 -15.90
C PRO C 21 32.25 -33.58 -14.80
N VAL C 22 31.45 -34.14 -13.89
CA VAL C 22 30.96 -33.40 -12.73
C VAL C 22 32.13 -33.02 -11.84
N PRO C 23 32.26 -31.74 -11.49
CA PRO C 23 33.32 -31.32 -10.56
C PRO C 23 33.02 -31.79 -9.15
N GLN C 24 33.99 -32.44 -8.52
CA GLN C 24 33.83 -32.94 -7.16
C GLN C 24 34.58 -32.05 -6.18
N PRO C 25 33.99 -31.83 -4.99
CA PRO C 25 34.57 -30.89 -4.03
C PRO C 25 35.70 -31.50 -3.20
N GLY C 26 36.82 -30.80 -3.14
CA GLY C 26 37.89 -31.16 -2.22
C GLY C 26 37.55 -30.55 -0.87
N PRO C 27 38.47 -30.64 0.10
CA PRO C 27 38.24 -30.06 1.42
C PRO C 27 38.06 -28.54 1.37
N GLY C 28 37.13 -28.03 2.16
CA GLY C 28 36.86 -26.59 2.21
C GLY C 28 36.01 -26.15 1.04
N GLN C 29 35.57 -27.11 0.23
CA GLN C 29 34.76 -26.84 -0.94
C GLN C 29 33.40 -27.52 -0.82
N VAL C 30 32.43 -27.03 -1.58
CA VAL C 30 31.14 -27.69 -1.70
C VAL C 30 30.76 -27.86 -3.16
N GLN C 31 29.84 -28.78 -3.41
CA GLN C 31 29.30 -28.97 -4.75
C GLN C 31 27.86 -28.49 -4.75
N VAL C 32 27.44 -27.86 -5.86
CA VAL C 32 26.10 -27.33 -5.97
C VAL C 32 25.39 -27.87 -7.20
N LYS C 33 24.19 -28.40 -7.01
CA LYS C 33 23.38 -28.84 -8.14
C LYS C 33 22.48 -27.70 -8.60
N ILE C 34 22.76 -27.19 -9.80
CA ILE C 34 22.10 -25.99 -10.31
C ILE C 34 20.66 -26.23 -10.72
N GLU C 35 19.76 -25.41 -10.19
CA GLU C 35 18.35 -25.50 -10.54
C GLU C 35 17.96 -24.35 -11.49
N ALA C 36 18.68 -23.24 -11.38
CA ALA C 36 18.51 -22.11 -12.27
C ALA C 36 19.80 -21.30 -12.35
N SER C 37 20.00 -20.62 -13.48
CA SER C 37 21.23 -19.88 -13.70
C SER C 37 21.01 -18.59 -14.48
N GLY C 38 21.17 -17.45 -13.81
CA GLY C 38 20.95 -16.16 -14.44
C GLY C 38 21.91 -15.84 -15.57
N VAL C 39 21.39 -15.12 -16.56
CA VAL C 39 22.19 -14.68 -17.70
C VAL C 39 22.19 -13.16 -17.78
N CYS C 40 23.34 -12.58 -18.10
CA CYS C 40 23.44 -11.13 -18.26
C CYS C 40 24.58 -10.73 -19.18
N HIS C 41 24.67 -9.44 -19.49
CA HIS C 41 25.65 -8.92 -20.42
C HIS C 41 27.10 -9.27 -20.07
N THR C 42 27.40 -9.36 -18.78
CA THR C 42 28.75 -9.72 -18.34
C THR C 42 29.19 -11.04 -18.94
N ASP C 43 28.25 -11.95 -19.14
CA ASP C 43 28.55 -13.25 -19.71
C ASP C 43 28.99 -13.12 -21.16
N LEU C 44 28.48 -12.12 -21.86
CA LEU C 44 28.89 -11.86 -23.23
C LEU C 44 30.35 -11.42 -23.27
N HIS C 45 30.73 -10.59 -22.31
CA HIS C 45 32.09 -10.07 -22.23
C HIS C 45 33.09 -11.17 -21.87
N ALA C 46 32.65 -12.10 -21.01
CA ALA C 46 33.46 -13.27 -20.69
C ALA C 46 33.62 -14.14 -21.92
N ALA C 47 32.51 -14.37 -22.62
CA ALA C 47 32.50 -15.22 -23.81
C ALA C 47 33.26 -14.59 -24.98
N ASP C 48 33.33 -13.26 -25.01
CA ASP C 48 34.05 -12.57 -26.07
C ASP C 48 35.50 -12.29 -25.69
N GLY C 49 35.79 -12.36 -24.40
CA GLY C 49 37.11 -12.05 -23.89
C GLY C 49 37.58 -10.67 -24.30
N ASP C 50 36.67 -9.70 -24.23
CA ASP C 50 36.98 -8.34 -24.69
C ASP C 50 37.29 -7.36 -23.57
N TRP C 51 37.36 -7.85 -22.33
CA TRP C 51 37.77 -7.03 -21.20
C TRP C 51 39.30 -7.10 -21.02
N PRO C 52 39.87 -6.13 -20.30
CA PRO C 52 41.33 -6.04 -20.14
C PRO C 52 41.98 -7.34 -19.68
N VAL C 53 41.40 -7.99 -18.66
CA VAL C 53 41.88 -9.29 -18.23
C VAL C 53 40.88 -10.36 -18.63
N LYS C 54 41.31 -11.28 -19.48
CA LYS C 54 40.41 -12.27 -20.07
C LYS C 54 40.28 -13.54 -19.24
N PRO C 55 39.19 -14.29 -19.46
CA PRO C 55 39.08 -15.66 -18.93
C PRO C 55 40.16 -16.55 -19.52
N THR C 56 40.47 -17.64 -18.82
CA THR C 56 41.32 -18.68 -19.38
C THR C 56 40.42 -19.70 -20.07
N LEU C 57 40.84 -20.18 -21.24
CA LEU C 57 40.05 -21.14 -21.99
C LEU C 57 40.51 -22.57 -21.70
N PRO C 58 39.59 -23.53 -21.72
CA PRO C 58 38.14 -23.30 -21.87
C PRO C 58 37.47 -23.09 -20.52
N PHE C 59 36.28 -22.50 -20.51
CA PHE C 59 35.59 -22.25 -19.25
C PHE C 59 34.07 -22.29 -19.37
N ILE C 60 33.42 -22.50 -18.24
CA ILE C 60 31.97 -22.50 -18.15
C ILE C 60 31.53 -21.18 -17.51
N PRO C 61 30.77 -20.36 -18.24
CA PRO C 61 30.35 -19.05 -17.74
C PRO C 61 29.24 -19.18 -16.68
N GLY C 62 28.70 -18.04 -16.25
CA GLY C 62 27.56 -18.04 -15.36
C GLY C 62 27.91 -17.73 -13.91
N HIS C 63 27.62 -16.50 -13.49
CA HIS C 63 27.89 -16.07 -12.13
C HIS C 63 26.60 -15.81 -11.36
N GLU C 64 25.51 -16.43 -11.82
CA GLU C 64 24.22 -16.27 -11.17
C GLU C 64 23.54 -17.62 -11.00
N GLY C 65 24.35 -18.65 -10.75
CA GLY C 65 23.84 -19.98 -10.55
C GLY C 65 23.25 -20.16 -9.16
N VAL C 66 22.10 -20.84 -9.10
CA VAL C 66 21.47 -21.17 -7.83
C VAL C 66 20.99 -22.62 -7.81
N GLY C 67 21.00 -23.23 -6.63
CA GLY C 67 20.59 -24.62 -6.49
C GLY C 67 20.75 -25.15 -5.08
N TYR C 68 20.84 -26.47 -4.95
CA TYR C 68 21.05 -27.12 -3.66
C TYR C 68 22.50 -27.54 -3.48
N VAL C 69 22.98 -27.50 -2.25
CA VAL C 69 24.27 -28.09 -1.92
C VAL C 69 24.13 -29.60 -2.07
N SER C 70 24.89 -30.19 -2.98
CA SER C 70 24.75 -31.61 -3.29
C SER C 70 25.91 -32.48 -2.78
N ALA C 71 26.93 -31.83 -2.23
CA ALA C 71 28.06 -32.53 -1.65
C ALA C 71 28.94 -31.57 -0.88
N VAL C 72 29.57 -32.06 0.19
CA VAL C 72 30.36 -31.21 1.06
C VAL C 72 31.73 -31.80 1.40
N GLY C 73 32.78 -31.07 1.06
CA GLY C 73 34.13 -31.47 1.42
C GLY C 73 34.33 -31.40 2.92
N SER C 74 35.55 -31.70 3.37
CA SER C 74 35.86 -31.73 4.79
C SER C 74 36.09 -30.35 5.38
N GLY C 75 35.75 -30.19 6.65
CA GLY C 75 35.95 -28.93 7.34
C GLY C 75 35.12 -27.79 6.79
N VAL C 76 33.89 -28.11 6.39
CA VAL C 76 32.92 -27.10 5.99
C VAL C 76 31.79 -27.12 7.01
N SER C 77 31.35 -25.93 7.43
CA SER C 77 30.29 -25.86 8.43
C SER C 77 29.25 -24.79 8.10
N ARG C 78 29.65 -23.79 7.31
CA ARG C 78 28.73 -22.72 6.95
C ARG C 78 27.46 -23.28 6.30
N VAL C 79 27.63 -24.25 5.42
CA VAL C 79 26.51 -24.85 4.72
C VAL C 79 26.57 -26.37 4.80
N LYS C 80 25.46 -27.01 4.43
CA LYS C 80 25.37 -28.47 4.47
C LYS C 80 24.49 -28.95 3.32
N GLU C 81 24.52 -30.24 3.06
CA GLU C 81 23.71 -30.79 1.97
C GLU C 81 22.26 -30.37 2.10
N GLY C 82 21.67 -29.93 0.99
CA GLY C 82 20.28 -29.54 0.99
C GLY C 82 20.08 -28.04 1.11
N ASP C 83 21.11 -27.35 1.61
CA ASP C 83 21.05 -25.90 1.73
C ASP C 83 20.90 -25.25 0.36
N ARG C 84 20.04 -24.23 0.28
CA ARG C 84 19.82 -23.53 -0.97
C ARG C 84 20.79 -22.34 -1.09
N VAL C 85 21.67 -22.40 -2.08
CA VAL C 85 22.76 -21.43 -2.19
C VAL C 85 22.93 -20.91 -3.61
N GLY C 86 23.56 -19.75 -3.72
CA GLY C 86 23.93 -19.18 -4.99
C GLY C 86 25.44 -19.03 -5.06
N VAL C 87 25.98 -19.07 -6.28
CA VAL C 87 27.41 -18.92 -6.49
C VAL C 87 27.67 -17.64 -7.30
N PRO C 88 27.77 -16.50 -6.61
CA PRO C 88 27.86 -15.20 -7.29
C PRO C 88 29.25 -14.88 -7.83
N TRP C 89 29.35 -13.72 -8.47
CA TRP C 89 30.57 -13.23 -9.10
C TRP C 89 31.83 -13.45 -8.27
N LEU C 90 31.79 -13.05 -7.00
CA LEU C 90 32.92 -13.24 -6.11
C LEU C 90 33.01 -14.69 -5.64
N TYR C 91 33.76 -15.50 -6.37
CA TYR C 91 33.90 -16.92 -6.07
C TYR C 91 34.71 -17.11 -4.78
N SER C 92 35.78 -16.33 -4.66
CA SER C 92 36.63 -16.38 -3.47
C SER C 92 37.50 -15.14 -3.37
N ALA C 93 38.03 -14.89 -2.18
CA ALA C 93 39.01 -13.83 -1.95
C ALA C 93 40.09 -14.41 -1.05
N CYS C 94 41.23 -13.73 -0.96
CA CYS C 94 42.35 -14.26 -0.19
C CYS C 94 42.06 -14.27 1.31
N GLY C 95 41.22 -13.35 1.76
CA GLY C 95 40.78 -13.31 3.13
C GLY C 95 41.74 -12.67 4.11
N TYR C 96 42.93 -12.31 3.64
CA TYR C 96 43.98 -11.84 4.53
C TYR C 96 44.48 -10.42 4.23
N CYS C 97 44.22 -9.93 3.01
CA CYS C 97 44.77 -8.64 2.59
C CYS C 97 44.08 -7.46 3.30
N GLU C 98 44.60 -6.27 3.06
CA GLU C 98 44.05 -5.05 3.66
C GLU C 98 42.55 -4.96 3.41
N HIS C 99 42.13 -5.21 2.19
CA HIS C 99 40.73 -5.08 1.80
C HIS C 99 39.87 -6.17 2.44
N CYS C 100 40.31 -7.41 2.36
CA CYS C 100 39.56 -8.53 2.93
C CYS C 100 39.35 -8.37 4.43
N LEU C 101 40.39 -7.92 5.12
CA LEU C 101 40.32 -7.74 6.57
C LEU C 101 39.39 -6.60 6.98
N GLN C 102 39.08 -5.70 6.05
CA GLN C 102 38.23 -4.55 6.32
C GLN C 102 36.79 -4.79 5.91
N GLY C 103 36.50 -5.99 5.42
CA GLY C 103 35.17 -6.32 4.96
C GLY C 103 34.88 -5.74 3.59
N TRP C 104 35.92 -5.58 2.79
CA TRP C 104 35.79 -5.10 1.42
C TRP C 104 36.38 -6.13 0.45
N GLU C 105 35.96 -7.37 0.60
CA GLU C 105 36.51 -8.46 -0.20
C GLU C 105 36.31 -8.26 -1.70
N THR C 106 35.30 -7.47 -2.04
CA THR C 106 35.04 -7.16 -3.45
C THR C 106 36.24 -6.47 -4.10
N LEU C 107 37.12 -5.92 -3.27
CA LEU C 107 38.28 -5.19 -3.75
C LEU C 107 39.56 -6.02 -3.69
N CYS C 108 39.44 -7.27 -3.23
CA CYS C 108 40.59 -8.15 -3.15
C CYS C 108 41.21 -8.35 -4.53
N GLU C 109 42.51 -8.14 -4.62
CA GLU C 109 43.22 -8.24 -5.89
C GLU C 109 43.56 -9.69 -6.25
N LYS C 110 43.38 -10.60 -5.31
CA LYS C 110 43.58 -12.03 -5.57
C LYS C 110 42.25 -12.77 -5.66
N GLN C 111 41.17 -12.03 -5.88
CA GLN C 111 39.85 -12.62 -5.97
C GLN C 111 39.68 -13.46 -7.23
N GLN C 112 38.85 -14.49 -7.15
CA GLN C 112 38.47 -15.27 -8.31
C GLN C 112 37.02 -14.97 -8.64
N ASN C 113 36.67 -15.00 -9.92
CA ASN C 113 35.33 -14.65 -10.35
C ASN C 113 34.59 -15.80 -11.03
N THR C 114 33.46 -16.20 -10.44
CA THR C 114 32.68 -17.32 -10.94
C THR C 114 32.26 -17.11 -12.39
N GLY C 115 32.44 -18.14 -13.22
CA GLY C 115 32.03 -18.07 -14.62
C GLY C 115 32.88 -17.10 -15.42
N TYR C 116 34.08 -16.84 -14.94
CA TYR C 116 35.02 -15.97 -15.65
C TYR C 116 36.45 -16.49 -15.51
N SER C 117 36.96 -16.52 -14.29
CA SER C 117 38.31 -17.04 -14.04
C SER C 117 38.26 -18.47 -13.49
N VAL C 118 37.07 -18.89 -13.07
CA VAL C 118 36.82 -20.29 -12.75
C VAL C 118 35.46 -20.68 -13.32
N ASN C 119 35.25 -21.97 -13.52
CA ASN C 119 33.99 -22.46 -14.06
C ASN C 119 32.78 -22.01 -13.23
N GLY C 120 31.70 -21.65 -13.92
CA GLY C 120 30.52 -21.12 -13.26
C GLY C 120 29.28 -21.99 -13.38
N GLY C 121 28.12 -21.35 -13.48
CA GLY C 121 26.85 -22.03 -13.35
C GLY C 121 26.08 -22.37 -14.62
N TYR C 122 26.73 -22.27 -15.78
CA TYR C 122 26.15 -22.76 -17.02
C TYR C 122 26.34 -24.28 -17.12
N GLY C 123 26.06 -24.97 -16.01
CA GLY C 123 26.21 -26.42 -15.95
C GLY C 123 25.34 -27.00 -14.86
N GLU C 124 25.14 -28.31 -14.90
CA GLU C 124 24.26 -28.98 -13.95
C GLU C 124 24.82 -28.97 -12.54
N TYR C 125 26.15 -29.00 -12.43
CA TYR C 125 26.82 -28.89 -11.15
C TYR C 125 27.96 -27.90 -11.23
N VAL C 126 28.32 -27.33 -10.09
CA VAL C 126 29.48 -26.45 -10.01
C VAL C 126 30.07 -26.55 -8.60
N VAL C 127 31.39 -26.54 -8.52
CA VAL C 127 32.05 -26.57 -7.22
C VAL C 127 32.30 -25.15 -6.73
N ALA C 128 32.02 -24.89 -5.46
CA ALA C 128 32.09 -23.54 -4.93
C ALA C 128 32.85 -23.47 -3.62
N ASP C 129 33.23 -22.25 -3.25
CA ASP C 129 33.79 -21.99 -1.94
C ASP C 129 32.65 -21.62 -1.00
N PRO C 130 32.36 -22.50 -0.02
CA PRO C 130 31.21 -22.32 0.87
C PRO C 130 31.26 -20.99 1.62
N ASN C 131 32.47 -20.46 1.80
CA ASN C 131 32.66 -19.22 2.53
C ASN C 131 32.17 -18.00 1.76
N TYR C 132 31.92 -18.16 0.46
CA TYR C 132 31.56 -17.03 -0.39
C TYR C 132 30.24 -17.19 -1.14
N VAL C 133 29.60 -18.34 -1.01
CA VAL C 133 28.30 -18.54 -1.64
C VAL C 133 27.26 -17.65 -0.97
N GLY C 134 26.20 -17.35 -1.71
CA GLY C 134 25.07 -16.63 -1.15
C GLY C 134 24.09 -17.60 -0.53
N LEU C 135 23.55 -17.24 0.63
CA LEU C 135 22.58 -18.09 1.31
C LEU C 135 21.17 -17.61 0.97
N LEU C 136 20.43 -18.46 0.25
CA LEU C 136 19.16 -18.06 -0.35
C LEU C 136 17.97 -18.11 0.62
N PRO C 137 17.08 -17.13 0.52
CA PRO C 137 15.86 -17.07 1.35
C PRO C 137 14.93 -18.23 1.04
N ASP C 138 14.30 -18.78 2.08
CA ASP C 138 13.41 -19.93 1.93
C ASP C 138 12.25 -19.64 0.97
N LYS C 139 11.70 -18.43 1.09
CA LYS C 139 10.47 -18.06 0.40
C LYS C 139 10.56 -18.05 -1.13
N VAL C 140 11.65 -17.50 -1.65
CA VAL C 140 11.75 -17.22 -3.08
C VAL C 140 12.26 -18.40 -3.91
N GLY C 141 11.62 -18.62 -5.06
CA GLY C 141 12.01 -19.68 -5.96
C GLY C 141 13.37 -19.43 -6.61
N PHE C 142 13.95 -20.48 -7.20
CA PHE C 142 15.28 -20.37 -7.80
C PHE C 142 15.33 -19.40 -8.98
N VAL C 143 14.37 -19.52 -9.89
CA VAL C 143 14.32 -18.64 -11.05
C VAL C 143 14.22 -17.17 -10.64
N GLU C 144 13.32 -16.88 -9.71
CA GLU C 144 13.10 -15.50 -9.29
C GLU C 144 14.30 -14.88 -8.58
N ILE C 145 15.01 -15.66 -7.79
CA ILE C 145 16.08 -15.13 -6.94
C ILE C 145 17.44 -15.00 -7.65
N ALA C 146 17.62 -15.79 -8.71
CA ALA C 146 18.91 -15.83 -9.42
C ALA C 146 19.48 -14.44 -9.74
N PRO C 147 18.67 -13.58 -10.41
CA PRO C 147 19.17 -12.26 -10.82
C PRO C 147 19.58 -11.36 -9.65
N ILE C 148 19.12 -11.66 -8.44
CA ILE C 148 19.46 -10.85 -7.27
C ILE C 148 20.95 -10.98 -6.94
N LEU C 149 21.53 -12.12 -7.30
CA LEU C 149 22.95 -12.37 -7.06
C LEU C 149 23.82 -11.41 -7.88
N CYS C 150 23.24 -10.76 -8.88
CA CYS C 150 23.99 -9.85 -9.73
C CYS C 150 23.36 -8.47 -9.84
N ALA C 151 22.24 -8.40 -10.56
CA ALA C 151 21.52 -7.14 -10.72
C ALA C 151 21.10 -6.60 -9.36
N GLY C 152 20.61 -7.49 -8.51
CA GLY C 152 20.12 -7.12 -7.19
C GLY C 152 21.17 -6.45 -6.31
N VAL C 153 22.25 -7.16 -6.01
CA VAL C 153 23.28 -6.63 -5.12
C VAL C 153 24.00 -5.43 -5.73
N THR C 154 24.11 -5.40 -7.05
CA THR C 154 24.75 -4.30 -7.74
C THR C 154 24.03 -2.97 -7.51
N VAL C 155 22.73 -2.94 -7.79
CA VAL C 155 21.96 -1.71 -7.65
C VAL C 155 21.66 -1.37 -6.18
N TYR C 156 21.60 -2.39 -5.34
CA TYR C 156 21.42 -2.16 -3.91
C TYR C 156 22.64 -1.46 -3.31
N LYS C 157 23.82 -2.03 -3.55
CA LYS C 157 25.06 -1.48 -3.03
C LYS C 157 25.33 -0.12 -3.66
N GLY C 158 25.04 -0.01 -4.95
CA GLY C 158 25.20 1.24 -5.66
C GLY C 158 24.36 2.33 -5.01
N LEU C 159 23.13 1.98 -4.64
CA LEU C 159 22.23 2.91 -3.97
C LEU C 159 22.76 3.28 -2.59
N LYS C 160 23.31 2.31 -1.88
CA LYS C 160 23.89 2.57 -0.57
C LYS C 160 25.01 3.59 -0.64
N VAL C 161 25.88 3.47 -1.64
CA VAL C 161 27.04 4.34 -1.74
C VAL C 161 26.73 5.71 -2.37
N THR C 162 25.46 5.99 -2.66
CA THR C 162 25.07 7.34 -3.05
C THR C 162 24.90 8.17 -1.78
N ASP C 163 25.09 7.50 -0.64
CA ASP C 163 25.01 8.15 0.66
C ASP C 163 23.77 9.00 0.81
N THR C 164 22.67 8.55 0.19
CA THR C 164 21.39 9.20 0.38
C THR C 164 20.68 8.57 1.57
N ARG C 165 19.58 9.17 2.00
CA ARG C 165 18.82 8.65 3.13
C ARG C 165 17.33 8.81 2.86
N PRO C 166 16.49 8.05 3.60
CA PRO C 166 15.05 8.10 3.40
C PRO C 166 14.55 9.54 3.26
N GLY C 167 13.64 9.77 2.31
CA GLY C 167 13.06 11.09 2.12
C GLY C 167 13.72 11.87 1.00
N GLN C 168 14.96 11.52 0.69
CA GLN C 168 15.73 12.24 -0.32
C GLN C 168 15.48 11.71 -1.73
N TRP C 169 15.83 12.51 -2.73
CA TRP C 169 15.62 12.14 -4.12
C TRP C 169 16.80 11.37 -4.71
N VAL C 170 16.51 10.26 -5.35
CA VAL C 170 17.51 9.57 -6.14
C VAL C 170 17.00 9.43 -7.57
N VAL C 171 17.88 9.64 -8.53
CA VAL C 171 17.54 9.38 -9.92
C VAL C 171 18.02 8.00 -10.31
N ILE C 172 17.13 7.21 -10.91
CA ILE C 172 17.55 5.97 -11.54
C ILE C 172 17.71 6.23 -13.03
N SER C 173 18.95 6.30 -13.49
CA SER C 173 19.23 6.53 -14.90
C SER C 173 19.33 5.21 -15.65
N GLY C 174 18.40 4.97 -16.55
CA GLY C 174 18.31 3.70 -17.25
C GLY C 174 17.39 2.75 -16.50
N ILE C 175 16.23 2.48 -17.10
CA ILE C 175 15.26 1.58 -16.49
C ILE C 175 15.21 0.26 -17.25
N GLY C 176 16.37 -0.36 -17.43
CA GLY C 176 16.47 -1.63 -18.13
C GLY C 176 16.66 -2.80 -17.18
N GLY C 177 17.55 -3.71 -17.55
CA GLY C 177 17.81 -4.90 -16.75
C GLY C 177 18.16 -4.59 -15.30
N LEU C 178 19.09 -3.65 -15.10
CA LEU C 178 19.46 -3.23 -13.75
C LEU C 178 18.45 -2.23 -13.21
N GLY C 179 18.07 -1.29 -14.07
CA GLY C 179 17.24 -0.17 -13.66
C GLY C 179 15.89 -0.50 -13.04
N HIS C 180 15.18 -1.46 -13.62
CA HIS C 180 13.85 -1.82 -13.12
C HIS C 180 13.95 -2.45 -11.72
N VAL C 181 15.09 -3.08 -11.44
CA VAL C 181 15.36 -3.63 -10.12
C VAL C 181 15.71 -2.50 -9.16
N ALA C 182 16.52 -1.55 -9.63
CA ALA C 182 16.98 -0.42 -8.82
C ALA C 182 15.83 0.42 -8.29
N VAL C 183 14.82 0.66 -9.13
CA VAL C 183 13.66 1.44 -8.72
C VAL C 183 13.02 0.81 -7.48
N GLN C 184 12.93 -0.53 -7.49
CA GLN C 184 12.29 -1.25 -6.40
C GLN C 184 13.07 -1.17 -5.09
N TYR C 185 14.40 -1.28 -5.18
CA TYR C 185 15.25 -1.17 -3.99
C TYR C 185 15.17 0.24 -3.39
N ALA C 186 15.39 1.25 -4.21
CA ALA C 186 15.30 2.64 -3.77
C ALA C 186 13.98 2.90 -3.06
N ARG C 187 12.89 2.47 -3.67
CA ARG C 187 11.57 2.57 -3.09
C ARG C 187 11.56 1.94 -1.70
N ALA C 188 12.11 0.74 -1.61
CA ALA C 188 12.17 0.01 -0.35
C ALA C 188 13.10 0.68 0.66
N MET C 189 14.02 1.50 0.15
CA MET C 189 14.97 2.20 1.00
C MET C 189 14.47 3.60 1.37
N GLY C 190 13.20 3.86 1.06
CA GLY C 190 12.55 5.10 1.46
C GLY C 190 12.92 6.30 0.62
N LEU C 191 13.56 6.06 -0.52
CA LEU C 191 13.97 7.13 -1.40
C LEU C 191 12.85 7.56 -2.35
N ARG C 192 12.79 8.86 -2.63
CA ARG C 192 11.88 9.36 -3.66
C ARG C 192 12.56 9.19 -5.01
N VAL C 193 11.89 8.50 -5.92
CA VAL C 193 12.54 8.06 -7.16
C VAL C 193 12.17 8.88 -8.40
N ALA C 194 13.20 9.34 -9.10
CA ALA C 194 13.02 10.00 -10.38
C ALA C 194 13.68 9.16 -11.47
N ALA C 195 12.89 8.66 -12.41
CA ALA C 195 13.40 7.81 -13.46
C ALA C 195 13.73 8.61 -14.71
N VAL C 196 14.89 8.31 -15.30
CA VAL C 196 15.29 8.94 -16.56
C VAL C 196 15.70 7.88 -17.56
N ASP C 197 15.17 8.00 -18.78
CA ASP C 197 15.46 7.09 -19.86
C ASP C 197 15.04 7.81 -21.14
N ILE C 198 15.06 7.09 -22.26
CA ILE C 198 14.63 7.67 -23.53
C ILE C 198 13.52 6.84 -24.15
N ASP C 199 12.98 5.92 -23.35
CA ASP C 199 11.94 5.00 -23.82
C ASP C 199 10.72 5.11 -22.92
N ASP C 200 9.59 5.53 -23.50
CA ASP C 200 8.37 5.72 -22.74
C ASP C 200 7.86 4.44 -22.07
N ALA C 201 8.03 3.32 -22.76
CA ALA C 201 7.63 2.03 -22.20
C ALA C 201 8.39 1.74 -20.92
N LYS C 202 9.70 1.93 -20.94
CA LYS C 202 10.53 1.73 -19.76
C LYS C 202 10.17 2.73 -18.66
N LEU C 203 9.87 3.96 -19.05
CA LEU C 203 9.51 4.99 -18.09
C LEU C 203 8.18 4.68 -17.42
N ASN C 204 7.22 4.19 -18.20
CA ASN C 204 5.94 3.78 -17.64
C ASN C 204 6.14 2.69 -16.59
N LEU C 205 7.04 1.75 -16.91
CA LEU C 205 7.40 0.69 -15.98
C LEU C 205 7.83 1.29 -14.64
N ALA C 206 8.77 2.24 -14.71
CA ALA C 206 9.27 2.91 -13.52
C ALA C 206 8.14 3.49 -12.69
N ARG C 207 7.24 4.21 -13.34
CA ARG C 207 6.08 4.78 -12.66
C ARG C 207 5.28 3.69 -11.96
N ARG C 208 5.02 2.59 -12.66
CA ARG C 208 4.27 1.48 -12.07
C ARG C 208 5.05 0.84 -10.93
N LEU C 209 6.37 1.00 -10.95
CA LEU C 209 7.24 0.45 -9.93
C LEU C 209 7.35 1.36 -8.70
N GLY C 210 6.86 2.58 -8.82
CA GLY C 210 6.82 3.48 -7.68
C GLY C 210 7.55 4.80 -7.87
N ALA C 211 8.15 5.00 -9.04
CA ALA C 211 8.79 6.27 -9.33
C ALA C 211 7.76 7.39 -9.32
N GLU C 212 8.05 8.45 -8.56
CA GLU C 212 7.17 9.61 -8.49
C GLU C 212 7.20 10.39 -9.78
N VAL C 213 8.41 10.46 -10.35
CA VAL C 213 8.67 11.30 -11.51
C VAL C 213 9.41 10.50 -12.58
N ALA C 214 9.10 10.79 -13.84
CA ALA C 214 9.76 10.13 -14.95
C ALA C 214 9.94 11.11 -16.10
N VAL C 215 11.17 11.24 -16.57
CA VAL C 215 11.49 12.18 -17.63
C VAL C 215 12.09 11.46 -18.83
N ASN C 216 11.55 11.74 -20.01
CA ASN C 216 12.15 11.21 -21.24
C ASN C 216 13.16 12.21 -21.79
N ALA C 217 14.44 11.84 -21.73
CA ALA C 217 15.54 12.73 -22.08
C ALA C 217 15.65 12.99 -23.57
N ARG C 218 14.90 12.22 -24.36
CA ARG C 218 14.79 12.45 -25.79
C ARG C 218 14.11 13.81 -26.03
N ASP C 219 13.05 14.05 -25.27
CA ASP C 219 12.21 15.24 -25.47
C ASP C 219 12.62 16.40 -24.56
N THR C 220 13.25 16.07 -23.43
CA THR C 220 13.50 17.05 -22.40
C THR C 220 14.91 16.96 -21.85
N ASP C 221 15.50 18.10 -21.49
CA ASP C 221 16.75 18.12 -20.77
C ASP C 221 16.48 17.73 -19.33
N PRO C 222 16.84 16.50 -18.95
CA PRO C 222 16.53 16.03 -17.59
C PRO C 222 17.28 16.80 -16.50
N ALA C 223 18.47 17.30 -16.84
CA ALA C 223 19.25 18.09 -15.89
C ALA C 223 18.52 19.37 -15.54
N ALA C 224 18.14 20.12 -16.57
CA ALA C 224 17.43 21.38 -16.39
C ALA C 224 16.08 21.15 -15.73
N TRP C 225 15.35 20.16 -16.21
CA TRP C 225 14.01 19.87 -15.71
C TRP C 225 14.03 19.51 -14.23
N LEU C 226 14.92 18.59 -13.86
CA LEU C 226 15.01 18.12 -12.48
C LEU C 226 15.54 19.18 -11.52
N GLN C 227 16.48 20.00 -11.99
CA GLN C 227 16.96 21.12 -11.19
C GLN C 227 15.81 22.06 -10.83
N LYS C 228 15.02 22.44 -11.83
CA LYS C 228 13.86 23.30 -11.61
C LYS C 228 12.80 22.65 -10.73
N GLU C 229 12.55 21.36 -10.94
CA GLU C 229 11.41 20.67 -10.32
C GLU C 229 11.65 20.18 -8.88
N ILE C 230 12.80 19.57 -8.64
CA ILE C 230 13.10 19.00 -7.33
C ILE C 230 14.38 19.57 -6.75
N GLY C 231 14.96 20.53 -7.45
CA GLY C 231 16.19 21.16 -7.01
C GLY C 231 17.39 20.23 -7.15
N GLY C 232 17.30 19.29 -8.08
CA GLY C 232 18.35 18.32 -8.28
C GLY C 232 18.22 17.12 -7.36
N ALA C 233 18.70 15.98 -7.82
CA ALA C 233 18.63 14.75 -7.02
C ALA C 233 19.81 14.66 -6.07
N HIS C 234 19.57 14.16 -4.87
CA HIS C 234 20.63 13.98 -3.88
C HIS C 234 21.58 12.90 -4.36
N GLY C 235 21.02 11.91 -5.06
CA GLY C 235 21.81 10.82 -5.60
C GLY C 235 21.39 10.45 -7.01
N VAL C 236 22.33 9.88 -7.76
CA VAL C 236 22.04 9.40 -9.10
C VAL C 236 22.68 8.03 -9.31
N LEU C 237 21.86 7.04 -9.63
CA LEU C 237 22.37 5.72 -9.98
C LEU C 237 22.38 5.58 -11.50
N VAL C 238 23.58 5.48 -12.06
CA VAL C 238 23.74 5.33 -13.50
C VAL C 238 23.90 3.84 -13.85
N THR C 239 22.83 3.24 -14.34
CA THR C 239 22.82 1.79 -14.59
C THR C 239 23.26 1.47 -16.03
N ALA C 240 23.10 2.43 -16.94
CA ALA C 240 23.64 2.32 -18.28
C ALA C 240 24.64 3.45 -18.52
N VAL C 241 25.92 3.14 -18.34
CA VAL C 241 26.96 4.17 -18.33
C VAL C 241 27.49 4.53 -19.71
N SER C 242 26.73 5.36 -20.42
CA SER C 242 27.19 5.96 -21.65
C SER C 242 27.74 7.33 -21.31
N PRO C 243 28.64 7.86 -22.14
CA PRO C 243 29.13 9.22 -21.88
C PRO C 243 27.99 10.23 -21.70
N LYS C 244 26.91 10.06 -22.45
CA LYS C 244 25.76 10.96 -22.32
C LYS C 244 25.06 10.82 -20.98
N ALA C 245 24.81 9.58 -20.55
CA ALA C 245 24.20 9.32 -19.25
C ALA C 245 25.08 9.89 -18.15
N PHE C 246 26.39 9.75 -18.32
CA PHE C 246 27.38 10.24 -17.37
C PHE C 246 27.30 11.77 -17.23
N SER C 247 27.44 12.46 -18.35
CA SER C 247 27.41 13.92 -18.36
C SER C 247 26.08 14.48 -17.85
N GLN C 248 24.98 13.82 -18.21
CA GLN C 248 23.67 14.26 -17.74
C GLN C 248 23.49 13.98 -16.25
N ALA C 249 24.13 12.92 -15.77
CA ALA C 249 24.13 12.60 -14.34
C ALA C 249 24.74 13.76 -13.54
N ILE C 250 25.84 14.29 -14.05
CA ILE C 250 26.52 15.42 -13.40
C ILE C 250 25.62 16.65 -13.33
N GLY C 251 24.72 16.80 -14.30
CA GLY C 251 23.85 17.95 -14.36
C GLY C 251 22.55 17.78 -13.59
N MET C 252 22.16 16.54 -13.35
CA MET C 252 20.93 16.25 -12.62
C MET C 252 21.13 16.33 -11.12
N VAL C 253 22.31 15.92 -10.68
CA VAL C 253 22.64 15.87 -9.26
C VAL C 253 22.71 17.27 -8.67
N ARG C 254 22.21 17.44 -7.45
CA ARG C 254 22.32 18.73 -6.77
C ARG C 254 23.71 18.88 -6.19
N ARG C 255 24.10 20.11 -5.87
CA ARG C 255 25.40 20.34 -5.27
C ARG C 255 25.57 19.45 -4.04
N GLY C 256 26.76 18.87 -3.90
CA GLY C 256 27.04 18.00 -2.78
C GLY C 256 26.48 16.60 -2.96
N GLY C 257 25.87 16.35 -4.11
CA GLY C 257 25.25 15.07 -4.38
C GLY C 257 26.25 13.99 -4.77
N THR C 258 25.77 12.75 -4.87
CA THR C 258 26.64 11.64 -5.23
C THR C 258 26.11 10.84 -6.41
N ILE C 259 26.97 10.62 -7.39
CA ILE C 259 26.66 9.82 -8.57
C ILE C 259 27.34 8.46 -8.48
N ALA C 260 26.54 7.40 -8.47
CA ALA C 260 27.10 6.04 -8.45
C ALA C 260 27.00 5.39 -9.83
N LEU C 261 28.12 4.87 -10.31
CA LEU C 261 28.17 4.25 -11.64
C LEU C 261 28.15 2.74 -11.53
N ASN C 262 27.13 2.12 -12.13
CA ASN C 262 26.91 0.67 -12.00
C ASN C 262 27.47 -0.16 -13.16
N GLY C 263 27.97 0.50 -14.20
CA GLY C 263 28.36 -0.19 -15.42
C GLY C 263 29.85 -0.24 -15.71
N LEU C 264 30.23 -1.16 -16.58
CA LEU C 264 31.62 -1.32 -17.00
C LEU C 264 31.76 -1.03 -18.49
N PRO C 265 31.88 0.26 -18.84
CA PRO C 265 31.96 0.68 -20.25
C PRO C 265 33.39 0.83 -20.72
N PRO C 266 33.60 0.77 -22.04
CA PRO C 266 34.94 0.97 -22.63
C PRO C 266 35.29 2.45 -22.72
N GLY C 267 36.59 2.75 -22.65
CA GLY C 267 37.08 4.09 -22.94
C GLY C 267 37.04 5.10 -21.81
N ASP C 268 37.83 6.16 -21.97
CA ASP C 268 37.83 7.29 -21.04
C ASP C 268 36.64 8.22 -21.29
N PHE C 269 36.02 8.68 -20.21
CA PHE C 269 34.93 9.65 -20.31
C PHE C 269 35.44 11.05 -19.98
N GLY C 270 34.93 12.04 -20.68
CA GLY C 270 35.29 13.43 -20.42
C GLY C 270 34.58 14.00 -19.21
N THR C 271 35.33 14.23 -18.14
CA THR C 271 34.76 14.72 -16.88
C THR C 271 34.99 16.22 -16.69
N PRO C 272 33.90 16.99 -16.60
CA PRO C 272 33.99 18.46 -16.48
C PRO C 272 34.50 18.89 -15.12
N ILE C 273 35.72 19.43 -15.09
CA ILE C 273 36.37 19.82 -13.84
C ILE C 273 35.62 20.90 -13.07
N PHE C 274 35.27 21.98 -13.78
CA PHE C 274 34.59 23.12 -13.16
C PHE C 274 33.29 22.74 -12.46
N ASP C 275 32.47 21.95 -13.16
CA ASP C 275 31.18 21.53 -12.63
C ASP C 275 31.32 20.63 -11.41
N VAL C 276 32.24 19.67 -11.50
CA VAL C 276 32.47 18.71 -10.43
C VAL C 276 33.01 19.37 -9.16
N VAL C 277 33.97 20.27 -9.34
CA VAL C 277 34.60 20.96 -8.20
C VAL C 277 33.69 21.98 -7.56
N LEU C 278 33.18 22.92 -8.36
CA LEU C 278 32.33 23.99 -7.84
C LEU C 278 31.05 23.50 -7.19
N LYS C 279 30.53 22.37 -7.68
CA LYS C 279 29.30 21.80 -7.13
C LYS C 279 29.58 20.79 -6.02
N GLY C 280 30.86 20.53 -5.76
CA GLY C 280 31.24 19.58 -4.74
C GLY C 280 30.63 18.21 -4.97
N ILE C 281 30.65 17.76 -6.23
CA ILE C 281 30.00 16.52 -6.62
C ILE C 281 30.88 15.30 -6.37
N THR C 282 30.25 14.20 -5.96
CA THR C 282 30.95 12.94 -5.78
C THR C 282 30.59 11.96 -6.89
N ILE C 283 31.62 11.40 -7.52
CA ILE C 283 31.44 10.35 -8.52
C ILE C 283 32.08 9.07 -7.98
N ARG C 284 31.34 7.98 -8.03
CA ARG C 284 31.75 6.77 -7.32
C ARG C 284 31.43 5.49 -8.09
N GLY C 285 32.46 4.68 -8.35
CA GLY C 285 32.29 3.41 -9.01
C GLY C 285 31.80 2.33 -8.07
N SER C 286 30.84 1.54 -8.54
CA SER C 286 30.26 0.48 -7.71
C SER C 286 29.63 -0.61 -8.55
N ILE C 287 30.13 -1.84 -8.40
CA ILE C 287 29.50 -2.99 -9.03
C ILE C 287 29.50 -4.19 -8.07
N VAL C 288 28.50 -5.05 -8.21
CA VAL C 288 28.18 -6.10 -7.23
C VAL C 288 28.34 -5.60 -5.79
N GLY C 289 28.72 -6.50 -4.89
CA GLY C 289 28.86 -6.14 -3.50
C GLY C 289 29.50 -7.22 -2.65
N THR C 290 29.75 -6.90 -1.38
CA THR C 290 30.34 -7.85 -0.45
C THR C 290 29.35 -8.94 -0.10
N ARG C 291 29.80 -9.93 0.67
CA ARG C 291 28.92 -10.99 1.12
C ARG C 291 27.79 -10.41 1.98
N SER C 292 28.12 -9.38 2.75
CA SER C 292 27.13 -8.70 3.56
C SER C 292 26.12 -7.97 2.68
N ASP C 293 26.60 -7.23 1.69
CA ASP C 293 25.73 -6.54 0.76
C ASP C 293 24.75 -7.50 0.11
N LEU C 294 25.26 -8.65 -0.33
CA LEU C 294 24.45 -9.66 -1.00
C LEU C 294 23.32 -10.17 -0.12
N GLN C 295 23.66 -10.58 1.09
CA GLN C 295 22.66 -11.10 2.03
C GLN C 295 21.59 -10.06 2.32
N GLU C 296 22.01 -8.80 2.42
CA GLU C 296 21.08 -7.70 2.61
C GLU C 296 20.14 -7.54 1.40
N SER C 297 20.71 -7.63 0.21
CA SER C 297 19.92 -7.48 -1.01
C SER C 297 18.94 -8.64 -1.19
N LEU C 298 19.34 -9.83 -0.73
CA LEU C 298 18.49 -11.00 -0.81
C LEU C 298 17.29 -10.89 0.13
N ASP C 299 17.49 -10.23 1.27
CA ASP C 299 16.42 -10.06 2.25
C ASP C 299 15.28 -9.21 1.71
N PHE C 300 15.62 -8.21 0.90
CA PHE C 300 14.61 -7.37 0.28
C PHE C 300 13.72 -8.19 -0.65
N ALA C 301 14.34 -9.09 -1.41
CA ALA C 301 13.59 -9.98 -2.29
C ALA C 301 12.73 -10.94 -1.47
N ALA C 302 13.25 -11.39 -0.34
CA ALA C 302 12.57 -12.35 0.52
C ALA C 302 11.31 -11.75 1.15
N HIS C 303 11.32 -10.44 1.37
CA HIS C 303 10.21 -9.76 2.03
C HIS C 303 9.17 -9.29 1.01
N GLY C 304 9.49 -9.45 -0.27
CA GLY C 304 8.57 -9.12 -1.34
C GLY C 304 8.70 -7.71 -1.87
N ASP C 305 9.72 -6.99 -1.41
CA ASP C 305 9.93 -5.60 -1.80
C ASP C 305 10.52 -5.50 -3.20
N VAL C 306 11.23 -6.53 -3.61
CA VAL C 306 11.91 -6.53 -4.91
C VAL C 306 11.66 -7.81 -5.70
N LYS C 307 11.18 -7.65 -6.92
CA LYS C 307 10.97 -8.77 -7.83
C LYS C 307 11.52 -8.42 -9.22
N ALA C 308 12.51 -9.17 -9.68
CA ALA C 308 13.06 -8.96 -11.01
C ALA C 308 12.12 -9.51 -12.08
N THR C 309 12.01 -8.81 -13.20
CA THR C 309 11.28 -9.33 -14.34
C THR C 309 12.11 -10.46 -14.95
N VAL C 310 11.54 -11.66 -14.96
CA VAL C 310 12.28 -12.82 -15.43
C VAL C 310 11.50 -13.64 -16.44
N SER C 311 12.23 -14.18 -17.42
CA SER C 311 11.72 -15.20 -18.31
C SER C 311 12.77 -16.28 -18.40
N THR C 312 12.36 -17.50 -18.70
CA THR C 312 13.29 -18.63 -18.69
C THR C 312 13.70 -19.13 -20.07
N ALA C 313 14.79 -19.88 -20.11
CA ALA C 313 15.27 -20.53 -21.32
C ALA C 313 16.04 -21.78 -20.93
N LYS C 314 16.19 -22.71 -21.86
CA LYS C 314 16.92 -23.94 -21.62
C LYS C 314 18.41 -23.75 -21.89
N LEU C 315 19.23 -24.56 -21.23
CA LEU C 315 20.67 -24.50 -21.42
C LEU C 315 21.02 -24.59 -22.89
N ASP C 316 20.37 -25.53 -23.59
CA ASP C 316 20.64 -25.80 -25.00
C ASP C 316 20.43 -24.59 -25.91
N ASP C 317 19.61 -23.64 -25.47
CA ASP C 317 19.27 -22.48 -26.29
C ASP C 317 20.02 -21.22 -25.86
N VAL C 318 21.12 -21.40 -25.14
CA VAL C 318 21.87 -20.27 -24.59
C VAL C 318 22.43 -19.34 -25.67
N ASN C 319 22.72 -19.87 -26.85
CA ASN C 319 23.19 -19.05 -27.96
C ASN C 319 22.08 -18.15 -28.51
N ASP C 320 20.86 -18.67 -28.55
CA ASP C 320 19.70 -17.88 -28.93
C ASP C 320 19.45 -16.78 -27.89
N VAL C 321 19.74 -17.10 -26.63
CA VAL C 321 19.65 -16.12 -25.55
C VAL C 321 20.71 -15.04 -25.72
N PHE C 322 21.97 -15.47 -25.87
CA PHE C 322 23.06 -14.54 -26.12
C PHE C 322 22.73 -13.60 -27.27
N GLY C 323 22.07 -14.14 -28.29
CA GLY C 323 21.68 -13.36 -29.45
C GLY C 323 20.70 -12.26 -29.09
N ARG C 324 19.63 -12.62 -28.41
CA ARG C 324 18.64 -11.66 -27.96
C ARG C 324 19.30 -10.56 -27.14
N LEU C 325 20.20 -10.95 -26.25
CA LEU C 325 20.93 -10.00 -25.40
C LEU C 325 21.75 -9.01 -26.22
N ARG C 326 22.48 -9.51 -27.21
CA ARG C 326 23.31 -8.66 -28.05
C ARG C 326 22.50 -7.65 -28.86
N GLU C 327 21.30 -8.06 -29.27
CA GLU C 327 20.46 -7.22 -30.12
C GLU C 327 19.58 -6.28 -29.29
N GLY C 328 19.64 -6.41 -27.97
CA GLY C 328 18.88 -5.54 -27.08
C GLY C 328 17.43 -5.99 -26.92
N LYS C 329 17.16 -7.22 -27.35
CA LYS C 329 15.79 -7.75 -27.35
C LYS C 329 15.30 -8.21 -25.99
N VAL C 330 16.19 -8.24 -25.00
CA VAL C 330 15.83 -8.78 -23.69
C VAL C 330 15.28 -7.74 -22.72
N GLU C 331 14.03 -7.95 -22.30
CA GLU C 331 13.40 -7.15 -21.25
C GLU C 331 13.62 -7.86 -19.92
N GLY C 332 14.01 -7.13 -18.89
CA GLY C 332 14.29 -7.73 -17.60
C GLY C 332 15.49 -8.65 -17.65
N ARG C 333 15.37 -9.83 -17.04
CA ARG C 333 16.46 -10.80 -17.01
C ARG C 333 16.03 -12.17 -17.52
N VAL C 334 16.90 -12.81 -18.28
CA VAL C 334 16.67 -14.19 -18.70
C VAL C 334 17.40 -15.15 -17.79
N VAL C 335 16.72 -16.20 -17.36
CA VAL C 335 17.30 -17.16 -16.44
C VAL C 335 17.19 -18.59 -16.97
N LEU C 336 18.32 -19.28 -17.06
CA LEU C 336 18.33 -20.67 -17.49
C LEU C 336 17.66 -21.53 -16.43
N ASP C 337 16.76 -22.41 -16.86
CA ASP C 337 16.01 -23.25 -15.94
C ASP C 337 16.45 -24.72 -16.04
N PHE C 338 17.09 -25.21 -14.98
CA PHE C 338 17.60 -26.57 -14.95
C PHE C 338 16.63 -27.54 -14.27
N SER C 339 15.45 -27.05 -13.89
CA SER C 339 14.48 -27.87 -13.17
C SER C 339 13.78 -28.86 -14.10
N ARG C 340 13.40 -30.01 -13.55
CA ARG C 340 12.77 -31.06 -14.33
C ARG C 340 11.34 -30.73 -14.69
N ALA D 1 -13.47 32.70 -35.88
CA ALA D 1 -14.37 32.21 -36.91
C ALA D 1 -13.91 30.86 -37.47
N MET D 2 -12.60 30.65 -37.48
CA MET D 2 -12.04 29.44 -38.08
C MET D 2 -11.16 28.68 -37.10
N MET D 3 -10.99 27.39 -37.34
CA MET D 3 -10.21 26.52 -36.47
C MET D 3 -9.59 25.40 -37.28
N LYS D 4 -8.51 24.82 -36.76
CA LYS D 4 -7.90 23.66 -37.37
C LYS D 4 -8.61 22.40 -36.92
N ALA D 5 -8.68 21.40 -37.81
CA ALA D 5 -9.35 20.15 -37.50
C ALA D 5 -8.94 19.06 -38.49
N ALA D 6 -8.90 17.82 -38.01
CA ALA D 6 -8.62 16.69 -38.87
C ALA D 6 -9.93 16.15 -39.44
N VAL D 7 -10.02 16.11 -40.77
CA VAL D 7 -11.27 15.73 -41.42
C VAL D 7 -11.12 14.48 -42.28
N VAL D 8 -12.04 13.53 -42.08
CA VAL D 8 -12.18 12.42 -43.00
C VAL D 8 -13.11 12.87 -44.12
N ARG D 9 -12.61 12.85 -45.35
CA ARG D 9 -13.39 13.29 -46.49
C ARG D 9 -13.61 12.15 -47.47
N ALA D 10 -12.80 11.10 -47.32
CA ALA D 10 -13.00 9.87 -48.08
C ALA D 10 -12.55 8.70 -47.22
N PHE D 11 -13.38 7.65 -47.17
CA PHE D 11 -13.05 6.47 -46.40
C PHE D 11 -11.77 5.84 -46.91
N GLY D 12 -10.86 5.53 -46.00
CA GLY D 12 -9.60 4.91 -46.36
C GLY D 12 -8.47 5.89 -46.59
N ALA D 13 -8.82 7.13 -46.94
CA ALA D 13 -7.81 8.13 -47.28
C ALA D 13 -7.22 8.82 -46.04
N PRO D 14 -5.99 9.30 -46.15
CA PRO D 14 -5.38 10.06 -45.06
C PRO D 14 -6.31 11.17 -44.61
N LEU D 15 -6.31 11.49 -43.32
CA LEU D 15 -7.07 12.64 -42.85
C LEU D 15 -6.39 13.90 -43.36
N THR D 16 -7.17 14.95 -43.60
CA THR D 16 -6.61 16.21 -44.02
C THR D 16 -6.80 17.25 -42.92
N ILE D 17 -5.71 17.91 -42.53
CA ILE D 17 -5.78 18.95 -41.52
C ILE D 17 -6.20 20.26 -42.17
N ASP D 18 -7.45 20.65 -41.94
CA ASP D 18 -8.01 21.81 -42.63
C ASP D 18 -8.35 22.95 -41.67
N GLU D 19 -8.58 24.13 -42.25
CA GLU D 19 -9.16 25.24 -41.51
C GLU D 19 -10.65 25.26 -41.82
N VAL D 20 -11.47 25.09 -40.79
CA VAL D 20 -12.90 25.02 -40.95
C VAL D 20 -13.61 25.95 -39.96
N PRO D 21 -14.89 26.23 -40.19
CA PRO D 21 -15.62 27.13 -39.29
C PRO D 21 -15.68 26.58 -37.87
N VAL D 22 -15.53 27.46 -36.88
CA VAL D 22 -15.77 27.08 -35.51
C VAL D 22 -17.28 26.86 -35.36
N PRO D 23 -17.68 25.73 -34.79
CA PRO D 23 -19.12 25.48 -34.62
C PRO D 23 -19.71 26.26 -33.44
N GLN D 24 -20.80 26.97 -33.69
CA GLN D 24 -21.48 27.72 -32.66
C GLN D 24 -22.63 26.90 -32.08
N PRO D 25 -22.90 27.08 -30.78
CA PRO D 25 -23.97 26.35 -30.08
C PRO D 25 -25.32 27.08 -30.13
N GLY D 26 -26.36 26.34 -30.49
CA GLY D 26 -27.72 26.85 -30.39
C GLY D 26 -28.21 26.58 -28.99
N PRO D 27 -29.51 26.84 -28.75
CA PRO D 27 -30.10 26.56 -27.43
C PRO D 27 -30.02 25.07 -27.08
N GLY D 28 -29.65 24.77 -25.84
CA GLY D 28 -29.53 23.40 -25.39
C GLY D 28 -28.19 22.81 -25.74
N GLN D 29 -27.35 23.60 -26.41
CA GLN D 29 -26.02 23.17 -26.79
C GLN D 29 -24.96 23.98 -26.05
N VAL D 30 -23.77 23.42 -25.93
CA VAL D 30 -22.62 24.18 -25.46
C VAL D 30 -21.48 24.02 -26.45
N GLN D 31 -20.46 24.85 -26.31
CA GLN D 31 -19.27 24.75 -27.14
C GLN D 31 -18.09 24.37 -26.24
N VAL D 32 -17.22 23.51 -26.75
CA VAL D 32 -16.08 23.07 -25.95
C VAL D 32 -14.75 23.41 -26.64
N LYS D 33 -13.85 24.02 -25.89
CA LYS D 33 -12.50 24.29 -26.36
C LYS D 33 -11.60 23.11 -25.99
N ILE D 34 -11.14 22.37 -26.99
CA ILE D 34 -10.41 21.13 -26.76
C ILE D 34 -8.96 21.37 -26.32
N GLU D 35 -8.56 20.70 -25.25
CA GLU D 35 -7.19 20.81 -24.74
C GLU D 35 -6.42 19.51 -24.95
N ALA D 36 -7.16 18.40 -24.99
CA ALA D 36 -6.58 17.09 -25.28
C ALA D 36 -7.66 16.24 -25.94
N SER D 37 -7.23 15.24 -26.72
CA SER D 37 -8.19 14.43 -27.47
C SER D 37 -7.68 13.01 -27.71
N GLY D 38 -8.23 12.06 -26.97
CA GLY D 38 -7.80 10.68 -27.05
C GLY D 38 -8.03 10.02 -28.41
N VAL D 39 -7.09 9.16 -28.78
CA VAL D 39 -7.19 8.36 -30.01
C VAL D 39 -7.26 6.88 -29.66
N CYS D 40 -8.05 6.13 -30.44
CA CYS D 40 -8.15 4.69 -30.26
C CYS D 40 -8.55 4.01 -31.55
N HIS D 41 -8.57 2.67 -31.53
CA HIS D 41 -8.89 1.89 -32.72
C HIS D 41 -10.24 2.21 -33.35
N THR D 42 -11.19 2.67 -32.53
CA THR D 42 -12.52 3.02 -33.03
C THR D 42 -12.46 4.13 -34.08
N ASP D 43 -11.51 5.03 -33.93
CA ASP D 43 -11.32 6.12 -34.88
C ASP D 43 -10.92 5.58 -36.25
N LEU D 44 -10.14 4.50 -36.25
CA LEU D 44 -9.74 3.84 -37.48
C LEU D 44 -10.96 3.32 -38.24
N HIS D 45 -11.85 2.66 -37.53
CA HIS D 45 -13.05 2.08 -38.13
C HIS D 45 -13.98 3.17 -38.67
N ALA D 46 -14.03 4.29 -37.95
CA ALA D 46 -14.80 5.45 -38.40
C ALA D 46 -14.20 5.98 -39.70
N ALA D 47 -12.88 6.10 -39.73
CA ALA D 47 -12.18 6.63 -40.89
C ALA D 47 -12.21 5.67 -42.08
N ASP D 48 -12.47 4.40 -41.83
CA ASP D 48 -12.45 3.41 -42.91
C ASP D 48 -13.84 3.07 -43.47
N GLY D 49 -14.89 3.56 -42.82
CA GLY D 49 -16.24 3.17 -43.16
C GLY D 49 -16.35 1.67 -42.97
N ASP D 50 -15.59 1.19 -42.00
CA ASP D 50 -15.35 -0.24 -41.77
C ASP D 50 -16.61 -0.99 -41.35
N TRP D 51 -17.43 -0.33 -40.53
CA TRP D 51 -18.54 -0.97 -39.83
C TRP D 51 -19.87 -0.94 -40.61
N PRO D 52 -20.83 -1.79 -40.19
CA PRO D 52 -22.13 -1.93 -40.86
C PRO D 52 -22.82 -0.60 -41.16
N VAL D 53 -22.99 0.24 -40.14
CA VAL D 53 -23.52 1.58 -40.36
C VAL D 53 -22.38 2.58 -40.34
N LYS D 54 -22.16 3.25 -41.46
CA LYS D 54 -21.01 4.13 -41.62
C LYS D 54 -21.28 5.56 -41.20
N PRO D 55 -20.22 6.31 -40.91
CA PRO D 55 -20.35 7.76 -40.73
C PRO D 55 -20.76 8.40 -42.05
N THR D 56 -21.37 9.58 -42.00
CA THR D 56 -21.61 10.35 -43.20
C THR D 56 -20.41 11.28 -43.40
N LEU D 57 -20.04 11.50 -44.65
CA LEU D 57 -18.89 12.32 -44.98
C LEU D 57 -19.33 13.73 -45.37
N PRO D 58 -18.47 14.72 -45.12
CA PRO D 58 -17.21 14.55 -44.39
C PRO D 58 -17.45 14.71 -42.89
N PHE D 59 -16.54 14.22 -42.06
CA PHE D 59 -16.72 14.36 -40.63
C PHE D 59 -15.41 14.48 -39.86
N ILE D 60 -15.50 15.01 -38.64
CA ILE D 60 -14.38 15.13 -37.75
C ILE D 60 -14.49 14.04 -36.68
N PRO D 61 -13.51 13.13 -36.64
CA PRO D 61 -13.56 12.01 -35.69
C PRO D 61 -13.20 12.46 -34.28
N GLY D 62 -13.13 11.52 -33.35
CA GLY D 62 -12.72 11.83 -31.99
C GLY D 62 -13.84 11.84 -30.99
N HIS D 63 -13.89 10.80 -30.17
CA HIS D 63 -14.93 10.66 -29.15
C HIS D 63 -14.31 10.70 -27.75
N GLU D 64 -13.10 11.24 -27.66
CA GLU D 64 -12.40 11.33 -26.39
C GLU D 64 -11.87 12.73 -26.18
N GLY D 65 -12.63 13.71 -26.63
CA GLY D 65 -12.23 15.10 -26.50
C GLY D 65 -12.51 15.67 -25.12
N VAL D 66 -11.53 16.37 -24.57
CA VAL D 66 -11.69 17.04 -23.28
C VAL D 66 -11.21 18.48 -23.37
N GLY D 67 -11.81 19.36 -22.58
CA GLY D 67 -11.43 20.76 -22.57
C GLY D 67 -12.32 21.63 -21.70
N TYR D 68 -12.40 22.92 -22.03
CA TYR D 68 -13.23 23.86 -21.29
C TYR D 68 -14.51 24.20 -22.05
N VAL D 69 -15.58 24.46 -21.31
CA VAL D 69 -16.80 24.99 -21.90
C VAL D 69 -16.55 26.45 -22.27
N SER D 70 -16.63 26.76 -23.56
CA SER D 70 -16.23 28.08 -24.04
C SER D 70 -17.42 28.94 -24.49
N ALA D 71 -18.59 28.34 -24.58
CA ALA D 71 -19.81 29.06 -24.93
C ALA D 71 -21.03 28.23 -24.55
N VAL D 72 -22.09 28.90 -24.13
CA VAL D 72 -23.27 28.20 -23.65
C VAL D 72 -24.56 28.73 -24.26
N GLY D 73 -25.21 27.91 -25.08
CA GLY D 73 -26.49 28.28 -25.66
C GLY D 73 -27.53 28.52 -24.58
N SER D 74 -28.73 28.84 -25.01
CA SER D 74 -29.81 29.12 -24.06
C SER D 74 -30.42 27.84 -23.50
N GLY D 75 -30.92 27.90 -22.27
CA GLY D 75 -31.54 26.76 -21.63
C GLY D 75 -30.56 25.65 -21.26
N VAL D 76 -29.42 26.05 -20.71
CA VAL D 76 -28.41 25.10 -20.23
C VAL D 76 -28.08 25.41 -18.78
N SER D 77 -28.20 24.41 -17.91
CA SER D 77 -27.95 24.62 -16.49
C SER D 77 -26.95 23.62 -15.91
N ARG D 78 -26.76 22.50 -16.59
CA ARG D 78 -25.84 21.47 -16.13
C ARG D 78 -24.39 21.95 -16.07
N VAL D 79 -23.96 22.68 -17.10
CA VAL D 79 -22.59 23.19 -17.14
C VAL D 79 -22.56 24.69 -17.42
N LYS D 80 -21.41 25.30 -17.19
CA LYS D 80 -21.21 26.71 -17.43
C LYS D 80 -19.83 26.96 -18.02
N GLU D 81 -19.61 28.15 -18.58
CA GLU D 81 -18.31 28.49 -19.13
C GLU D 81 -17.21 28.21 -18.10
N GLY D 82 -16.13 27.60 -18.56
CA GLY D 82 -15.00 27.33 -17.70
C GLY D 82 -15.02 25.92 -17.13
N ASP D 83 -16.20 25.31 -17.12
CA ASP D 83 -16.33 23.93 -16.65
C ASP D 83 -15.48 22.98 -17.49
N ARG D 84 -14.78 22.08 -16.82
CA ARG D 84 -13.94 21.11 -17.51
C ARG D 84 -14.75 19.87 -17.83
N VAL D 85 -14.95 19.61 -19.12
CA VAL D 85 -15.84 18.54 -19.56
C VAL D 85 -15.23 17.69 -20.66
N GLY D 86 -15.88 16.56 -20.92
CA GLY D 86 -15.49 15.67 -22.00
C GLY D 86 -16.68 15.36 -22.91
N VAL D 87 -16.40 15.05 -24.17
CA VAL D 87 -17.44 14.74 -25.14
C VAL D 87 -17.32 13.30 -25.62
N PRO D 88 -17.85 12.35 -24.82
CA PRO D 88 -17.66 10.92 -25.09
C PRO D 88 -18.50 10.37 -26.25
N TRP D 89 -18.34 9.07 -26.48
CA TRP D 89 -18.99 8.34 -27.57
C TRP D 89 -20.47 8.64 -27.71
N LEU D 90 -21.19 8.66 -26.58
CA LEU D 90 -22.61 8.98 -26.60
C LEU D 90 -22.83 10.49 -26.63
N TYR D 91 -22.93 11.04 -27.85
CA TYR D 91 -23.16 12.46 -28.02
C TYR D 91 -24.53 12.84 -27.46
N SER D 92 -25.53 12.05 -27.80
CA SER D 92 -26.89 12.25 -27.29
C SER D 92 -27.75 11.00 -27.46
N ALA D 93 -28.89 11.00 -26.79
CA ALA D 93 -29.89 9.95 -26.95
C ALA D 93 -31.26 10.64 -26.93
N CYS D 94 -32.31 9.91 -27.28
CA CYS D 94 -33.62 10.53 -27.42
C CYS D 94 -34.23 10.95 -26.08
N GLY D 95 -33.90 10.21 -25.03
CA GLY D 95 -34.34 10.55 -23.68
C GLY D 95 -35.75 10.12 -23.34
N TYR D 96 -36.45 9.54 -24.31
CA TYR D 96 -37.86 9.22 -24.13
C TYR D 96 -38.19 7.74 -24.32
N CYS D 97 -37.28 6.99 -24.93
CA CYS D 97 -37.57 5.59 -25.26
C CYS D 97 -37.51 4.69 -24.04
N GLU D 98 -37.82 3.41 -24.25
CA GLU D 98 -37.78 2.41 -23.20
C GLU D 98 -36.42 2.39 -22.50
N HIS D 99 -35.36 2.43 -23.30
CA HIS D 99 -34.00 2.35 -22.78
C HIS D 99 -33.59 3.61 -22.04
N CYS D 100 -33.86 4.77 -22.64
CA CYS D 100 -33.51 6.05 -22.02
C CYS D 100 -34.22 6.25 -20.69
N LEU D 101 -35.48 5.88 -20.63
CA LEU D 101 -36.27 6.01 -19.41
C LEU D 101 -35.78 5.10 -18.29
N GLN D 102 -35.15 3.99 -18.67
CA GLN D 102 -34.68 3.00 -17.69
C GLN D 102 -33.25 3.26 -17.25
N GLY D 103 -32.65 4.33 -17.76
CA GLY D 103 -31.28 4.67 -17.41
C GLY D 103 -30.27 3.86 -18.21
N TRP D 104 -30.72 3.35 -19.35
CA TRP D 104 -29.84 2.61 -20.27
C TRP D 104 -29.71 3.36 -21.58
N GLU D 105 -29.32 4.63 -21.52
CA GLU D 105 -29.25 5.46 -22.73
C GLU D 105 -28.27 4.93 -23.77
N THR D 106 -27.35 4.08 -23.34
CA THR D 106 -26.39 3.49 -24.26
C THR D 106 -27.06 2.59 -25.29
N LEU D 107 -28.29 2.18 -24.99
CA LEU D 107 -29.04 1.28 -25.86
C LEU D 107 -30.06 2.02 -26.72
N CYS D 108 -30.09 3.34 -26.59
CA CYS D 108 -31.00 4.16 -27.39
C CYS D 108 -30.73 3.96 -28.87
N GLU D 109 -31.77 3.59 -29.62
CA GLU D 109 -31.64 3.33 -31.04
C GLU D 109 -31.55 4.62 -31.86
N LYS D 110 -31.83 5.75 -31.21
CA LYS D 110 -31.74 7.05 -31.86
C LYS D 110 -30.53 7.86 -31.38
N GLN D 111 -29.58 7.19 -30.73
CA GLN D 111 -28.41 7.88 -30.20
C GLN D 111 -27.51 8.40 -31.32
N GLN D 112 -26.81 9.49 -31.03
CA GLN D 112 -25.77 9.99 -31.91
C GLN D 112 -24.42 9.69 -31.27
N ASN D 113 -23.40 9.43 -32.08
CA ASN D 113 -22.08 9.11 -31.56
C ASN D 113 -21.01 10.12 -31.98
N THR D 114 -20.34 10.69 -30.99
CA THR D 114 -19.32 11.72 -31.22
C THR D 114 -18.19 11.22 -32.10
N GLY D 115 -17.77 12.06 -33.05
CA GLY D 115 -16.70 11.71 -33.95
C GLY D 115 -17.03 10.52 -34.82
N TYR D 116 -18.32 10.29 -35.03
CA TYR D 116 -18.76 9.20 -35.90
C TYR D 116 -19.98 9.60 -36.72
N SER D 117 -21.09 9.88 -36.05
CA SER D 117 -22.30 10.32 -36.76
C SER D 117 -22.46 11.84 -36.65
N VAL D 118 -21.70 12.44 -35.76
CA VAL D 118 -21.58 13.90 -35.68
C VAL D 118 -20.11 14.26 -35.50
N ASN D 119 -19.75 15.51 -35.78
CA ASN D 119 -18.37 15.95 -35.63
C ASN D 119 -17.88 15.81 -34.20
N GLY D 120 -16.61 15.43 -34.05
CA GLY D 120 -16.04 15.12 -32.75
C GLY D 120 -14.86 15.98 -32.33
N GLY D 121 -13.93 15.39 -31.60
CA GLY D 121 -12.89 16.13 -30.90
C GLY D 121 -11.55 16.27 -31.60
N TYR D 122 -11.43 15.81 -32.83
CA TYR D 122 -10.20 16.03 -33.61
C TYR D 122 -10.18 17.46 -34.16
N GLY D 123 -10.57 18.42 -33.34
CA GLY D 123 -10.56 19.82 -33.72
C GLY D 123 -10.36 20.72 -32.53
N GLU D 124 -10.11 22.00 -32.78
CA GLU D 124 -9.88 22.97 -31.71
C GLU D 124 -11.14 23.22 -30.89
N TYR D 125 -12.29 23.19 -31.54
CA TYR D 125 -13.57 23.35 -30.85
C TYR D 125 -14.54 22.28 -31.32
N VAL D 126 -15.56 22.04 -30.51
CA VAL D 126 -16.64 21.13 -30.89
C VAL D 126 -17.90 21.52 -30.11
N VAL D 127 -19.05 21.40 -30.76
CA VAL D 127 -20.32 21.65 -30.10
C VAL D 127 -20.87 20.34 -29.53
N ALA D 128 -21.37 20.39 -28.30
CA ALA D 128 -21.84 19.19 -27.63
C ALA D 128 -23.18 19.39 -26.96
N ASP D 129 -23.77 18.27 -26.53
CA ASP D 129 -25.00 18.30 -25.76
C ASP D 129 -24.66 18.24 -24.28
N PRO D 130 -24.83 19.36 -23.57
CA PRO D 130 -24.43 19.47 -22.16
C PRO D 130 -25.01 18.35 -21.30
N ASN D 131 -26.16 17.84 -21.69
CA ASN D 131 -26.82 16.77 -20.95
C ASN D 131 -26.06 15.44 -21.00
N TYR D 132 -25.12 15.33 -21.94
CA TYR D 132 -24.43 14.06 -22.17
C TYR D 132 -22.92 14.14 -22.10
N VAL D 133 -22.39 15.31 -21.80
CA VAL D 133 -20.94 15.46 -21.63
C VAL D 133 -20.52 14.86 -20.30
N GLY D 134 -19.25 14.49 -20.21
CA GLY D 134 -18.68 14.01 -18.96
C GLY D 134 -18.14 15.18 -18.16
N LEU D 135 -18.45 15.19 -16.87
CA LEU D 135 -17.96 16.23 -15.98
C LEU D 135 -16.63 15.77 -15.37
N LEU D 136 -15.55 16.45 -15.74
CA LEU D 136 -14.21 16.00 -15.42
C LEU D 136 -13.76 16.35 -14.00
N PRO D 137 -13.05 15.43 -13.34
CA PRO D 137 -12.56 15.66 -11.98
C PRO D 137 -11.50 16.76 -11.96
N ASP D 138 -11.45 17.53 -10.87
CA ASP D 138 -10.58 18.70 -10.80
C ASP D 138 -9.09 18.37 -10.82
N LYS D 139 -8.70 17.28 -10.17
CA LYS D 139 -7.30 17.00 -9.92
C LYS D 139 -6.57 16.24 -11.04
N VAL D 140 -7.30 15.84 -12.07
CA VAL D 140 -6.68 15.10 -13.17
C VAL D 140 -6.54 15.96 -14.43
N GLY D 141 -5.32 16.00 -14.97
CA GLY D 141 -5.04 16.77 -16.16
C GLY D 141 -5.80 16.27 -17.39
N PHE D 142 -5.88 17.12 -18.42
CA PHE D 142 -6.64 16.79 -19.61
C PHE D 142 -6.12 15.55 -20.35
N VAL D 143 -4.80 15.47 -20.52
CA VAL D 143 -4.21 14.35 -21.24
C VAL D 143 -4.42 13.02 -20.52
N GLU D 144 -4.22 13.01 -19.21
CA GLU D 144 -4.36 11.79 -18.43
C GLU D 144 -5.80 11.25 -18.39
N ILE D 145 -6.76 12.16 -18.31
CA ILE D 145 -8.17 11.78 -18.11
C ILE D 145 -8.89 11.42 -19.41
N ALA D 146 -8.35 11.86 -20.54
CA ALA D 146 -9.01 11.65 -21.83
C ALA D 146 -9.38 10.19 -22.14
N PRO D 147 -8.42 9.27 -22.01
CA PRO D 147 -8.70 7.86 -22.31
C PRO D 147 -9.80 7.26 -21.43
N ILE D 148 -10.05 7.86 -20.26
CA ILE D 148 -11.06 7.34 -19.34
C ILE D 148 -12.45 7.49 -19.95
N LEU D 149 -12.60 8.46 -20.83
CA LEU D 149 -13.84 8.68 -21.55
C LEU D 149 -14.22 7.46 -22.40
N CYS D 150 -13.23 6.63 -22.71
CA CYS D 150 -13.44 5.49 -23.60
C CYS D 150 -13.00 4.17 -22.98
N ALA D 151 -11.68 3.98 -22.89
CA ALA D 151 -11.14 2.74 -22.34
C ALA D 151 -11.57 2.57 -20.89
N GLY D 152 -11.53 3.66 -20.14
CA GLY D 152 -11.90 3.63 -18.74
C GLY D 152 -13.31 3.15 -18.48
N VAL D 153 -14.30 3.87 -19.01
CA VAL D 153 -15.70 3.52 -18.79
C VAL D 153 -16.05 2.16 -19.37
N THR D 154 -15.44 1.81 -20.50
CA THR D 154 -15.69 0.52 -21.13
C THR D 154 -15.33 -0.65 -20.22
N VAL D 155 -14.10 -0.65 -19.72
CA VAL D 155 -13.62 -1.76 -18.88
C VAL D 155 -14.25 -1.74 -17.49
N TYR D 156 -14.57 -0.56 -16.98
CA TYR D 156 -15.23 -0.44 -15.68
C TYR D 156 -16.63 -1.05 -15.74
N LYS D 157 -17.42 -0.59 -16.70
CA LYS D 157 -18.76 -1.13 -16.91
C LYS D 157 -18.70 -2.62 -17.22
N GLY D 158 -17.72 -3.00 -18.02
CA GLY D 158 -17.51 -4.39 -18.39
C GLY D 158 -17.29 -5.26 -17.16
N LEU D 159 -16.49 -4.76 -16.22
CA LEU D 159 -16.22 -5.48 -14.99
C LEU D 159 -17.49 -5.54 -14.14
N LYS D 160 -18.24 -4.44 -14.10
CA LYS D 160 -19.48 -4.41 -13.35
C LYS D 160 -20.43 -5.50 -13.81
N VAL D 161 -20.57 -5.66 -15.12
CA VAL D 161 -21.51 -6.63 -15.68
C VAL D 161 -21.02 -8.08 -15.64
N THR D 162 -19.86 -8.31 -15.04
CA THR D 162 -19.41 -9.68 -14.79
C THR D 162 -20.09 -10.20 -13.53
N ASP D 163 -20.83 -9.31 -12.87
CA ASP D 163 -21.57 -9.67 -11.67
C ASP D 163 -20.69 -10.37 -10.65
N THR D 164 -19.42 -9.98 -10.62
CA THR D 164 -18.50 -10.49 -9.61
C THR D 164 -18.53 -9.56 -8.41
N ARG D 165 -18.06 -10.04 -7.27
CA ARG D 165 -17.97 -9.20 -6.07
C ARG D 165 -16.56 -9.24 -5.49
N PRO D 166 -16.22 -8.25 -4.63
CA PRO D 166 -14.89 -8.24 -4.04
C PRO D 166 -14.51 -9.60 -3.46
N GLY D 167 -13.24 -9.95 -3.58
CA GLY D 167 -12.77 -11.23 -3.09
C GLY D 167 -12.79 -12.30 -4.18
N GLN D 168 -13.61 -12.07 -5.20
CA GLN D 168 -13.75 -13.04 -6.28
C GLN D 168 -12.71 -12.86 -7.38
N TRP D 169 -12.47 -13.93 -8.13
CA TRP D 169 -11.46 -13.92 -9.18
C TRP D 169 -12.01 -13.35 -10.49
N VAL D 170 -11.25 -12.46 -11.10
CA VAL D 170 -11.58 -11.99 -12.44
C VAL D 170 -10.38 -12.18 -13.36
N VAL D 171 -10.64 -12.68 -14.55
CA VAL D 171 -9.59 -12.79 -15.55
C VAL D 171 -9.64 -11.59 -16.48
N ILE D 172 -8.49 -10.94 -16.64
CA ILE D 172 -8.37 -9.90 -17.66
C ILE D 172 -7.66 -10.50 -18.85
N SER D 173 -8.41 -10.73 -19.92
CA SER D 173 -7.84 -11.28 -21.14
C SER D 173 -7.40 -10.16 -22.07
N GLY D 174 -6.10 -10.09 -22.30
CA GLY D 174 -5.53 -9.02 -23.09
C GLY D 174 -5.15 -7.86 -22.21
N ILE D 175 -3.86 -7.59 -22.11
CA ILE D 175 -3.37 -6.48 -21.30
C ILE D 175 -2.78 -5.39 -22.20
N GLY D 176 -3.57 -4.94 -23.16
CA GLY D 176 -3.16 -3.88 -24.06
C GLY D 176 -3.78 -2.55 -23.68
N GLY D 177 -4.29 -1.84 -24.68
CA GLY D 177 -4.89 -0.52 -24.47
C GLY D 177 -5.98 -0.53 -23.42
N LEU D 178 -6.95 -1.43 -23.59
CA LEU D 178 -8.04 -1.56 -22.62
C LEU D 178 -7.58 -2.33 -21.39
N GLY D 179 -6.81 -3.38 -21.62
CA GLY D 179 -6.44 -4.33 -20.57
C GLY D 179 -5.66 -3.76 -19.40
N HIS D 180 -4.67 -2.93 -19.67
CA HIS D 180 -3.84 -2.38 -18.59
C HIS D 180 -4.65 -1.44 -17.69
N VAL D 181 -5.71 -0.86 -18.25
CA VAL D 181 -6.61 -0.02 -17.49
C VAL D 181 -7.58 -0.90 -16.68
N ALA D 182 -8.03 -1.98 -17.29
CA ALA D 182 -8.98 -2.90 -16.67
C ALA D 182 -8.40 -3.53 -15.40
N VAL D 183 -7.13 -3.90 -15.46
CA VAL D 183 -6.47 -4.48 -14.28
C VAL D 183 -6.58 -3.54 -13.09
N GLN D 184 -6.43 -2.24 -13.36
CA GLN D 184 -6.45 -1.23 -12.32
C GLN D 184 -7.85 -1.06 -11.70
N TYR D 185 -8.87 -1.02 -12.54
CA TYR D 185 -10.24 -0.93 -12.05
C TYR D 185 -10.58 -2.16 -11.21
N ALA D 186 -10.18 -3.33 -11.71
CA ALA D 186 -10.41 -4.59 -11.01
C ALA D 186 -9.86 -4.60 -9.58
N ARG D 187 -8.60 -4.19 -9.41
CA ARG D 187 -8.01 -4.13 -8.08
C ARG D 187 -8.80 -3.18 -7.19
N ALA D 188 -9.12 -2.01 -7.73
CA ALA D 188 -9.86 -0.99 -7.00
C ALA D 188 -11.28 -1.45 -6.65
N MET D 189 -11.77 -2.45 -7.38
CA MET D 189 -13.09 -3.01 -7.14
C MET D 189 -12.97 -4.23 -6.23
N GLY D 190 -11.77 -4.47 -5.74
CA GLY D 190 -11.53 -5.51 -4.75
C GLY D 190 -11.44 -6.90 -5.34
N LEU D 191 -11.31 -6.98 -6.67
CA LEU D 191 -11.23 -8.27 -7.34
C LEU D 191 -9.81 -8.82 -7.36
N ARG D 192 -9.70 -10.14 -7.25
CA ARG D 192 -8.42 -10.81 -7.43
C ARG D 192 -8.19 -11.03 -8.92
N VAL D 193 -7.06 -10.55 -9.42
CA VAL D 193 -6.85 -10.48 -10.86
C VAL D 193 -5.89 -11.53 -11.43
N ALA D 194 -6.37 -12.25 -12.45
CA ALA D 194 -5.54 -13.15 -13.22
C ALA D 194 -5.41 -12.61 -14.63
N ALA D 195 -4.19 -12.23 -15.02
CA ALA D 195 -3.93 -11.67 -16.33
C ALA D 195 -3.57 -12.76 -17.33
N VAL D 196 -4.12 -12.66 -18.53
CA VAL D 196 -3.83 -13.62 -19.59
C VAL D 196 -3.52 -12.89 -20.89
N ASP D 197 -2.39 -13.22 -21.49
CA ASP D 197 -1.96 -12.66 -22.75
C ASP D 197 -0.98 -13.65 -23.38
N ILE D 198 -0.34 -13.26 -24.48
CA ILE D 198 0.68 -14.11 -25.09
C ILE D 198 2.02 -13.36 -25.15
N ASP D 199 2.07 -12.22 -24.47
CA ASP D 199 3.22 -11.33 -24.51
C ASP D 199 3.74 -11.10 -23.10
N ASP D 200 4.93 -11.62 -22.82
CA ASP D 200 5.51 -11.56 -21.49
C ASP D 200 5.62 -10.16 -20.91
N ALA D 201 5.90 -9.18 -21.76
CA ALA D 201 6.03 -7.79 -21.32
C ALA D 201 4.70 -7.26 -20.81
N LYS D 202 3.63 -7.52 -21.54
CA LYS D 202 2.29 -7.10 -21.12
C LYS D 202 1.89 -7.82 -19.84
N LEU D 203 2.28 -9.09 -19.71
CA LEU D 203 1.99 -9.85 -18.52
C LEU D 203 2.75 -9.30 -17.31
N ASN D 204 4.01 -8.92 -17.52
CA ASN D 204 4.78 -8.28 -16.46
C ASN D 204 4.13 -6.97 -16.02
N LEU D 205 3.64 -6.21 -16.99
CA LEU D 205 2.93 -4.98 -16.72
C LEU D 205 1.75 -5.25 -15.79
N ALA D 206 1.00 -6.31 -16.11
CA ALA D 206 -0.17 -6.69 -15.32
C ALA D 206 0.20 -6.96 -13.87
N ARG D 207 1.27 -7.73 -13.66
CA ARG D 207 1.73 -8.04 -12.31
C ARG D 207 2.07 -6.78 -11.52
N ARG D 208 2.80 -5.87 -12.15
CA ARG D 208 3.18 -4.62 -11.49
C ARG D 208 1.97 -3.76 -11.22
N LEU D 209 0.92 -3.96 -12.01
CA LEU D 209 -0.34 -3.24 -11.83
C LEU D 209 -1.20 -3.84 -10.72
N GLY D 210 -0.80 -5.03 -10.25
CA GLY D 210 -1.49 -5.66 -9.14
C GLY D 210 -2.04 -7.04 -9.41
N ALA D 211 -1.95 -7.51 -10.66
CA ALA D 211 -2.41 -8.84 -11.00
C ALA D 211 -1.71 -9.87 -10.12
N GLU D 212 -2.50 -10.77 -9.53
CA GLU D 212 -2.01 -11.74 -8.57
C GLU D 212 -1.36 -12.90 -9.30
N VAL D 213 -1.94 -13.26 -10.44
CA VAL D 213 -1.41 -14.33 -11.29
C VAL D 213 -1.38 -13.85 -12.73
N ALA D 214 -0.43 -14.38 -13.51
CA ALA D 214 -0.33 -14.06 -14.92
C ALA D 214 0.02 -15.29 -15.72
N VAL D 215 -0.77 -15.59 -16.73
CA VAL D 215 -0.55 -16.77 -17.56
C VAL D 215 -0.24 -16.37 -19.01
N ASN D 216 0.83 -16.92 -19.55
CA ASN D 216 1.12 -16.75 -20.97
C ASN D 216 0.56 -17.91 -21.77
N ALA D 217 -0.40 -17.61 -22.64
CA ALA D 217 -1.18 -18.64 -23.32
C ALA D 217 -0.46 -19.30 -24.48
N ARG D 218 0.69 -18.75 -24.86
CA ARG D 218 1.56 -19.38 -25.84
C ARG D 218 2.02 -20.73 -25.32
N ASP D 219 2.44 -20.72 -24.06
CA ASP D 219 3.18 -21.84 -23.50
C ASP D 219 2.29 -22.82 -22.75
N THR D 220 1.21 -22.31 -22.16
CA THR D 220 0.32 -23.14 -21.37
C THR D 220 -1.14 -22.82 -21.67
N ASP D 221 -1.98 -23.84 -21.54
CA ASP D 221 -3.42 -23.68 -21.65
C ASP D 221 -3.95 -22.95 -20.43
N PRO D 222 -4.40 -21.70 -20.60
CA PRO D 222 -4.83 -20.90 -19.45
C PRO D 222 -6.13 -21.45 -18.84
N ALA D 223 -6.96 -22.10 -19.65
CA ALA D 223 -8.20 -22.67 -19.15
C ALA D 223 -7.90 -23.80 -18.15
N ALA D 224 -7.12 -24.77 -18.59
CA ALA D 224 -6.75 -25.89 -17.74
C ALA D 224 -5.94 -25.43 -16.54
N TRP D 225 -5.02 -24.50 -16.78
CA TRP D 225 -4.17 -24.01 -15.71
C TRP D 225 -4.96 -23.30 -14.61
N LEU D 226 -5.88 -22.42 -15.03
CA LEU D 226 -6.67 -21.65 -14.08
C LEU D 226 -7.73 -22.49 -13.37
N GLN D 227 -8.36 -23.40 -14.11
CA GLN D 227 -9.30 -24.34 -13.51
C GLN D 227 -8.61 -25.11 -12.38
N LYS D 228 -7.35 -25.48 -12.60
CA LYS D 228 -6.58 -26.22 -11.61
C LYS D 228 -6.10 -25.34 -10.46
N GLU D 229 -5.72 -24.10 -10.77
CA GLU D 229 -5.04 -23.24 -9.82
C GLU D 229 -5.96 -22.40 -8.94
N ILE D 230 -7.11 -22.00 -9.47
CA ILE D 230 -8.04 -21.16 -8.72
C ILE D 230 -9.47 -21.67 -8.86
N GLY D 231 -9.62 -22.83 -9.49
CA GLY D 231 -10.93 -23.41 -9.70
C GLY D 231 -11.76 -22.60 -10.68
N GLY D 232 -11.09 -22.01 -11.65
CA GLY D 232 -11.76 -21.15 -12.62
C GLY D 232 -12.03 -19.77 -12.06
N ALA D 233 -12.17 -18.79 -12.95
CA ALA D 233 -12.47 -17.42 -12.53
C ALA D 233 -13.97 -17.17 -12.52
N HIS D 234 -14.42 -16.40 -11.54
CA HIS D 234 -15.84 -16.05 -11.42
C HIS D 234 -16.25 -15.17 -12.59
N GLY D 235 -15.33 -14.36 -13.07
CA GLY D 235 -15.58 -13.49 -14.19
C GLY D 235 -14.42 -13.43 -15.16
N VAL D 236 -14.72 -13.11 -16.41
CA VAL D 236 -13.68 -12.94 -17.43
C VAL D 236 -13.99 -11.71 -18.27
N LEU D 237 -13.05 -10.79 -18.34
CA LEU D 237 -13.18 -9.62 -19.20
C LEU D 237 -12.32 -9.79 -20.44
N VAL D 238 -12.98 -9.93 -21.59
CA VAL D 238 -12.28 -10.11 -22.85
C VAL D 238 -12.14 -8.77 -23.58
N THR D 239 -10.96 -8.17 -23.49
CA THR D 239 -10.71 -6.85 -24.05
C THR D 239 -10.25 -6.92 -25.50
N ALA D 240 -9.64 -8.04 -25.88
CA ALA D 240 -9.28 -8.29 -27.26
C ALA D 240 -10.10 -9.48 -27.76
N VAL D 241 -11.23 -9.20 -28.39
CA VAL D 241 -12.19 -10.23 -28.75
C VAL D 241 -11.87 -10.95 -30.06
N SER D 242 -11.03 -11.96 -29.97
CA SER D 242 -10.73 -12.84 -31.08
C SER D 242 -11.36 -14.20 -30.80
N PRO D 243 -11.59 -15.00 -31.83
CA PRO D 243 -12.22 -16.32 -31.63
C PRO D 243 -11.50 -17.14 -30.56
N LYS D 244 -10.18 -17.14 -30.59
CA LYS D 244 -9.36 -17.86 -29.62
C LYS D 244 -9.56 -17.34 -28.20
N ALA D 245 -9.58 -16.02 -28.04
CA ALA D 245 -9.80 -15.40 -26.74
C ALA D 245 -11.20 -15.76 -26.24
N PHE D 246 -12.16 -15.78 -27.16
CA PHE D 246 -13.55 -16.09 -26.85
C PHE D 246 -13.68 -17.52 -26.33
N SER D 247 -13.14 -18.48 -27.09
CA SER D 247 -13.20 -19.88 -26.70
C SER D 247 -12.41 -20.17 -25.43
N GLN D 248 -11.28 -19.50 -25.25
CA GLN D 248 -10.48 -19.69 -24.05
C GLN D 248 -11.18 -19.08 -22.82
N ALA D 249 -11.91 -17.99 -23.05
CA ALA D 249 -12.70 -17.38 -22.00
C ALA D 249 -13.70 -18.38 -21.44
N ILE D 250 -14.35 -19.11 -22.34
CA ILE D 250 -15.34 -20.12 -21.97
C ILE D 250 -14.72 -21.25 -21.15
N GLY D 251 -13.43 -21.52 -21.39
CA GLY D 251 -12.73 -22.57 -20.68
C GLY D 251 -12.16 -22.12 -19.35
N MET D 252 -11.93 -20.81 -19.21
CA MET D 252 -11.30 -20.27 -18.01
C MET D 252 -12.30 -19.96 -16.90
N VAL D 253 -13.50 -19.56 -17.28
CA VAL D 253 -14.55 -19.21 -16.32
C VAL D 253 -15.01 -20.44 -15.55
N ARG D 254 -15.30 -20.28 -14.26
CA ARG D 254 -15.83 -21.38 -13.48
C ARG D 254 -17.34 -21.49 -13.74
N ARG D 255 -17.91 -22.65 -13.42
CA ARG D 255 -19.34 -22.85 -13.65
C ARG D 255 -20.14 -21.72 -13.02
N GLY D 256 -21.13 -21.23 -13.74
CA GLY D 256 -21.97 -20.14 -13.24
C GLY D 256 -21.36 -18.77 -13.45
N GLY D 257 -20.11 -18.73 -13.92
CA GLY D 257 -19.40 -17.48 -14.13
C GLY D 257 -19.92 -16.64 -15.27
N THR D 258 -19.37 -15.44 -15.41
CA THR D 258 -19.82 -14.51 -16.46
C THR D 258 -18.66 -13.98 -17.29
N ILE D 259 -18.84 -14.02 -18.61
CA ILE D 259 -17.84 -13.50 -19.54
C ILE D 259 -18.35 -12.23 -20.21
N ALA D 260 -17.61 -11.14 -20.03
CA ALA D 260 -17.97 -9.86 -20.62
C ALA D 260 -17.07 -9.54 -21.81
N LEU D 261 -17.69 -9.29 -22.95
CA LEU D 261 -16.95 -9.00 -24.18
C LEU D 261 -16.87 -7.49 -24.42
N ASN D 262 -15.64 -6.99 -24.51
CA ASN D 262 -15.41 -5.54 -24.59
C ASN D 262 -15.09 -5.01 -25.99
N GLY D 263 -14.97 -5.90 -26.96
CA GLY D 263 -14.56 -5.51 -28.31
C GLY D 263 -15.60 -5.70 -29.40
N LEU D 264 -15.38 -5.07 -30.54
CA LEU D 264 -16.28 -5.16 -31.68
C LEU D 264 -15.58 -5.81 -32.87
N PRO D 265 -15.52 -7.15 -32.87
CA PRO D 265 -14.85 -7.90 -33.92
C PRO D 265 -15.80 -8.21 -35.08
N PRO D 266 -15.24 -8.52 -36.26
CA PRO D 266 -16.06 -8.89 -37.41
C PRO D 266 -16.42 -10.37 -37.40
N GLY D 267 -17.57 -10.70 -37.96
CA GLY D 267 -17.95 -12.10 -38.19
C GLY D 267 -18.57 -12.85 -37.03
N ASP D 268 -19.15 -14.00 -37.35
CA ASP D 268 -19.75 -14.89 -36.37
C ASP D 268 -18.70 -15.73 -35.65
N PHE D 269 -18.88 -15.91 -34.34
CA PHE D 269 -18.00 -16.77 -33.56
C PHE D 269 -18.71 -18.09 -33.24
N GLY D 270 -17.96 -19.18 -33.26
CA GLY D 270 -18.51 -20.48 -32.89
C GLY D 270 -18.66 -20.61 -31.39
N THR D 271 -19.90 -20.67 -30.93
CA THR D 271 -20.17 -20.81 -29.50
C THR D 271 -20.56 -22.24 -29.14
N PRO D 272 -19.76 -22.88 -28.28
CA PRO D 272 -20.00 -24.27 -27.85
C PRO D 272 -21.25 -24.41 -26.99
N ILE D 273 -22.32 -24.94 -27.58
CA ILE D 273 -23.59 -25.12 -26.88
C ILE D 273 -23.46 -25.95 -25.61
N PHE D 274 -22.85 -27.13 -25.73
CA PHE D 274 -22.74 -28.06 -24.60
C PHE D 274 -22.07 -27.43 -23.39
N ASP D 275 -20.92 -26.80 -23.59
CA ASP D 275 -20.16 -26.20 -22.49
C ASP D 275 -20.92 -25.03 -21.85
N VAL D 276 -21.51 -24.18 -22.68
CA VAL D 276 -22.22 -23.01 -22.19
C VAL D 276 -23.45 -23.38 -21.34
N VAL D 277 -24.21 -24.35 -21.83
CA VAL D 277 -25.42 -24.80 -21.12
C VAL D 277 -25.08 -25.59 -19.85
N LEU D 278 -24.30 -26.66 -20.02
CA LEU D 278 -23.95 -27.51 -18.89
C LEU D 278 -23.25 -26.77 -17.76
N LYS D 279 -22.41 -25.80 -18.12
CA LYS D 279 -21.66 -25.03 -17.13
C LYS D 279 -22.41 -23.79 -16.65
N GLY D 280 -23.61 -23.58 -17.20
CA GLY D 280 -24.43 -22.45 -16.81
C GLY D 280 -23.69 -21.13 -16.96
N ILE D 281 -23.05 -20.95 -18.12
CA ILE D 281 -22.19 -19.80 -18.34
C ILE D 281 -22.93 -18.62 -18.98
N THR D 282 -22.60 -17.42 -18.52
CA THR D 282 -23.17 -16.21 -19.09
C THR D 282 -22.17 -15.51 -19.99
N ILE D 283 -22.60 -15.20 -21.22
CA ILE D 283 -21.80 -14.40 -22.14
C ILE D 283 -22.51 -13.08 -22.38
N ARG D 284 -21.77 -11.98 -22.27
CA ARG D 284 -22.40 -10.67 -22.17
C ARG D 284 -21.61 -9.58 -22.91
N GLY D 285 -22.28 -8.90 -23.83
CA GLY D 285 -21.68 -7.81 -24.57
C GLY D 285 -21.73 -6.50 -23.82
N SER D 286 -20.60 -5.79 -23.80
CA SER D 286 -20.52 -4.53 -23.09
C SER D 286 -19.43 -3.61 -23.66
N ILE D 287 -19.84 -2.44 -24.11
CA ILE D 287 -18.88 -1.42 -24.53
C ILE D 287 -19.33 -0.04 -24.04
N VAL D 288 -18.37 0.82 -23.73
CA VAL D 288 -18.62 2.10 -23.05
C VAL D 288 -19.63 1.94 -21.92
N GLY D 289 -20.40 2.99 -21.66
CA GLY D 289 -21.38 2.95 -20.58
C GLY D 289 -22.24 4.19 -20.50
N THR D 290 -23.20 4.16 -19.59
CA THR D 290 -24.11 5.27 -19.39
C THR D 290 -23.38 6.47 -18.81
N ARG D 291 -24.09 7.57 -18.67
CA ARG D 291 -23.55 8.77 -18.04
C ARG D 291 -23.16 8.48 -16.59
N SER D 292 -23.95 7.65 -15.94
CA SER D 292 -23.68 7.26 -14.57
C SER D 292 -22.40 6.42 -14.49
N ASP D 293 -22.25 5.48 -15.42
CA ASP D 293 -21.05 4.65 -15.49
C ASP D 293 -19.81 5.50 -15.68
N LEU D 294 -19.89 6.46 -16.61
CA LEU D 294 -18.77 7.34 -16.92
C LEU D 294 -18.32 8.13 -15.70
N GLN D 295 -19.28 8.70 -14.97
CA GLN D 295 -18.98 9.50 -13.79
C GLN D 295 -18.33 8.67 -12.68
N GLU D 296 -18.83 7.45 -12.49
CA GLU D 296 -18.23 6.52 -11.55
C GLU D 296 -16.81 6.14 -11.96
N SER D 297 -16.62 5.88 -13.26
CA SER D 297 -15.31 5.53 -13.77
C SER D 297 -14.34 6.69 -13.66
N LEU D 298 -14.85 7.91 -13.73
CA LEU D 298 -14.02 9.09 -13.62
C LEU D 298 -13.54 9.29 -12.19
N ASP D 299 -14.35 8.87 -11.23
CA ASP D 299 -14.02 9.02 -9.82
C ASP D 299 -12.80 8.18 -9.41
N PHE D 300 -12.70 6.98 -9.99
CA PHE D 300 -11.56 6.11 -9.74
C PHE D 300 -10.26 6.77 -10.18
N ALA D 301 -10.30 7.48 -11.31
CA ALA D 301 -9.12 8.18 -11.80
C ALA D 301 -8.80 9.37 -10.90
N ALA D 302 -9.84 10.03 -10.39
CA ALA D 302 -9.68 11.19 -9.53
C ALA D 302 -9.02 10.83 -8.21
N HIS D 303 -9.19 9.58 -7.78
CA HIS D 303 -8.70 9.15 -6.48
C HIS D 303 -7.33 8.48 -6.55
N GLY D 304 -6.78 8.35 -7.76
CA GLY D 304 -5.46 7.80 -7.96
C GLY D 304 -5.44 6.29 -8.11
N ASP D 305 -6.63 5.69 -8.21
CA ASP D 305 -6.74 4.25 -8.34
C ASP D 305 -6.45 3.78 -9.76
N VAL D 306 -6.68 4.65 -10.73
CA VAL D 306 -6.53 4.28 -12.13
C VAL D 306 -5.77 5.34 -12.93
N LYS D 307 -4.76 4.90 -13.67
CA LYS D 307 -3.98 5.80 -14.53
C LYS D 307 -3.64 5.10 -15.84
N ALA D 308 -4.16 5.66 -16.93
CA ALA D 308 -3.87 5.11 -18.25
C ALA D 308 -2.44 5.44 -18.66
N THR D 309 -1.78 4.51 -19.33
CA THR D 309 -0.49 4.82 -19.91
C THR D 309 -0.74 5.69 -21.14
N VAL D 310 -0.21 6.90 -21.11
CA VAL D 310 -0.48 7.85 -22.16
C VAL D 310 0.79 8.48 -22.71
N SER D 311 0.82 8.67 -24.03
CA SER D 311 1.81 9.52 -24.66
C SER D 311 1.07 10.45 -25.62
N THR D 312 1.66 11.60 -25.91
CA THR D 312 0.97 12.62 -26.67
C THR D 312 1.43 12.74 -28.11
N ALA D 313 0.61 13.39 -28.93
CA ALA D 313 0.94 13.66 -30.31
C ALA D 313 0.23 14.94 -30.75
N LYS D 314 0.65 15.51 -31.87
CA LYS D 314 0.04 16.72 -32.38
C LYS D 314 -1.00 16.40 -33.44
N LEU D 315 -1.98 17.28 -33.57
CA LEU D 315 -3.08 17.10 -34.51
C LEU D 315 -2.57 16.87 -35.93
N ASP D 316 -1.58 17.65 -36.31
CA ASP D 316 -0.97 17.56 -37.64
C ASP D 316 -0.43 16.17 -37.94
N ASP D 317 -0.01 15.45 -36.90
CA ASP D 317 0.62 14.14 -37.06
C ASP D 317 -0.35 12.97 -36.85
N VAL D 318 -1.65 13.22 -36.92
CA VAL D 318 -2.64 12.19 -36.63
C VAL D 318 -2.53 10.97 -37.55
N ASN D 319 -2.28 11.20 -38.83
CA ASN D 319 -2.10 10.11 -39.78
C ASN D 319 -0.96 9.17 -39.36
N ASP D 320 0.12 9.74 -38.86
CA ASP D 320 1.24 8.96 -38.36
C ASP D 320 0.84 8.17 -37.10
N VAL D 321 0.06 8.81 -36.22
CA VAL D 321 -0.48 8.12 -35.06
C VAL D 321 -1.33 6.94 -35.52
N PHE D 322 -2.18 7.17 -36.51
CA PHE D 322 -2.97 6.11 -37.11
C PHE D 322 -2.09 4.97 -37.61
N GLY D 323 -0.98 5.33 -38.24
CA GLY D 323 -0.04 4.34 -38.74
C GLY D 323 0.38 3.40 -37.63
N ARG D 324 0.94 3.96 -36.58
CA ARG D 324 1.40 3.17 -35.44
C ARG D 324 0.28 2.28 -34.89
N LEU D 325 -0.88 2.88 -34.65
CA LEU D 325 -2.06 2.13 -34.23
C LEU D 325 -2.29 0.91 -35.11
N ARG D 326 -2.46 1.15 -36.41
CA ARG D 326 -2.71 0.08 -37.37
C ARG D 326 -1.70 -1.07 -37.26
N GLU D 327 -0.43 -0.73 -37.09
CA GLU D 327 0.62 -1.74 -37.04
C GLU D 327 0.74 -2.39 -35.67
N GLY D 328 -0.02 -1.90 -34.71
CA GLY D 328 0.01 -2.43 -33.36
C GLY D 328 1.25 -1.97 -32.61
N LYS D 329 1.76 -0.81 -33.00
CA LYS D 329 2.97 -0.25 -32.40
C LYS D 329 2.65 0.56 -31.15
N VAL D 330 1.37 0.72 -30.85
CA VAL D 330 0.96 1.60 -29.76
C VAL D 330 0.80 0.88 -28.42
N GLU D 331 1.63 1.26 -27.45
CA GLU D 331 1.51 0.80 -26.08
C GLU D 331 0.74 1.83 -25.27
N GLY D 332 -0.29 1.40 -24.55
CA GLY D 332 -1.14 2.30 -23.81
C GLY D 332 -2.07 3.05 -24.76
N ARG D 333 -2.24 4.34 -24.51
CA ARG D 333 -3.11 5.18 -25.34
C ARG D 333 -2.37 6.42 -25.85
N VAL D 334 -2.69 6.82 -27.08
CA VAL D 334 -2.17 8.07 -27.61
C VAL D 334 -3.21 9.18 -27.51
N VAL D 335 -2.79 10.33 -27.01
CA VAL D 335 -3.70 11.45 -26.83
C VAL D 335 -3.16 12.70 -27.53
N LEU D 336 -3.97 13.27 -28.41
CA LEU D 336 -3.60 14.51 -29.08
C LEU D 336 -3.59 15.65 -28.08
N ASP D 337 -2.49 16.41 -28.06
CA ASP D 337 -2.36 17.52 -27.12
C ASP D 337 -2.57 18.85 -27.84
N PHE D 338 -3.64 19.55 -27.47
CA PHE D 338 -3.99 20.81 -28.11
C PHE D 338 -3.50 22.01 -27.30
N SER D 339 -2.86 21.74 -26.16
CA SER D 339 -2.45 22.81 -25.25
C SER D 339 -1.26 23.60 -25.76
N ARG D 340 -1.21 24.88 -25.42
CA ARG D 340 -0.12 25.74 -25.82
C ARG D 340 1.21 25.24 -25.28
N ALA E 1 38.38 58.99 1.93
CA ALA E 1 37.38 58.82 0.89
C ALA E 1 37.96 58.11 -0.33
N MET E 2 39.28 58.20 -0.49
CA MET E 2 39.95 57.55 -1.61
C MET E 2 40.99 56.54 -1.15
N MET E 3 41.22 55.52 -1.98
CA MET E 3 42.16 54.45 -1.64
C MET E 3 42.90 53.95 -2.87
N LYS E 4 44.04 53.32 -2.63
CA LYS E 4 44.79 52.66 -3.69
C LYS E 4 44.20 51.28 -3.91
N ALA E 5 44.08 50.86 -5.16
CA ALA E 5 43.51 49.55 -5.46
C ALA E 5 43.91 49.06 -6.84
N ALA E 6 44.10 47.76 -6.97
CA ALA E 6 44.39 47.13 -8.25
C ALA E 6 43.07 46.69 -8.87
N VAL E 7 42.71 47.30 -9.99
CA VAL E 7 41.40 47.08 -10.59
C VAL E 7 41.45 46.34 -11.93
N VAL E 8 40.60 45.34 -12.08
CA VAL E 8 40.37 44.73 -13.38
C VAL E 8 39.29 45.55 -14.08
N ARG E 9 39.67 46.28 -15.13
CA ARG E 9 38.71 47.11 -15.86
C ARG E 9 38.33 46.53 -17.21
N ALA E 10 39.15 45.62 -17.71
CA ALA E 10 38.83 44.86 -18.91
C ALA E 10 39.58 43.54 -18.88
N PHE E 11 38.86 42.45 -19.07
CA PHE E 11 39.45 41.11 -18.99
C PHE E 11 40.66 40.96 -19.90
N GLY E 12 41.66 40.23 -19.42
CA GLY E 12 42.84 39.91 -20.21
C GLY E 12 43.90 41.00 -20.25
N ALA E 13 43.57 42.17 -19.71
CA ALA E 13 44.50 43.29 -19.72
C ALA E 13 45.08 43.54 -18.33
N PRO E 14 46.30 44.10 -18.26
CA PRO E 14 46.93 44.38 -16.97
C PRO E 14 45.96 45.07 -16.03
N LEU E 15 46.05 44.75 -14.74
CA LEU E 15 45.28 45.47 -13.74
C LEU E 15 45.85 46.88 -13.65
N THR E 16 45.01 47.85 -13.31
CA THR E 16 45.48 49.21 -13.14
C THR E 16 45.46 49.60 -11.67
N ILE E 17 46.50 50.30 -11.24
CA ILE E 17 46.59 50.76 -9.87
C ILE E 17 46.02 52.17 -9.78
N ASP E 18 44.78 52.27 -9.31
CA ASP E 18 44.06 53.54 -9.28
C ASP E 18 43.76 53.97 -7.86
N GLU E 19 43.44 55.25 -7.70
CA GLU E 19 42.78 55.73 -6.49
C GLU E 19 41.28 55.66 -6.77
N VAL E 20 40.57 54.97 -5.91
CA VAL E 20 39.12 54.80 -6.05
C VAL E 20 38.48 55.07 -4.69
N PRO E 21 37.15 55.26 -4.67
CA PRO E 21 36.49 55.55 -3.39
C PRO E 21 36.66 54.43 -2.36
N VAL E 22 36.67 54.80 -1.09
CA VAL E 22 36.69 53.82 -0.01
C VAL E 22 35.27 53.31 0.20
N PRO E 23 35.08 51.98 0.15
CA PRO E 23 33.74 51.44 0.36
C PRO E 23 33.32 51.62 1.81
N GLN E 24 32.13 52.16 2.03
CA GLN E 24 31.60 52.35 3.37
C GLN E 24 30.61 51.25 3.71
N PRO E 25 30.64 50.77 4.96
CA PRO E 25 29.72 49.71 5.37
C PRO E 25 28.35 50.25 5.76
N GLY E 26 27.30 49.58 5.30
CA GLY E 26 25.95 49.88 5.73
C GLY E 26 25.56 48.86 6.78
N PRO E 27 24.28 48.85 7.17
CA PRO E 27 23.79 47.91 8.18
C PRO E 27 24.25 46.47 7.90
N GLY E 28 24.67 45.77 8.95
CA GLY E 28 25.06 44.38 8.81
C GLY E 28 26.37 44.19 8.05
N GLN E 29 27.09 45.29 7.84
CA GLN E 29 28.37 45.21 7.13
C GLN E 29 29.51 45.74 7.99
N VAL E 30 30.73 45.34 7.66
CA VAL E 30 31.91 45.91 8.28
C VAL E 30 32.93 46.33 7.23
N GLN E 31 33.80 47.26 7.60
CA GLN E 31 34.88 47.69 6.73
C GLN E 31 36.18 47.14 7.29
N VAL E 32 37.02 46.60 6.42
CA VAL E 32 38.31 46.04 6.85
C VAL E 32 39.46 46.80 6.20
N LYS E 33 40.44 47.20 7.02
CA LYS E 33 41.65 47.81 6.49
C LYS E 33 42.70 46.73 6.27
N ILE E 34 43.02 46.50 5.00
CA ILE E 34 43.91 45.40 4.61
C ILE E 34 45.36 45.63 5.02
N GLU E 35 45.96 44.61 5.61
CA GLU E 35 47.37 44.65 6.01
C GLU E 35 48.18 43.77 5.07
N ALA E 36 47.54 42.73 4.56
CA ALA E 36 48.15 41.81 3.62
C ALA E 36 47.07 41.14 2.79
N SER E 37 47.42 40.70 1.59
CA SER E 37 46.44 40.13 0.68
C SER E 37 47.08 39.08 -0.23
N GLY E 38 46.77 37.81 0.03
CA GLY E 38 47.33 36.71 -0.73
C GLY E 38 46.87 36.67 -2.17
N VAL E 39 47.77 36.26 -3.06
CA VAL E 39 47.42 36.10 -4.47
C VAL E 39 47.11 34.65 -4.79
N CYS E 40 45.85 34.36 -5.11
CA CYS E 40 45.46 33.01 -5.46
C CYS E 40 45.45 32.83 -6.97
N HIS E 41 45.76 31.62 -7.43
CA HIS E 41 45.80 31.33 -8.85
C HIS E 41 44.44 31.66 -9.46
N THR E 42 43.39 31.49 -8.67
CA THR E 42 42.04 31.82 -9.11
C THR E 42 41.95 33.25 -9.61
N ASP E 43 42.73 34.13 -9.00
CA ASP E 43 42.71 35.55 -9.34
C ASP E 43 43.11 35.78 -10.78
N LEU E 44 44.01 34.93 -11.30
CA LEU E 44 44.41 35.02 -12.71
C LEU E 44 43.20 34.89 -13.62
N HIS E 45 42.28 34.02 -13.25
CA HIS E 45 41.10 33.74 -14.08
C HIS E 45 40.00 34.78 -13.87
N ALA E 46 39.92 35.34 -12.67
CA ALA E 46 39.04 36.46 -12.42
C ALA E 46 39.42 37.59 -13.38
N ALA E 47 40.73 37.75 -13.58
CA ALA E 47 41.28 38.80 -14.43
C ALA E 47 41.18 38.47 -15.92
N ASP E 48 41.40 37.21 -16.28
CA ASP E 48 41.30 36.78 -17.67
C ASP E 48 39.85 36.86 -18.14
N GLY E 49 38.93 36.72 -17.18
CA GLY E 49 37.51 36.66 -17.48
C GLY E 49 37.21 35.45 -18.33
N ASP E 50 37.82 34.32 -17.98
CA ASP E 50 37.76 33.13 -18.82
C ASP E 50 37.24 31.88 -18.12
N TRP E 51 36.28 32.07 -17.21
CA TRP E 51 35.53 30.95 -16.63
C TRP E 51 34.10 30.99 -17.14
N PRO E 52 33.39 29.85 -17.07
CA PRO E 52 31.98 29.77 -17.47
C PRO E 52 31.16 30.96 -16.99
N VAL E 53 31.37 31.37 -15.74
CA VAL E 53 30.70 32.55 -15.20
C VAL E 53 31.73 33.61 -14.84
N LYS E 54 31.56 34.82 -15.36
CA LYS E 54 32.57 35.87 -15.26
C LYS E 54 32.24 36.91 -14.19
N PRO E 55 33.28 37.60 -13.70
CA PRO E 55 33.07 38.75 -12.81
C PRO E 55 32.41 39.89 -13.57
N THR E 56 31.88 40.88 -12.86
CA THR E 56 31.33 42.06 -13.50
C THR E 56 32.34 43.20 -13.45
N LEU E 57 32.58 43.83 -14.60
CA LEU E 57 33.57 44.89 -14.68
C LEU E 57 32.97 46.24 -14.30
N PRO E 58 33.78 47.10 -13.68
CA PRO E 58 35.14 46.76 -13.21
C PRO E 58 35.08 46.14 -11.83
N PHE E 59 36.13 45.43 -11.43
CA PHE E 59 36.14 44.83 -10.11
C PHE E 59 37.54 44.66 -9.53
N ILE E 60 37.63 44.69 -8.20
CA ILE E 60 38.88 44.48 -7.49
C ILE E 60 38.95 43.02 -7.02
N PRO E 61 39.98 42.29 -7.45
CA PRO E 61 40.12 40.90 -7.05
C PRO E 61 40.69 40.76 -5.63
N GLY E 62 40.84 39.52 -5.16
CA GLY E 62 41.48 39.25 -3.89
C GLY E 62 40.57 38.67 -2.83
N HIS E 63 40.75 37.38 -2.52
CA HIS E 63 39.98 36.73 -1.47
C HIS E 63 40.86 36.08 -0.41
N GLU E 64 42.06 36.64 -0.23
CA GLU E 64 42.93 36.26 0.87
C GLU E 64 43.37 37.51 1.60
N GLY E 65 42.48 38.50 1.61
CA GLY E 65 42.76 39.77 2.26
C GLY E 65 42.56 39.67 3.77
N VAL E 66 43.57 40.13 4.51
CA VAL E 66 43.52 40.10 5.96
C VAL E 66 43.90 41.46 6.54
N GLY E 67 43.25 41.83 7.64
CA GLY E 67 43.53 43.10 8.29
C GLY E 67 42.68 43.34 9.52
N TYR E 68 42.51 44.61 9.87
CA TYR E 68 41.71 44.99 11.04
C TYR E 68 40.36 45.57 10.64
N VAL E 69 39.34 45.28 11.45
CA VAL E 69 38.04 45.93 11.27
C VAL E 69 38.20 47.41 11.56
N SER E 70 37.91 48.24 10.57
CA SER E 70 38.15 49.67 10.68
C SER E 70 36.87 50.47 10.87
N ALA E 71 35.73 49.83 10.62
CA ALA E 71 34.43 50.47 10.78
C ALA E 71 33.32 49.42 10.81
N VAL E 72 32.27 49.71 11.58
CA VAL E 72 31.20 48.74 11.78
C VAL E 72 29.81 49.32 11.52
N GLY E 73 29.06 48.65 10.65
CA GLY E 73 27.69 49.04 10.39
C GLY E 73 26.78 48.64 11.53
N SER E 74 25.50 49.00 11.42
CA SER E 74 24.54 48.71 12.47
C SER E 74 24.12 47.25 12.50
N GLY E 75 23.80 46.76 13.69
CA GLY E 75 23.31 45.39 13.83
C GLY E 75 24.36 44.32 13.65
N VAL E 76 25.63 44.67 13.88
CA VAL E 76 26.72 43.71 13.81
C VAL E 76 27.17 43.32 15.21
N SER E 77 27.14 42.03 15.51
CA SER E 77 27.48 41.56 16.86
C SER E 77 28.73 40.68 16.88
N ARG E 78 28.98 39.97 15.79
CA ARG E 78 30.04 38.97 15.73
C ARG E 78 31.45 39.54 15.89
N VAL E 79 31.65 40.77 15.42
CA VAL E 79 32.96 41.39 15.49
C VAL E 79 32.87 42.88 15.82
N LYS E 80 33.97 43.46 16.30
CA LYS E 80 34.01 44.88 16.62
C LYS E 80 35.24 45.53 15.98
N GLU E 81 35.33 46.85 16.06
CA GLU E 81 36.47 47.57 15.49
C GLU E 81 37.74 47.14 16.19
N GLY E 82 38.81 46.95 15.42
CA GLY E 82 40.08 46.51 15.97
C GLY E 82 40.24 45.00 15.85
N ASP E 83 39.13 44.32 15.60
CA ASP E 83 39.16 42.87 15.43
C ASP E 83 40.00 42.44 14.23
N ARG E 84 40.74 41.36 14.40
CA ARG E 84 41.64 40.84 13.39
C ARG E 84 40.89 39.87 12.49
N VAL E 85 40.66 40.25 11.24
CA VAL E 85 39.80 39.44 10.38
C VAL E 85 40.32 39.27 8.96
N GLY E 86 39.71 38.31 8.25
CA GLY E 86 40.04 38.05 6.85
C GLY E 86 38.78 37.83 6.03
N VAL E 87 38.85 38.14 4.74
CA VAL E 87 37.69 38.03 3.86
C VAL E 87 37.90 36.99 2.77
N PRO E 88 37.37 35.78 2.96
CA PRO E 88 37.61 34.63 2.09
C PRO E 88 36.72 34.58 0.87
N TRP E 89 36.97 33.61 0.00
CA TRP E 89 36.18 33.39 -1.21
C TRP E 89 34.69 33.44 -0.93
N LEU E 90 34.27 32.77 0.14
CA LEU E 90 32.86 32.75 0.52
C LEU E 90 32.49 34.04 1.25
N TYR E 91 32.17 35.06 0.49
CA TYR E 91 31.81 36.36 1.04
C TYR E 91 30.56 36.28 1.91
N SER E 92 29.56 35.56 1.42
CA SER E 92 28.30 35.44 2.12
C SER E 92 27.53 34.23 1.63
N ALA E 93 26.64 33.72 2.47
CA ALA E 93 25.68 32.69 2.09
C ALA E 93 24.32 33.12 2.64
N CYS E 94 23.25 32.48 2.17
CA CYS E 94 21.91 32.91 2.56
C CYS E 94 21.55 32.52 4.00
N GLY E 95 22.08 31.38 4.45
CA GLY E 95 21.94 30.99 5.85
C GLY E 95 20.78 30.06 6.17
N TYR E 96 19.89 29.84 5.22
CA TYR E 96 18.69 29.04 5.50
C TYR E 96 18.28 28.07 4.40
N CYS E 97 19.01 28.04 3.28
CA CYS E 97 18.73 27.03 2.27
C CYS E 97 19.09 25.66 2.82
N GLU E 98 18.77 24.61 2.07
CA GLU E 98 19.06 23.25 2.50
C GLU E 98 20.54 23.05 2.83
N HIS E 99 21.41 23.58 1.96
CA HIS E 99 22.85 23.46 2.15
C HIS E 99 23.31 24.19 3.41
N CYS E 100 22.90 25.45 3.54
CA CYS E 100 23.30 26.26 4.69
C CYS E 100 22.86 25.66 6.01
N LEU E 101 21.62 25.20 6.05
CA LEU E 101 21.10 24.56 7.25
C LEU E 101 21.91 23.32 7.63
N GLN E 102 22.50 22.66 6.63
CA GLN E 102 23.27 21.44 6.87
C GLN E 102 24.74 21.72 7.15
N GLY E 103 25.09 23.00 7.28
CA GLY E 103 26.48 23.36 7.52
C GLY E 103 27.33 23.17 6.28
N TRP E 104 26.70 23.28 5.12
CA TRP E 104 27.39 23.21 3.83
C TRP E 104 27.22 24.50 3.06
N GLU E 105 27.47 25.62 3.72
CA GLU E 105 27.25 26.93 3.11
C GLU E 105 28.08 27.14 1.84
N THR E 106 29.17 26.40 1.71
CA THR E 106 30.00 26.49 0.51
C THR E 106 29.23 26.06 -0.73
N LEU E 107 28.08 25.43 -0.51
CA LEU E 107 27.25 24.95 -1.61
C LEU E 107 26.06 25.87 -1.86
N CYS E 108 25.93 26.93 -1.07
CA CYS E 108 24.81 27.84 -1.20
C CYS E 108 24.76 28.48 -2.58
N GLU E 109 23.61 28.36 -3.25
CA GLU E 109 23.45 28.86 -4.60
C GLU E 109 23.24 30.38 -4.63
N LYS E 110 22.97 30.96 -3.45
CA LYS E 110 22.81 32.41 -3.35
C LYS E 110 24.08 33.08 -2.83
N GLN E 111 25.19 32.34 -2.84
CA GLN E 111 26.43 32.84 -2.27
C GLN E 111 27.07 33.95 -3.10
N GLN E 112 27.85 34.80 -2.43
CA GLN E 112 28.65 35.81 -3.12
C GLN E 112 30.12 35.46 -2.94
N ASN E 113 30.95 35.80 -3.92
CA ASN E 113 32.36 35.44 -3.87
C ASN E 113 33.30 36.64 -3.91
N THR E 114 34.13 36.76 -2.89
CA THR E 114 35.03 37.89 -2.74
C THR E 114 36.04 37.98 -3.88
N GLY E 115 36.21 39.17 -4.41
CA GLY E 115 37.16 39.38 -5.49
C GLY E 115 36.70 38.71 -6.78
N TYR E 116 35.39 38.55 -6.93
CA TYR E 116 34.83 37.96 -8.14
C TYR E 116 33.47 38.56 -8.47
N SER E 117 32.47 38.29 -7.64
CA SER E 117 31.14 38.86 -7.83
C SER E 117 30.98 40.14 -7.01
N VAL E 118 31.84 40.30 -6.01
CA VAL E 118 31.94 41.55 -5.27
C VAL E 118 33.41 41.92 -5.16
N ASN E 119 33.69 43.18 -4.84
CA ASN E 119 35.07 43.64 -4.71
C ASN E 119 35.83 42.94 -3.58
N GLY E 120 37.14 42.76 -3.78
CA GLY E 120 37.96 42.00 -2.86
C GLY E 120 39.07 42.79 -2.19
N GLY E 121 40.15 42.10 -1.83
CA GLY E 121 41.20 42.67 -0.99
C GLY E 121 42.45 43.20 -1.68
N TYR E 122 42.41 43.36 -2.99
CA TYR E 122 43.49 44.03 -3.71
C TYR E 122 43.33 45.55 -3.57
N GLY E 123 43.08 45.99 -2.35
CA GLY E 123 42.88 47.40 -2.07
C GLY E 123 43.03 47.70 -0.59
N GLU E 124 43.25 48.97 -0.26
CA GLU E 124 43.51 49.36 1.13
C GLU E 124 42.35 49.03 2.06
N TYR E 125 41.13 49.10 1.55
CA TYR E 125 39.95 48.73 2.33
C TYR E 125 39.03 47.83 1.51
N VAL E 126 38.23 47.03 2.21
CA VAL E 126 37.20 46.23 1.57
C VAL E 126 36.01 46.08 2.53
N VAL E 127 34.80 46.12 1.98
CA VAL E 127 33.61 45.90 2.78
C VAL E 127 33.30 44.41 2.81
N ALA E 128 32.90 43.92 3.98
CA ALA E 128 32.65 42.49 4.13
C ALA E 128 31.40 42.21 4.96
N ASP E 129 30.89 40.99 4.80
CA ASP E 129 29.82 40.49 5.65
C ASP E 129 30.47 39.85 6.86
N PRO E 130 30.27 40.43 8.05
CA PRO E 130 30.99 39.95 9.23
C PRO E 130 30.59 38.53 9.63
N ASN E 131 29.47 38.06 9.09
CA ASN E 131 29.00 36.70 9.40
C ASN E 131 29.80 35.62 8.68
N TYR E 132 30.71 36.01 7.80
CA TYR E 132 31.45 35.02 7.01
C TYR E 132 32.95 35.29 6.92
N VAL E 133 33.42 36.34 7.57
CA VAL E 133 34.84 36.62 7.63
C VAL E 133 35.52 35.58 8.53
N GLY E 134 36.82 35.42 8.36
CA GLY E 134 37.60 34.56 9.24
C GLY E 134 38.06 35.35 10.44
N LEU E 135 37.91 34.76 11.62
CA LEU E 135 38.40 35.37 12.85
C LEU E 135 39.83 34.90 13.11
N LEU E 136 40.79 35.80 12.92
CA LEU E 136 42.20 35.44 12.91
C LEU E 136 42.81 35.38 14.30
N PRO E 137 43.82 34.51 14.48
CA PRO E 137 44.54 34.39 15.75
C PRO E 137 45.58 35.50 15.89
N ASP E 138 45.74 36.03 17.09
CA ASP E 138 46.66 37.12 17.33
C ASP E 138 48.11 36.70 17.09
N LYS E 139 48.39 35.42 17.27
CA LYS E 139 49.77 34.92 17.26
C LYS E 139 50.40 34.84 15.88
N VAL E 140 49.59 34.79 14.83
CA VAL E 140 50.12 34.72 13.48
C VAL E 140 50.01 36.08 12.78
N GLY E 141 51.11 36.52 12.18
CA GLY E 141 51.15 37.78 11.45
C GLY E 141 50.26 37.73 10.22
N PHE E 142 49.93 38.91 9.70
CA PHE E 142 49.04 39.01 8.55
C PHE E 142 49.62 38.35 7.29
N VAL E 143 50.88 38.63 7.01
CA VAL E 143 51.53 38.08 5.82
C VAL E 143 51.52 36.55 5.81
N GLU E 144 51.78 35.95 6.98
CA GLU E 144 51.79 34.49 7.08
C GLU E 144 50.40 33.87 7.13
N ILE E 145 49.44 34.57 7.72
CA ILE E 145 48.09 34.02 7.87
C ILE E 145 47.25 34.16 6.60
N ALA E 146 47.58 35.14 5.77
CA ALA E 146 46.81 35.44 4.57
C ALA E 146 46.43 34.21 3.72
N PRO E 147 47.41 33.37 3.37
CA PRO E 147 47.13 32.21 2.51
C PRO E 147 46.16 31.20 3.12
N ILE E 148 45.97 31.23 4.43
CA ILE E 148 45.06 30.31 5.09
C ILE E 148 43.61 30.63 4.71
N LEU E 149 43.36 31.88 4.35
CA LEU E 149 42.02 32.34 4.00
C LEU E 149 41.45 31.66 2.76
N CYS E 150 42.34 31.09 1.94
CA CYS E 150 41.87 30.28 0.81
C CYS E 150 42.70 29.02 0.58
N ALA E 151 44.01 29.18 0.42
CA ALA E 151 44.88 28.04 0.20
C ALA E 151 44.78 27.05 1.35
N GLY E 152 44.76 27.58 2.58
CA GLY E 152 44.74 26.75 3.77
C GLY E 152 43.41 26.06 4.01
N VAL E 153 42.34 26.84 4.14
CA VAL E 153 41.03 26.28 4.40
C VAL E 153 40.61 25.29 3.32
N THR E 154 40.96 25.60 2.07
CA THR E 154 40.58 24.76 0.94
C THR E 154 41.18 23.35 1.03
N VAL E 155 42.50 23.27 1.18
CA VAL E 155 43.17 21.98 1.22
C VAL E 155 42.88 21.22 2.52
N TYR E 156 42.56 21.95 3.58
CA TYR E 156 42.17 21.32 4.83
C TYR E 156 40.84 20.58 4.65
N LYS E 157 39.86 21.24 4.05
CA LYS E 157 38.57 20.64 3.76
C LYS E 157 38.77 19.55 2.72
N GLY E 158 39.64 19.81 1.76
CA GLY E 158 39.93 18.85 0.72
C GLY E 158 40.44 17.55 1.29
N LEU E 159 41.34 17.64 2.26
CA LEU E 159 41.88 16.45 2.92
C LEU E 159 40.82 15.75 3.75
N LYS E 160 39.94 16.53 4.38
CA LYS E 160 38.81 15.97 5.11
C LYS E 160 38.02 15.00 4.25
N VAL E 161 37.71 15.43 3.03
CA VAL E 161 36.81 14.67 2.17
C VAL E 161 37.51 13.62 1.30
N THR E 162 38.79 13.37 1.56
CA THR E 162 39.47 12.24 0.94
C THR E 162 39.11 10.98 1.71
N ASP E 163 38.56 11.18 2.90
CA ASP E 163 38.14 10.09 3.77
C ASP E 163 39.32 9.21 4.15
N THR E 164 40.49 9.82 4.27
CA THR E 164 41.68 9.10 4.73
C THR E 164 41.77 9.16 6.26
N ARG E 165 42.57 8.27 6.84
CA ARG E 165 42.75 8.22 8.29
C ARG E 165 44.22 8.23 8.66
N PRO E 166 44.53 8.55 9.93
CA PRO E 166 45.92 8.53 10.39
C PRO E 166 46.61 7.22 10.02
N GLY E 167 47.84 7.31 9.54
CA GLY E 167 48.59 6.13 9.14
C GLY E 167 48.52 5.87 7.65
N GLN E 168 47.48 6.38 7.00
CA GLN E 168 47.27 6.12 5.59
C GLN E 168 48.03 7.09 4.68
N TRP E 169 48.17 6.71 3.41
CA TRP E 169 48.88 7.54 2.45
C TRP E 169 47.96 8.51 1.75
N VAL E 170 48.40 9.76 1.62
CA VAL E 170 47.70 10.71 0.77
C VAL E 170 48.71 11.35 -0.17
N VAL E 171 48.27 11.61 -1.39
CA VAL E 171 49.13 12.31 -2.33
C VAL E 171 48.64 13.72 -2.55
N ILE E 172 49.56 14.67 -2.51
CA ILE E 172 49.25 16.03 -2.89
C ILE E 172 49.79 16.28 -4.29
N SER E 173 48.89 16.49 -5.24
CA SER E 173 49.29 16.76 -6.60
C SER E 173 49.29 18.25 -6.88
N GLY E 174 50.47 18.78 -7.18
CA GLY E 174 50.62 20.22 -7.36
C GLY E 174 51.01 20.87 -6.04
N ILE E 175 52.30 21.15 -5.90
CA ILE E 175 52.80 21.73 -4.66
C ILE E 175 52.99 23.24 -4.84
N GLY E 176 51.88 23.95 -5.08
CA GLY E 176 51.91 25.39 -5.23
C GLY E 176 51.40 26.10 -3.99
N GLY E 177 50.62 27.15 -4.21
CA GLY E 177 50.01 27.89 -3.11
C GLY E 177 49.22 26.98 -2.18
N LEU E 178 48.30 26.22 -2.76
CA LEU E 178 47.50 25.27 -2.00
C LEU E 178 48.32 24.05 -1.61
N GLY E 179 49.03 23.48 -2.57
CA GLY E 179 49.76 22.24 -2.36
C GLY E 179 50.74 22.24 -1.21
N HIS E 180 51.50 23.32 -1.08
CA HIS E 180 52.58 23.37 -0.08
C HIS E 180 52.08 23.40 1.36
N VAL E 181 50.88 23.94 1.58
CA VAL E 181 50.27 23.90 2.91
C VAL E 181 49.47 22.61 3.10
N ALA E 182 49.01 22.03 1.98
CA ALA E 182 48.30 20.76 2.02
C ALA E 182 49.20 19.66 2.59
N VAL E 183 50.46 19.67 2.17
CA VAL E 183 51.44 18.75 2.72
C VAL E 183 51.47 18.87 4.23
N GLN E 184 51.38 20.10 4.73
CA GLN E 184 51.47 20.38 6.16
C GLN E 184 50.21 19.97 6.91
N TYR E 185 49.05 20.26 6.33
CA TYR E 185 47.79 19.85 6.93
C TYR E 185 47.71 18.33 7.00
N ALA E 186 48.15 17.67 5.93
CA ALA E 186 48.15 16.22 5.87
C ALA E 186 48.94 15.60 7.02
N ARG E 187 50.15 16.11 7.26
CA ARG E 187 50.98 15.61 8.36
C ARG E 187 50.31 15.89 9.69
N ALA E 188 49.71 17.06 9.83
CA ALA E 188 49.03 17.43 11.07
C ALA E 188 47.83 16.53 11.34
N MET E 189 47.30 15.93 10.28
CA MET E 189 46.15 15.04 10.40
C MET E 189 46.59 13.58 10.47
N GLY E 190 47.90 13.36 10.59
CA GLY E 190 48.44 12.04 10.85
C GLY E 190 48.64 11.17 9.62
N LEU E 191 48.66 11.81 8.44
CA LEU E 191 48.79 11.06 7.20
C LEU E 191 50.25 11.00 6.74
N ARG E 192 50.56 9.96 5.96
CA ARG E 192 51.84 9.88 5.29
C ARG E 192 51.70 10.54 3.93
N VAL E 193 52.66 11.38 3.56
CA VAL E 193 52.49 12.25 2.41
C VAL E 193 53.42 11.96 1.23
N ALA E 194 52.83 11.83 0.04
CA ALA E 194 53.58 11.75 -1.20
C ALA E 194 53.25 12.98 -2.04
N ALA E 195 54.24 13.50 -2.74
CA ALA E 195 54.05 14.71 -3.52
C ALA E 195 54.41 14.52 -4.98
N VAL E 196 53.57 15.05 -5.87
CA VAL E 196 53.91 15.10 -7.28
C VAL E 196 53.67 16.47 -7.88
N ASP E 197 54.61 16.87 -8.73
CA ASP E 197 54.55 18.13 -9.44
C ASP E 197 55.43 17.92 -10.67
N ILE E 198 55.65 18.99 -11.43
CA ILE E 198 56.44 18.88 -12.65
C ILE E 198 57.77 19.63 -12.53
N ASP E 199 58.17 19.94 -11.30
CA ASP E 199 59.36 20.72 -11.04
C ASP E 199 60.05 20.28 -9.75
N ASP E 200 61.32 19.90 -9.86
CA ASP E 200 62.08 19.38 -8.73
C ASP E 200 62.15 20.33 -7.55
N ALA E 201 62.29 21.63 -7.83
CA ALA E 201 62.33 22.65 -6.79
C ALA E 201 61.07 22.62 -5.94
N LYS E 202 59.93 22.40 -6.58
CA LYS E 202 58.65 22.36 -5.86
C LYS E 202 58.51 21.08 -5.05
N LEU E 203 59.04 19.97 -5.58
CA LEU E 203 59.03 18.70 -4.88
C LEU E 203 59.92 18.77 -3.64
N ASN E 204 61.06 19.45 -3.78
CA ASN E 204 61.98 19.63 -2.66
C ASN E 204 61.34 20.48 -1.56
N LEU E 205 60.49 21.42 -1.95
CA LEU E 205 59.73 22.21 -0.99
C LEU E 205 58.78 21.30 -0.22
N ALA E 206 58.16 20.36 -0.94
CA ALA E 206 57.26 19.40 -0.33
C ALA E 206 58.00 18.57 0.72
N ARG E 207 59.18 18.10 0.35
CA ARG E 207 60.00 17.28 1.23
C ARG E 207 60.35 18.01 2.53
N ARG E 208 60.79 19.26 2.40
CA ARG E 208 61.14 20.06 3.57
C ARG E 208 59.91 20.33 4.45
N LEU E 209 58.73 20.35 3.83
CA LEU E 209 57.50 20.63 4.55
C LEU E 209 56.84 19.39 5.14
N GLY E 210 57.35 18.22 4.80
CA GLY E 210 56.88 16.99 5.43
C GLY E 210 56.60 15.82 4.52
N ALA E 211 56.86 15.97 3.23
CA ALA E 211 56.64 14.89 2.29
C ALA E 211 57.67 13.78 2.45
N GLU E 212 57.20 12.54 2.59
CA GLU E 212 58.07 11.38 2.76
C GLU E 212 58.57 10.91 1.40
N VAL E 213 57.78 11.18 0.38
CA VAL E 213 58.03 10.67 -0.97
C VAL E 213 57.63 11.70 -2.02
N ALA E 214 58.35 11.73 -3.14
CA ALA E 214 58.11 12.74 -4.16
C ALA E 214 58.50 12.31 -5.58
N VAL E 215 57.64 12.63 -6.55
CA VAL E 215 57.88 12.29 -7.95
C VAL E 215 57.66 13.48 -8.88
N ASN E 216 58.53 13.61 -9.86
CA ASN E 216 58.34 14.59 -10.94
C ASN E 216 57.64 13.92 -12.12
N ALA E 217 56.44 14.40 -12.43
CA ALA E 217 55.60 13.77 -13.45
C ALA E 217 56.12 13.96 -14.87
N ARG E 218 57.01 14.93 -15.07
CA ARG E 218 57.62 15.11 -16.38
C ARG E 218 58.71 14.08 -16.62
N ASP E 219 59.19 13.47 -15.53
CA ASP E 219 60.27 12.50 -15.60
C ASP E 219 59.77 11.06 -15.74
N THR E 220 58.71 10.73 -15.00
CA THR E 220 58.10 9.41 -15.12
C THR E 220 56.58 9.47 -15.01
N ASP E 221 55.93 8.36 -15.35
CA ASP E 221 54.52 8.20 -15.06
C ASP E 221 54.38 8.13 -13.54
N PRO E 222 53.78 9.17 -12.94
CA PRO E 222 53.71 9.25 -11.48
C PRO E 222 52.76 8.22 -10.86
N ALA E 223 51.74 7.81 -11.63
CA ALA E 223 50.80 6.81 -11.16
C ALA E 223 51.52 5.47 -10.94
N ALA E 224 52.18 5.01 -11.99
CA ALA E 224 52.95 3.77 -11.93
C ALA E 224 54.04 3.84 -10.87
N TRP E 225 54.70 4.98 -10.76
CA TRP E 225 55.77 5.17 -9.80
C TRP E 225 55.26 5.03 -8.36
N LEU E 226 54.08 5.57 -8.11
CA LEU E 226 53.48 5.53 -6.77
C LEU E 226 52.90 4.16 -6.44
N GLN E 227 52.31 3.50 -7.42
CA GLN E 227 51.85 2.13 -7.24
C GLN E 227 53.03 1.27 -6.77
N LYS E 228 54.17 1.43 -7.43
CA LYS E 228 55.38 0.69 -7.11
C LYS E 228 55.96 1.11 -5.78
N GLU E 229 56.01 2.41 -5.54
CA GLU E 229 56.69 2.94 -4.35
C GLU E 229 55.93 2.74 -3.04
N ILE E 230 54.64 3.06 -3.02
CA ILE E 230 53.89 2.97 -1.77
C ILE E 230 52.69 2.02 -1.87
N GLY E 231 52.59 1.32 -2.99
CA GLY E 231 51.50 0.38 -3.19
C GLY E 231 50.19 1.09 -3.43
N GLY E 232 50.26 2.29 -3.98
CA GLY E 232 49.08 3.11 -4.20
C GLY E 232 48.69 3.86 -2.94
N ALA E 233 48.11 5.04 -3.13
CA ALA E 233 47.70 5.85 -1.99
C ALA E 233 46.25 5.58 -1.64
N HIS E 234 45.88 5.90 -0.40
CA HIS E 234 44.50 5.76 0.04
C HIS E 234 43.69 6.94 -0.44
N GLY E 235 44.35 8.08 -0.58
CA GLY E 235 43.70 9.29 -1.04
C GLY E 235 44.61 10.16 -1.88
N VAL E 236 44.00 11.09 -2.62
CA VAL E 236 44.74 12.05 -3.41
C VAL E 236 44.04 13.40 -3.37
N LEU E 237 44.82 14.47 -3.20
CA LEU E 237 44.27 15.82 -3.35
C LEU E 237 44.93 16.50 -4.54
N VAL E 238 44.12 16.80 -5.55
CA VAL E 238 44.63 17.41 -6.77
C VAL E 238 44.44 18.92 -6.77
N THR E 239 45.53 19.66 -6.60
CA THR E 239 45.47 21.11 -6.66
C THR E 239 46.10 21.60 -7.96
N ALA E 240 46.61 20.68 -8.77
CA ALA E 240 47.33 21.00 -9.99
C ALA E 240 46.48 21.82 -10.97
N VAL E 241 47.17 22.61 -11.81
CA VAL E 241 46.49 23.40 -12.83
C VAL E 241 46.73 22.78 -14.21
N SER E 242 46.54 21.47 -14.28
CA SER E 242 46.62 20.73 -15.53
C SER E 242 45.54 19.66 -15.50
N PRO E 243 44.77 19.52 -16.60
CA PRO E 243 43.80 18.44 -16.80
C PRO E 243 44.47 17.09 -16.79
N LYS E 244 45.59 16.97 -17.48
CA LYS E 244 46.55 15.92 -17.16
C LYS E 244 46.82 16.18 -15.69
N ALA E 245 47.30 15.18 -14.95
CA ALA E 245 47.40 15.28 -13.49
C ALA E 245 46.10 14.83 -12.84
N PHE E 246 44.97 15.38 -13.31
CA PHE E 246 43.67 14.90 -12.87
C PHE E 246 43.48 13.45 -13.32
N SER E 247 43.78 13.20 -14.59
CA SER E 247 43.70 11.85 -15.15
C SER E 247 44.71 10.94 -14.46
N GLN E 248 45.91 11.45 -14.27
CA GLN E 248 46.98 10.67 -13.65
C GLN E 248 46.70 10.34 -12.18
N ALA E 249 45.99 11.24 -11.50
CA ALA E 249 45.66 11.02 -10.10
C ALA E 249 44.79 9.79 -9.90
N ILE E 250 43.89 9.55 -10.86
CA ILE E 250 42.98 8.42 -10.78
C ILE E 250 43.74 7.09 -10.66
N GLY E 251 44.92 7.03 -11.24
CA GLY E 251 45.70 5.81 -11.26
C GLY E 251 46.67 5.67 -10.10
N MET E 252 46.67 6.67 -9.23
CA MET E 252 47.63 6.72 -8.12
C MET E 252 47.08 6.02 -6.89
N VAL E 253 45.78 5.75 -6.90
CA VAL E 253 45.08 5.26 -5.74
C VAL E 253 44.94 3.73 -5.71
N ARG E 254 45.08 3.14 -4.53
CA ARG E 254 44.80 1.71 -4.38
C ARG E 254 43.29 1.50 -4.43
N ARG E 255 42.85 0.27 -4.63
CA ARG E 255 41.41 0.04 -4.75
C ARG E 255 40.67 0.59 -3.54
N GLY E 256 39.52 1.22 -3.78
CA GLY E 256 38.72 1.78 -2.72
C GLY E 256 39.11 3.20 -2.37
N GLY E 257 40.18 3.69 -3.01
CA GLY E 257 40.71 5.00 -2.70
C GLY E 257 39.83 6.16 -3.15
N THR E 258 40.15 7.34 -2.66
CA THR E 258 39.39 8.54 -3.00
C THR E 258 40.29 9.66 -3.54
N ILE E 259 39.88 10.25 -4.66
CA ILE E 259 40.57 11.41 -5.19
C ILE E 259 39.72 12.66 -5.04
N ALA E 260 40.20 13.61 -4.23
CA ALA E 260 39.51 14.88 -4.05
C ALA E 260 40.11 15.94 -4.97
N LEU E 261 39.25 16.80 -5.51
CA LEU E 261 39.70 17.77 -6.53
C LEU E 261 39.53 19.22 -6.09
N ASN E 262 40.61 19.97 -6.19
CA ASN E 262 40.59 21.40 -5.91
C ASN E 262 40.93 22.23 -7.15
N GLY E 263 41.85 21.73 -7.95
CA GLY E 263 42.33 22.42 -9.14
C GLY E 263 41.21 22.85 -10.07
N LEU E 264 41.42 23.96 -10.77
CA LEU E 264 40.41 24.48 -11.69
C LEU E 264 40.94 24.81 -13.09
N PRO E 265 41.67 23.87 -13.70
CA PRO E 265 42.06 24.11 -15.09
C PRO E 265 40.82 23.99 -15.99
N PRO E 266 40.88 24.57 -17.20
CA PRO E 266 39.73 24.51 -18.11
C PRO E 266 39.44 23.11 -18.66
N GLY E 267 38.20 22.87 -19.06
CA GLY E 267 37.83 21.66 -19.79
C GLY E 267 37.68 20.39 -18.98
N ASP E 268 37.72 19.26 -19.68
CA ASP E 268 37.54 17.94 -19.06
C ASP E 268 38.87 17.26 -18.78
N PHE E 269 38.81 16.19 -18.00
CA PHE E 269 39.94 15.27 -17.85
C PHE E 269 39.47 13.85 -18.15
N GLY E 270 40.39 13.01 -18.62
CA GLY E 270 40.06 11.66 -19.03
C GLY E 270 39.89 10.72 -17.85
N THR E 271 38.67 10.18 -17.70
CA THR E 271 38.36 9.31 -16.58
C THR E 271 38.16 7.86 -17.03
N PRO E 272 39.01 6.95 -16.54
CA PRO E 272 38.90 5.53 -16.87
C PRO E 272 37.77 4.88 -16.06
N ILE E 273 36.55 5.00 -16.57
CA ILE E 273 35.37 4.52 -15.86
C ILE E 273 35.47 3.04 -15.49
N PHE E 274 35.92 2.23 -16.42
CA PHE E 274 36.04 0.79 -16.18
C PHE E 274 36.81 0.52 -14.90
N ASP E 275 37.95 1.20 -14.75
CA ASP E 275 38.78 1.04 -13.57
C ASP E 275 38.13 1.65 -12.33
N VAL E 276 37.54 2.83 -12.49
CA VAL E 276 36.86 3.48 -11.39
C VAL E 276 35.81 2.57 -10.77
N VAL E 277 35.05 1.90 -11.63
CA VAL E 277 33.97 1.02 -11.18
C VAL E 277 34.50 -0.30 -10.63
N LEU E 278 35.36 -0.97 -11.39
CA LEU E 278 35.91 -2.25 -10.95
C LEU E 278 36.67 -2.10 -9.64
N LYS E 279 37.36 -0.98 -9.47
CA LYS E 279 38.21 -0.76 -8.31
C LYS E 279 37.52 -0.04 -7.17
N GLY E 280 36.25 0.30 -7.34
CA GLY E 280 35.49 0.98 -6.30
C GLY E 280 36.05 2.34 -5.93
N ILE E 281 36.50 3.07 -6.95
CA ILE E 281 37.16 4.36 -6.74
C ILE E 281 36.18 5.53 -6.60
N THR E 282 36.51 6.47 -5.73
CA THR E 282 35.70 7.68 -5.55
C THR E 282 36.43 8.91 -6.07
N ILE E 283 35.71 9.73 -6.84
CA ILE E 283 36.21 11.03 -7.27
C ILE E 283 35.29 12.10 -6.73
N ARG E 284 35.86 13.12 -6.09
CA ARG E 284 35.04 14.07 -5.34
C ARG E 284 35.55 15.50 -5.42
N GLY E 285 34.67 16.41 -5.85
CA GLY E 285 35.00 17.82 -5.89
C GLY E 285 34.91 18.43 -4.50
N SER E 286 35.85 19.30 -4.18
CA SER E 286 35.84 19.99 -2.90
C SER E 286 35.95 21.48 -3.12
N ILE E 287 35.07 22.25 -2.50
CA ILE E 287 34.99 23.69 -2.76
C ILE E 287 35.27 24.51 -1.51
N VAL E 288 36.41 25.22 -1.53
CA VAL E 288 36.94 25.94 -0.38
C VAL E 288 36.57 25.29 0.95
N GLY E 289 36.01 26.08 1.87
CA GLY E 289 35.65 25.58 3.17
C GLY E 289 34.57 26.38 3.86
N THR E 290 33.80 25.72 4.72
CA THR E 290 32.80 26.40 5.52
C THR E 290 33.49 27.26 6.55
N ARG E 291 32.72 28.05 7.27
CA ARG E 291 33.28 28.88 8.33
C ARG E 291 33.92 28.01 9.41
N SER E 292 33.32 26.85 9.67
CA SER E 292 33.87 25.91 10.63
C SER E 292 35.20 25.33 10.15
N ASP E 293 35.26 25.00 8.87
CA ASP E 293 36.49 24.52 8.26
C ASP E 293 37.54 25.61 8.39
N LEU E 294 37.14 26.84 8.14
CA LEU E 294 38.05 27.98 8.14
C LEU E 294 38.67 28.23 9.50
N GLN E 295 37.85 28.23 10.55
CA GLN E 295 38.34 28.48 11.90
C GLN E 295 39.25 27.35 12.37
N GLU E 296 38.92 26.13 11.97
CA GLU E 296 39.75 24.97 12.29
C GLU E 296 41.10 25.06 11.58
N SER E 297 41.08 25.43 10.30
CA SER E 297 42.31 25.56 9.52
C SER E 297 43.19 26.68 10.06
N LEU E 298 42.56 27.75 10.56
CA LEU E 298 43.30 28.85 11.15
C LEU E 298 43.95 28.42 12.46
N ASP E 299 43.30 27.50 13.17
CA ASP E 299 43.82 27.02 14.44
C ASP E 299 45.08 26.17 14.29
N PHE E 300 45.14 25.38 13.22
CA PHE E 300 46.34 24.61 12.91
C PHE E 300 47.53 25.55 12.71
N ALA E 301 47.25 26.72 12.16
CA ALA E 301 48.28 27.74 11.94
C ALA E 301 48.68 28.39 13.26
N ALA E 302 47.68 28.67 14.09
CA ALA E 302 47.93 29.28 15.40
C ALA E 302 48.86 28.42 16.25
N HIS E 303 48.70 27.11 16.15
CA HIS E 303 49.48 26.17 16.95
C HIS E 303 50.82 25.82 16.30
N GLY E 304 51.04 26.33 15.10
CA GLY E 304 52.33 26.17 14.44
C GLY E 304 52.50 24.89 13.66
N ASP E 305 51.40 24.16 13.45
CA ASP E 305 51.42 22.92 12.68
C ASP E 305 51.55 23.24 11.19
N VAL E 306 51.01 24.39 10.80
CA VAL E 306 51.04 24.82 9.41
C VAL E 306 51.57 26.25 9.30
N LYS E 307 52.50 26.44 8.38
CA LYS E 307 53.12 27.74 8.17
C LYS E 307 53.36 27.96 6.68
N ALA E 308 52.66 28.94 6.11
CA ALA E 308 52.73 29.18 4.68
C ALA E 308 54.11 29.65 4.24
N THR E 309 54.60 29.12 3.13
CA THR E 309 55.83 29.61 2.53
C THR E 309 55.48 30.78 1.63
N VAL E 310 55.85 31.98 2.06
CA VAL E 310 55.43 33.19 1.35
C VAL E 310 56.58 34.13 1.04
N SER E 311 56.39 34.92 -0.01
CA SER E 311 57.23 36.06 -0.31
C SER E 311 56.29 37.24 -0.55
N THR E 312 56.71 38.43 -0.14
CA THR E 312 55.86 39.60 -0.29
C THR E 312 56.10 40.34 -1.60
N ALA E 313 55.13 41.15 -1.98
CA ALA E 313 55.22 42.02 -3.14
C ALA E 313 54.37 43.26 -2.86
N LYS E 314 54.60 44.33 -3.58
CA LYS E 314 53.76 45.52 -3.41
C LYS E 314 52.57 45.48 -4.36
N LEU E 315 51.48 46.11 -3.93
CA LEU E 315 50.25 46.20 -4.72
C LEU E 315 50.56 46.61 -6.16
N ASP E 316 51.51 47.54 -6.30
CA ASP E 316 51.87 48.11 -7.59
C ASP E 316 52.46 47.08 -8.55
N ASP E 317 52.88 45.93 -8.01
CA ASP E 317 53.57 44.92 -8.82
C ASP E 317 52.77 43.65 -9.05
N VAL E 318 51.45 43.70 -8.83
CA VAL E 318 50.62 42.52 -8.95
C VAL E 318 50.69 41.90 -10.35
N ASN E 319 50.77 42.73 -11.37
CA ASN E 319 50.87 42.25 -12.75
C ASN E 319 52.12 41.40 -12.95
N ASP E 320 53.24 41.84 -12.38
CA ASP E 320 54.47 41.05 -12.40
C ASP E 320 54.26 39.74 -11.65
N VAL E 321 53.58 39.82 -10.51
CA VAL E 321 53.27 38.63 -9.72
C VAL E 321 52.42 37.64 -10.53
N PHE E 322 51.41 38.16 -11.22
CA PHE E 322 50.56 37.32 -12.06
C PHE E 322 51.38 36.56 -13.10
N GLY E 323 52.27 37.28 -13.78
CA GLY E 323 53.09 36.68 -14.83
C GLY E 323 53.94 35.53 -14.34
N ARG E 324 54.54 35.70 -13.15
CA ARG E 324 55.41 34.69 -12.56
C ARG E 324 54.60 33.47 -12.10
N LEU E 325 53.49 33.73 -11.43
CA LEU E 325 52.56 32.67 -11.02
C LEU E 325 52.17 31.85 -12.23
N ARG E 326 51.78 32.55 -13.30
CA ARG E 326 51.36 31.92 -14.55
C ARG E 326 52.46 31.03 -15.12
N GLU E 327 53.71 31.43 -14.88
CA GLU E 327 54.87 30.72 -15.43
C GLU E 327 55.37 29.60 -14.52
N GLY E 328 54.72 29.42 -13.38
CA GLY E 328 55.17 28.45 -12.40
C GLY E 328 56.48 28.84 -11.75
N LYS E 329 56.68 30.14 -11.58
CA LYS E 329 57.93 30.65 -11.01
C LYS E 329 57.78 31.15 -9.57
N VAL E 330 56.69 30.75 -8.93
CA VAL E 330 56.47 31.11 -7.54
C VAL E 330 56.67 29.91 -6.63
N GLU E 331 57.43 30.11 -5.55
CA GLU E 331 57.55 29.10 -4.50
C GLU E 331 56.50 29.38 -3.44
N GLY E 332 55.54 28.48 -3.31
CA GLY E 332 54.45 28.67 -2.36
C GLY E 332 53.52 29.80 -2.76
N ARG E 333 53.36 30.76 -1.85
CA ARG E 333 52.42 31.86 -2.07
C ARG E 333 53.12 33.21 -2.18
N VAL E 334 52.57 34.08 -3.02
CA VAL E 334 52.95 35.48 -2.98
C VAL E 334 51.84 36.25 -2.26
N VAL E 335 52.24 37.07 -1.30
CA VAL E 335 51.29 37.84 -0.50
C VAL E 335 51.55 39.32 -0.64
N LEU E 336 50.56 40.06 -1.13
CA LEU E 336 50.68 41.51 -1.22
C LEU E 336 50.75 42.09 0.19
N ASP E 337 51.74 42.93 0.42
CA ASP E 337 51.97 43.50 1.76
C ASP E 337 51.73 45.00 1.78
N PHE E 338 50.71 45.42 2.52
CA PHE E 338 50.33 46.83 2.59
C PHE E 338 50.99 47.55 3.75
N SER E 339 51.98 46.92 4.38
CA SER E 339 52.63 47.49 5.55
C SER E 339 53.47 48.70 5.19
N ARG E 340 53.99 49.37 6.21
CA ARG E 340 54.85 50.54 6.02
C ARG E 340 56.31 50.11 6.09
N ALA F 1 -36.99 -59.56 -6.04
CA ALA F 1 -35.67 -59.90 -6.52
C ALA F 1 -35.42 -59.34 -7.91
N MET F 2 -36.38 -59.53 -8.81
CA MET F 2 -36.21 -59.08 -10.19
C MET F 2 -37.27 -58.05 -10.61
N MET F 3 -36.95 -57.28 -11.64
CA MET F 3 -37.86 -56.27 -12.17
C MET F 3 -37.69 -56.16 -13.68
N LYS F 4 -38.66 -55.53 -14.33
CA LYS F 4 -38.55 -55.23 -15.75
C LYS F 4 -37.89 -53.87 -15.91
N ALA F 5 -37.10 -53.71 -16.96
CA ALA F 5 -36.41 -52.45 -17.20
C ALA F 5 -35.89 -52.36 -18.62
N ALA F 6 -35.92 -51.15 -19.18
CA ALA F 6 -35.34 -50.90 -20.49
C ALA F 6 -33.87 -50.56 -20.30
N VAL F 7 -32.99 -51.41 -20.81
CA VAL F 7 -31.56 -51.25 -20.61
C VAL F 7 -30.85 -50.87 -21.90
N VAL F 8 -29.93 -49.92 -21.79
CA VAL F 8 -29.01 -49.61 -22.87
C VAL F 8 -27.75 -50.45 -22.64
N ARG F 9 -27.54 -51.46 -23.47
CA ARG F 9 -26.40 -52.36 -23.30
C ARG F 9 -25.28 -52.08 -24.31
N ALA F 10 -25.59 -51.27 -25.31
CA ALA F 10 -24.59 -50.79 -26.26
C ALA F 10 -25.14 -49.56 -26.97
N PHE F 11 -24.29 -48.55 -27.16
CA PHE F 11 -24.72 -47.28 -27.73
C PHE F 11 -25.22 -47.40 -29.17
N GLY F 12 -26.23 -46.60 -29.51
CA GLY F 12 -26.77 -46.58 -30.86
C GLY F 12 -27.76 -47.70 -31.13
N ALA F 13 -27.74 -48.72 -30.29
CA ALA F 13 -28.59 -49.89 -30.47
C ALA F 13 -29.95 -49.71 -29.82
N PRO F 14 -30.92 -50.56 -30.19
CA PRO F 14 -32.23 -50.55 -29.53
C PRO F 14 -32.07 -50.89 -28.05
N LEU F 15 -32.94 -50.33 -27.21
CA LEU F 15 -32.96 -50.71 -25.81
C LEU F 15 -33.59 -52.08 -25.66
N THR F 16 -33.02 -52.89 -24.77
CA THR F 16 -33.58 -54.21 -24.51
C THR F 16 -34.40 -54.21 -23.22
N ILE F 17 -35.61 -54.75 -23.30
CA ILE F 17 -36.46 -54.90 -22.12
C ILE F 17 -36.12 -56.23 -21.44
N ASP F 18 -35.49 -56.13 -20.27
CA ASP F 18 -35.00 -57.31 -19.57
C ASP F 18 -35.50 -57.37 -18.13
N GLU F 19 -35.44 -58.56 -17.55
CA GLU F 19 -35.59 -58.72 -16.11
C GLU F 19 -34.20 -58.58 -15.50
N VAL F 20 -34.08 -57.69 -14.51
CA VAL F 20 -32.81 -57.45 -13.84
C VAL F 20 -33.08 -57.41 -12.34
N PRO F 21 -32.03 -57.48 -11.53
CA PRO F 21 -32.27 -57.43 -10.08
C PRO F 21 -32.88 -56.10 -9.67
N VAL F 22 -33.67 -56.11 -8.59
CA VAL F 22 -34.18 -54.89 -7.99
C VAL F 22 -33.08 -54.24 -7.17
N PRO F 23 -32.82 -52.95 -7.40
CA PRO F 23 -31.77 -52.30 -6.60
C PRO F 23 -32.24 -52.05 -5.18
N GLN F 24 -31.42 -52.40 -4.20
CA GLN F 24 -31.77 -52.19 -2.80
C GLN F 24 -31.05 -50.98 -2.24
N PRO F 25 -31.74 -50.21 -1.39
CA PRO F 25 -31.15 -49.01 -0.79
C PRO F 25 -30.28 -49.35 0.42
N GLY F 26 -29.08 -48.78 0.47
CA GLY F 26 -28.24 -48.85 1.64
C GLY F 26 -28.52 -47.64 2.51
N PRO F 27 -27.65 -47.37 3.49
CA PRO F 27 -27.81 -46.21 4.37
C PRO F 27 -27.84 -44.90 3.58
N GLY F 28 -28.77 -44.02 3.91
CA GLY F 28 -28.87 -42.73 3.24
C GLY F 28 -29.51 -42.82 1.88
N GLN F 29 -29.96 -44.01 1.52
CA GLN F 29 -30.63 -44.22 0.24
C GLN F 29 -32.09 -44.60 0.44
N VAL F 30 -32.89 -44.38 -0.59
CA VAL F 30 -34.26 -44.88 -0.59
C VAL F 30 -34.55 -45.59 -1.91
N GLN F 31 -35.52 -46.48 -1.88
CA GLN F 31 -35.97 -47.16 -3.09
C GLN F 31 -37.30 -46.56 -3.51
N VAL F 32 -37.49 -46.44 -4.83
CA VAL F 32 -38.73 -45.87 -5.35
C VAL F 32 -39.42 -46.83 -6.31
N LYS F 33 -40.69 -47.10 -6.07
CA LYS F 33 -41.48 -47.88 -7.02
C LYS F 33 -42.07 -46.95 -8.07
N ILE F 34 -41.67 -47.16 -9.32
CA ILE F 34 -42.07 -46.28 -10.42
C ILE F 34 -43.52 -46.48 -10.86
N GLU F 35 -44.25 -45.37 -10.98
CA GLU F 35 -45.63 -45.40 -11.46
C GLU F 35 -45.70 -44.82 -12.88
N ALA F 36 -44.83 -43.86 -13.15
CA ALA F 36 -44.72 -43.25 -14.48
C ALA F 36 -43.32 -42.69 -14.66
N SER F 37 -42.89 -42.54 -15.92
CA SER F 37 -41.52 -42.15 -16.19
C SER F 37 -41.39 -41.42 -17.53
N GLY F 38 -41.21 -40.10 -17.46
CA GLY F 38 -41.15 -39.28 -18.65
C GLY F 38 -39.96 -39.55 -19.55
N VAL F 39 -40.19 -39.46 -20.86
CA VAL F 39 -39.12 -39.63 -21.83
C VAL F 39 -38.57 -38.27 -22.25
N CYS F 40 -37.35 -37.96 -21.84
CA CYS F 40 -36.72 -36.71 -22.22
C CYS F 40 -35.87 -36.88 -23.48
N HIS F 41 -35.83 -35.84 -24.30
CA HIS F 41 -35.04 -35.87 -25.51
C HIS F 41 -33.59 -36.18 -25.17
N THR F 42 -33.17 -35.81 -23.97
CA THR F 42 -31.83 -36.09 -23.49
C THR F 42 -31.56 -37.58 -23.51
N ASP F 43 -32.59 -38.37 -23.20
CA ASP F 43 -32.46 -39.82 -23.12
C ASP F 43 -32.00 -40.40 -24.46
N LEU F 44 -32.38 -39.75 -25.55
CA LEU F 44 -31.96 -40.17 -26.87
C LEU F 44 -30.45 -40.16 -26.98
N HIS F 45 -29.81 -39.18 -26.34
CA HIS F 45 -28.37 -39.03 -26.42
C HIS F 45 -27.62 -39.89 -25.40
N ALA F 46 -28.27 -40.17 -24.28
CA ALA F 46 -27.72 -41.10 -23.31
C ALA F 46 -27.54 -42.46 -23.98
N ALA F 47 -28.49 -42.81 -24.86
CA ALA F 47 -28.49 -44.10 -25.52
C ALA F 47 -27.62 -44.14 -26.78
N ASP F 48 -27.53 -43.02 -27.49
CA ASP F 48 -26.66 -42.97 -28.66
C ASP F 48 -25.20 -42.99 -28.23
N GLY F 49 -24.96 -42.60 -26.97
CA GLY F 49 -23.62 -42.41 -26.46
C GLY F 49 -23.02 -41.20 -27.15
N ASP F 50 -23.90 -40.26 -27.48
CA ASP F 50 -23.59 -39.17 -28.41
C ASP F 50 -22.65 -38.09 -27.85
N TRP F 51 -22.74 -37.84 -26.55
CA TRP F 51 -22.13 -36.64 -25.95
C TRP F 51 -20.66 -36.78 -25.56
N PRO F 52 -19.97 -35.64 -25.44
CA PRO F 52 -18.58 -35.52 -24.98
C PRO F 52 -18.28 -36.46 -23.81
N VAL F 53 -19.13 -36.44 -22.78
CA VAL F 53 -19.02 -37.41 -21.70
C VAL F 53 -20.17 -38.41 -21.84
N LYS F 54 -19.84 -39.69 -21.84
CA LYS F 54 -20.82 -40.73 -22.12
C LYS F 54 -21.22 -41.50 -20.86
N PRO F 55 -22.44 -42.06 -20.86
CA PRO F 55 -22.81 -42.95 -19.76
C PRO F 55 -21.92 -44.16 -19.80
N THR F 56 -21.87 -44.94 -18.72
CA THR F 56 -21.14 -46.20 -18.75
C THR F 56 -22.12 -47.34 -18.98
N LEU F 57 -21.72 -48.32 -19.77
CA LEU F 57 -22.59 -49.43 -20.11
C LEU F 57 -22.39 -50.60 -19.15
N PRO F 58 -23.48 -51.32 -18.85
CA PRO F 58 -24.84 -50.99 -19.30
C PRO F 58 -25.54 -50.08 -18.30
N PHE F 59 -26.60 -49.40 -18.73
CA PHE F 59 -27.32 -48.49 -17.86
C PHE F 59 -28.80 -48.35 -18.23
N ILE F 60 -29.60 -47.99 -17.25
CA ILE F 60 -31.03 -47.74 -17.43
C ILE F 60 -31.27 -46.23 -17.42
N PRO F 61 -31.81 -45.69 -18.52
CA PRO F 61 -32.06 -44.24 -18.62
C PRO F 61 -33.30 -43.81 -17.84
N GLY F 62 -33.59 -42.52 -17.82
CA GLY F 62 -34.81 -42.02 -17.21
C GLY F 62 -34.61 -41.16 -15.97
N HIS F 63 -34.84 -39.86 -16.11
CA HIS F 63 -34.74 -38.93 -14.99
C HIS F 63 -36.03 -38.12 -14.85
N GLU F 64 -37.15 -38.73 -15.24
CA GLU F 64 -38.47 -38.14 -15.01
C GLU F 64 -39.35 -39.22 -14.40
N GLY F 65 -38.73 -40.11 -13.64
CA GLY F 65 -39.44 -41.19 -12.97
C GLY F 65 -40.10 -40.72 -11.70
N VAL F 66 -41.37 -41.08 -11.53
CA VAL F 66 -42.11 -40.72 -10.34
C VAL F 66 -42.82 -41.95 -9.78
N GLY F 67 -43.03 -41.96 -8.47
CA GLY F 67 -43.73 -43.05 -7.82
C GLY F 67 -43.73 -42.91 -6.30
N TYR F 68 -43.86 -44.04 -5.62
CA TYR F 68 -43.86 -44.05 -4.16
C TYR F 68 -42.56 -44.59 -3.60
N VAL F 69 -42.13 -44.06 -2.46
CA VAL F 69 -41.02 -44.64 -1.73
C VAL F 69 -41.46 -46.03 -1.28
N SER F 70 -40.72 -47.06 -1.70
CA SER F 70 -41.10 -48.43 -1.39
C SER F 70 -40.18 -49.06 -0.34
N ALA F 71 -39.08 -48.39 -0.05
CA ALA F 71 -38.16 -48.86 0.99
C ALA F 71 -37.18 -47.76 1.37
N VAL F 72 -36.85 -47.70 2.67
CA VAL F 72 -35.98 -46.66 3.18
C VAL F 72 -34.75 -47.23 3.86
N GLY F 73 -33.58 -46.74 3.45
CA GLY F 73 -32.32 -47.13 4.06
C GLY F 73 -32.12 -46.47 5.41
N SER F 74 -30.96 -46.72 6.02
CA SER F 74 -30.67 -46.18 7.35
C SER F 74 -30.35 -44.69 7.32
N GLY F 75 -30.74 -43.99 8.37
CA GLY F 75 -30.38 -42.59 8.53
C GLY F 75 -31.10 -41.60 7.62
N VAL F 76 -32.22 -42.02 7.03
CA VAL F 76 -33.00 -41.16 6.16
C VAL F 76 -34.15 -40.51 6.95
N SER F 77 -34.30 -39.19 6.82
CA SER F 77 -35.33 -38.48 7.57
C SER F 77 -36.28 -37.66 6.70
N ARG F 78 -35.79 -37.18 5.56
CA ARG F 78 -36.54 -36.27 4.72
C ARG F 78 -37.81 -36.89 4.14
N VAL F 79 -37.75 -38.19 3.86
CA VAL F 79 -38.90 -38.90 3.32
C VAL F 79 -39.08 -40.24 4.02
N LYS F 80 -40.29 -40.79 3.92
CA LYS F 80 -40.57 -42.11 4.46
C LYS F 80 -41.35 -42.93 3.45
N GLU F 81 -41.55 -44.21 3.75
CA GLU F 81 -42.23 -45.12 2.83
C GLU F 81 -43.63 -44.60 2.54
N GLY F 82 -44.03 -44.66 1.27
CA GLY F 82 -45.35 -44.21 0.87
C GLY F 82 -45.36 -42.78 0.36
N ASP F 83 -44.28 -42.06 0.60
CA ASP F 83 -44.17 -40.69 0.13
C ASP F 83 -44.11 -40.62 -1.39
N ARG F 84 -44.86 -39.69 -1.97
CA ARG F 84 -44.83 -39.47 -3.41
C ARG F 84 -43.59 -38.67 -3.79
N VAL F 85 -42.71 -39.29 -4.56
CA VAL F 85 -41.45 -38.65 -4.92
C VAL F 85 -41.08 -38.86 -6.39
N GLY F 86 -40.15 -38.03 -6.86
CA GLY F 86 -39.63 -38.13 -8.20
C GLY F 86 -38.11 -38.02 -8.20
N VAL F 87 -37.45 -38.64 -9.17
CA VAL F 87 -35.99 -38.66 -9.21
C VAL F 87 -35.47 -37.98 -10.47
N PRO F 88 -35.01 -36.72 -10.33
CA PRO F 88 -34.64 -35.87 -11.45
C PRO F 88 -33.21 -36.06 -11.93
N TRP F 89 -32.86 -35.34 -13.00
CA TRP F 89 -31.51 -35.37 -13.56
C TRP F 89 -30.45 -35.24 -12.47
N LEU F 90 -30.61 -34.25 -11.61
CA LEU F 90 -29.69 -34.04 -10.49
C LEU F 90 -29.93 -35.08 -9.41
N TYR F 91 -29.28 -36.23 -9.55
CA TYR F 91 -29.44 -37.34 -8.61
C TYR F 91 -28.90 -36.98 -7.23
N SER F 92 -27.75 -36.31 -7.20
CA SER F 92 -27.14 -35.90 -5.96
C SER F 92 -26.06 -34.85 -6.19
N ALA F 93 -25.73 -34.12 -5.12
CA ALA F 93 -24.62 -33.17 -5.14
C ALA F 93 -23.88 -33.28 -3.81
N CYS F 94 -22.65 -32.77 -3.75
CA CYS F 94 -21.80 -32.96 -2.58
C CYS F 94 -22.30 -32.21 -1.35
N GLY F 95 -22.93 -31.06 -1.56
CA GLY F 95 -23.58 -30.34 -0.49
C GLY F 95 -22.78 -29.25 0.21
N TYR F 96 -21.48 -29.16 -0.09
CA TYR F 96 -20.64 -28.20 0.63
C TYR F 96 -19.59 -27.48 -0.21
N CYS F 97 -19.55 -27.73 -1.52
CA CYS F 97 -18.67 -26.97 -2.39
C CYS F 97 -19.24 -25.54 -2.50
N GLU F 98 -18.52 -24.66 -3.18
CA GLU F 98 -18.96 -23.28 -3.30
C GLU F 98 -20.33 -23.17 -3.94
N HIS F 99 -20.55 -23.94 -4.99
CA HIS F 99 -21.83 -23.91 -5.71
C HIS F 99 -22.96 -24.40 -4.81
N CYS F 100 -22.73 -25.52 -4.12
CA CYS F 100 -23.75 -26.10 -3.25
C CYS F 100 -24.12 -25.21 -2.08
N LEU F 101 -23.12 -24.54 -1.51
CA LEU F 101 -23.37 -23.62 -0.41
C LEU F 101 -24.14 -22.39 -0.87
N GLN F 102 -24.08 -22.08 -2.15
CA GLN F 102 -24.74 -20.89 -2.69
C GLN F 102 -26.13 -21.20 -3.24
N GLY F 103 -26.60 -22.42 -3.02
CA GLY F 103 -27.88 -22.84 -3.56
C GLY F 103 -27.83 -22.96 -5.07
N TRP F 104 -26.67 -23.38 -5.57
CA TRP F 104 -26.49 -23.64 -6.99
C TRP F 104 -25.96 -25.06 -7.18
N GLU F 105 -26.64 -26.04 -6.58
CA GLU F 105 -26.19 -27.42 -6.61
C GLU F 105 -26.22 -28.01 -8.02
N THR F 106 -26.90 -27.32 -8.93
CA THR F 106 -26.94 -27.76 -10.32
C THR F 106 -25.57 -27.62 -10.96
N LEU F 107 -24.68 -26.86 -10.31
CA LEU F 107 -23.35 -26.60 -10.82
C LEU F 107 -22.29 -27.45 -10.15
N CYS F 108 -22.70 -28.23 -9.15
CA CYS F 108 -21.75 -29.06 -8.40
C CYS F 108 -21.00 -30.00 -9.32
N GLU F 109 -19.67 -29.95 -9.24
CA GLU F 109 -18.81 -30.77 -10.09
C GLU F 109 -18.79 -32.24 -9.65
N LYS F 110 -19.27 -32.51 -8.45
CA LYS F 110 -19.30 -33.87 -7.92
C LYS F 110 -20.68 -34.51 -8.04
N GLN F 111 -21.56 -33.89 -8.83
CA GLN F 111 -22.93 -34.34 -8.95
C GLN F 111 -23.06 -35.66 -9.70
N GLN F 112 -24.12 -36.41 -9.40
CA GLN F 112 -24.46 -37.60 -10.17
C GLN F 112 -25.73 -37.32 -10.97
N ASN F 113 -25.88 -37.98 -12.11
CA ASN F 113 -27.03 -37.72 -12.98
C ASN F 113 -27.88 -38.95 -13.27
N THR F 114 -29.15 -38.86 -12.90
CA THR F 114 -30.09 -39.97 -13.04
C THR F 114 -30.27 -40.41 -14.48
N GLY F 115 -30.21 -41.72 -14.72
CA GLY F 115 -30.40 -42.25 -16.04
C GLY F 115 -29.25 -41.85 -16.96
N TYR F 116 -28.07 -41.66 -16.36
CA TYR F 116 -26.87 -41.32 -17.13
C TYR F 116 -25.62 -41.88 -16.45
N SER F 117 -25.26 -41.32 -15.31
CA SER F 117 -24.09 -41.79 -14.56
C SER F 117 -24.49 -42.82 -13.51
N VAL F 118 -25.78 -42.85 -13.19
CA VAL F 118 -26.36 -43.91 -12.38
C VAL F 118 -27.67 -44.33 -13.04
N ASN F 119 -28.21 -45.47 -12.64
CA ASN F 119 -29.43 -45.97 -13.25
C ASN F 119 -30.65 -45.11 -12.94
N GLY F 120 -31.58 -45.04 -13.89
CA GLY F 120 -32.74 -44.17 -13.78
C GLY F 120 -34.08 -44.89 -13.73
N GLY F 121 -35.12 -44.22 -14.19
CA GLY F 121 -36.49 -44.67 -13.99
C GLY F 121 -37.17 -45.43 -15.11
N TYR F 122 -36.42 -45.84 -16.14
CA TYR F 122 -36.95 -46.75 -17.15
C TYR F 122 -36.99 -48.16 -16.58
N GLY F 123 -37.53 -48.30 -15.37
CA GLY F 123 -37.59 -49.58 -14.70
C GLY F 123 -38.56 -49.55 -13.53
N GLU F 124 -39.02 -50.71 -13.10
CA GLU F 124 -40.04 -50.80 -12.06
C GLU F 124 -39.62 -50.16 -10.74
N TYR F 125 -38.33 -50.27 -10.42
CA TYR F 125 -37.79 -49.61 -9.24
C TYR F 125 -36.50 -48.87 -9.57
N VAL F 126 -36.17 -47.89 -8.75
CA VAL F 126 -34.91 -47.17 -8.87
C VAL F 126 -34.50 -46.68 -7.50
N VAL F 127 -33.20 -46.78 -7.20
CA VAL F 127 -32.68 -46.27 -5.93
C VAL F 127 -32.28 -44.81 -6.09
N ALA F 128 -32.57 -44.02 -5.08
CA ALA F 128 -32.31 -42.58 -5.15
C ALA F 128 -31.73 -42.03 -3.85
N ASP F 129 -31.09 -40.87 -3.97
CA ASP F 129 -30.67 -40.11 -2.79
C ASP F 129 -31.84 -39.25 -2.36
N PRO F 130 -32.43 -39.56 -1.20
CA PRO F 130 -33.64 -38.88 -0.73
C PRO F 130 -33.43 -37.37 -0.56
N ASN F 131 -32.19 -36.95 -0.45
CA ASN F 131 -31.88 -35.53 -0.26
C ASN F 131 -32.09 -34.68 -1.52
N TYR F 132 -32.32 -35.34 -2.65
CA TYR F 132 -32.41 -34.61 -3.92
C TYR F 132 -33.60 -35.01 -4.79
N VAL F 133 -34.48 -35.83 -4.24
CA VAL F 133 -35.71 -36.19 -4.95
C VAL F 133 -36.69 -35.04 -4.90
N GLY F 134 -37.62 -35.02 -5.84
CA GLY F 134 -38.70 -34.05 -5.80
C GLY F 134 -39.81 -34.59 -4.93
N LEU F 135 -40.32 -33.75 -4.04
CA LEU F 135 -41.47 -34.12 -3.22
C LEU F 135 -42.74 -33.69 -3.95
N LEU F 136 -43.50 -34.68 -4.44
CA LEU F 136 -44.61 -34.41 -5.34
C LEU F 136 -45.88 -34.02 -4.59
N PRO F 137 -46.75 -33.23 -5.25
CA PRO F 137 -48.04 -32.85 -4.66
C PRO F 137 -49.06 -33.97 -4.84
N ASP F 138 -49.88 -34.20 -3.82
CA ASP F 138 -50.87 -35.27 -3.86
C ASP F 138 -51.87 -35.07 -5.00
N LYS F 139 -52.19 -33.82 -5.29
CA LYS F 139 -53.31 -33.48 -6.16
C LYS F 139 -53.00 -33.55 -7.66
N VAL F 140 -51.83 -34.06 -8.01
CA VAL F 140 -51.50 -34.28 -9.41
C VAL F 140 -51.10 -35.73 -9.66
N GLY F 141 -51.64 -36.31 -10.72
CA GLY F 141 -51.33 -37.69 -11.07
C GLY F 141 -49.89 -37.87 -11.48
N PHE F 142 -49.41 -39.11 -11.41
CA PHE F 142 -48.03 -39.44 -11.75
C PHE F 142 -47.72 -39.14 -13.22
N VAL F 143 -48.64 -39.51 -14.10
CA VAL F 143 -48.44 -39.32 -15.53
C VAL F 143 -48.31 -37.84 -15.90
N GLU F 144 -49.11 -37.00 -15.25
CA GLU F 144 -49.08 -35.56 -15.53
C GLU F 144 -47.93 -34.83 -14.85
N ILE F 145 -47.52 -35.33 -13.69
CA ILE F 145 -46.46 -34.66 -12.91
C ILE F 145 -45.07 -35.06 -13.39
N ALA F 146 -44.95 -36.21 -14.02
CA ALA F 146 -43.66 -36.74 -14.46
C ALA F 146 -42.80 -35.74 -15.24
N PRO F 147 -43.38 -35.06 -16.23
CA PRO F 147 -42.59 -34.09 -17.02
C PRO F 147 -42.02 -32.93 -16.20
N ILE F 148 -42.62 -32.62 -15.06
CA ILE F 148 -42.16 -31.51 -14.25
C ILE F 148 -40.78 -31.80 -13.67
N LEU F 149 -40.44 -33.08 -13.57
CA LEU F 149 -39.18 -33.50 -12.99
C LEU F 149 -37.97 -33.06 -13.81
N CYS F 150 -38.17 -32.79 -15.09
CA CYS F 150 -37.09 -32.24 -15.90
C CYS F 150 -37.57 -31.14 -16.86
N ALA F 151 -38.55 -31.46 -17.69
CA ALA F 151 -39.10 -30.49 -18.63
C ALA F 151 -39.56 -29.24 -17.87
N GLY F 152 -40.33 -29.46 -16.80
CA GLY F 152 -40.88 -28.38 -16.01
C GLY F 152 -39.86 -27.56 -15.25
N VAL F 153 -39.13 -28.21 -14.35
CA VAL F 153 -38.14 -27.50 -13.53
C VAL F 153 -37.09 -26.78 -14.37
N THR F 154 -36.72 -27.37 -15.50
CA THR F 154 -35.71 -26.79 -16.38
C THR F 154 -36.15 -25.44 -16.97
N VAL F 155 -37.30 -25.43 -17.62
CA VAL F 155 -37.78 -24.21 -18.28
C VAL F 155 -38.24 -23.15 -17.26
N TYR F 156 -38.65 -23.59 -16.08
CA TYR F 156 -38.97 -22.65 -15.01
C TYR F 156 -37.73 -21.90 -14.58
N LYS F 157 -36.64 -22.64 -14.34
CA LYS F 157 -35.37 -22.03 -13.99
C LYS F 157 -34.85 -21.20 -15.15
N GLY F 158 -34.96 -21.74 -16.37
CA GLY F 158 -34.51 -21.04 -17.55
C GLY F 158 -35.21 -19.70 -17.73
N LEU F 159 -36.50 -19.66 -17.40
CA LEU F 159 -37.27 -18.42 -17.49
C LEU F 159 -36.85 -17.42 -16.41
N LYS F 160 -36.52 -17.93 -15.22
CA LYS F 160 -36.00 -17.09 -14.16
C LYS F 160 -34.77 -16.31 -14.62
N VAL F 161 -33.86 -17.01 -15.29
CA VAL F 161 -32.57 -16.42 -15.65
C VAL F 161 -32.57 -15.67 -16.98
N THR F 162 -33.75 -15.49 -17.58
CA THR F 162 -33.87 -14.60 -18.72
C THR F 162 -33.91 -13.17 -18.18
N ASP F 163 -34.08 -13.07 -16.86
CA ASP F 163 -34.15 -11.79 -16.19
C ASP F 163 -35.30 -10.94 -16.71
N THR F 164 -36.35 -11.60 -17.20
CA THR F 164 -37.54 -10.90 -17.62
C THR F 164 -38.47 -10.70 -16.44
N ARG F 165 -39.43 -9.77 -16.58
CA ARG F 165 -40.39 -9.50 -15.53
C ARG F 165 -41.79 -9.28 -16.11
N PRO F 166 -42.83 -9.32 -15.25
CA PRO F 166 -44.23 -9.27 -15.71
C PRO F 166 -44.49 -8.14 -16.71
N GLY F 167 -45.18 -8.48 -17.79
CA GLY F 167 -45.54 -7.51 -18.80
C GLY F 167 -44.60 -7.52 -19.99
N GLN F 168 -43.41 -8.07 -19.78
CA GLN F 168 -42.41 -8.12 -20.84
C GLN F 168 -42.58 -9.36 -21.73
N TRP F 169 -42.00 -9.32 -22.91
CA TRP F 169 -42.11 -10.41 -23.87
C TRP F 169 -41.03 -11.45 -23.68
N VAL F 170 -41.41 -12.73 -23.72
CA VAL F 170 -40.43 -13.79 -23.84
C VAL F 170 -40.78 -14.68 -25.01
N VAL F 171 -39.77 -15.12 -25.75
CA VAL F 171 -39.96 -16.06 -26.83
C VAL F 171 -39.57 -17.45 -26.38
N ILE F 172 -40.44 -18.43 -26.64
CA ILE F 172 -40.08 -19.81 -26.43
C ILE F 172 -39.75 -20.44 -27.78
N SER F 173 -38.48 -20.79 -27.95
CA SER F 173 -38.04 -21.45 -29.18
C SER F 173 -38.03 -22.96 -28.98
N GLY F 174 -38.85 -23.66 -29.76
CA GLY F 174 -39.00 -25.09 -29.61
C GLY F 174 -40.13 -25.39 -28.67
N ILE F 175 -41.28 -25.80 -29.23
CA ILE F 175 -42.44 -26.12 -28.42
C ILE F 175 -42.60 -27.63 -28.30
N GLY F 176 -41.61 -28.27 -27.67
CA GLY F 176 -41.65 -29.70 -27.44
C GLY F 176 -41.94 -30.02 -25.98
N GLY F 177 -41.26 -31.03 -25.46
CA GLY F 177 -41.41 -31.40 -24.06
C GLY F 177 -41.17 -30.22 -23.14
N LEU F 178 -39.99 -29.62 -23.24
CA LEU F 178 -39.66 -28.43 -22.47
C LEU F 178 -40.54 -27.26 -22.88
N GLY F 179 -40.62 -27.01 -24.18
CA GLY F 179 -41.24 -25.82 -24.71
C GLY F 179 -42.71 -25.61 -24.38
N HIS F 180 -43.51 -26.66 -24.54
CA HIS F 180 -44.95 -26.55 -24.35
C HIS F 180 -45.32 -26.19 -22.91
N VAL F 181 -44.46 -26.60 -21.97
CA VAL F 181 -44.68 -26.29 -20.56
C VAL F 181 -44.03 -24.95 -20.19
N ALA F 182 -43.04 -24.55 -20.98
CA ALA F 182 -42.38 -23.26 -20.79
C ALA F 182 -43.35 -22.12 -21.09
N VAL F 183 -44.15 -22.30 -22.13
CA VAL F 183 -45.19 -21.33 -22.47
C VAL F 183 -46.08 -21.09 -21.27
N GLN F 184 -46.37 -22.16 -20.52
CA GLN F 184 -47.28 -22.08 -19.40
C GLN F 184 -46.66 -21.41 -18.18
N TYR F 185 -45.40 -21.76 -17.88
CA TYR F 185 -44.68 -21.11 -16.79
C TYR F 185 -44.57 -19.62 -17.08
N ALA F 186 -44.21 -19.30 -18.32
CA ALA F 186 -44.09 -17.92 -18.76
C ALA F 186 -45.35 -17.12 -18.44
N ARG F 187 -46.50 -17.68 -18.77
CA ARG F 187 -47.78 -17.02 -18.51
C ARG F 187 -48.02 -16.87 -17.01
N ALA F 188 -47.62 -17.87 -16.23
CA ALA F 188 -47.82 -17.84 -14.79
C ALA F 188 -46.91 -16.78 -14.13
N MET F 189 -45.83 -16.44 -14.83
CA MET F 189 -44.88 -15.46 -14.32
C MET F 189 -45.17 -14.07 -14.87
N GLY F 190 -46.31 -13.93 -15.53
CA GLY F 190 -46.79 -12.63 -15.96
C GLY F 190 -46.23 -12.13 -17.27
N LEU F 191 -45.58 -13.01 -18.02
CA LEU F 191 -44.95 -12.64 -19.27
C LEU F 191 -45.89 -12.84 -20.46
N ARG F 192 -45.67 -12.05 -21.52
CA ARG F 192 -46.36 -12.26 -22.78
C ARG F 192 -45.50 -13.16 -23.65
N VAL F 193 -46.11 -14.17 -24.27
CA VAL F 193 -45.34 -15.22 -24.92
C VAL F 193 -45.46 -15.28 -26.44
N ALA F 194 -44.31 -15.33 -27.11
CA ALA F 194 -44.25 -15.61 -28.53
C ALA F 194 -43.64 -17.00 -28.70
N ALA F 195 -44.07 -17.74 -29.70
CA ALA F 195 -43.60 -19.11 -29.90
C ALA F 195 -42.95 -19.32 -31.26
N VAL F 196 -41.87 -20.10 -31.27
CA VAL F 196 -41.18 -20.43 -32.51
C VAL F 196 -40.94 -21.93 -32.62
N ASP F 197 -41.21 -22.45 -33.81
CA ASP F 197 -40.93 -23.85 -34.13
C ASP F 197 -40.93 -24.00 -35.65
N ILE F 198 -40.86 -25.23 -36.13
CA ILE F 198 -40.75 -25.51 -37.56
C ILE F 198 -41.92 -26.34 -38.07
N ASP F 199 -43.02 -26.33 -37.32
CA ASP F 199 -44.16 -27.18 -37.58
C ASP F 199 -45.41 -26.52 -37.03
N ASP F 200 -46.38 -26.24 -37.90
CA ASP F 200 -47.56 -25.47 -37.51
C ASP F 200 -48.32 -26.09 -36.35
N ALA F 201 -48.33 -27.42 -36.28
CA ALA F 201 -49.06 -28.13 -35.23
C ALA F 201 -48.49 -27.79 -33.86
N LYS F 202 -47.17 -27.71 -33.77
CA LYS F 202 -46.51 -27.40 -32.52
C LYS F 202 -46.78 -25.95 -32.11
N LEU F 203 -46.86 -25.06 -33.09
CA LEU F 203 -47.18 -23.67 -32.83
C LEU F 203 -48.62 -23.53 -32.34
N ASN F 204 -49.53 -24.30 -32.95
CA ASN F 204 -50.92 -24.32 -32.54
C ASN F 204 -51.09 -24.82 -31.11
N LEU F 205 -50.22 -25.75 -30.71
CA LEU F 205 -50.21 -26.25 -29.34
C LEU F 205 -49.80 -25.12 -28.38
N ALA F 206 -48.79 -24.36 -28.77
CA ALA F 206 -48.32 -23.24 -27.97
C ALA F 206 -49.44 -22.22 -27.78
N ARG F 207 -50.13 -21.91 -28.88
CA ARG F 207 -51.22 -20.95 -28.85
C ARG F 207 -52.33 -21.37 -27.88
N ARG F 208 -52.72 -22.63 -27.95
CA ARG F 208 -53.72 -23.17 -27.04
C ARG F 208 -53.25 -23.10 -25.59
N LEU F 209 -51.94 -23.14 -25.38
CA LEU F 209 -51.38 -23.13 -24.04
C LEU F 209 -51.11 -21.72 -23.50
N GLY F 210 -51.20 -20.72 -24.37
CA GLY F 210 -51.09 -19.35 -23.91
C GLY F 210 -50.16 -18.45 -24.71
N ALA F 211 -49.62 -18.96 -25.82
CA ALA F 211 -48.79 -18.13 -26.68
C ALA F 211 -49.67 -17.11 -27.41
N GLU F 212 -49.30 -15.84 -27.29
CA GLU F 212 -50.06 -14.76 -27.91
C GLU F 212 -49.79 -14.66 -29.41
N VAL F 213 -48.54 -14.90 -29.80
CA VAL F 213 -48.18 -14.94 -31.21
C VAL F 213 -47.26 -16.13 -31.47
N ALA F 214 -47.15 -16.54 -32.73
CA ALA F 214 -46.34 -17.70 -33.11
C ALA F 214 -45.80 -17.62 -34.53
N VAL F 215 -44.61 -18.17 -34.74
CA VAL F 215 -43.93 -18.11 -36.04
C VAL F 215 -43.34 -19.45 -36.44
N ASN F 216 -43.51 -19.82 -37.71
CA ASN F 216 -42.86 -21.01 -38.24
C ASN F 216 -41.55 -20.64 -38.94
N ALA F 217 -40.43 -21.08 -38.35
CA ALA F 217 -39.11 -20.71 -38.83
C ALA F 217 -38.79 -21.32 -40.19
N ARG F 218 -39.62 -22.26 -40.63
CA ARG F 218 -39.46 -22.84 -41.96
C ARG F 218 -40.09 -21.94 -43.01
N ASP F 219 -41.10 -21.17 -42.59
CA ASP F 219 -41.86 -20.33 -43.50
C ASP F 219 -41.27 -18.92 -43.67
N THR F 220 -40.77 -18.36 -42.58
CA THR F 220 -40.05 -17.09 -42.65
C THR F 220 -38.88 -17.07 -41.68
N ASP F 221 -38.04 -16.05 -41.84
CA ASP F 221 -36.99 -15.76 -40.88
C ASP F 221 -37.63 -15.33 -39.56
N PRO F 222 -37.62 -16.22 -38.56
CA PRO F 222 -38.05 -15.73 -37.25
C PRO F 222 -36.94 -14.81 -36.76
N ALA F 223 -37.27 -13.79 -35.99
CA ALA F 223 -36.34 -12.71 -35.63
C ALA F 223 -36.77 -11.46 -36.35
N ALA F 224 -36.63 -11.45 -37.67
CA ALA F 224 -37.14 -10.36 -38.49
C ALA F 224 -38.65 -10.25 -38.31
N TRP F 225 -39.32 -11.40 -38.30
CA TRP F 225 -40.77 -11.45 -38.10
C TRP F 225 -41.11 -10.95 -36.70
N LEU F 226 -40.31 -11.34 -35.72
CA LEU F 226 -40.55 -10.96 -34.33
C LEU F 226 -40.15 -9.51 -34.05
N GLN F 227 -39.07 -9.06 -34.66
CA GLN F 227 -38.70 -7.65 -34.58
C GLN F 227 -39.84 -6.78 -35.10
N LYS F 228 -40.52 -7.27 -36.14
CA LYS F 228 -41.63 -6.53 -36.73
C LYS F 228 -42.91 -6.63 -35.91
N GLU F 229 -43.22 -7.84 -35.43
CA GLU F 229 -44.48 -8.08 -34.73
C GLU F 229 -44.52 -7.51 -33.31
N ILE F 230 -43.45 -7.67 -32.55
CA ILE F 230 -43.46 -7.26 -31.15
C ILE F 230 -42.33 -6.29 -30.80
N GLY F 231 -41.55 -5.91 -31.81
CA GLY F 231 -40.45 -4.99 -31.61
C GLY F 231 -39.30 -5.63 -30.85
N GLY F 232 -39.12 -6.93 -31.06
CA GLY F 232 -38.11 -7.68 -30.37
C GLY F 232 -38.58 -8.05 -28.98
N ALA F 233 -38.08 -9.18 -28.47
CA ALA F 233 -38.47 -9.65 -27.15
C ALA F 233 -37.47 -9.21 -26.11
N HIS F 234 -37.90 -9.19 -24.85
CA HIS F 234 -37.01 -8.85 -23.75
C HIS F 234 -36.16 -10.06 -23.40
N GLY F 235 -36.69 -11.24 -23.65
CA GLY F 235 -35.98 -12.48 -23.38
C GLY F 235 -36.37 -13.61 -24.32
N VAL F 236 -35.50 -14.60 -24.40
CA VAL F 236 -35.78 -15.80 -25.17
C VAL F 236 -35.31 -17.01 -24.40
N LEU F 237 -36.11 -18.08 -24.43
CA LEU F 237 -35.67 -19.37 -23.91
C LEU F 237 -35.61 -20.37 -25.04
N VAL F 238 -34.41 -20.87 -25.31
CA VAL F 238 -34.20 -21.80 -26.42
C VAL F 238 -34.17 -23.25 -25.94
N THR F 239 -35.19 -24.02 -26.31
CA THR F 239 -35.25 -25.43 -25.99
C THR F 239 -35.06 -26.26 -27.26
N ALA F 240 -34.93 -25.58 -28.40
CA ALA F 240 -34.86 -26.25 -29.71
C ALA F 240 -33.68 -27.20 -29.82
N VAL F 241 -33.83 -28.23 -30.65
CA VAL F 241 -32.78 -29.20 -30.89
C VAL F 241 -32.11 -28.95 -32.25
N SER F 242 -31.74 -27.69 -32.47
CA SER F 242 -31.08 -27.29 -33.71
C SER F 242 -30.21 -26.07 -33.44
N PRO F 243 -28.90 -26.18 -33.76
CA PRO F 243 -27.96 -25.06 -33.59
C PRO F 243 -28.44 -23.82 -34.32
N LYS F 244 -29.08 -24.02 -35.46
CA LYS F 244 -29.62 -22.92 -36.25
C LYS F 244 -30.52 -22.02 -35.41
N ALA F 245 -31.42 -22.64 -34.65
CA ALA F 245 -32.37 -21.92 -33.79
C ALA F 245 -31.67 -21.06 -32.74
N PHE F 246 -30.47 -21.46 -32.34
CA PHE F 246 -29.69 -20.70 -31.37
C PHE F 246 -29.21 -19.39 -31.98
N SER F 247 -28.75 -19.46 -33.22
CA SER F 247 -28.29 -18.27 -33.94
C SER F 247 -29.45 -17.32 -34.19
N GLN F 248 -30.58 -17.87 -34.58
CA GLN F 248 -31.78 -17.08 -34.87
C GLN F 248 -32.33 -16.39 -33.61
N ALA F 249 -32.20 -17.06 -32.48
CA ALA F 249 -32.69 -16.52 -31.21
C ALA F 249 -32.00 -15.20 -30.87
N ILE F 250 -30.70 -15.13 -31.15
CA ILE F 250 -29.91 -13.96 -30.83
C ILE F 250 -30.47 -12.70 -31.48
N GLY F 251 -31.09 -12.86 -32.64
CA GLY F 251 -31.63 -11.73 -33.38
C GLY F 251 -33.07 -11.41 -33.05
N MET F 252 -33.62 -12.10 -32.05
CA MET F 252 -35.03 -11.95 -31.71
C MET F 252 -35.27 -10.94 -30.59
N VAL F 253 -34.20 -10.47 -29.95
CA VAL F 253 -34.34 -9.63 -28.77
C VAL F 253 -34.12 -8.14 -29.00
N ARG F 254 -34.72 -7.34 -28.12
CA ARG F 254 -34.45 -5.91 -28.09
C ARG F 254 -33.04 -5.73 -27.56
N ARG F 255 -32.47 -4.54 -27.75
CA ARG F 255 -31.18 -4.26 -27.15
C ARG F 255 -31.33 -4.46 -25.64
N GLY F 256 -30.30 -5.01 -25.01
CA GLY F 256 -30.33 -5.25 -23.58
C GLY F 256 -30.97 -6.58 -23.23
N GLY F 257 -31.51 -7.26 -24.23
CA GLY F 257 -32.22 -8.51 -24.01
C GLY F 257 -31.35 -9.67 -23.57
N THR F 258 -31.99 -10.72 -23.08
CA THR F 258 -31.28 -11.92 -22.63
C THR F 258 -31.81 -13.16 -23.34
N ILE F 259 -30.88 -14.01 -23.79
CA ILE F 259 -31.24 -15.31 -24.34
C ILE F 259 -30.74 -16.42 -23.42
N ALA F 260 -31.65 -17.17 -22.82
CA ALA F 260 -31.30 -18.32 -21.99
C ALA F 260 -31.31 -19.59 -22.83
N LEU F 261 -30.36 -20.49 -22.57
CA LEU F 261 -30.18 -21.69 -23.40
C LEU F 261 -30.40 -22.98 -22.65
N ASN F 262 -31.30 -23.81 -23.17
CA ASN F 262 -31.56 -25.13 -22.58
C ASN F 262 -31.20 -26.26 -23.53
N GLY F 263 -31.51 -26.07 -24.81
CA GLY F 263 -31.29 -27.09 -25.82
C GLY F 263 -29.86 -27.61 -25.87
N LEU F 264 -29.71 -28.86 -26.26
CA LEU F 264 -28.40 -29.47 -26.32
C LEU F 264 -28.11 -30.22 -27.62
N PRO F 265 -28.34 -29.58 -28.77
CA PRO F 265 -27.86 -30.17 -30.01
C PRO F 265 -26.34 -30.08 -30.03
N PRO F 266 -25.67 -30.93 -30.80
CA PRO F 266 -24.20 -30.95 -30.75
C PRO F 266 -23.59 -29.73 -31.44
N GLY F 267 -22.31 -29.48 -31.18
CA GLY F 267 -21.56 -28.49 -31.93
C GLY F 267 -21.70 -27.05 -31.48
N ASP F 268 -21.36 -26.12 -32.37
CA ASP F 268 -21.43 -24.69 -32.08
C ASP F 268 -22.65 -24.05 -32.74
N PHE F 269 -22.98 -22.84 -32.31
CA PHE F 269 -23.92 -22.00 -33.03
C PHE F 269 -23.29 -20.65 -33.34
N GLY F 270 -23.65 -20.08 -34.49
CA GLY F 270 -23.06 -18.84 -34.95
C GLY F 270 -23.51 -17.64 -34.12
N THR F 271 -22.54 -16.91 -33.59
CA THR F 271 -22.81 -15.79 -32.70
C THR F 271 -22.25 -14.47 -33.24
N PRO F 272 -23.13 -13.51 -33.53
CA PRO F 272 -22.66 -12.21 -34.02
C PRO F 272 -22.16 -11.34 -32.87
N ILE F 273 -20.88 -11.49 -32.52
CA ILE F 273 -20.29 -10.78 -31.40
C ILE F 273 -20.46 -9.28 -31.50
N PHE F 274 -20.31 -8.75 -32.71
CA PHE F 274 -20.44 -7.31 -32.94
C PHE F 274 -21.79 -6.79 -32.43
N ASP F 275 -22.87 -7.44 -32.84
CA ASP F 275 -24.20 -7.02 -32.40
C ASP F 275 -24.41 -7.27 -30.93
N VAL F 276 -23.94 -8.41 -30.45
CA VAL F 276 -24.07 -8.75 -29.03
C VAL F 276 -23.45 -7.67 -28.16
N VAL F 277 -22.30 -7.14 -28.59
CA VAL F 277 -21.62 -6.09 -27.84
C VAL F 277 -22.30 -4.73 -28.01
N LEU F 278 -22.59 -4.35 -29.26
CA LEU F 278 -23.23 -3.06 -29.51
C LEU F 278 -24.62 -2.99 -28.86
N LYS F 279 -25.36 -4.09 -28.91
CA LYS F 279 -26.72 -4.11 -28.38
C LYS F 279 -26.80 -4.50 -26.92
N GLY F 280 -25.64 -4.74 -26.30
CA GLY F 280 -25.60 -5.10 -24.90
C GLY F 280 -26.38 -6.36 -24.58
N ILE F 281 -26.31 -7.34 -25.47
CA ILE F 281 -27.07 -8.58 -25.33
C ILE F 281 -26.43 -9.58 -24.37
N THR F 282 -27.26 -10.37 -23.69
CA THR F 282 -26.78 -11.41 -22.80
C THR F 282 -27.18 -12.81 -23.28
N ILE F 283 -26.20 -13.70 -23.32
CA ILE F 283 -26.47 -15.10 -23.65
C ILE F 283 -26.08 -15.98 -22.46
N ARG F 284 -27.02 -16.80 -22.01
CA ARG F 284 -26.84 -17.49 -20.74
C ARG F 284 -27.31 -18.94 -20.76
N GLY F 285 -26.41 -19.85 -20.41
CA GLY F 285 -26.76 -21.24 -20.28
C GLY F 285 -27.50 -21.49 -18.98
N SER F 286 -28.52 -22.35 -19.04
CA SER F 286 -29.27 -22.70 -17.85
C SER F 286 -29.36 -24.22 -17.76
N ILE F 287 -29.10 -24.75 -16.57
CA ILE F 287 -28.99 -26.19 -16.41
C ILE F 287 -29.96 -26.75 -15.37
N VAL F 288 -30.94 -27.51 -15.85
CA VAL F 288 -32.07 -27.96 -15.04
C VAL F 288 -32.44 -26.96 -13.96
N GLY F 289 -32.58 -27.44 -12.73
CA GLY F 289 -32.96 -26.58 -11.63
C GLY F 289 -32.59 -27.17 -10.28
N THR F 290 -32.34 -26.29 -9.32
CA THR F 290 -32.02 -26.74 -7.96
C THR F 290 -33.25 -27.35 -7.31
N ARG F 291 -33.08 -27.91 -6.11
CA ARG F 291 -34.20 -28.48 -5.39
C ARG F 291 -35.25 -27.43 -5.08
N SER F 292 -34.80 -26.22 -4.80
CA SER F 292 -35.70 -25.09 -4.57
C SER F 292 -36.49 -24.79 -5.85
N ASP F 293 -35.79 -24.73 -6.96
CA ASP F 293 -36.40 -24.55 -8.27
C ASP F 293 -37.46 -25.61 -8.51
N LEU F 294 -37.07 -26.87 -8.28
CA LEU F 294 -37.94 -28.00 -8.53
C LEU F 294 -39.24 -27.94 -7.72
N GLN F 295 -39.10 -27.67 -6.41
CA GLN F 295 -40.27 -27.60 -5.54
C GLN F 295 -41.19 -26.46 -5.97
N GLU F 296 -40.60 -25.35 -6.37
CA GLU F 296 -41.37 -24.21 -6.86
C GLU F 296 -42.11 -24.56 -8.15
N SER F 297 -41.43 -25.28 -9.04
CA SER F 297 -42.04 -25.67 -10.32
C SER F 297 -43.17 -26.69 -10.14
N LEU F 298 -43.00 -27.60 -9.17
CA LEU F 298 -44.05 -28.56 -8.86
C LEU F 298 -45.28 -27.85 -8.30
N ASP F 299 -45.05 -26.75 -7.58
CA ASP F 299 -46.13 -25.99 -6.99
C ASP F 299 -47.05 -25.37 -8.04
N PHE F 300 -46.47 -24.89 -9.14
CA PHE F 300 -47.26 -24.30 -10.21
C PHE F 300 -48.21 -25.34 -10.82
N ALA F 301 -47.74 -26.58 -10.91
CA ALA F 301 -48.54 -27.68 -11.42
C ALA F 301 -49.63 -28.03 -10.41
N ALA F 302 -49.27 -28.02 -9.13
CA ALA F 302 -50.21 -28.29 -8.06
C ALA F 302 -51.38 -27.31 -8.07
N HIS F 303 -51.08 -26.04 -8.34
CA HIS F 303 -52.09 -24.99 -8.36
C HIS F 303 -52.81 -24.91 -9.71
N GLY F 304 -52.33 -25.68 -10.68
CA GLY F 304 -53.00 -25.77 -11.97
C GLY F 304 -52.61 -24.69 -12.96
N ASP F 305 -51.52 -23.98 -12.68
CA ASP F 305 -51.01 -22.96 -13.58
C ASP F 305 -50.33 -23.65 -14.74
N VAL F 306 -49.83 -24.86 -14.48
CA VAL F 306 -49.09 -25.61 -15.46
C VAL F 306 -49.61 -27.05 -15.53
N LYS F 307 -49.86 -27.50 -16.76
CA LYS F 307 -50.34 -28.86 -16.99
C LYS F 307 -49.70 -29.40 -18.26
N ALA F 308 -48.92 -30.47 -18.12
CA ALA F 308 -48.20 -31.04 -19.25
C ALA F 308 -49.13 -31.74 -20.24
N THR F 309 -48.88 -31.54 -21.53
CA THR F 309 -49.57 -32.30 -22.56
C THR F 309 -48.83 -33.61 -22.76
N VAL F 310 -49.46 -34.71 -22.35
CA VAL F 310 -48.76 -35.99 -22.34
C VAL F 310 -49.52 -37.11 -23.04
N SER F 311 -48.76 -37.98 -23.69
CA SER F 311 -49.27 -39.25 -24.18
C SER F 311 -48.56 -40.33 -23.36
N THR F 312 -49.24 -41.44 -23.11
CA THR F 312 -48.60 -42.53 -22.43
C THR F 312 -48.18 -43.62 -23.41
N ALA F 313 -47.32 -44.51 -22.94
CA ALA F 313 -46.87 -45.65 -23.71
C ALA F 313 -46.35 -46.68 -22.73
N LYS F 314 -46.26 -47.93 -23.19
CA LYS F 314 -45.73 -49.00 -22.35
C LYS F 314 -44.21 -49.04 -22.43
N LEU F 315 -43.59 -49.41 -21.32
CA LEU F 315 -42.14 -49.52 -21.21
C LEU F 315 -41.59 -50.29 -22.42
N ASP F 316 -42.32 -51.31 -22.82
CA ASP F 316 -41.90 -52.21 -23.90
C ASP F 316 -41.85 -51.53 -25.26
N ASP F 317 -42.45 -50.36 -25.38
CA ASP F 317 -42.51 -49.64 -26.65
C ASP F 317 -41.59 -48.42 -26.67
N VAL F 318 -40.63 -48.39 -25.75
CA VAL F 318 -39.76 -47.22 -25.59
C VAL F 318 -38.92 -46.92 -26.83
N ASN F 319 -38.56 -47.96 -27.57
CA ASN F 319 -37.81 -47.78 -28.82
C ASN F 319 -38.65 -47.08 -29.87
N ASP F 320 -39.93 -47.43 -29.94
CA ASP F 320 -40.86 -46.77 -30.84
C ASP F 320 -41.00 -45.30 -30.47
N VAL F 321 -41.07 -45.03 -29.16
CA VAL F 321 -41.15 -43.66 -28.66
C VAL F 321 -39.94 -42.85 -29.11
N PHE F 322 -38.75 -43.42 -28.93
CA PHE F 322 -37.53 -42.75 -29.35
C PHE F 322 -37.58 -42.36 -30.83
N GLY F 323 -37.99 -43.30 -31.67
CA GLY F 323 -38.13 -43.05 -33.09
C GLY F 323 -38.99 -41.84 -33.40
N ARG F 324 -40.18 -41.79 -32.80
CA ARG F 324 -41.12 -40.71 -33.02
C ARG F 324 -40.59 -39.36 -32.52
N LEU F 325 -40.02 -39.37 -31.32
CA LEU F 325 -39.40 -38.18 -30.74
C LEU F 325 -38.33 -37.63 -31.69
N ARG F 326 -37.46 -38.52 -32.17
CA ARG F 326 -36.35 -38.16 -33.04
C ARG F 326 -36.84 -37.55 -34.36
N GLU F 327 -38.02 -37.97 -34.80
CA GLU F 327 -38.61 -37.48 -36.04
C GLU F 327 -39.48 -36.25 -35.82
N GLY F 328 -39.63 -35.83 -34.57
CA GLY F 328 -40.46 -34.69 -34.25
C GLY F 328 -41.94 -34.98 -34.41
N LYS F 329 -42.32 -36.23 -34.17
CA LYS F 329 -43.71 -36.65 -34.29
C LYS F 329 -44.42 -36.70 -32.95
N VAL F 330 -43.80 -36.17 -31.91
CA VAL F 330 -44.39 -36.18 -30.57
C VAL F 330 -45.03 -34.85 -30.20
N GLU F 331 -46.26 -34.91 -29.69
CA GLU F 331 -46.93 -33.74 -29.15
C GLU F 331 -46.63 -33.63 -27.65
N GLY F 332 -45.88 -32.60 -27.28
CA GLY F 332 -45.50 -32.40 -25.89
C GLY F 332 -44.59 -33.51 -25.39
N ARG F 333 -45.07 -34.24 -24.39
CA ARG F 333 -44.27 -35.26 -23.74
C ARG F 333 -44.89 -36.65 -23.90
N VAL F 334 -44.02 -37.65 -24.02
CA VAL F 334 -44.45 -39.03 -23.86
C VAL F 334 -44.00 -39.51 -22.49
N VAL F 335 -44.94 -40.07 -21.73
CA VAL F 335 -44.63 -40.57 -20.39
C VAL F 335 -44.91 -42.07 -20.33
N LEU F 336 -43.89 -42.84 -19.95
CA LEU F 336 -44.05 -44.27 -19.79
C LEU F 336 -44.94 -44.54 -18.59
N ASP F 337 -46.06 -45.24 -18.83
CA ASP F 337 -47.00 -45.56 -17.77
C ASP F 337 -46.78 -46.98 -17.26
N PHE F 338 -46.53 -47.10 -15.96
CA PHE F 338 -46.32 -48.41 -15.35
C PHE F 338 -47.58 -48.94 -14.68
N SER F 339 -48.68 -48.21 -14.87
CA SER F 339 -49.95 -48.60 -14.28
C SER F 339 -50.30 -50.04 -14.63
N ARG F 340 -50.31 -50.89 -13.61
CA ARG F 340 -50.71 -52.28 -13.76
C ARG F 340 -51.97 -52.40 -14.58
N ALA G 1 -57.91 34.02 -20.14
CA ALA G 1 -58.98 33.10 -19.77
C ALA G 1 -59.04 32.88 -18.26
N MET G 2 -60.23 32.55 -17.77
CA MET G 2 -60.40 32.19 -16.36
C MET G 2 -60.92 30.77 -16.26
N MET G 3 -60.76 30.15 -15.09
CA MET G 3 -61.17 28.76 -14.90
C MET G 3 -61.62 28.49 -13.48
N LYS G 4 -62.38 27.41 -13.31
CA LYS G 4 -62.78 26.95 -11.99
C LYS G 4 -61.71 26.04 -11.41
N ALA G 5 -61.39 26.26 -10.14
CA ALA G 5 -60.43 25.41 -9.45
C ALA G 5 -60.75 25.34 -7.96
N ALA G 6 -60.38 24.24 -7.34
CA ALA G 6 -60.50 24.10 -5.89
C ALA G 6 -59.17 24.49 -5.25
N VAL G 7 -59.22 25.45 -4.33
CA VAL G 7 -57.99 25.99 -3.75
C VAL G 7 -57.88 25.76 -2.26
N VAL G 8 -56.69 25.34 -1.82
CA VAL G 8 -56.37 25.30 -0.41
C VAL G 8 -55.78 26.65 -0.02
N ARG G 9 -56.33 27.27 1.01
CA ARG G 9 -55.83 28.59 1.44
C ARG G 9 -55.44 28.60 2.91
N ALA G 10 -55.85 27.57 3.64
CA ALA G 10 -55.48 27.43 5.04
C ALA G 10 -55.61 25.97 5.46
N PHE G 11 -54.58 25.46 6.12
CA PHE G 11 -54.58 24.07 6.56
C PHE G 11 -55.76 23.78 7.49
N GLY G 12 -56.54 22.76 7.16
CA GLY G 12 -57.68 22.37 7.97
C GLY G 12 -58.99 22.99 7.50
N ALA G 13 -58.90 24.05 6.72
CA ALA G 13 -60.10 24.74 6.26
C ALA G 13 -60.67 24.08 5.02
N PRO G 14 -61.99 24.21 4.81
CA PRO G 14 -62.55 23.69 3.56
C PRO G 14 -61.92 24.38 2.35
N LEU G 15 -61.78 23.65 1.25
CA LEU G 15 -61.27 24.22 0.01
C LEU G 15 -62.32 25.15 -0.57
N THR G 16 -61.88 26.19 -1.26
CA THR G 16 -62.80 27.10 -1.92
C THR G 16 -62.75 26.90 -3.43
N ILE G 17 -63.93 26.87 -4.05
CA ILE G 17 -64.02 26.75 -5.50
C ILE G 17 -64.05 28.15 -6.12
N ASP G 18 -62.91 28.56 -6.66
CA ASP G 18 -62.78 29.94 -7.14
C ASP G 18 -62.53 30.02 -8.64
N GLU G 19 -62.82 31.20 -9.20
CA GLU G 19 -62.41 31.54 -10.55
C GLU G 19 -60.98 32.05 -10.48
N VAL G 20 -60.08 31.37 -11.17
CA VAL G 20 -58.68 31.75 -11.18
C VAL G 20 -58.17 31.81 -12.62
N PRO G 21 -57.04 32.50 -12.84
CA PRO G 21 -56.51 32.59 -14.20
C PRO G 21 -56.11 31.22 -14.73
N VAL G 22 -56.34 30.99 -16.02
CA VAL G 22 -55.85 29.78 -16.67
C VAL G 22 -54.35 29.89 -16.84
N PRO G 23 -53.60 28.89 -16.34
CA PRO G 23 -52.14 28.95 -16.44
C PRO G 23 -51.65 28.75 -17.86
N GLN G 24 -50.70 29.56 -18.29
CA GLN G 24 -50.18 29.50 -19.65
C GLN G 24 -48.80 28.83 -19.68
N PRO G 25 -48.56 28.00 -20.72
CA PRO G 25 -47.32 27.23 -20.81
C PRO G 25 -46.17 28.04 -21.42
N GLY G 26 -45.12 28.27 -20.65
CA GLY G 26 -43.93 28.92 -21.14
C GLY G 26 -43.10 27.96 -21.96
N PRO G 27 -41.86 28.38 -22.31
CA PRO G 27 -40.94 27.52 -23.04
C PRO G 27 -40.79 26.15 -22.39
N GLY G 28 -40.89 25.09 -23.18
CA GLY G 28 -40.67 23.75 -22.68
C GLY G 28 -41.80 23.23 -21.81
N GLN G 29 -42.91 23.95 -21.79
CA GLN G 29 -44.06 23.54 -20.99
C GLN G 29 -45.25 23.23 -21.88
N VAL G 30 -46.18 22.43 -21.36
CA VAL G 30 -47.44 22.23 -22.05
C VAL G 30 -48.60 22.57 -21.14
N GLN G 31 -49.76 22.83 -21.74
CA GLN G 31 -50.98 23.05 -21.00
C GLN G 31 -51.88 21.84 -21.19
N VAL G 32 -52.56 21.42 -20.13
CA VAL G 32 -53.44 20.27 -20.19
C VAL G 32 -54.85 20.63 -19.78
N LYS G 33 -55.82 20.38 -20.65
CA LYS G 33 -57.22 20.55 -20.28
C LYS G 33 -57.72 19.30 -19.55
N ILE G 34 -58.03 19.46 -18.27
CA ILE G 34 -58.41 18.34 -17.42
C ILE G 34 -59.78 17.77 -17.76
N GLU G 35 -59.84 16.45 -17.94
CA GLU G 35 -61.10 15.76 -18.22
C GLU G 35 -61.52 14.92 -17.02
N ALA G 36 -60.54 14.50 -16.23
CA ALA G 36 -60.77 13.75 -15.01
C ALA G 36 -59.62 14.02 -14.03
N SER G 37 -59.85 13.80 -12.75
CA SER G 37 -58.85 14.14 -11.74
C SER G 37 -59.04 13.33 -10.45
N GLY G 38 -58.23 12.30 -10.28
CA GLY G 38 -58.32 11.44 -9.12
C GLY G 38 -58.05 12.12 -7.79
N VAL G 39 -58.80 11.72 -6.76
CA VAL G 39 -58.58 12.23 -5.42
C VAL G 39 -57.71 11.26 -4.64
N CYS G 40 -56.51 11.70 -4.27
CA CYS G 40 -55.60 10.87 -3.51
C CYS G 40 -55.56 11.30 -2.05
N HIS G 41 -55.41 10.34 -1.15
CA HIS G 41 -55.39 10.65 0.28
C HIS G 41 -54.32 11.68 0.59
N THR G 42 -53.25 11.68 -0.19
CA THR G 42 -52.20 12.68 -0.04
C THR G 42 -52.78 14.09 -0.11
N ASP G 43 -53.84 14.25 -0.89
CA ASP G 43 -54.50 15.54 -1.03
C ASP G 43 -55.05 16.00 0.32
N LEU G 44 -55.52 15.05 1.12
CA LEU G 44 -55.95 15.35 2.48
C LEU G 44 -54.77 15.79 3.32
N HIS G 45 -53.72 14.95 3.35
CA HIS G 45 -52.50 15.27 4.07
C HIS G 45 -52.00 16.67 3.73
N ALA G 46 -52.09 17.02 2.46
CA ALA G 46 -51.61 18.31 1.97
C ALA G 46 -52.46 19.47 2.46
N ALA G 47 -53.79 19.31 2.37
CA ALA G 47 -54.70 20.35 2.81
C ALA G 47 -54.70 20.52 4.34
N ASP G 48 -54.34 19.45 5.04
CA ASP G 48 -54.28 19.47 6.50
C ASP G 48 -52.90 19.91 6.98
N GLY G 49 -51.94 19.91 6.07
CA GLY G 49 -50.56 20.23 6.42
C GLY G 49 -50.05 19.39 7.57
N ASP G 50 -50.36 18.09 7.54
CA ASP G 50 -49.93 17.19 8.62
C ASP G 50 -48.59 16.51 8.33
N TRP G 51 -47.89 16.99 7.32
CA TRP G 51 -46.56 16.47 6.98
C TRP G 51 -45.49 17.47 7.39
N PRO G 52 -44.25 16.99 7.58
CA PRO G 52 -43.10 17.83 7.96
C PRO G 52 -42.78 18.92 6.95
N VAL G 53 -42.82 18.59 5.66
CA VAL G 53 -42.63 19.59 4.62
C VAL G 53 -43.97 19.99 4.03
N LYS G 54 -44.36 21.24 4.25
CA LYS G 54 -45.69 21.71 3.87
C LYS G 54 -45.73 22.20 2.43
N PRO G 55 -46.93 22.21 1.83
CA PRO G 55 -47.10 22.89 0.54
C PRO G 55 -47.20 24.39 0.79
N THR G 56 -46.77 25.20 -0.17
CA THR G 56 -46.89 26.65 -0.02
C THR G 56 -48.31 27.08 -0.33
N LEU G 57 -48.87 27.91 0.54
CA LEU G 57 -50.24 28.38 0.38
C LEU G 57 -50.29 29.71 -0.37
N PRO G 58 -51.33 29.89 -1.21
CA PRO G 58 -52.34 28.88 -1.51
C PRO G 58 -51.91 27.99 -2.66
N PHE G 59 -52.64 26.90 -2.89
CA PHE G 59 -52.33 26.02 -4.02
C PHE G 59 -53.53 25.17 -4.42
N ILE G 60 -53.47 24.65 -5.65
CA ILE G 60 -54.49 23.76 -6.17
C ILE G 60 -53.98 22.33 -6.14
N PRO G 61 -54.63 21.46 -5.35
CA PRO G 61 -54.15 20.07 -5.26
C PRO G 61 -54.42 19.29 -6.54
N GLY G 62 -54.03 18.02 -6.58
CA GLY G 62 -54.36 17.14 -7.68
C GLY G 62 -53.17 16.66 -8.51
N HIS G 63 -52.78 15.42 -8.30
CA HIS G 63 -51.70 14.81 -9.09
C HIS G 63 -52.15 13.51 -9.74
N GLU G 64 -53.44 13.37 -9.95
CA GLU G 64 -54.00 12.29 -10.76
C GLU G 64 -54.86 12.90 -11.85
N GLY G 65 -54.44 14.05 -12.35
CA GLY G 65 -55.17 14.76 -13.38
C GLY G 65 -54.82 14.25 -14.77
N VAL G 66 -55.83 14.01 -15.59
CA VAL G 66 -55.63 13.55 -16.95
C VAL G 66 -56.52 14.31 -17.93
N GLY G 67 -56.08 14.45 -19.17
CA GLY G 67 -56.85 15.14 -20.19
C GLY G 67 -56.10 15.29 -21.49
N TYR G 68 -56.34 16.40 -22.18
CA TYR G 68 -55.70 16.67 -23.46
C TYR G 68 -54.66 17.77 -23.33
N VAL G 69 -53.57 17.66 -24.10
CA VAL G 69 -52.67 18.78 -24.30
C VAL G 69 -53.44 19.84 -25.07
N SER G 70 -53.68 20.98 -24.44
CA SER G 70 -54.49 22.02 -25.05
C SER G 70 -53.63 23.16 -25.58
N ALA G 71 -52.35 23.16 -25.20
CA ALA G 71 -51.42 24.17 -25.68
C ALA G 71 -49.98 23.75 -25.43
N VAL G 72 -49.09 24.18 -26.31
CA VAL G 72 -47.70 23.79 -26.23
C VAL G 72 -46.76 24.98 -26.37
N GLY G 73 -45.84 25.12 -25.43
CA GLY G 73 -44.81 26.15 -25.53
C GLY G 73 -43.75 25.73 -26.54
N SER G 74 -42.69 26.52 -26.62
CA SER G 74 -41.61 26.23 -27.57
C SER G 74 -40.72 25.10 -27.08
N GLY G 75 -39.84 24.63 -27.97
CA GLY G 75 -38.89 23.58 -27.64
C GLY G 75 -39.50 22.34 -27.02
N VAL G 76 -40.71 22.00 -27.44
CA VAL G 76 -41.40 20.81 -26.95
C VAL G 76 -41.67 19.84 -28.08
N SER G 77 -41.18 18.60 -27.93
CA SER G 77 -41.32 17.60 -28.99
C SER G 77 -41.97 16.30 -28.52
N ARG G 78 -41.89 16.02 -27.21
CA ARG G 78 -42.37 14.74 -26.69
C ARG G 78 -43.86 14.53 -26.91
N VAL G 79 -44.65 15.60 -26.76
CA VAL G 79 -46.09 15.52 -26.99
C VAL G 79 -46.55 16.68 -27.86
N LYS G 80 -47.79 16.57 -28.35
CA LYS G 80 -48.38 17.63 -29.15
C LYS G 80 -49.83 17.86 -28.80
N GLU G 81 -50.38 18.97 -29.28
CA GLU G 81 -51.78 19.31 -29.05
C GLU G 81 -52.71 18.14 -29.37
N GLY G 82 -53.57 17.80 -28.41
CA GLY G 82 -54.56 16.76 -28.63
C GLY G 82 -54.16 15.44 -27.98
N ASP G 83 -52.89 15.33 -27.62
CA ASP G 83 -52.39 14.12 -26.96
C ASP G 83 -53.02 13.93 -25.59
N ARG G 84 -53.32 12.69 -25.24
CA ARG G 84 -53.89 12.36 -23.94
C ARG G 84 -52.78 12.07 -22.94
N VAL G 85 -52.72 12.87 -21.88
CA VAL G 85 -51.62 12.78 -20.93
C VAL G 85 -52.11 12.95 -19.50
N GLY G 86 -51.30 12.51 -18.56
CA GLY G 86 -51.58 12.70 -17.15
C GLY G 86 -50.44 13.39 -16.45
N VAL G 87 -50.75 14.16 -15.41
CA VAL G 87 -49.75 14.89 -14.66
C VAL G 87 -49.63 14.34 -13.24
N PRO G 88 -48.61 13.50 -13.00
CA PRO G 88 -48.44 12.76 -11.75
C PRO G 88 -47.71 13.53 -10.66
N TRP G 89 -47.58 12.91 -9.49
CA TRP G 89 -46.88 13.48 -8.35
C TRP G 89 -45.51 14.04 -8.76
N LEU G 90 -44.72 13.21 -9.44
CA LEU G 90 -43.42 13.64 -9.93
C LEU G 90 -43.61 14.56 -11.13
N TYR G 91 -43.78 15.85 -10.85
CA TYR G 91 -44.00 16.86 -11.88
C TYR G 91 -42.78 17.02 -12.77
N SER G 92 -41.61 17.07 -12.15
CA SER G 92 -40.36 17.23 -12.87
C SER G 92 -39.18 16.84 -12.00
N ALA G 93 -38.05 16.53 -12.64
CA ALA G 93 -36.80 16.29 -11.94
C ALA G 93 -35.68 16.97 -12.73
N CYS G 94 -34.50 17.09 -12.14
CA CYS G 94 -33.42 17.85 -12.76
C CYS G 94 -32.82 17.14 -13.99
N GLY G 95 -32.83 15.81 -13.98
CA GLY G 95 -32.42 15.05 -15.14
C GLY G 95 -30.95 14.65 -15.23
N TYR G 96 -30.12 15.18 -14.34
CA TYR G 96 -28.69 14.89 -14.42
C TYR G 96 -27.99 14.67 -13.08
N CYS G 97 -28.73 14.70 -11.99
CA CYS G 97 -28.14 14.31 -10.72
C CYS G 97 -27.85 12.81 -10.75
N GLU G 98 -27.23 12.29 -9.70
CA GLU G 98 -26.91 10.87 -9.65
C GLU G 98 -28.17 10.01 -9.73
N HIS G 99 -29.21 10.42 -9.01
CA HIS G 99 -30.46 9.68 -8.98
C HIS G 99 -31.09 9.65 -10.37
N CYS G 100 -31.14 10.80 -11.02
CA CYS G 100 -31.77 10.92 -12.34
C CYS G 100 -31.03 10.12 -13.41
N LEU G 101 -29.70 10.17 -13.39
CA LEU G 101 -28.90 9.43 -14.35
C LEU G 101 -29.05 7.93 -14.16
N GLN G 102 -29.33 7.51 -12.93
CA GLN G 102 -29.49 6.09 -12.62
C GLN G 102 -30.91 5.60 -12.92
N GLY G 103 -31.77 6.50 -13.38
CA GLY G 103 -33.14 6.15 -13.64
C GLY G 103 -33.94 6.03 -12.35
N TRP G 104 -33.53 6.78 -11.34
CA TRP G 104 -34.25 6.86 -10.08
C TRP G 104 -34.69 8.29 -9.82
N GLU G 105 -35.35 8.89 -10.80
CA GLU G 105 -35.72 10.31 -10.72
C GLU G 105 -36.74 10.59 -9.61
N THR G 106 -37.38 9.54 -9.10
CA THR G 106 -38.31 9.70 -7.98
C THR G 106 -37.56 10.16 -6.74
N LEU G 107 -36.24 10.02 -6.76
CA LEU G 107 -35.41 10.37 -5.61
C LEU G 107 -34.74 11.73 -5.81
N CYS G 108 -34.93 12.32 -6.99
CA CYS G 108 -34.33 13.61 -7.30
C CYS G 108 -34.67 14.66 -6.26
N GLU G 109 -33.63 15.23 -5.66
CA GLU G 109 -33.79 16.21 -4.59
C GLU G 109 -34.31 17.55 -5.11
N LYS G 110 -34.24 17.74 -6.42
CA LYS G 110 -34.69 18.98 -7.05
C LYS G 110 -36.07 18.86 -7.68
N GLN G 111 -36.72 17.72 -7.47
CA GLN G 111 -38.01 17.46 -8.07
C GLN G 111 -39.07 18.46 -7.63
N GLN G 112 -40.06 18.67 -8.49
CA GLN G 112 -41.25 19.43 -8.13
C GLN G 112 -42.39 18.43 -8.01
N ASN G 113 -43.39 18.76 -7.18
CA ASN G 113 -44.50 17.84 -6.99
C ASN G 113 -45.87 18.47 -7.31
N THR G 114 -46.58 17.84 -8.24
CA THR G 114 -47.86 18.33 -8.71
C THR G 114 -48.89 18.39 -7.59
N GLY G 115 -49.57 19.53 -7.47
CA GLY G 115 -50.58 19.72 -6.45
C GLY G 115 -49.99 19.75 -5.06
N TYR G 116 -48.81 20.34 -4.93
CA TYR G 116 -48.14 20.46 -3.64
C TYR G 116 -47.14 21.61 -3.63
N SER G 117 -46.10 21.51 -4.45
CA SER G 117 -45.14 22.60 -4.61
C SER G 117 -45.46 23.41 -5.86
N VAL G 118 -46.24 22.80 -6.76
CA VAL G 118 -46.79 23.50 -7.90
C VAL G 118 -48.27 23.14 -7.98
N ASN G 119 -49.06 23.96 -8.67
CA ASN G 119 -50.49 23.72 -8.78
C ASN G 119 -50.83 22.45 -9.56
N GLY G 120 -51.96 21.82 -9.20
CA GLY G 120 -52.33 20.53 -9.76
C GLY G 120 -53.63 20.50 -10.55
N GLY G 121 -54.27 19.32 -10.56
CA GLY G 121 -55.37 19.05 -11.47
C GLY G 121 -56.80 19.26 -10.95
N TYR G 122 -56.94 19.78 -9.74
CA TYR G 122 -58.26 20.17 -9.24
C TYR G 122 -58.74 21.43 -9.94
N GLY G 123 -58.64 21.46 -11.26
CA GLY G 123 -59.03 22.61 -12.05
C GLY G 123 -59.15 22.25 -13.52
N GLU G 124 -59.78 23.12 -14.30
CA GLU G 124 -60.04 22.86 -15.71
C GLU G 124 -58.76 22.76 -16.54
N TYR G 125 -57.72 23.49 -16.13
CA TYR G 125 -56.45 23.45 -16.84
C TYR G 125 -55.29 23.35 -15.87
N VAL G 126 -54.20 22.73 -16.31
CA VAL G 126 -52.97 22.70 -15.54
C VAL G 126 -51.78 22.72 -16.48
N VAL G 127 -50.72 23.43 -16.09
CA VAL G 127 -49.49 23.43 -16.86
C VAL G 127 -48.57 22.32 -16.37
N ALA G 128 -47.90 21.66 -17.30
CA ALA G 128 -47.04 20.53 -16.95
C ALA G 128 -45.71 20.56 -17.68
N ASP G 129 -44.76 19.80 -17.17
CA ASP G 129 -43.51 19.55 -17.87
C ASP G 129 -43.70 18.29 -18.70
N PRO G 130 -43.74 18.44 -20.03
CA PRO G 130 -44.11 17.33 -20.91
C PRO G 130 -43.12 16.16 -20.81
N ASN G 131 -41.93 16.42 -20.29
CA ASN G 131 -40.93 15.38 -20.13
C ASN G 131 -41.27 14.38 -19.03
N TYR G 132 -42.32 14.68 -18.25
CA TYR G 132 -42.62 13.86 -17.08
C TYR G 132 -44.09 13.48 -16.95
N VAL G 133 -44.90 13.87 -17.92
CA VAL G 133 -46.29 13.48 -17.93
C VAL G 133 -46.42 12.02 -18.33
N GLY G 134 -47.52 11.40 -17.92
CA GLY G 134 -47.84 10.06 -18.36
C GLY G 134 -48.46 10.13 -19.74
N LEU G 135 -48.05 9.23 -20.61
CA LEU G 135 -48.66 9.11 -21.93
C LEU G 135 -49.75 8.05 -21.85
N LEU G 136 -51.00 8.51 -21.95
CA LEU G 136 -52.15 7.64 -21.70
C LEU G 136 -52.45 6.69 -22.85
N PRO G 137 -52.85 5.46 -22.52
CA PRO G 137 -53.26 4.46 -23.52
C PRO G 137 -54.58 4.82 -24.17
N ASP G 138 -54.69 4.60 -25.48
CA ASP G 138 -55.88 4.98 -26.23
C ASP G 138 -57.14 4.26 -25.77
N LYS G 139 -57.01 3.01 -25.33
CA LYS G 139 -58.16 2.17 -25.06
C LYS G 139 -58.73 2.27 -23.64
N VAL G 140 -58.21 3.20 -22.84
CA VAL G 140 -58.77 3.46 -21.51
C VAL G 140 -59.23 4.91 -21.38
N GLY G 141 -60.45 5.09 -20.89
CA GLY G 141 -61.01 6.42 -20.72
C GLY G 141 -60.41 7.18 -19.56
N PHE G 142 -60.64 8.49 -19.53
CA PHE G 142 -60.03 9.36 -18.53
C PHE G 142 -60.34 8.98 -17.08
N VAL G 143 -61.62 8.72 -16.82
CA VAL G 143 -62.05 8.43 -15.45
C VAL G 143 -61.38 7.17 -14.87
N GLU G 144 -61.27 6.14 -15.69
CA GLU G 144 -60.67 4.88 -15.25
C GLU G 144 -59.15 4.93 -15.16
N ILE G 145 -58.52 5.74 -16.01
CA ILE G 145 -57.06 5.77 -16.06
C ILE G 145 -56.45 6.72 -15.04
N ALA G 146 -57.24 7.69 -14.59
CA ALA G 146 -56.76 8.71 -13.66
C ALA G 146 -56.01 8.14 -12.46
N PRO G 147 -56.61 7.18 -11.74
CA PRO G 147 -55.98 6.59 -10.55
C PRO G 147 -54.61 5.96 -10.81
N ILE G 148 -54.34 5.54 -12.05
CA ILE G 148 -53.06 4.92 -12.36
C ILE G 148 -51.92 5.94 -12.28
N LEU G 149 -52.26 7.22 -12.39
CA LEU G 149 -51.27 8.29 -12.37
C LEU G 149 -50.60 8.42 -11.01
N CYS G 150 -51.22 7.87 -9.97
CA CYS G 150 -50.56 7.81 -8.67
C CYS G 150 -50.80 6.51 -7.92
N ALA G 151 -52.06 6.17 -7.69
CA ALA G 151 -52.39 4.92 -7.01
C ALA G 151 -51.73 3.75 -7.72
N GLY G 152 -52.00 3.65 -9.03
CA GLY G 152 -51.50 2.54 -9.83
C GLY G 152 -49.98 2.44 -9.88
N VAL G 153 -49.32 3.49 -10.36
CA VAL G 153 -47.88 3.48 -10.51
C VAL G 153 -47.18 3.24 -9.17
N THR G 154 -47.70 3.85 -8.11
CA THR G 154 -47.10 3.74 -6.80
C THR G 154 -47.04 2.30 -6.30
N VAL G 155 -48.17 1.60 -6.32
CA VAL G 155 -48.23 0.24 -5.81
C VAL G 155 -47.57 -0.75 -6.77
N TYR G 156 -47.55 -0.42 -8.06
CA TYR G 156 -46.83 -1.24 -9.03
C TYR G 156 -45.34 -1.24 -8.72
N LYS G 157 -44.79 -0.06 -8.48
CA LYS G 157 -43.40 0.09 -8.10
C LYS G 157 -43.17 -0.49 -6.71
N GLY G 158 -44.11 -0.24 -5.81
CA GLY G 158 -44.04 -0.77 -4.46
C GLY G 158 -43.95 -2.28 -4.44
N LEU G 159 -44.72 -2.92 -5.32
CA LEU G 159 -44.69 -4.38 -5.43
C LEU G 159 -43.38 -4.86 -6.00
N LYS G 160 -42.83 -4.10 -6.96
CA LYS G 160 -41.53 -4.45 -7.54
C LYS G 160 -40.44 -4.48 -6.48
N VAL G 161 -40.47 -3.52 -5.56
CA VAL G 161 -39.42 -3.41 -4.56
C VAL G 161 -39.65 -4.27 -3.31
N THR G 162 -40.73 -5.06 -3.33
CA THR G 162 -40.92 -6.07 -2.29
C THR G 162 -40.00 -7.24 -2.59
N ASP G 163 -39.51 -7.28 -3.82
CA ASP G 163 -38.62 -8.34 -4.28
C ASP G 163 -39.27 -9.72 -4.20
N THR G 164 -40.58 -9.75 -4.42
CA THR G 164 -41.31 -11.01 -4.49
C THR G 164 -41.36 -11.53 -5.93
N ARG G 165 -41.47 -12.84 -6.09
CA ARG G 165 -41.57 -13.45 -7.42
C ARG G 165 -42.85 -14.27 -7.56
N PRO G 166 -43.24 -14.56 -8.82
CA PRO G 166 -44.43 -15.37 -9.11
C PRO G 166 -44.49 -16.62 -8.25
N GLY G 167 -45.65 -16.89 -7.68
CA GLY G 167 -45.84 -18.05 -6.84
C GLY G 167 -45.80 -17.69 -5.36
N GLN G 168 -45.16 -16.58 -5.03
CA GLN G 168 -44.99 -16.18 -3.63
C GLN G 168 -46.17 -15.37 -3.11
N TRP G 169 -46.26 -15.27 -1.78
CA TRP G 169 -47.32 -14.53 -1.12
C TRP G 169 -46.93 -13.08 -0.87
N VAL G 170 -47.84 -12.17 -1.23
CA VAL G 170 -47.68 -10.77 -0.86
C VAL G 170 -48.91 -10.32 -0.11
N VAL G 171 -48.71 -9.52 0.94
CA VAL G 171 -49.81 -8.94 1.67
C VAL G 171 -49.98 -7.48 1.27
N ILE G 172 -51.23 -7.11 0.96
CA ILE G 172 -51.58 -5.71 0.78
C ILE G 172 -52.30 -5.24 2.04
N SER G 173 -51.69 -4.31 2.76
CA SER G 173 -52.29 -3.74 3.97
C SER G 173 -52.93 -2.40 3.64
N GLY G 174 -54.25 -2.34 3.77
CA GLY G 174 -54.99 -1.15 3.41
C GLY G 174 -55.50 -1.28 1.99
N ILE G 175 -56.78 -1.61 1.84
CA ILE G 175 -57.35 -1.79 0.52
C ILE G 175 -58.16 -0.57 0.10
N GLY G 176 -57.50 0.59 0.08
CA GLY G 176 -58.14 1.82 -0.34
C GLY G 176 -57.85 2.12 -1.79
N GLY G 177 -57.61 3.40 -2.10
CA GLY G 177 -57.31 3.82 -3.45
C GLY G 177 -56.11 3.08 -4.03
N LEU G 178 -55.01 3.12 -3.29
CA LEU G 178 -53.80 2.41 -3.68
C LEU G 178 -53.99 0.90 -3.57
N GLY G 179 -54.53 0.47 -2.43
CA GLY G 179 -54.65 -0.94 -2.12
C GLY G 179 -55.43 -1.78 -3.10
N HIS G 180 -56.57 -1.28 -3.56
CA HIS G 180 -57.48 -2.07 -4.40
C HIS G 180 -56.93 -2.36 -5.79
N VAL G 181 -56.08 -1.46 -6.30
CA VAL G 181 -55.39 -1.71 -7.57
C VAL G 181 -54.10 -2.49 -7.32
N ALA G 182 -53.56 -2.34 -6.12
CA ALA G 182 -52.39 -3.10 -5.69
C ALA G 182 -52.69 -4.59 -5.76
N VAL G 183 -53.88 -4.97 -5.31
CA VAL G 183 -54.31 -6.37 -5.38
C VAL G 183 -54.26 -6.89 -6.82
N GLN G 184 -54.66 -6.04 -7.75
CA GLN G 184 -54.73 -6.43 -9.16
C GLN G 184 -53.36 -6.49 -9.81
N TYR G 185 -52.49 -5.55 -9.48
CA TYR G 185 -51.13 -5.56 -10.00
C TYR G 185 -50.39 -6.80 -9.52
N ALA G 186 -50.59 -7.14 -8.25
CA ALA G 186 -49.96 -8.32 -7.65
C ALA G 186 -50.32 -9.60 -8.41
N ARG G 187 -51.60 -9.78 -8.70
CA ARG G 187 -52.06 -10.94 -9.45
C ARG G 187 -51.45 -10.96 -10.85
N ALA G 188 -51.35 -9.78 -11.46
CA ALA G 188 -50.78 -9.65 -12.80
C ALA G 188 -49.29 -9.96 -12.77
N MET G 189 -48.68 -9.88 -11.60
CA MET G 189 -47.25 -10.15 -11.44
C MET G 189 -47.02 -11.56 -10.91
N GLY G 190 -48.08 -12.36 -10.87
CA GLY G 190 -47.97 -13.76 -10.52
C GLY G 190 -47.98 -14.06 -9.03
N LEU G 191 -48.31 -13.06 -8.23
CA LEU G 191 -48.30 -13.23 -6.78
C LEU G 191 -49.63 -13.74 -6.25
N ARG G 192 -49.58 -14.44 -5.12
CA ARG G 192 -50.78 -14.80 -4.39
C ARG G 192 -51.02 -13.71 -3.36
N VAL G 193 -52.25 -13.25 -3.22
CA VAL G 193 -52.52 -12.05 -2.44
C VAL G 193 -53.34 -12.30 -1.18
N ALA G 194 -52.88 -11.72 -0.07
CA ALA G 194 -53.67 -11.66 1.15
C ALA G 194 -53.97 -10.19 1.43
N ALA G 195 -55.17 -9.91 1.94
CA ALA G 195 -55.57 -8.53 2.17
C ALA G 195 -55.83 -8.26 3.65
N VAL G 196 -55.42 -7.08 4.10
CA VAL G 196 -55.69 -6.64 5.45
C VAL G 196 -56.26 -5.23 5.48
N ASP G 197 -57.36 -5.07 6.20
CA ASP G 197 -57.94 -3.76 6.44
C ASP G 197 -58.71 -3.80 7.75
N ILE G 198 -59.48 -2.75 8.03
CA ILE G 198 -60.19 -2.65 9.29
C ILE G 198 -61.68 -2.47 9.05
N ASP G 199 -62.12 -2.80 7.85
CA ASP G 199 -63.48 -2.61 7.42
C ASP G 199 -63.85 -3.74 6.48
N ASP G 200 -64.86 -4.52 6.83
CA ASP G 200 -65.20 -5.71 6.05
C ASP G 200 -65.50 -5.43 4.58
N ALA G 201 -66.08 -4.26 4.31
CA ALA G 201 -66.42 -3.87 2.94
C ALA G 201 -65.18 -3.75 2.06
N LYS G 202 -64.08 -3.30 2.66
CA LYS G 202 -62.81 -3.17 1.95
C LYS G 202 -62.30 -4.56 1.59
N LEU G 203 -62.38 -5.48 2.56
CA LEU G 203 -61.90 -6.84 2.36
C LEU G 203 -62.72 -7.54 1.29
N ASN G 204 -64.02 -7.29 1.29
CA ASN G 204 -64.90 -7.81 0.24
C ASN G 204 -64.47 -7.32 -1.14
N LEU G 205 -64.04 -6.07 -1.20
CA LEU G 205 -63.52 -5.51 -2.45
C LEU G 205 -62.28 -6.28 -2.89
N ALA G 206 -61.36 -6.49 -1.95
CA ALA G 206 -60.14 -7.25 -2.21
C ALA G 206 -60.47 -8.65 -2.73
N ARG G 207 -61.44 -9.31 -2.09
CA ARG G 207 -61.85 -10.64 -2.49
C ARG G 207 -62.29 -10.68 -3.94
N ARG G 208 -63.09 -9.69 -4.35
CA ARG G 208 -63.58 -9.62 -5.72
C ARG G 208 -62.44 -9.40 -6.70
N LEU G 209 -61.41 -8.70 -6.24
CA LEU G 209 -60.32 -8.27 -7.12
C LEU G 209 -59.14 -9.23 -7.16
N GLY G 210 -59.22 -10.31 -6.41
CA GLY G 210 -58.24 -11.38 -6.54
C GLY G 210 -57.59 -11.89 -5.28
N ALA G 211 -57.85 -11.24 -4.15
CA ALA G 211 -57.27 -11.67 -2.89
C ALA G 211 -57.72 -13.09 -2.55
N GLU G 212 -56.75 -13.99 -2.37
CA GLU G 212 -57.04 -15.39 -2.04
C GLU G 212 -57.41 -15.53 -0.57
N VAL G 213 -56.96 -14.57 0.23
CA VAL G 213 -57.16 -14.61 1.67
C VAL G 213 -57.27 -13.17 2.16
N ALA G 214 -58.06 -12.96 3.20
CA ALA G 214 -58.28 -11.61 3.72
C ALA G 214 -58.70 -11.62 5.18
N VAL G 215 -58.16 -10.68 5.96
CA VAL G 215 -58.44 -10.61 7.39
C VAL G 215 -58.66 -9.17 7.87
N ASN G 216 -59.62 -9.01 8.78
CA ASN G 216 -59.94 -7.71 9.37
C ASN G 216 -59.17 -7.50 10.67
N ALA G 217 -58.27 -6.53 10.68
CA ALA G 217 -57.36 -6.31 11.79
C ALA G 217 -58.05 -5.88 13.09
N ARG G 218 -59.28 -5.40 12.97
CA ARG G 218 -60.05 -5.03 14.15
C ARG G 218 -60.65 -6.26 14.83
N ASP G 219 -60.69 -7.38 14.12
CA ASP G 219 -61.29 -8.60 14.65
C ASP G 219 -60.27 -9.58 15.21
N THR G 220 -59.09 -9.63 14.59
CA THR G 220 -57.98 -10.44 15.10
C THR G 220 -56.66 -9.74 14.86
N ASP G 221 -55.62 -10.23 15.53
CA ASP G 221 -54.25 -9.86 15.21
C ASP G 221 -53.95 -10.41 13.82
N PRO G 222 -53.74 -9.53 12.84
CA PRO G 222 -53.57 -9.95 11.45
C PRO G 222 -52.24 -10.67 11.22
N ALA G 223 -51.21 -10.24 11.95
CA ALA G 223 -49.90 -10.88 11.84
C ALA G 223 -49.99 -12.35 12.24
N ALA G 224 -50.57 -12.62 13.41
CA ALA G 224 -50.72 -13.98 13.90
C ALA G 224 -51.63 -14.80 12.98
N TRP G 225 -52.72 -14.18 12.54
CA TRP G 225 -53.67 -14.85 11.64
C TRP G 225 -52.99 -15.28 10.35
N LEU G 226 -52.16 -14.40 9.79
CA LEU G 226 -51.49 -14.68 8.52
C LEU G 226 -50.37 -15.71 8.67
N GLN G 227 -49.65 -15.67 9.78
CA GLN G 227 -48.62 -16.66 10.06
C GLN G 227 -49.23 -18.07 10.07
N LYS G 228 -50.42 -18.18 10.66
CA LYS G 228 -51.12 -19.46 10.71
C LYS G 228 -51.69 -19.82 9.34
N GLU G 229 -52.33 -18.85 8.70
CA GLU G 229 -53.07 -19.10 7.47
C GLU G 229 -52.17 -19.46 6.28
N ILE G 230 -51.08 -18.73 6.10
CA ILE G 230 -50.23 -18.89 4.92
C ILE G 230 -48.75 -19.12 5.27
N GLY G 231 -48.46 -19.22 6.56
CA GLY G 231 -47.09 -19.44 7.00
C GLY G 231 -46.28 -18.16 6.91
N GLY G 232 -46.95 -17.03 6.90
CA GLY G 232 -46.28 -15.75 6.75
C GLY G 232 -46.11 -15.44 5.28
N ALA G 233 -46.01 -14.15 4.95
CA ALA G 233 -45.87 -13.73 3.57
C ALA G 233 -44.42 -13.47 3.21
N HIS G 234 -44.11 -13.58 1.92
CA HIS G 234 -42.77 -13.29 1.43
C HIS G 234 -42.59 -11.79 1.36
N GLY G 235 -43.69 -11.09 1.13
CA GLY G 235 -43.67 -9.65 1.04
C GLY G 235 -44.93 -9.00 1.59
N VAL G 236 -44.82 -7.70 1.89
CA VAL G 236 -45.97 -6.91 2.29
C VAL G 236 -45.84 -5.51 1.71
N LEU G 237 -46.97 -4.97 1.22
CA LEU G 237 -47.04 -3.58 0.81
C LEU G 237 -48.03 -2.84 1.69
N VAL G 238 -47.54 -1.85 2.42
CA VAL G 238 -48.36 -1.09 3.35
C VAL G 238 -48.85 0.21 2.72
N THR G 239 -50.15 0.28 2.45
CA THR G 239 -50.76 1.49 1.93
C THR G 239 -51.65 2.14 2.99
N ALA G 240 -51.77 1.46 4.13
CA ALA G 240 -52.64 1.93 5.21
C ALA G 240 -52.24 3.30 5.72
N VAL G 241 -53.23 4.05 6.21
CA VAL G 241 -52.99 5.37 6.77
C VAL G 241 -53.00 5.32 8.30
N SER G 242 -52.44 4.24 8.83
CA SER G 242 -52.35 4.07 10.27
C SER G 242 -50.99 3.50 10.66
N PRO G 243 -50.27 4.21 11.54
CA PRO G 243 -48.95 3.75 11.98
C PRO G 243 -49.01 2.33 12.55
N LYS G 244 -50.14 1.98 13.17
CA LYS G 244 -50.32 0.66 13.77
C LYS G 244 -50.17 -0.43 12.72
N ALA G 245 -50.74 -0.18 11.55
CA ALA G 245 -50.68 -1.13 10.45
C ALA G 245 -49.23 -1.38 10.03
N PHE G 246 -48.38 -0.39 10.24
CA PHE G 246 -46.97 -0.51 9.90
C PHE G 246 -46.25 -1.47 10.83
N SER G 247 -46.52 -1.37 12.12
CA SER G 247 -45.94 -2.27 13.10
C SER G 247 -46.42 -3.69 12.88
N GLN G 248 -47.73 -3.83 12.66
CA GLN G 248 -48.34 -5.15 12.47
C GLN G 248 -47.79 -5.86 11.23
N ALA G 249 -47.57 -5.09 10.17
CA ALA G 249 -47.06 -5.63 8.91
C ALA G 249 -45.74 -6.37 9.10
N ILE G 250 -44.91 -5.87 10.02
CA ILE G 250 -43.59 -6.45 10.25
C ILE G 250 -43.66 -7.88 10.77
N GLY G 251 -44.75 -8.21 11.47
CA GLY G 251 -44.93 -9.54 12.01
C GLY G 251 -45.63 -10.47 11.04
N MET G 252 -45.93 -9.96 9.85
CA MET G 252 -46.68 -10.73 8.86
C MET G 252 -45.79 -11.58 7.95
N VAL G 253 -44.51 -11.23 7.86
CA VAL G 253 -43.65 -11.85 6.86
C VAL G 253 -42.89 -13.07 7.36
N ARG G 254 -42.50 -13.93 6.44
CA ARG G 254 -41.60 -15.02 6.74
C ARG G 254 -40.24 -14.43 7.03
N ARG G 255 -39.36 -15.22 7.64
CA ARG G 255 -37.98 -14.79 7.81
C ARG G 255 -37.43 -14.46 6.43
N GLY G 256 -36.64 -13.40 6.33
CA GLY G 256 -36.05 -12.99 5.07
C GLY G 256 -36.98 -12.14 4.23
N GLY G 257 -38.21 -11.96 4.70
CA GLY G 257 -39.22 -11.24 3.94
C GLY G 257 -39.01 -9.74 3.85
N THR G 258 -39.76 -9.09 2.96
CA THR G 258 -39.63 -7.66 2.75
C THR G 258 -40.96 -6.92 2.90
N ILE G 259 -40.95 -5.86 3.70
CA ILE G 259 -42.11 -4.98 3.84
C ILE G 259 -41.84 -3.65 3.15
N ALA G 260 -42.60 -3.36 2.10
CA ALA G 260 -42.49 -2.08 1.39
C ALA G 260 -43.55 -1.11 1.88
N LEU G 261 -43.17 0.15 2.08
CA LEU G 261 -44.07 1.13 2.68
C LEU G 261 -44.48 2.25 1.71
N ASN G 262 -45.80 2.43 1.56
CA ASN G 262 -46.33 3.50 0.74
C ASN G 262 -47.04 4.53 1.61
N GLY G 263 -47.81 4.04 2.58
CA GLY G 263 -48.60 4.88 3.45
C GLY G 263 -47.83 6.02 4.10
N LEU G 264 -48.50 7.15 4.28
CA LEU G 264 -47.85 8.33 4.84
C LEU G 264 -48.59 8.97 6.01
N PRO G 265 -49.00 8.16 6.99
CA PRO G 265 -49.56 8.78 8.20
C PRO G 265 -48.47 9.48 8.99
N PRO G 266 -48.81 10.59 9.67
CA PRO G 266 -47.85 11.33 10.49
C PRO G 266 -47.21 10.45 11.56
N GLY G 267 -45.95 10.73 11.90
CA GLY G 267 -45.32 10.12 13.06
C GLY G 267 -44.42 8.92 12.82
N ASP G 268 -44.12 8.22 13.90
CA ASP G 268 -43.31 7.00 13.84
C ASP G 268 -44.19 5.77 13.92
N PHE G 269 -43.60 4.60 13.68
CA PHE G 269 -44.23 3.33 13.99
C PHE G 269 -43.24 2.44 14.73
N GLY G 270 -43.75 1.68 15.69
CA GLY G 270 -42.92 0.80 16.51
C GLY G 270 -42.32 -0.34 15.72
N THR G 271 -41.00 -0.47 15.80
CA THR G 271 -40.27 -1.47 15.03
C THR G 271 -39.50 -2.43 15.94
N PRO G 272 -39.86 -3.72 15.90
CA PRO G 272 -39.15 -4.71 16.73
C PRO G 272 -37.79 -5.06 16.12
N ILE G 273 -36.79 -4.23 16.39
CA ILE G 273 -35.45 -4.39 15.81
C ILE G 273 -34.84 -5.76 16.04
N PHE G 274 -34.96 -6.28 17.25
CA PHE G 274 -34.42 -7.61 17.57
C PHE G 274 -34.88 -8.65 16.56
N ASP G 275 -36.18 -8.68 16.28
CA ASP G 275 -36.75 -9.65 15.36
C ASP G 275 -36.35 -9.37 13.91
N VAL G 276 -36.31 -8.09 13.56
CA VAL G 276 -35.91 -7.69 12.20
C VAL G 276 -34.49 -8.17 11.88
N VAL G 277 -33.59 -8.02 12.85
CA VAL G 277 -32.21 -8.46 12.69
C VAL G 277 -32.11 -9.98 12.74
N LEU G 278 -32.72 -10.58 13.76
CA LEU G 278 -32.68 -12.03 13.93
C LEU G 278 -33.32 -12.76 12.75
N LYS G 279 -34.39 -12.21 12.21
CA LYS G 279 -35.12 -12.86 11.11
C LYS G 279 -34.70 -12.36 9.73
N GLY G 280 -33.73 -11.44 9.71
CA GLY G 280 -33.22 -10.92 8.45
C GLY G 280 -34.29 -10.24 7.62
N ILE G 281 -35.11 -9.41 8.25
CA ILE G 281 -36.20 -8.74 7.58
C ILE G 281 -35.77 -7.42 6.93
N THR G 282 -36.39 -7.10 5.80
CA THR G 282 -36.16 -5.82 5.13
C THR G 282 -37.40 -4.94 5.19
N ILE G 283 -37.22 -3.69 5.63
CA ILE G 283 -38.26 -2.68 5.57
C ILE G 283 -37.83 -1.61 4.57
N ARG G 284 -38.70 -1.27 3.64
CA ARG G 284 -38.30 -0.43 2.51
C ARG G 284 -39.37 0.57 2.09
N GLY G 285 -39.03 1.85 2.17
CA GLY G 285 -39.90 2.91 1.69
C GLY G 285 -39.90 2.94 0.17
N SER G 286 -41.08 3.10 -0.40
CA SER G 286 -41.22 3.20 -1.85
C SER G 286 -41.96 4.49 -2.18
N ILE G 287 -41.42 5.25 -3.13
CA ILE G 287 -41.99 6.55 -3.47
C ILE G 287 -42.44 6.64 -4.92
N VAL G 288 -43.75 6.75 -5.11
CA VAL G 288 -44.39 6.74 -6.43
C VAL G 288 -43.66 5.84 -7.42
N GLY G 289 -43.38 6.37 -8.61
CA GLY G 289 -42.69 5.61 -9.63
C GLY G 289 -42.06 6.49 -10.70
N THR G 290 -40.98 5.98 -11.30
CA THR G 290 -40.32 6.69 -12.38
C THR G 290 -41.21 6.70 -13.62
N ARG G 291 -40.81 7.47 -14.62
CA ARG G 291 -41.55 7.52 -15.87
C ARG G 291 -41.68 6.12 -16.48
N SER G 292 -40.64 5.31 -16.33
CA SER G 292 -40.67 3.93 -16.81
C SER G 292 -41.71 3.11 -16.05
N ASP G 293 -41.70 3.25 -14.74
CA ASP G 293 -42.70 2.60 -13.90
C ASP G 293 -44.09 3.02 -14.34
N LEU G 294 -44.28 4.32 -14.50
CA LEU G 294 -45.55 4.89 -14.90
C LEU G 294 -46.06 4.29 -16.20
N GLN G 295 -45.20 4.26 -17.22
CA GLN G 295 -45.59 3.75 -18.53
C GLN G 295 -45.98 2.27 -18.45
N GLU G 296 -45.19 1.49 -17.74
CA GLU G 296 -45.48 0.08 -17.54
C GLU G 296 -46.81 -0.14 -16.79
N SER G 297 -47.06 0.69 -15.78
CA SER G 297 -48.28 0.57 -15.00
C SER G 297 -49.52 0.89 -15.83
N LEU G 298 -49.38 1.83 -16.75
CA LEU G 298 -50.48 2.19 -17.64
C LEU G 298 -50.77 1.05 -18.59
N ASP G 299 -49.73 0.32 -18.98
CA ASP G 299 -49.88 -0.80 -19.92
C ASP G 299 -50.66 -1.96 -19.32
N PHE G 300 -50.57 -2.14 -18.00
CA PHE G 300 -51.35 -3.19 -17.33
C PHE G 300 -52.84 -2.85 -17.39
N ALA G 301 -53.16 -1.57 -17.24
CA ALA G 301 -54.53 -1.09 -17.34
C ALA G 301 -55.04 -1.23 -18.78
N ALA G 302 -54.20 -0.85 -19.73
CA ALA G 302 -54.55 -0.93 -21.15
C ALA G 302 -54.87 -2.35 -21.57
N HIS G 303 -54.18 -3.32 -20.99
CA HIS G 303 -54.38 -4.72 -21.33
C HIS G 303 -55.54 -5.32 -20.53
N GLY G 304 -56.08 -4.55 -19.60
CA GLY G 304 -57.23 -4.97 -18.84
C GLY G 304 -56.91 -5.78 -17.59
N ASP G 305 -55.62 -5.89 -17.28
CA ASP G 305 -55.20 -6.62 -16.09
C ASP G 305 -55.55 -5.85 -14.83
N VAL G 306 -55.54 -4.53 -14.93
CA VAL G 306 -55.92 -3.67 -13.82
C VAL G 306 -57.02 -2.71 -14.24
N LYS G 307 -58.11 -2.70 -13.47
CA LYS G 307 -59.16 -1.71 -13.65
C LYS G 307 -59.51 -1.08 -12.31
N ALA G 308 -59.40 0.24 -12.24
CA ALA G 308 -59.69 0.95 -11.00
C ALA G 308 -61.18 0.91 -10.68
N THR G 309 -61.50 0.72 -9.41
CA THR G 309 -62.86 0.89 -8.94
C THR G 309 -63.08 2.35 -8.66
N VAL G 310 -63.98 2.97 -9.42
CA VAL G 310 -64.13 4.42 -9.37
C VAL G 310 -65.58 4.89 -9.27
N SER G 311 -65.80 5.92 -8.45
CA SER G 311 -67.04 6.68 -8.49
C SER G 311 -66.68 8.14 -8.70
N THR G 312 -67.51 8.86 -9.45
CA THR G 312 -67.19 10.24 -9.82
C THR G 312 -67.81 11.26 -8.88
N ALA G 313 -67.21 12.43 -8.85
CA ALA G 313 -67.75 13.56 -8.10
C ALA G 313 -67.51 14.82 -8.90
N LYS G 314 -68.18 15.90 -8.54
CA LYS G 314 -67.98 17.18 -9.20
C LYS G 314 -67.03 18.05 -8.38
N LEU G 315 -66.25 18.87 -9.09
CA LEU G 315 -65.27 19.74 -8.47
C LEU G 315 -65.86 20.45 -7.25
N ASP G 316 -67.09 20.92 -7.39
CA ASP G 316 -67.76 21.71 -6.37
C ASP G 316 -68.01 20.91 -5.08
N ASP G 317 -68.08 19.59 -5.22
CA ASP G 317 -68.34 18.71 -4.07
C ASP G 317 -67.06 18.18 -3.44
N VAL G 318 -65.93 18.81 -3.75
CA VAL G 318 -64.62 18.29 -3.32
C VAL G 318 -64.48 18.15 -1.81
N ASN G 319 -65.11 19.06 -1.06
CA ASN G 319 -65.02 19.01 0.40
C ASN G 319 -65.79 17.83 0.99
N ASP G 320 -66.91 17.49 0.35
CA ASP G 320 -67.68 16.31 0.76
C ASP G 320 -66.85 15.05 0.52
N VAL G 321 -66.18 15.00 -0.62
CA VAL G 321 -65.33 13.87 -0.95
C VAL G 321 -64.22 13.72 0.09
N PHE G 322 -63.59 14.84 0.45
CA PHE G 322 -62.55 14.84 1.48
C PHE G 322 -63.08 14.27 2.79
N GLY G 323 -64.28 14.69 3.18
CA GLY G 323 -64.90 14.21 4.40
C GLY G 323 -65.13 12.71 4.38
N ARG G 324 -65.67 12.21 3.27
CA ARG G 324 -65.95 10.78 3.13
C ARG G 324 -64.68 9.94 3.15
N LEU G 325 -63.67 10.39 2.40
CA LEU G 325 -62.39 9.70 2.37
C LEU G 325 -61.77 9.67 3.75
N ARG G 326 -61.82 10.81 4.44
CA ARG G 326 -61.30 10.93 5.79
C ARG G 326 -61.97 9.95 6.75
N GLU G 327 -63.25 9.70 6.53
CA GLU G 327 -64.04 8.81 7.39
C GLU G 327 -63.96 7.36 6.94
N GLY G 328 -63.22 7.11 5.86
CA GLY G 328 -63.06 5.76 5.35
C GLY G 328 -64.32 5.21 4.70
N LYS G 329 -65.10 6.12 4.12
CA LYS G 329 -66.37 5.74 3.51
C LYS G 329 -66.30 5.71 1.98
N VAL G 330 -65.09 5.66 1.45
CA VAL G 330 -64.89 5.57 0.01
C VAL G 330 -64.50 4.16 -0.42
N GLU G 331 -65.14 3.68 -1.48
CA GLU G 331 -64.73 2.41 -2.09
C GLU G 331 -63.84 2.68 -3.29
N GLY G 332 -62.59 2.21 -3.20
CA GLY G 332 -61.63 2.43 -4.25
C GLY G 332 -61.23 3.90 -4.34
N ARG G 333 -61.48 4.50 -5.50
CA ARG G 333 -61.08 5.87 -5.75
C ARG G 333 -62.27 6.76 -6.10
N VAL G 334 -62.19 8.02 -5.69
CA VAL G 334 -63.10 9.02 -6.23
C VAL G 334 -62.35 9.82 -7.28
N VAL G 335 -62.99 10.01 -8.44
CA VAL G 335 -62.40 10.78 -9.52
C VAL G 335 -63.31 11.96 -9.86
N LEU G 336 -62.77 13.17 -9.80
CA LEU G 336 -63.51 14.36 -10.18
C LEU G 336 -63.68 14.40 -11.70
N ASP G 337 -64.93 14.53 -12.13
CA ASP G 337 -65.27 14.49 -13.55
C ASP G 337 -65.43 15.90 -14.13
N PHE G 338 -64.60 16.21 -15.12
CA PHE G 338 -64.65 17.51 -15.79
C PHE G 338 -65.23 17.41 -17.20
N SER G 339 -65.77 16.25 -17.54
CA SER G 339 -66.34 16.03 -18.87
C SER G 339 -67.67 16.76 -19.03
N ARG G 340 -68.06 17.00 -20.28
CA ARG G 340 -69.31 17.69 -20.59
C ARG G 340 -70.52 16.79 -20.34
N ALA H 1 57.68 -31.97 24.91
CA ALA H 1 56.74 -32.72 25.75
C ALA H 1 56.12 -31.84 26.82
N MET H 2 56.96 -31.28 27.70
CA MET H 2 56.46 -30.53 28.85
C MET H 2 56.99 -29.09 28.87
N MET H 3 56.24 -28.22 29.54
CA MET H 3 56.59 -26.81 29.63
C MET H 3 56.12 -26.23 30.95
N LYS H 4 56.70 -25.11 31.36
CA LYS H 4 56.22 -24.38 32.52
C LYS H 4 55.11 -23.44 32.09
N ALA H 5 54.15 -23.25 32.98
CA ALA H 5 53.02 -22.36 32.70
C ALA H 5 52.37 -21.92 34.00
N ALA H 6 51.92 -20.67 34.03
CA ALA H 6 51.19 -20.18 35.19
C ALA H 6 49.72 -20.55 35.04
N VAL H 7 49.18 -21.26 36.02
CA VAL H 7 47.82 -21.78 35.92
C VAL H 7 46.91 -21.22 37.00
N VAL H 8 45.72 -20.78 36.57
CA VAL H 8 44.67 -20.41 37.51
C VAL H 8 43.83 -21.64 37.81
N ARG H 9 43.70 -22.00 39.08
CA ARG H 9 42.94 -23.19 39.44
C ARG H 9 41.81 -22.88 40.42
N ALA H 10 41.83 -21.68 41.00
CA ALA H 10 40.76 -21.24 41.87
C ALA H 10 40.70 -19.71 41.87
N PHE H 11 39.51 -19.16 41.69
CA PHE H 11 39.33 -17.72 41.67
C PHE H 11 39.81 -17.11 42.99
N GLY H 12 40.71 -16.13 42.89
CA GLY H 12 41.22 -15.45 44.07
C GLY H 12 42.44 -16.12 44.67
N ALA H 13 42.79 -17.30 44.17
CA ALA H 13 43.92 -18.05 44.70
C ALA H 13 45.17 -17.80 43.86
N PRO H 14 46.35 -17.81 44.52
CA PRO H 14 47.60 -17.60 43.78
C PRO H 14 47.68 -18.53 42.58
N LEU H 15 48.18 -18.01 41.45
CA LEU H 15 48.47 -18.86 40.32
C LEU H 15 49.62 -19.77 40.70
N THR H 16 49.63 -20.99 40.16
CA THR H 16 50.73 -21.90 40.40
C THR H 16 51.55 -22.11 39.13
N ILE H 17 52.86 -22.26 39.30
CA ILE H 17 53.75 -22.48 38.19
C ILE H 17 54.00 -23.98 38.03
N ASP H 18 53.35 -24.59 37.05
CA ASP H 18 53.37 -26.03 36.92
C ASP H 18 54.02 -26.51 35.62
N GLU H 19 54.45 -27.76 35.63
CA GLU H 19 54.85 -28.43 34.39
C GLU H 19 53.59 -29.01 33.76
N VAL H 20 53.27 -28.53 32.57
CA VAL H 20 52.10 -29.00 31.84
C VAL H 20 52.52 -29.44 30.45
N PRO H 21 51.71 -30.29 29.80
CA PRO H 21 52.04 -30.74 28.45
C PRO H 21 52.10 -29.57 27.46
N VAL H 22 52.99 -29.65 26.50
CA VAL H 22 53.06 -28.65 25.44
C VAL H 22 51.90 -28.89 24.47
N PRO H 23 51.11 -27.83 24.21
CA PRO H 23 49.96 -27.96 23.32
C PRO H 23 50.40 -28.15 21.86
N GLN H 24 49.78 -29.11 21.18
CA GLN H 24 50.14 -29.44 19.81
C GLN H 24 49.12 -28.89 18.82
N PRO H 25 49.60 -28.36 17.67
CA PRO H 25 48.68 -27.76 16.70
C PRO H 25 48.01 -28.81 15.82
N GLY H 26 46.69 -28.86 15.85
CA GLY H 26 45.93 -29.72 14.95
C GLY H 26 45.77 -29.04 13.61
N PRO H 27 44.95 -29.61 12.73
CA PRO H 27 44.70 -29.05 11.39
C PRO H 27 44.23 -27.59 11.48
N GLY H 28 44.86 -26.72 10.69
CA GLY H 28 44.48 -25.32 10.66
C GLY H 28 44.91 -24.56 11.89
N GLN H 29 45.84 -25.15 12.64
CA GLN H 29 46.36 -24.51 13.83
C GLN H 29 47.87 -24.31 13.72
N VAL H 30 48.40 -23.40 14.53
CA VAL H 30 49.84 -23.24 14.63
C VAL H 30 50.27 -23.21 16.10
N GLN H 31 51.54 -23.47 16.32
CA GLN H 31 52.11 -23.44 17.66
C GLN H 31 53.06 -22.25 17.75
N VAL H 32 52.96 -21.48 18.83
CA VAL H 32 53.87 -20.37 19.02
C VAL H 32 54.76 -20.59 20.25
N LYS H 33 56.06 -20.46 20.05
CA LYS H 33 56.99 -20.44 21.18
C LYS H 33 57.05 -19.03 21.73
N ILE H 34 56.57 -18.86 22.95
CA ILE H 34 56.46 -17.54 23.56
C ILE H 34 57.82 -16.95 23.93
N GLU H 35 58.06 -15.71 23.52
CA GLU H 35 59.28 -15.00 23.87
C GLU H 35 59.00 -13.92 24.91
N ALA H 36 57.83 -13.29 24.79
CA ALA H 36 57.37 -12.29 25.75
C ALA H 36 55.86 -12.39 25.90
N SER H 37 55.34 -11.97 27.04
CA SER H 37 53.93 -12.12 27.32
C SER H 37 53.41 -11.00 28.24
N GLY H 38 52.64 -10.09 27.67
CA GLY H 38 52.13 -8.94 28.41
C GLY H 38 51.13 -9.28 29.49
N VAL H 39 51.23 -8.58 30.61
CA VAL H 39 50.28 -8.74 31.70
C VAL H 39 49.19 -7.67 31.62
N CYS H 40 47.97 -8.10 31.31
CA CYS H 40 46.86 -7.18 31.22
C CYS H 40 46.02 -7.24 32.48
N HIS H 41 45.40 -6.13 32.84
CA HIS H 41 44.58 -6.09 34.05
C HIS H 41 43.43 -7.09 33.94
N THR H 42 43.01 -7.37 32.72
CA THR H 42 41.99 -8.37 32.47
C THR H 42 42.38 -9.71 33.09
N ASP H 43 43.67 -10.01 33.07
CA ASP H 43 44.16 -11.26 33.63
C ASP H 43 43.84 -11.34 35.12
N LEU H 44 43.86 -10.19 35.80
CA LEU H 44 43.44 -10.12 37.19
C LEU H 44 41.95 -10.40 37.31
N HIS H 45 41.15 -9.70 36.50
CA HIS H 45 39.71 -9.92 36.46
C HIS H 45 39.38 -11.39 36.25
N ALA H 46 40.08 -12.03 35.34
CA ALA H 46 39.84 -13.43 35.01
C ALA H 46 40.17 -14.35 36.18
N ALA H 47 41.29 -14.07 36.84
CA ALA H 47 41.74 -14.92 37.95
C ALA H 47 40.88 -14.72 39.20
N ASP H 48 40.36 -13.50 39.37
CA ASP H 48 39.52 -13.17 40.51
C ASP H 48 38.06 -13.53 40.28
N GLY H 49 37.72 -13.83 39.02
CA GLY H 49 36.35 -14.14 38.65
C GLY H 49 35.44 -12.97 38.88
N ASP H 50 35.91 -11.78 38.50
CA ASP H 50 35.17 -10.54 38.71
C ASP H 50 33.94 -10.45 37.79
N TRP H 51 34.03 -11.06 36.62
CA TRP H 51 33.04 -10.86 35.57
C TRP H 51 31.91 -11.88 35.60
N PRO H 52 30.73 -11.48 35.11
CA PRO H 52 29.54 -12.34 35.05
C PRO H 52 29.75 -13.62 34.21
N VAL H 53 30.49 -13.52 33.11
CA VAL H 53 30.87 -14.71 32.36
C VAL H 53 32.28 -15.10 32.76
N LYS H 54 32.41 -16.21 33.47
CA LYS H 54 33.68 -16.61 34.05
C LYS H 54 34.50 -17.53 33.15
N PRO H 55 35.83 -17.49 33.30
CA PRO H 55 36.67 -18.43 32.55
C PRO H 55 36.54 -19.82 33.13
N THR H 56 36.66 -20.85 32.30
CA THR H 56 36.62 -22.21 32.80
C THR H 56 37.95 -22.55 33.46
N LEU H 57 37.88 -23.13 34.66
CA LEU H 57 39.07 -23.52 35.39
C LEU H 57 39.34 -25.01 35.14
N PRO H 58 40.63 -25.39 35.11
CA PRO H 58 41.79 -24.50 35.21
C PRO H 58 42.15 -23.93 33.83
N PHE H 59 42.95 -22.87 33.81
CA PHE H 59 43.37 -22.25 32.55
C PHE H 59 44.65 -21.42 32.69
N ILE H 60 45.32 -21.22 31.56
CA ILE H 60 46.51 -20.39 31.50
C ILE H 60 46.14 -19.04 30.90
N PRO H 61 46.28 -17.96 31.68
CA PRO H 61 45.95 -16.61 31.18
C PRO H 61 46.96 -16.14 30.13
N GLY H 62 46.75 -14.95 29.60
CA GLY H 62 47.71 -14.34 28.69
C GLY H 62 47.23 -14.17 27.26
N HIS H 63 46.83 -12.96 26.92
CA HIS H 63 46.45 -12.63 25.54
C HIS H 63 47.32 -11.51 24.98
N GLU H 64 48.53 -11.41 25.49
CA GLU H 64 49.52 -10.49 24.95
C GLU H 64 50.82 -11.24 24.73
N GLY H 65 50.69 -12.51 24.37
CA GLY H 65 51.85 -13.36 24.13
C GLY H 65 52.36 -13.23 22.71
N VAL H 66 53.66 -13.05 22.56
CA VAL H 66 54.29 -12.92 21.25
C VAL H 66 55.51 -13.83 21.14
N GLY H 67 55.77 -14.35 19.95
CA GLY H 67 56.91 -15.22 19.73
C GLY H 67 57.03 -15.77 18.32
N TYR H 68 57.64 -16.95 18.19
CA TYR H 68 57.85 -17.57 16.89
C TYR H 68 56.85 -18.70 16.64
N VAL H 69 56.33 -18.76 15.42
CA VAL H 69 55.63 -19.96 14.98
C VAL H 69 56.64 -21.10 15.02
N SER H 70 56.35 -22.12 15.82
CA SER H 70 57.31 -23.18 16.07
C SER H 70 56.86 -24.52 15.51
N ALA H 71 55.65 -24.54 14.95
CA ALA H 71 55.10 -25.75 14.35
C ALA H 71 53.77 -25.41 13.70
N VAL H 72 53.38 -26.20 12.70
CA VAL H 72 52.23 -25.85 11.88
C VAL H 72 51.40 -27.06 11.49
N GLY H 73 50.10 -27.00 11.78
CA GLY H 73 49.19 -28.03 11.34
C GLY H 73 48.92 -27.93 9.85
N SER H 74 48.06 -28.79 9.34
CA SER H 74 47.76 -28.82 7.92
C SER H 74 46.82 -27.69 7.51
N GLY H 75 46.78 -27.41 6.22
CA GLY H 75 45.88 -26.40 5.69
C GLY H 75 46.12 -25.00 6.20
N VAL H 76 47.38 -24.66 6.45
CA VAL H 76 47.75 -23.33 6.91
C VAL H 76 48.62 -22.64 5.86
N SER H 77 48.25 -21.42 5.49
CA SER H 77 49.00 -20.68 4.48
C SER H 77 49.33 -19.25 4.90
N ARG H 78 48.64 -18.75 5.92
CA ARG H 78 48.82 -17.36 6.35
C ARG H 78 50.17 -17.13 7.02
N VAL H 79 50.64 -18.10 7.78
CA VAL H 79 51.95 -18.01 8.42
C VAL H 79 52.73 -19.31 8.22
N LYS H 80 54.04 -19.24 8.46
CA LYS H 80 54.91 -20.41 8.37
C LYS H 80 55.85 -20.41 9.55
N GLU H 81 56.54 -21.52 9.79
CA GLU H 81 57.51 -21.60 10.87
C GLU H 81 58.52 -20.47 10.79
N GLY H 82 58.84 -19.88 11.93
CA GLY H 82 59.82 -18.81 11.99
C GLY H 82 59.18 -17.44 12.05
N ASP H 83 57.94 -17.35 11.58
CA ASP H 83 57.22 -16.09 11.57
C ASP H 83 57.01 -15.55 12.98
N ARG H 84 57.08 -14.23 13.13
CA ARG H 84 56.87 -13.60 14.42
C ARG H 84 55.42 -13.14 14.52
N VAL H 85 54.71 -13.69 15.50
CA VAL H 85 53.27 -13.49 15.62
C VAL H 85 52.86 -13.28 17.07
N GLY H 86 51.68 -12.70 17.28
CA GLY H 86 51.14 -12.53 18.61
C GLY H 86 49.74 -13.10 18.68
N VAL H 87 49.35 -13.57 19.86
CA VAL H 87 48.04 -14.16 20.05
C VAL H 87 47.18 -13.30 20.97
N PRO H 88 46.26 -12.53 20.39
CA PRO H 88 45.48 -11.52 21.11
C PRO H 88 44.20 -12.06 21.73
N TRP H 89 43.51 -11.21 22.48
CA TRP H 89 42.25 -11.56 23.12
C TRP H 89 41.32 -12.28 22.15
N LEU H 90 41.15 -11.71 20.95
CA LEU H 90 40.33 -12.33 19.92
C LEU H 90 41.08 -13.50 19.30
N TYR H 91 40.91 -14.68 19.91
CA TYR H 91 41.59 -15.89 19.47
C TYR H 91 41.07 -16.37 18.11
N SER H 92 39.75 -16.32 17.95
CA SER H 92 39.11 -16.71 16.69
C SER H 92 37.68 -16.20 16.63
N ALA H 93 37.16 -16.11 15.41
CA ALA H 93 35.74 -15.80 15.19
C ALA H 93 35.23 -16.76 14.12
N CYS H 94 33.92 -16.80 13.91
CA CYS H 94 33.33 -17.76 12.98
C CYS H 94 33.62 -17.40 11.52
N GLY H 95 33.70 -16.10 11.23
CA GLY H 95 34.08 -15.65 9.90
C GLY H 95 32.95 -15.45 8.90
N TYR H 96 31.74 -15.83 9.27
CA TYR H 96 30.60 -15.70 8.35
C TYR H 96 29.28 -15.22 8.97
N CYS H 97 29.29 -14.90 10.25
CA CYS H 97 28.12 -14.29 10.86
C CYS H 97 28.02 -12.85 10.35
N GLU H 98 26.90 -12.19 10.61
CA GLU H 98 26.70 -10.83 10.13
C GLU H 98 27.85 -9.92 10.57
N HIS H 99 28.28 -10.07 11.81
CA HIS H 99 29.36 -9.25 12.36
C HIS H 99 30.67 -9.49 11.61
N CYS H 100 31.03 -10.76 11.45
CA CYS H 100 32.28 -11.13 10.79
C CYS H 100 32.32 -10.68 9.34
N LEU H 101 31.18 -10.77 8.66
CA LEU H 101 31.07 -10.35 7.27
C LEU H 101 31.21 -8.84 7.13
N GLN H 102 30.88 -8.10 8.19
CA GLN H 102 30.94 -6.64 8.16
C GLN H 102 32.28 -6.11 8.66
N GLY H 103 33.22 -7.00 8.92
CA GLY H 103 34.52 -6.60 9.41
C GLY H 103 34.46 -6.13 10.85
N TRP H 104 33.54 -6.72 11.61
CA TRP H 104 33.43 -6.46 13.04
C TRP H 104 33.54 -7.77 13.81
N GLU H 105 34.58 -8.56 13.52
CA GLU H 105 34.72 -9.88 14.13
C GLU H 105 34.85 -9.81 15.65
N THR H 106 35.18 -8.63 16.17
CA THR H 106 35.27 -8.44 17.61
C THR H 106 33.90 -8.62 18.27
N LEU H 107 32.85 -8.61 17.45
CA LEU H 107 31.49 -8.73 17.97
C LEU H 107 30.94 -10.14 17.78
N CYS H 108 31.69 -10.98 17.07
CA CYS H 108 31.26 -12.34 16.81
C CYS H 108 30.91 -13.09 18.10
N GLU H 109 29.68 -13.58 18.16
CA GLU H 109 29.16 -14.25 19.34
C GLU H 109 29.75 -15.66 19.51
N LYS H 110 30.36 -16.18 18.45
CA LYS H 110 30.99 -17.50 18.52
C LYS H 110 32.50 -17.40 18.72
N GLN H 111 32.96 -16.22 19.12
CA GLN H 111 34.39 -15.99 19.28
C GLN H 111 34.97 -16.74 20.47
N GLN H 112 36.25 -17.07 20.38
CA GLN H 112 36.98 -17.65 21.49
C GLN H 112 37.95 -16.59 22.00
N ASN H 113 38.31 -16.65 23.27
CA ASN H 113 39.19 -15.63 23.84
C ASN H 113 40.43 -16.20 24.53
N THR H 114 41.59 -15.72 24.08
CA THR H 114 42.87 -16.23 24.55
C THR H 114 43.10 -15.95 26.04
N GLY H 115 43.49 -16.99 26.77
CA GLY H 115 43.73 -16.87 28.19
C GLY H 115 42.44 -16.62 28.96
N TYR H 116 41.35 -17.22 28.48
CA TYR H 116 40.07 -17.09 29.15
C TYR H 116 39.15 -18.27 28.85
N SER H 117 38.80 -18.45 27.58
CA SER H 117 37.98 -19.58 27.16
C SER H 117 38.87 -20.65 26.54
N VAL H 118 40.08 -20.24 26.17
CA VAL H 118 41.13 -21.17 25.76
C VAL H 118 42.43 -20.72 26.42
N ASN H 119 43.41 -21.61 26.47
CA ASN H 119 44.67 -21.30 27.15
C ASN H 119 45.50 -20.23 26.44
N GLY H 120 46.19 -19.40 27.22
CA GLY H 120 46.91 -18.26 26.69
C GLY H 120 48.43 -18.34 26.79
N GLY H 121 49.06 -17.17 26.90
CA GLY H 121 50.50 -17.06 26.75
C GLY H 121 51.36 -17.01 28.01
N TYR H 122 50.77 -17.27 29.16
CA TYR H 122 51.54 -17.41 30.39
C TYR H 122 52.22 -18.77 30.41
N GLY H 123 52.90 -19.11 29.33
CA GLY H 123 53.58 -20.39 29.20
C GLY H 123 54.54 -20.39 28.04
N GLU H 124 55.38 -21.42 27.96
CA GLU H 124 56.43 -21.48 26.95
C GLU H 124 55.87 -21.66 25.54
N TYR H 125 54.72 -22.33 25.42
CA TYR H 125 54.08 -22.49 24.13
C TYR H 125 52.58 -22.26 24.23
N VAL H 126 51.99 -21.78 23.14
CA VAL H 126 50.55 -21.67 23.03
C VAL H 126 50.14 -22.06 21.61
N VAL H 127 48.98 -22.68 21.47
CA VAL H 127 48.44 -22.98 20.16
C VAL H 127 47.48 -21.87 19.75
N ALA H 128 47.53 -21.49 18.48
CA ALA H 128 46.73 -20.37 18.01
C ALA H 128 46.06 -20.66 16.66
N ASP H 129 45.01 -19.89 16.38
CA ASP H 129 44.41 -19.89 15.06
C ASP H 129 45.17 -18.87 14.21
N PRO H 130 45.89 -19.35 13.19
CA PRO H 130 46.75 -18.49 12.38
C PRO H 130 45.98 -17.38 11.67
N ASN H 131 44.67 -17.56 11.54
CA ASN H 131 43.84 -16.58 10.86
C ASN H 131 43.56 -15.34 11.71
N TYR H 132 43.93 -15.38 12.98
CA TYR H 132 43.61 -14.28 13.90
C TYR H 132 44.78 -13.80 14.75
N VAL H 133 45.96 -14.35 14.52
CA VAL H 133 47.15 -13.84 15.20
C VAL H 133 47.56 -12.51 14.57
N GLY H 134 48.34 -11.74 15.33
CA GLY H 134 48.91 -10.51 14.80
C GLY H 134 50.24 -10.82 14.14
N LEU H 135 50.47 -10.23 12.98
CA LEU H 135 51.74 -10.38 12.29
C LEU H 135 52.65 -9.24 12.72
N LEU H 136 53.71 -9.58 13.46
CA LEU H 136 54.55 -8.60 14.11
C LEU H 136 55.55 -7.94 13.15
N PRO H 137 55.81 -6.64 13.36
CA PRO H 137 56.79 -5.89 12.56
C PRO H 137 58.23 -6.27 12.92
N ASP H 138 59.07 -6.44 11.91
CA ASP H 138 60.46 -6.85 12.11
C ASP H 138 61.22 -5.87 12.99
N LYS H 139 60.81 -4.60 12.92
CA LYS H 139 61.56 -3.51 13.51
C LYS H 139 61.45 -3.43 15.03
N VAL H 140 60.50 -4.16 15.61
CA VAL H 140 60.24 -4.07 17.04
C VAL H 140 60.43 -5.40 17.77
N GLY H 141 61.15 -5.35 18.89
CA GLY H 141 61.40 -6.52 19.69
C GLY H 141 60.15 -7.06 20.36
N PHE H 142 60.22 -8.30 20.84
CA PHE H 142 59.07 -8.96 21.45
C PHE H 142 58.55 -8.24 22.69
N VAL H 143 59.47 -7.82 23.55
CA VAL H 143 59.08 -7.20 24.81
C VAL H 143 58.31 -5.91 24.60
N GLU H 144 58.80 -5.06 23.70
CA GLU H 144 58.16 -3.79 23.43
C GLU H 144 56.83 -3.93 22.68
N ILE H 145 56.75 -4.91 21.79
CA ILE H 145 55.57 -5.06 20.94
C ILE H 145 54.42 -5.80 21.62
N ALA H 146 54.74 -6.57 22.65
CA ALA H 146 53.73 -7.39 23.34
C ALA H 146 52.47 -6.62 23.75
N PRO H 147 52.64 -5.47 24.42
CA PRO H 147 51.48 -4.70 24.89
C PRO H 147 50.58 -4.23 23.76
N ILE H 148 51.10 -4.17 22.53
CA ILE H 148 50.30 -3.73 21.39
C ILE H 148 49.22 -4.76 21.07
N LEU H 149 49.46 -6.02 21.44
CA LEU H 149 48.54 -7.11 21.13
C LEU H 149 47.20 -6.98 21.85
N CYS H 150 47.17 -6.17 22.91
CA CYS H 150 45.90 -5.86 23.56
C CYS H 150 45.76 -4.40 23.98
N ALA H 151 46.67 -3.93 24.82
CA ALA H 151 46.63 -2.54 25.27
C ALA H 151 46.58 -1.60 24.08
N GLY H 152 47.47 -1.82 23.12
CA GLY H 152 47.61 -0.96 21.95
C GLY H 152 46.44 -0.99 20.98
N VAL H 153 46.08 -2.18 20.50
CA VAL H 153 44.98 -2.31 19.55
C VAL H 153 43.67 -1.82 20.16
N THR H 154 43.47 -2.13 21.43
CA THR H 154 42.25 -1.75 22.13
C THR H 154 42.05 -0.23 22.16
N VAL H 155 43.06 0.50 22.62
CA VAL H 155 42.95 1.95 22.73
C VAL H 155 43.01 2.64 21.37
N TYR H 156 43.67 1.99 20.40
CA TYR H 156 43.67 2.51 19.04
C TYR H 156 42.25 2.50 18.47
N LYS H 157 41.60 1.35 18.58
CA LYS H 157 40.21 1.21 18.13
C LYS H 157 39.31 2.10 18.95
N GLY H 158 39.54 2.14 20.25
CA GLY H 158 38.75 2.98 21.14
C GLY H 158 38.77 4.43 20.70
N LEU H 159 39.95 4.94 20.37
CA LEU H 159 40.08 6.33 19.94
C LEU H 159 39.39 6.56 18.60
N LYS H 160 39.45 5.55 17.73
CA LYS H 160 38.71 5.61 16.47
C LYS H 160 37.24 5.88 16.72
N VAL H 161 36.65 5.16 17.67
CA VAL H 161 35.21 5.21 17.90
C VAL H 161 34.77 6.37 18.80
N THR H 162 35.72 7.20 19.22
CA THR H 162 35.36 8.44 19.92
C THR H 162 34.87 9.44 18.88
N ASP H 163 35.08 9.11 17.60
CA ASP H 163 34.66 9.96 16.50
C ASP H 163 35.28 11.35 16.58
N THR H 164 36.48 11.42 17.14
CA THR H 164 37.20 12.69 17.20
C THR H 164 37.99 12.94 15.91
N ARG H 165 38.53 14.15 15.79
CA ARG H 165 39.16 14.62 14.57
C ARG H 165 40.46 15.34 14.91
N PRO H 166 41.46 15.27 14.02
CA PRO H 166 42.69 16.01 14.26
C PRO H 166 42.41 17.43 14.71
N GLY H 167 43.15 17.90 15.72
CA GLY H 167 42.97 19.23 16.26
C GLY H 167 42.08 19.27 17.49
N GLN H 168 41.27 18.22 17.65
CA GLN H 168 40.30 18.18 18.75
C GLN H 168 40.88 17.60 20.04
N TRP H 169 40.17 17.82 21.14
CA TRP H 169 40.60 17.35 22.45
C TRP H 169 40.06 15.96 22.77
N VAL H 170 40.92 15.10 23.29
CA VAL H 170 40.48 13.82 23.82
C VAL H 170 41.03 13.60 25.21
N VAL H 171 40.21 13.08 26.10
CA VAL H 171 40.68 12.77 27.45
C VAL H 171 40.96 11.29 27.58
N ILE H 172 42.16 10.97 28.06
CA ILE H 172 42.48 9.59 28.43
C ILE H 172 42.30 9.47 29.94
N SER H 173 41.32 8.68 30.36
CA SER H 173 41.08 8.46 31.78
C SER H 173 41.69 7.14 32.23
N GLY H 174 42.64 7.22 33.14
CA GLY H 174 43.38 6.04 33.57
C GLY H 174 44.58 5.85 32.68
N ILE H 175 45.74 6.25 33.19
CA ILE H 175 46.97 6.13 32.41
C ILE H 175 47.78 4.92 32.85
N GLY H 176 47.19 3.74 32.68
CA GLY H 176 47.87 2.51 33.03
C GLY H 176 48.45 1.83 31.80
N GLY H 177 48.28 0.51 31.72
CA GLY H 177 48.76 -0.23 30.57
C GLY H 177 48.16 0.27 29.27
N LEU H 178 46.84 0.32 29.22
CA LEU H 178 46.14 0.84 28.04
C LEU H 178 46.35 2.34 27.92
N GLY H 179 46.12 3.06 29.02
CA GLY H 179 46.16 4.51 29.03
C GLY H 179 47.43 5.12 28.46
N HIS H 180 48.59 4.62 28.90
CA HIS H 180 49.85 5.24 28.53
C HIS H 180 50.19 5.12 27.04
N VAL H 181 49.69 4.08 26.39
CA VAL H 181 49.84 3.96 24.94
C VAL H 181 48.71 4.71 24.21
N ALA H 182 47.56 4.82 24.86
CA ALA H 182 46.45 5.59 24.32
C ALA H 182 46.85 7.04 24.09
N VAL H 183 47.58 7.60 25.04
CA VAL H 183 48.11 8.96 24.90
C VAL H 183 48.91 9.09 23.61
N GLN H 184 49.73 8.08 23.33
CA GLN H 184 50.62 8.11 22.17
C GLN H 184 49.87 7.94 20.85
N TYR H 185 48.90 7.02 20.82
CA TYR H 185 48.07 6.84 19.63
C TYR H 185 47.28 8.12 19.36
N ALA H 186 46.76 8.73 20.42
CA ALA H 186 46.00 9.96 20.32
C ALA H 186 46.80 11.05 19.62
N ARG H 187 48.04 11.24 20.07
CA ARG H 187 48.94 12.22 19.48
C ARG H 187 49.20 11.87 18.01
N ALA H 188 49.32 10.58 17.73
CA ALA H 188 49.59 10.11 16.38
C ALA H 188 48.40 10.34 15.45
N MET H 189 47.21 10.46 16.02
CA MET H 189 46.00 10.68 15.24
C MET H 189 45.64 12.16 15.19
N GLY H 190 46.55 13.00 15.66
CA GLY H 190 46.40 14.44 15.54
C GLY H 190 45.63 15.09 16.67
N LEU H 191 45.28 14.32 17.70
CA LEU H 191 44.46 14.83 18.79
C LEU H 191 45.29 15.56 19.84
N ARG H 192 44.68 16.52 20.51
CA ARG H 192 45.27 17.12 21.70
C ARG H 192 44.81 16.32 22.91
N VAL H 193 45.71 16.02 23.83
CA VAL H 193 45.43 15.03 24.86
C VAL H 193 45.43 15.58 26.28
N ALA H 194 44.36 15.30 27.00
CA ALA H 194 44.28 15.58 28.43
C ALA H 194 44.32 14.26 29.17
N ALA H 195 44.96 14.25 30.34
CA ALA H 195 45.09 13.01 31.10
C ALA H 195 44.45 13.08 32.48
N VAL H 196 43.76 12.00 32.85
CA VAL H 196 43.17 11.89 34.17
C VAL H 196 43.55 10.59 34.85
N ASP H 197 43.92 10.69 36.12
CA ASP H 197 44.20 9.52 36.93
C ASP H 197 44.14 9.92 38.40
N ILE H 198 44.49 9.00 39.30
CA ILE H 198 44.40 9.26 40.73
C ILE H 198 45.76 9.18 41.40
N ASP H 199 46.80 9.13 40.57
CA ASP H 199 48.17 8.98 41.04
C ASP H 199 49.06 9.87 40.20
N ASP H 200 49.73 10.82 40.84
CA ASP H 200 50.50 11.83 40.13
C ASP H 200 51.61 11.23 39.26
N ALA H 201 52.20 10.13 39.73
CA ALA H 201 53.23 9.43 38.96
C ALA H 201 52.69 9.05 37.58
N LYS H 202 51.45 8.57 37.55
CA LYS H 202 50.82 8.17 36.31
C LYS H 202 50.56 9.35 35.39
N LEU H 203 50.23 10.50 35.98
CA LEU H 203 50.03 11.71 35.21
C LEU H 203 51.36 12.23 34.66
N ASN H 204 52.40 12.16 35.48
CA ASN H 204 53.73 12.51 35.05
C ASN H 204 54.12 11.70 33.81
N LEU H 205 53.78 10.41 33.83
CA LEU H 205 54.04 9.54 32.70
C LEU H 205 53.34 10.08 31.46
N ALA H 206 52.07 10.43 31.60
CA ALA H 206 51.27 10.96 30.50
C ALA H 206 51.89 12.24 29.97
N ARG H 207 52.35 13.09 30.88
CA ARG H 207 53.00 14.35 30.50
C ARG H 207 54.22 14.10 29.63
N ARG H 208 55.07 13.14 30.03
CA ARG H 208 56.23 12.78 29.24
C ARG H 208 55.84 12.21 27.89
N LEU H 209 54.68 11.58 27.83
CA LEU H 209 54.26 10.87 26.62
C LEU H 209 53.42 11.72 25.67
N GLY H 210 53.18 12.98 26.02
CA GLY H 210 52.54 13.91 25.09
C GLY H 210 51.25 14.56 25.54
N ALA H 211 50.80 14.26 26.76
CA ALA H 211 49.59 14.89 27.28
C ALA H 211 49.84 16.38 27.51
N GLU H 212 48.93 17.22 27.00
CA GLU H 212 49.10 18.67 27.08
C GLU H 212 48.65 19.23 28.42
N VAL H 213 47.62 18.62 29.01
CA VAL H 213 47.20 18.94 30.36
C VAL H 213 46.93 17.64 31.12
N ALA H 214 46.85 17.72 32.44
CA ALA H 214 46.63 16.52 33.25
C ALA H 214 46.07 16.87 34.62
N VAL H 215 45.23 15.99 35.16
CA VAL H 215 44.55 16.23 36.43
C VAL H 215 44.53 15.00 37.32
N ASN H 216 44.73 15.21 38.62
CA ASN H 216 44.56 14.15 39.59
C ASN H 216 43.15 14.19 40.16
N ALA H 217 42.34 13.19 39.82
CA ALA H 217 40.95 13.15 40.22
C ALA H 217 40.77 13.11 41.74
N ARG H 218 41.80 12.65 42.44
CA ARG H 218 41.74 12.58 43.90
C ARG H 218 41.96 13.96 44.52
N ASP H 219 42.52 14.88 43.75
CA ASP H 219 42.83 16.22 44.25
C ASP H 219 41.74 17.24 43.92
N THR H 220 41.11 17.07 42.77
CA THR H 220 40.04 17.98 42.35
C THR H 220 39.06 17.27 41.44
N ASP H 221 37.84 17.81 41.37
CA ASP H 221 36.84 17.31 40.44
C ASP H 221 37.32 17.50 39.00
N PRO H 222 37.65 16.39 38.32
CA PRO H 222 38.32 16.47 37.02
C PRO H 222 37.38 16.94 35.91
N ALA H 223 36.10 16.64 36.03
CA ALA H 223 35.11 17.08 35.04
C ALA H 223 35.05 18.60 35.03
N ALA H 224 34.90 19.18 36.22
CA ALA H 224 34.84 20.64 36.37
C ALA H 224 36.16 21.27 35.93
N TRP H 225 37.27 20.66 36.33
CA TRP H 225 38.59 21.18 36.00
C TRP H 225 38.81 21.24 34.50
N LEU H 226 38.45 20.17 33.81
CA LEU H 226 38.62 20.09 32.36
C LEU H 226 37.67 21.03 31.62
N GLN H 227 36.45 21.16 32.13
CA GLN H 227 35.52 22.12 31.57
C GLN H 227 36.12 23.53 31.59
N LYS H 228 36.74 23.88 32.72
CA LYS H 228 37.40 25.17 32.85
C LYS H 228 38.66 25.27 32.00
N GLU H 229 39.49 24.23 32.01
CA GLU H 229 40.82 24.29 31.41
C GLU H 229 40.83 24.23 29.88
N ILE H 230 40.04 23.34 29.30
CA ILE H 230 40.02 23.18 27.85
C ILE H 230 38.63 23.39 27.26
N GLY H 231 37.66 23.73 28.11
CA GLY H 231 36.31 23.98 27.67
C GLY H 231 35.56 22.70 27.38
N GLY H 232 35.98 21.61 28.02
CA GLY H 232 35.40 20.31 27.78
C GLY H 232 36.04 19.66 26.56
N ALA H 233 36.02 18.34 26.51
CA ALA H 233 36.67 17.62 25.42
C ALA H 233 35.65 17.15 24.39
N HIS H 234 36.14 16.89 23.18
CA HIS H 234 35.28 16.37 22.12
C HIS H 234 35.07 14.87 22.34
N GLY H 235 36.03 14.24 22.99
CA GLY H 235 35.93 12.83 23.29
C GLY H 235 36.68 12.40 24.54
N VAL H 236 36.36 11.20 25.02
CA VAL H 236 37.06 10.60 26.15
C VAL H 236 37.21 9.10 25.94
N LEU H 237 38.39 8.59 26.27
CA LEU H 237 38.59 7.15 26.32
C LEU H 237 38.81 6.74 27.77
N VAL H 238 37.90 5.91 28.29
CA VAL H 238 37.99 5.48 29.67
C VAL H 238 38.63 4.09 29.79
N THR H 239 39.84 4.07 30.34
CA THR H 239 40.54 2.80 30.57
C THR H 239 40.67 2.52 32.06
N ALA H 240 40.07 3.39 32.87
CA ALA H 240 40.16 3.27 34.32
C ALA H 240 39.44 2.03 34.84
N VAL H 241 39.93 1.49 35.96
CA VAL H 241 39.34 0.31 36.57
C VAL H 241 38.46 0.68 37.77
N SER H 242 37.85 1.86 37.73
CA SER H 242 36.92 2.28 38.76
C SER H 242 35.66 2.90 38.16
N PRO H 243 34.49 2.43 38.58
CA PRO H 243 33.18 2.91 38.10
C PRO H 243 33.02 4.43 38.23
N LYS H 244 33.59 5.01 39.29
CA LYS H 244 33.46 6.44 39.51
C LYS H 244 34.08 7.23 38.35
N ALA H 245 35.15 6.68 37.78
CA ALA H 245 35.82 7.30 36.64
C ALA H 245 34.90 7.36 35.44
N PHE H 246 34.03 6.37 35.30
CA PHE H 246 33.07 6.35 34.21
C PHE H 246 32.06 7.48 34.36
N SER H 247 31.56 7.67 35.58
CA SER H 247 30.60 8.72 35.85
C SER H 247 31.20 10.10 35.57
N GLN H 248 32.41 10.31 36.07
CA GLN H 248 33.09 11.59 35.92
C GLN H 248 33.39 11.92 34.45
N ALA H 249 33.68 10.88 33.68
CA ALA H 249 33.97 11.06 32.26
C ALA H 249 32.82 11.74 31.52
N ILE H 250 31.60 11.39 31.89
CA ILE H 250 30.42 11.92 31.22
C ILE H 250 30.34 13.45 31.36
N GLY H 251 30.93 13.96 32.44
CA GLY H 251 30.91 15.39 32.68
C GLY H 251 32.07 16.12 32.01
N MET H 252 32.94 15.38 31.34
CA MET H 252 34.16 15.95 30.80
C MET H 252 34.03 16.48 29.37
N VAL H 253 32.99 16.07 28.67
CA VAL H 253 32.87 16.41 27.26
C VAL H 253 32.03 17.68 27.04
N ARG H 254 32.33 18.41 25.97
CA ARG H 254 31.44 19.48 25.54
C ARG H 254 30.23 18.83 24.90
N ARG H 255 29.18 19.61 24.65
CA ARG H 255 27.97 19.05 24.08
C ARG H 255 28.27 18.35 22.76
N GLY H 256 27.60 17.22 22.53
CA GLY H 256 27.82 16.44 21.32
C GLY H 256 29.01 15.51 21.43
N GLY H 257 29.67 15.53 22.60
CA GLY H 257 30.87 14.73 22.80
C GLY H 257 30.61 13.25 22.90
N THR H 258 31.68 12.46 22.73
CA THR H 258 31.57 11.01 22.80
C THR H 258 32.53 10.43 23.84
N ILE H 259 32.00 9.62 24.73
CA ILE H 259 32.83 8.87 25.66
C ILE H 259 32.88 7.40 25.27
N ALA H 260 34.07 6.92 24.91
CA ALA H 260 34.28 5.52 24.60
C ALA H 260 34.80 4.79 25.84
N LEU H 261 34.34 3.55 26.05
CA LEU H 261 34.63 2.82 27.28
C LEU H 261 35.40 1.51 27.03
N ASN H 262 36.57 1.41 27.65
CA ASN H 262 37.36 0.18 27.60
C ASN H 262 37.36 -0.53 28.95
N GLY H 263 37.55 0.25 30.00
CA GLY H 263 37.63 -0.29 31.36
C GLY H 263 36.53 -1.28 31.70
N LEU H 264 36.87 -2.25 32.53
CA LEU H 264 35.93 -3.31 32.87
C LEU H 264 35.86 -3.61 34.37
N PRO H 265 35.71 -2.57 35.19
CA PRO H 265 35.45 -2.86 36.60
C PRO H 265 34.03 -3.43 36.70
N PRO H 266 33.81 -4.38 37.62
CA PRO H 266 32.46 -4.93 37.78
C PRO H 266 31.44 -3.89 38.22
N GLY H 267 30.17 -4.12 37.89
CA GLY H 267 29.08 -3.26 38.35
C GLY H 267 28.62 -2.21 37.36
N ASP H 268 27.76 -1.32 37.84
CA ASP H 268 27.28 -0.20 37.03
C ASP H 268 28.05 1.07 37.34
N PHE H 269 27.86 2.08 36.50
CA PHE H 269 28.24 3.44 36.84
C PHE H 269 27.02 4.35 36.65
N GLY H 270 26.93 5.40 37.47
CA GLY H 270 25.81 6.31 37.41
C GLY H 270 25.85 7.19 36.18
N THR H 271 24.78 7.11 35.38
CA THR H 271 24.68 7.91 34.16
C THR H 271 23.63 9.00 34.32
N PRO H 272 24.04 10.27 34.15
CA PRO H 272 23.06 11.36 34.21
C PRO H 272 22.31 11.49 32.89
N ILE H 273 21.24 10.70 32.73
CA ILE H 273 20.49 10.65 31.48
C ILE H 273 19.99 12.01 31.00
N PHE H 274 19.50 12.82 31.93
CA PHE H 274 18.99 14.14 31.58
C PHE H 274 20.02 14.95 30.79
N ASP H 275 21.23 15.01 31.32
CA ASP H 275 22.31 15.75 30.67
C ASP H 275 22.75 15.10 29.37
N VAL H 276 22.82 13.77 29.37
CA VAL H 276 23.21 13.03 28.17
C VAL H 276 22.28 13.32 27.00
N VAL H 277 20.99 13.37 27.27
CA VAL H 277 19.99 13.63 26.24
C VAL H 277 19.94 15.10 25.86
N LEU H 278 19.93 15.97 26.86
CA LEU H 278 19.89 17.41 26.62
C LEU H 278 21.11 17.88 25.85
N LYS H 279 22.27 17.30 26.13
CA LYS H 279 23.51 17.74 25.52
C LYS H 279 23.95 16.86 24.34
N GLY H 280 23.11 15.90 23.97
CA GLY H 280 23.39 15.05 22.83
C GLY H 280 24.68 14.28 22.96
N ILE H 281 24.93 13.74 24.14
CA ILE H 281 26.18 13.01 24.41
C ILE H 281 26.09 11.55 23.97
N THR H 282 27.20 11.00 23.51
CA THR H 282 27.26 9.58 23.15
C THR H 282 28.16 8.80 24.12
N ILE H 283 27.67 7.65 24.54
CA ILE H 283 28.45 6.72 25.35
C ILE H 283 28.57 5.39 24.60
N ARG H 284 29.79 4.92 24.44
CA ARG H 284 30.04 3.81 23.52
C ARG H 284 31.07 2.81 24.01
N GLY H 285 30.65 1.55 24.14
CA GLY H 285 31.55 0.48 24.51
C GLY H 285 32.45 0.14 23.34
N SER H 286 33.73 -0.10 23.62
CA SER H 286 34.66 -0.50 22.59
C SER H 286 35.39 -1.75 23.04
N ILE H 287 35.42 -2.76 22.17
CA ILE H 287 35.96 -4.06 22.52
C ILE H 287 37.15 -4.46 21.65
N VAL H 288 38.32 -4.54 22.29
CA VAL H 288 39.59 -4.77 21.62
C VAL H 288 39.64 -4.15 20.22
N GLY H 289 40.04 -4.96 19.24
CA GLY H 289 40.11 -4.49 17.87
C GLY H 289 40.11 -5.63 16.86
N THR H 290 39.64 -5.35 15.65
CA THR H 290 39.65 -6.34 14.59
C THR H 290 41.07 -6.58 14.11
N ARG H 291 41.21 -7.48 13.14
CA ARG H 291 42.53 -7.81 12.60
C ARG H 291 43.11 -6.61 11.85
N SER H 292 42.24 -5.83 11.23
CA SER H 292 42.65 -4.60 10.57
C SER H 292 43.16 -3.60 11.62
N ASP H 293 42.35 -3.38 12.65
CA ASP H 293 42.75 -2.54 13.77
C ASP H 293 44.12 -2.97 14.31
N LEU H 294 44.26 -4.28 14.53
CA LEU H 294 45.49 -4.86 15.04
C LEU H 294 46.70 -4.54 14.15
N GLN H 295 46.59 -4.87 12.88
CA GLN H 295 47.66 -4.61 11.93
C GLN H 295 48.02 -3.13 11.96
N GLU H 296 47.01 -2.27 11.85
CA GLU H 296 47.22 -0.83 11.84
C GLU H 296 47.89 -0.35 13.13
N SER H 297 47.42 -0.85 14.28
CA SER H 297 47.98 -0.45 15.56
C SER H 297 49.44 -0.87 15.69
N LEU H 298 49.78 -1.99 15.04
CA LEU H 298 51.15 -2.48 15.03
C LEU H 298 52.06 -1.60 14.19
N ASP H 299 51.52 -1.07 13.09
CA ASP H 299 52.29 -0.21 12.21
C ASP H 299 52.73 1.08 12.90
N PHE H 300 51.88 1.61 13.77
CA PHE H 300 52.23 2.81 14.53
C PHE H 300 53.45 2.54 15.41
N ALA H 301 53.49 1.35 16.00
CA ALA H 301 54.62 0.95 16.85
C ALA H 301 55.88 0.81 15.99
N ALA H 302 55.73 0.19 14.84
CA ALA H 302 56.84 -0.02 13.91
C ALA H 302 57.45 1.30 13.46
N HIS H 303 56.58 2.27 13.17
CA HIS H 303 57.02 3.59 12.68
C HIS H 303 57.53 4.48 13.81
N GLY H 304 57.43 3.98 15.04
CA GLY H 304 58.00 4.67 16.17
C GLY H 304 57.12 5.72 16.81
N ASP H 305 55.86 5.79 16.39
CA ASP H 305 54.91 6.75 16.93
C ASP H 305 54.50 6.34 18.34
N VAL H 306 54.48 5.03 18.58
CA VAL H 306 54.08 4.49 19.86
C VAL H 306 55.12 3.52 20.40
N LYS H 307 55.55 3.74 21.63
CA LYS H 307 56.46 2.83 22.30
C LYS H 307 55.95 2.56 23.70
N ALA H 308 55.66 1.30 23.99
CA ALA H 308 55.15 0.93 25.29
C ALA H 308 56.21 1.15 26.37
N THR H 309 55.78 1.64 27.53
CA THR H 309 56.64 1.69 28.69
C THR H 309 56.50 0.37 29.42
N VAL H 310 57.58 -0.41 29.43
CA VAL H 310 57.50 -1.76 29.98
C VAL H 310 58.63 -2.08 30.95
N SER H 311 58.31 -2.86 31.96
CA SER H 311 59.31 -3.51 32.80
C SER H 311 59.07 -5.01 32.70
N THR H 312 60.14 -5.78 32.80
CA THR H 312 60.04 -7.23 32.64
C THR H 312 59.98 -7.96 33.97
N ALA H 313 59.42 -9.17 33.94
CA ALA H 313 59.39 -10.04 35.10
C ALA H 313 59.48 -11.48 34.64
N LYS H 314 59.82 -12.37 35.56
CA LYS H 314 59.87 -13.79 35.26
C LYS H 314 58.52 -14.43 35.50
N LEU H 315 58.23 -15.48 34.73
CA LEU H 315 56.97 -16.21 34.88
C LEU H 315 56.76 -16.58 36.34
N ASP H 316 57.86 -16.97 37.00
CA ASP H 316 57.82 -17.45 38.37
C ASP H 316 57.33 -16.39 39.37
N ASP H 317 57.46 -15.12 39.00
CA ASP H 317 57.09 -14.02 39.88
C ASP H 317 55.74 -13.41 39.50
N VAL H 318 54.91 -14.18 38.81
CA VAL H 318 53.64 -13.66 38.28
C VAL H 318 52.67 -13.20 39.36
N ASN H 319 52.69 -13.87 40.51
CA ASN H 319 51.81 -13.50 41.61
C ASN H 319 52.22 -12.18 42.26
N ASP H 320 53.52 -11.91 42.27
CA ASP H 320 54.03 -10.61 42.72
C ASP H 320 53.57 -9.51 41.78
N VAL H 321 53.60 -9.80 40.48
CA VAL H 321 53.17 -8.85 39.46
C VAL H 321 51.69 -8.51 39.63
N PHE H 322 50.86 -9.53 39.75
CA PHE H 322 49.44 -9.34 40.03
C PHE H 322 49.24 -8.43 41.24
N GLY H 323 50.00 -8.68 42.30
CA GLY H 323 49.92 -7.89 43.51
C GLY H 323 50.19 -6.41 43.27
N ARG H 324 51.23 -6.12 42.52
CA ARG H 324 51.63 -4.73 42.24
C ARG H 324 50.65 -4.04 41.30
N LEU H 325 50.18 -4.78 40.30
CA LEU H 325 49.19 -4.27 39.36
C LEU H 325 47.90 -3.94 40.10
N ARG H 326 47.49 -4.85 40.99
CA ARG H 326 46.29 -4.68 41.79
C ARG H 326 46.35 -3.41 42.63
N GLU H 327 47.52 -3.12 43.17
CA GLU H 327 47.71 -1.98 44.06
C GLU H 327 48.04 -0.69 43.31
N GLY H 328 48.21 -0.80 42.00
CA GLY H 328 48.49 0.36 41.18
C GLY H 328 49.92 0.83 41.28
N LYS H 329 50.82 -0.12 41.48
CA LYS H 329 52.24 0.19 41.62
C LYS H 329 53.01 -0.09 40.34
N VAL H 330 52.27 -0.33 39.26
CA VAL H 330 52.89 -0.57 37.96
C VAL H 330 52.86 0.68 37.08
N GLU H 331 54.02 1.04 36.55
CA GLU H 331 54.11 2.12 35.58
C GLU H 331 54.09 1.54 34.17
N GLY H 332 53.03 1.84 33.42
CA GLY H 332 52.87 1.30 32.10
C GLY H 332 52.50 -0.18 32.13
N ARG H 333 53.33 -1.01 31.52
CA ARG H 333 53.03 -2.43 31.39
C ARG H 333 54.13 -3.32 31.95
N VAL H 334 53.74 -4.43 32.57
CA VAL H 334 54.70 -5.49 32.88
C VAL H 334 54.59 -6.57 31.82
N VAL H 335 55.73 -6.99 31.31
CA VAL H 335 55.77 -8.06 30.31
C VAL H 335 56.68 -9.19 30.78
N LEU H 336 56.13 -10.39 30.84
CA LEU H 336 56.91 -11.55 31.25
C LEU H 336 57.93 -11.90 30.17
N ASP H 337 59.19 -11.98 30.57
CA ASP H 337 60.27 -12.26 29.63
C ASP H 337 60.61 -13.73 29.64
N PHE H 338 60.46 -14.40 28.50
CA PHE H 338 60.75 -15.82 28.41
C PHE H 338 62.13 -16.12 27.84
N SER H 339 63.16 -15.46 28.39
CA SER H 339 64.54 -15.82 28.09
C SER H 339 64.81 -15.63 26.59
N ARG H 340 65.98 -16.03 26.09
CA ARG H 340 67.00 -16.76 26.83
C ARG H 340 67.82 -15.90 27.79
ZN ZN I . -19.57 -13.67 19.10
ZN ZN J . -33.88 -25.35 7.32
C1 ISP K . -23.52 -14.73 17.03
C2 ISP K . -24.30 -13.47 17.26
C3 ISP K . -25.77 -13.74 17.08
O1P ISP K . -23.86 -12.53 17.92
S SO4 L . -18.92 -7.21 20.80
O1 SO4 L . -19.71 -7.82 19.74
O2 SO4 L . -18.80 -8.16 21.90
O3 SO4 L . -17.59 -6.89 20.29
O4 SO4 L . -19.56 -5.98 21.26
S SO4 M . -1.44 -21.00 15.71
O1 SO4 M . -0.65 -19.82 15.39
O2 SO4 M . -0.60 -22.01 16.35
O3 SO4 M . -2.52 -20.62 16.62
O4 SO4 M . -2.01 -21.56 14.48
ZN ZN N . 6.32 19.24 22.96
ZN ZN O . 25.63 28.87 19.02
C1 ISP P . 10.76 20.01 23.09
C2 ISP P . 11.07 19.07 24.21
C3 ISP P . 12.48 19.27 24.70
O1P ISP P . 10.31 18.19 24.60
S SO4 Q . 4.34 13.17 25.40
O1 SO4 Q . 3.32 12.66 24.49
O2 SO4 Q . 5.50 13.60 24.62
O3 SO4 Q . 3.82 14.32 26.14
O4 SO4 Q . 4.74 12.12 26.33
S SO4 R . -6.16 24.31 8.16
O1 SO4 R . -6.94 23.32 7.44
O2 SO4 R . -6.80 25.62 8.09
O3 SO4 R . -6.01 23.90 9.55
O4 SO4 R . -4.84 24.40 7.54
ZN ZN S . 25.20 -11.08 -14.05
ZN ZN T . 42.11 -10.28 -0.17
C1 ISP U . 28.98 -9.43 -11.88
C2 ISP U . 29.28 -8.22 -12.70
C3 ISP U . 30.75 -7.90 -12.62
O1P ISP U . 28.58 -7.83 -13.62
S SO4 V . 21.96 -6.46 -17.89
O1 SO4 V . 20.53 -6.70 -17.66
O2 SO4 V . 22.65 -6.36 -16.60
O3 SO4 V . 22.53 -7.56 -18.64
O4 SO4 V . 22.13 -5.22 -18.63
S SO4 W . 11.71 -23.61 -6.18
O1 SO4 W . 10.27 -23.46 -6.08
O2 SO4 W . 12.05 -25.02 -6.29
O3 SO4 W . 12.19 -22.89 -7.36
O4 SO4 W . 12.34 -23.03 -4.98
ZN ZN X . -11.91 5.51 -27.96
ZN ZN Y . -33.75 6.78 -26.40
C1 ISP Z . -16.26 4.29 -27.95
C2 ISP Z . -16.20 2.87 -28.45
C3 ISP Z . -17.46 2.53 -29.17
O1P ISP Z . -15.14 2.28 -28.65
S SO4 AA . -7.50 0.37 -28.08
O1 SO4 AA . -6.48 0.87 -27.15
O2 SO4 AA . -8.82 0.55 -27.49
O3 SO4 AA . -7.44 1.14 -29.32
O4 SO4 AA . -7.27 -1.05 -28.36
S SO4 BA . -4.35 20.47 -17.02
O1 SO4 BA . -3.14 20.36 -16.21
O2 SO4 BA . -4.46 21.82 -17.58
O3 SO4 BA . -4.26 19.50 -18.13
O4 SO4 BA . -5.52 20.17 -16.20
ZN ZN CA . 41.60 31.16 -3.88
ZN ZN DA . 22.16 29.16 1.50
PA NAD EA . 49.36 27.40 -8.41
O1A NAD EA . 49.82 27.92 -7.01
O2A NAD EA . 50.31 28.52 -8.92
O5B NAD EA . 49.97 25.98 -8.00
C5B NAD EA . 50.60 25.26 -9.04
C4B NAD EA . 50.77 23.76 -8.76
O4B NAD EA . 50.28 22.95 -9.80
C3B NAD EA . 52.23 23.49 -8.68
O3B NAD EA . 52.91 24.68 -8.57
C2B NAD EA . 52.59 22.95 -9.99
O2B NAD EA . 53.53 23.84 -10.49
C1B NAD EA . 51.34 22.99 -10.74
N9A NAD EA . 51.31 21.98 -11.80
C8A NAD EA . 51.22 22.25 -13.13
N7A NAD EA . 51.12 21.13 -13.83
C5A NAD EA . 51.16 20.09 -13.00
C6A NAD EA . 51.12 18.72 -13.15
N6A NAD EA . 51.00 18.13 -14.45
N1A NAD EA . 51.17 17.93 -12.06
C2A NAD EA . 51.29 18.44 -10.81
N3A NAD EA . 51.34 19.77 -10.63
C4A NAD EA . 51.28 20.61 -11.68
O3 NAD EA . 47.91 27.91 -7.97
PN NAD EA . 47.14 27.58 -6.64
O1N NAD EA . 47.95 26.70 -5.75
O2N NAD EA . 46.82 28.86 -5.88
O5D NAD EA . 45.77 26.86 -7.01
C5D NAD EA . 45.61 26.36 -8.31
C4D NAD EA . 44.30 25.61 -8.33
O4D NAD EA . 43.64 25.88 -7.15
C3D NAD EA . 43.46 26.03 -9.47
O3D NAD EA . 44.19 26.92 -10.20
C2D NAD EA . 42.34 26.72 -8.81
O2D NAD EA . 42.65 28.05 -8.66
C1D NAD EA . 42.30 26.01 -7.50
N1N NAD EA . 41.57 26.55 -6.37
C2N NAD EA . 40.44 25.89 -5.96
C3N NAD EA . 39.78 26.26 -4.79
C7N NAD EA . 38.55 25.46 -4.45
O7N NAD EA . 37.92 25.69 -3.43
N7N NAD EA . 38.11 24.43 -5.35
C4N NAD EA . 40.26 27.27 -4.00
C5N NAD EA . 41.41 27.92 -4.40
C6N NAD EA . 42.08 27.55 -5.58
C1 FU2 FA . 39.20 29.80 -4.87
C2 FU2 FA . 38.02 29.41 -5.67
O3 FU2 FA . 37.73 29.98 -6.87
C4 FU2 FA . 36.59 29.38 -7.29
C5 FU2 FA . 36.15 28.44 -6.37
C6 FU2 FA . 37.08 28.46 -5.33
OXT FU2 FA . 39.96 30.69 -5.27
S SO4 GA . 53.01 40.93 9.80
O1 SO4 GA . 53.65 39.94 10.67
O2 SO4 GA . 53.81 42.15 9.79
O3 SO4 GA . 52.90 40.41 8.44
O4 SO4 GA . 51.67 41.23 10.31
ZN ZN HA . -34.32 -34.23 -19.26
ZN ZN IA . -21.17 -29.57 -4.48
PA NAD JA . -37.83 -32.19 -28.05
O1A NAD JA . -39.18 -32.41 -27.29
O2A NAD JA . -38.34 -33.38 -28.94
O5B NAD JA . -38.39 -30.74 -28.40
C5B NAD JA . -38.17 -30.31 -29.73
C4B NAD JA . -38.49 -28.84 -29.99
O4B NAD JA . -37.45 -28.22 -30.74
C3B NAD JA . -39.73 -28.71 -30.84
O3B NAD JA . -40.45 -29.91 -30.85
C2B NAD JA . -39.25 -28.48 -32.21
O2B NAD JA . -39.76 -29.49 -32.99
C1B NAD JA . -37.78 -28.56 -32.08
N9A NAD JA . -37.09 -27.81 -33.12
C8A NAD JA . -36.29 -28.38 -34.05
N7A NAD JA . -35.75 -27.45 -34.83
C5A NAD JA . -36.18 -26.25 -34.45
C6A NAD JA . -35.96 -24.95 -34.88
N6A NAD JA . -35.07 -24.69 -35.99
N1A NAD JA . -36.55 -23.93 -34.27
C2A NAD JA . -37.38 -24.12 -33.21
N3A NAD JA . -37.62 -25.38 -32.76
C4A NAD JA . -37.04 -26.45 -33.34
O3 NAD JA . -37.18 -32.62 -26.66
PN NAD JA . -37.09 -31.79 -25.31
O1N NAD JA . -38.15 -30.73 -25.27
O2N NAD JA . -37.32 -32.76 -24.16
O5D NAD JA . -35.66 -31.14 -25.13
C5D NAD JA . -34.90 -30.68 -26.22
C4D NAD JA . -33.64 -30.07 -25.67
O4D NAD JA . -33.79 -30.01 -24.29
C3D NAD JA . -32.44 -30.91 -25.95
O3D NAD JA . -32.82 -32.08 -26.57
C2D NAD JA . -31.83 -31.21 -24.63
O2D NAD JA . -32.17 -32.48 -24.25
C1D NAD JA . -32.49 -30.18 -23.78
N1N NAD JA . -32.55 -30.37 -22.34
C2N NAD JA . -31.83 -29.53 -21.52
C3N NAD JA . -31.97 -29.57 -20.14
C7N NAD JA . -31.12 -28.60 -19.36
O7N NAD JA . -31.21 -28.52 -18.14
N7N NAD JA . -30.22 -27.75 -20.10
C4N NAD JA . -32.86 -30.45 -19.55
C5N NAD JA . -33.60 -31.29 -20.38
C6N NAD JA . -33.45 -31.24 -21.77
C1 FU2 KA . -31.70 -33.04 -18.86
C2 FU2 KA . -30.25 -32.74 -18.97
O3 FU2 KA . -29.40 -33.45 -19.73
C4 FU2 KA . -28.18 -32.88 -19.59
C5 FU2 KA . -28.26 -31.80 -18.72
C6 FU2 KA . -29.59 -31.70 -18.32
OXT FU2 KA . -32.14 -34.02 -19.46
S SO4 LA . -52.24 -41.22 -12.60
O1 SO4 LA . -53.10 -40.04 -12.64
O2 SO4 LA . -53.06 -42.41 -12.82
O3 SO4 LA . -51.21 -41.13 -13.63
O4 SO4 LA . -51.61 -41.31 -11.28
PA NAD MA . -57.07 5.80 1.47
O1A NAD MA . -57.44 5.43 0.01
O2A NAD MA . -58.44 6.53 1.42
O5B NAD MA . -57.00 4.23 1.75
C5B NAD MA . -57.21 3.84 3.10
C4B NAD MA . -56.68 2.44 3.43
O4B NAD MA . -55.96 2.35 4.64
C3B NAD MA . -57.84 1.51 3.56
O3B NAD MA . -58.96 2.16 3.05
C2B NAD MA . -58.04 1.34 5.01
O2B NAD MA . -59.32 1.79 5.29
C1B NAD MA . -56.99 2.21 5.60
N9A NAD MA . -56.58 1.81 6.94
C8A NAD MA . -56.66 2.58 8.04
N7A NAD MA . -56.22 1.92 9.10
C5A NAD MA . -55.84 0.69 8.74
C6A NAD MA . -55.32 -0.41 9.40
N6A NAD MA . -55.07 -0.37 10.81
N1A NAD MA . -55.03 -1.53 8.72
C2A NAD MA . -55.24 -1.60 7.38
N3A NAD MA . -55.76 -0.55 6.71
C4A NAD MA . -56.06 0.59 7.34
O3 NAD MA . -55.83 6.62 0.87
PN NAD MA . -54.89 6.19 -0.33
O1N NAD MA . -55.19 4.80 -0.79
O2N NAD MA . -55.10 7.11 -1.51
O5D NAD MA . -53.39 6.27 0.16
C5D NAD MA . -53.16 6.53 1.53
C4D NAD MA . -51.69 6.39 1.79
O4D NAD MA . -51.03 6.37 0.57
C3D NAD MA . -51.18 7.51 2.60
O3D NAD MA . -52.27 8.25 3.01
C2D NAD MA . -50.42 8.30 1.61
O2D NAD MA . -51.31 9.15 0.99
C1D NAD MA . -49.95 7.23 0.71
N1N NAD MA . -49.42 7.54 -0.61
C2N NAD MA . -48.09 7.32 -0.84
C3N NAD MA . -47.53 7.44 -2.11
C7N NAD MA . -46.06 7.17 -2.21
O7N NAD MA . -45.48 7.22 -3.29
N7N NAD MA . -45.31 6.85 -1.01
C4N NAD MA . -48.32 7.77 -3.18
C5N NAD MA . -49.67 7.98 -2.97
C6N NAD MA . -50.23 7.85 -1.69
ZN ZN NA . -51.06 10.38 -4.71
ZN ZN OA . -32.25 14.97 -10.45
C1 FU2 PA . -48.52 10.66 -3.61
C2 FU2 PA . -47.35 11.14 -2.84
O3 FU2 PA . -47.47 12.08 -1.88
C4 FU2 PA . -46.23 12.28 -1.40
C5 FU2 PA . -45.31 11.47 -2.05
C6 FU2 PA . -46.04 10.73 -2.97
OXT FU2 PA . -49.62 11.15 -3.39
S SO4 QA . -62.83 9.21 -22.91
O1 SO4 QA . -63.57 8.06 -23.42
O2 SO4 QA . -63.19 10.42 -23.64
O3 SO4 QA . -63.12 9.39 -21.48
O4 SO4 QA . -61.39 8.97 -23.06
S SO4 RA . -71.05 -7.13 -0.73
O1 SO4 RA . -72.44 -6.96 -1.16
O2 SO4 RA . -70.57 -8.46 -1.13
O3 SO4 RA . -70.22 -6.11 -1.36
O4 SO4 RA . -70.95 -7.02 0.72
C1 FU2 SA . 40.99 -7.65 27.06
C2 FU2 SA . 39.56 -7.95 27.26
O3 FU2 SA . 39.05 -8.73 28.25
C4 FU2 SA . 37.72 -8.75 28.07
C5 FU2 SA . 37.36 -8.00 26.96
C6 FU2 SA . 38.53 -7.48 26.44
OXT FU2 SA . 41.82 -8.02 27.89
ZN ZN TA . 43.92 -7.31 27.67
ZN ZN UA . 31.31 -14.57 13.49
PA NAD VA . 45.60 -1.01 34.78
O1A NAD VA . 46.84 -1.00 33.86
O2A NAD VA . 46.65 -1.53 35.83
O5B NAD VA . 45.48 0.56 34.53
C5B NAD VA . 45.07 1.35 35.63
C4B NAD VA . 44.56 2.76 35.27
O4B NAD VA . 43.28 3.05 35.81
C3B NAD VA . 45.50 3.76 35.85
O3B NAD VA . 46.63 3.08 36.28
C2B NAD VA . 44.85 4.26 37.07
O2B NAD VA . 45.70 3.94 38.10
C1B NAD VA . 43.59 3.52 37.11
N9A NAD VA . 42.54 4.19 37.87
C8A NAD VA . 41.94 3.68 38.96
N7A NAD VA . 40.99 4.46 39.43
C5A NAD VA . 40.93 5.54 38.64
C6A NAD VA . 40.15 6.69 38.62
N6A NAD VA . 39.14 6.88 39.63
N1A NAD VA . 40.36 7.62 37.66
C2A NAD VA . 41.29 7.48 36.70
N3A NAD VA . 42.07 6.37 36.70
C4A NAD VA . 41.91 5.40 37.63
O3 NAD VA . 45.06 -2.13 33.77
PN NAD VA . 44.83 -2.02 32.21
O1N NAD VA . 45.36 -0.71 31.71
O2N NAD VA . 45.61 -3.12 31.53
O5D NAD VA . 43.27 -2.13 31.86
C5D NAD VA . 42.26 -1.93 32.85
C4D NAD VA . 40.94 -1.87 32.10
O4D NAD VA . 41.23 -2.37 30.82
C3D NAD VA . 40.02 -2.86 32.73
O3D NAD VA . 40.62 -3.39 33.87
C2D NAD VA . 39.94 -3.93 31.71
O2D NAD VA . 41.02 -4.77 31.95
C1D NAD VA . 40.14 -3.16 30.46
N1N NAD VA . 40.45 -3.83 29.24
C2N NAD VA . 39.50 -3.72 28.27
C3N NAD VA . 39.73 -4.15 26.97
C7N NAD VA . 38.57 -3.90 26.04
O7N NAD VA . 37.55 -3.41 26.52
N7N NAD VA . 38.59 -4.33 24.68
C4N NAD VA . 40.94 -4.70 26.62
C5N NAD VA . 41.92 -4.83 27.59
C6N NAD VA . 41.68 -4.38 28.90
S SO4 WA . 63.77 -9.69 19.79
O1 SO4 WA . 64.77 -8.64 19.66
O2 SO4 WA . 64.42 -11.00 19.83
O3 SO4 WA . 62.99 -9.49 21.01
O4 SO4 WA . 62.88 -9.65 18.64
S SO4 XA . 59.35 12.02 37.75
O1 SO4 XA . 58.46 12.44 38.83
O2 SO4 XA . 58.83 10.80 37.15
O3 SO4 XA . 59.43 13.06 36.73
O4 SO4 XA . 60.67 11.75 38.30
#